data_8F0O
#
_entry.id   8F0O
#
_cell.length_a   1.00
_cell.length_b   1.00
_cell.length_c   1.00
_cell.angle_alpha   90.00
_cell.angle_beta   90.00
_cell.angle_gamma   90.00
#
_symmetry.space_group_name_H-M   'P 1'
#
loop_
_entity.id
_entity.type
_entity.pdbx_description
1 polymer 'Glutamate receptor ionotropic, kainate 2'
2 branched alpha-D-mannopyranose-(1-3)-[alpha-D-mannopyranose-(1-6)]beta-D-mannopyranose-(1-4)-2-acetamido-2-deoxy-beta-D-glucopyranose-(1-4)-2-acetamido-2-deoxy-beta-D-glucopyranose
3 branched 2-acetamido-2-deoxy-beta-D-glucopyranose-(1-4)-2-acetamido-2-deoxy-beta-D-glucopyranose
4 non-polymer 2-acetamido-2-deoxy-beta-D-glucopyranose
#
_entity_poly.entity_id   1
_entity_poly.type   'polypeptide(L)'
_entity_poly.pdbx_seq_one_letter_code
;MKIISPVLSNLVFSRSIKVLLCLLWIGYSQGTTHVLRFGGIFEYVESGPMGAEELAFRFAVNTINRNRTLLPNTTLTYDT
QKINLYDSFEASKKACDQLSLGVAAIFGPSHSSSANAVQSICNALGVPHIQTRWKHQVSDNKDSFYVSLYPDFSSLSRAI
LDLVQFFKWKTVTVVYDDSTGLIRLQELIKAPSRYNLRLKIRQLPADTKDAKPLLKEMKRGKEFHVIFDCSHEMAAGILK
QALAMGMMTEYYHYIFTTLDLFALDVEPYRYSGVNMTGFRILNTENTQVSSIIEKWSMERLQAPPKPDSGLLDGFMTTDA
ALMYDAVHVVSVAVQQFPQMTVSSLQCNRHKPWRFGTRFMSLIKEAHWEGLTGRITFNKTNGLRTDFDLDVISLKEEGLE
KIGTWDPASGLNMTESQKGKPANITDSLSNRSLIVTTILEEPYVLFKKSDKPLYGNDRFEGYCIDLLRELSTILGFTYEI
RLVEDGKYGAQDDVNGQWNGMVRELIDHKADLAVAPLAITYVREKVIDFSKPFMTLGISILYRKPNGTNPGVFSFLNPLS
PDIWMYVLLAYLGVSVVLFVIARFSPYEWYNPHPSNPDSDVVENNFTLLNSFWFGVGALMQQGSELMPKALSTRIVGGIW
WFFTLIIISSYTANLAAFLTVERMESPIDSADDLAKQTKIEYGAVEDGATMTFFKKSKISTYDKMWAFMSSRRQSVLVKS
NEEGIQRVLTSDYAFLMESTTIEFVTQRNCNLTQIGGLIDSKGYGVGTPMGSPYRDKITIAILQLQEEGKLHMMKEKWWR
GNGCPEEESKEASALGVQNIGGIFIVLAAGLVLSVFVAVGEFLYKSKKNAQLEKRSFCSAMVEELRMSLKCQRRLKHKPQ
APVIVKTEEVINMHTFNDRRLPGKETMA
;
_entity_poly.pdbx_strand_id   A,B,C,D
#
# COMPACT_ATOMS: atom_id res chain seq x y z
N HIS A 34 66.47 -35.21 -46.05
CA HIS A 34 65.75 -36.26 -45.35
C HIS A 34 64.33 -36.40 -45.86
N VAL A 35 63.61 -37.37 -45.30
CA VAL A 35 62.21 -37.60 -45.60
C VAL A 35 61.47 -37.67 -44.27
N LEU A 36 60.45 -36.83 -44.10
CA LEU A 36 59.69 -36.74 -42.87
C LEU A 36 58.31 -37.37 -43.06
N ARG A 37 57.89 -38.16 -42.08
CA ARG A 37 56.64 -38.91 -42.16
C ARG A 37 55.61 -38.27 -41.24
N PHE A 38 54.49 -37.84 -41.82
CA PHE A 38 53.32 -37.40 -41.07
C PHE A 38 52.23 -38.48 -41.16
N GLY A 39 51.16 -38.25 -40.42
CA GLY A 39 50.02 -39.15 -40.45
C GLY A 39 48.78 -38.45 -39.96
N GLY A 40 47.63 -39.01 -40.34
CA GLY A 40 46.36 -38.45 -39.93
C GLY A 40 45.21 -39.37 -40.26
N ILE A 41 44.34 -39.60 -39.30
CA ILE A 41 43.19 -40.48 -39.50
C ILE A 41 42.00 -39.63 -39.93
N PHE A 42 41.14 -40.22 -40.76
CA PHE A 42 40.00 -39.49 -41.32
C PHE A 42 38.81 -40.42 -41.40
N GLU A 43 37.63 -39.81 -41.44
CA GLU A 43 36.41 -40.56 -41.74
C GLU A 43 36.29 -40.73 -43.25
N TYR A 44 36.23 -41.97 -43.71
CA TYR A 44 36.13 -42.25 -45.13
C TYR A 44 34.67 -42.24 -45.56
N VAL A 45 34.37 -41.46 -46.60
CA VAL A 45 33.06 -41.54 -47.25
C VAL A 45 33.07 -42.79 -48.10
N GLU A 46 32.46 -43.86 -47.59
CA GLU A 46 32.52 -45.16 -48.25
C GLU A 46 31.63 -45.18 -49.49
N SER A 47 32.13 -45.85 -50.53
CA SER A 47 31.52 -45.94 -51.87
C SER A 47 31.28 -44.55 -52.47
N GLY A 48 32.25 -43.66 -52.30
CA GLY A 48 32.13 -42.31 -52.80
C GLY A 48 33.48 -41.60 -52.87
N PRO A 49 33.46 -40.29 -53.07
CA PRO A 49 34.71 -39.53 -53.13
C PRO A 49 35.32 -39.35 -51.75
N MET A 50 36.55 -38.86 -51.75
CA MET A 50 37.27 -38.62 -50.50
C MET A 50 36.70 -37.41 -49.77
N GLY A 51 36.96 -37.37 -48.46
CA GLY A 51 36.49 -36.27 -47.66
C GLY A 51 37.24 -34.98 -47.93
N ALA A 52 36.62 -33.86 -47.53
CA ALA A 52 37.19 -32.55 -47.81
C ALA A 52 38.44 -32.29 -46.98
N GLU A 53 38.43 -32.68 -45.70
CA GLU A 53 39.60 -32.49 -44.85
C GLU A 53 40.74 -33.42 -45.23
N GLU A 54 40.42 -34.63 -45.72
CA GLU A 54 41.46 -35.55 -46.16
C GLU A 54 42.14 -35.07 -47.43
N LEU A 55 41.35 -34.60 -48.41
CA LEU A 55 41.91 -34.01 -49.62
C LEU A 55 42.67 -32.72 -49.33
N ALA A 56 42.19 -31.95 -48.35
CA ALA A 56 42.89 -30.74 -47.93
C ALA A 56 44.25 -31.06 -47.30
N PHE A 57 44.30 -32.11 -46.47
CA PHE A 57 45.56 -32.55 -45.87
C PHE A 57 46.53 -33.07 -46.92
N ARG A 58 46.03 -33.86 -47.88
CA ARG A 58 46.88 -34.43 -48.92
C ARG A 58 47.43 -33.36 -49.86
N PHE A 59 46.57 -32.45 -50.31
CA PHE A 59 47.05 -31.36 -51.16
C PHE A 59 47.85 -30.33 -50.39
N ALA A 60 47.68 -30.22 -49.08
CA ALA A 60 48.53 -29.35 -48.29
C ALA A 60 49.93 -29.92 -48.17
N VAL A 61 50.04 -31.24 -47.99
CA VAL A 61 51.33 -31.92 -47.99
C VAL A 61 52.01 -31.78 -49.36
N ASN A 62 51.24 -31.93 -50.44
CA ASN A 62 51.78 -31.77 -51.79
C ASN A 62 52.22 -30.34 -52.07
N THR A 63 51.44 -29.35 -51.64
CA THR A 63 51.78 -27.95 -51.89
C THR A 63 52.95 -27.49 -51.06
N ILE A 64 53.11 -28.05 -49.85
CA ILE A 64 54.31 -27.79 -49.05
C ILE A 64 55.52 -28.45 -49.70
N ASN A 65 55.35 -29.66 -50.25
CA ASN A 65 56.46 -30.38 -50.86
C ASN A 65 56.92 -29.77 -52.18
N ARG A 66 56.02 -29.09 -52.91
CA ARG A 66 56.45 -28.46 -54.14
C ARG A 66 57.21 -27.16 -53.89
N ASN A 67 56.57 -26.21 -53.19
CA ASN A 67 57.19 -24.91 -52.96
C ASN A 67 58.28 -25.02 -51.90
N ARG A 68 59.48 -24.53 -52.22
CA ARG A 68 60.62 -24.59 -51.33
C ARG A 68 60.79 -23.30 -50.52
N THR A 69 59.69 -22.60 -50.24
CA THR A 69 59.73 -21.47 -49.31
C THR A 69 60.06 -21.95 -47.90
N LEU A 70 59.51 -23.10 -47.50
CA LEU A 70 59.81 -23.73 -46.23
C LEU A 70 60.37 -25.12 -46.50
N LEU A 71 61.31 -25.54 -45.63
CA LEU A 71 62.07 -26.78 -45.68
C LEU A 71 62.77 -27.00 -47.03
N PRO A 72 63.87 -26.30 -47.32
CA PRO A 72 64.57 -26.51 -48.59
C PRO A 72 65.50 -27.72 -48.62
N ASN A 73 65.40 -28.64 -47.66
CA ASN A 73 66.30 -29.78 -47.60
C ASN A 73 65.55 -31.10 -47.43
N THR A 74 64.39 -31.07 -46.79
CA THR A 74 63.69 -32.27 -46.35
C THR A 74 62.27 -32.26 -46.88
N THR A 75 61.86 -33.35 -47.55
CA THR A 75 60.52 -33.50 -48.07
C THR A 75 59.59 -34.05 -46.98
N LEU A 76 58.29 -34.08 -47.31
CA LEU A 76 57.26 -34.55 -46.39
C LEU A 76 56.52 -35.73 -46.99
N THR A 77 56.09 -36.63 -46.12
CA THR A 77 55.31 -37.82 -46.50
C THR A 77 54.17 -37.99 -45.50
N TYR A 78 53.00 -38.34 -46.00
CA TYR A 78 51.80 -38.42 -45.19
C TYR A 78 51.42 -39.88 -44.93
N ASP A 79 50.30 -40.06 -44.22
CA ASP A 79 49.71 -41.35 -43.96
C ASP A 79 48.24 -41.14 -43.66
N THR A 80 47.38 -42.01 -44.19
CA THR A 80 45.94 -41.80 -44.15
C THR A 80 45.23 -43.09 -43.75
N GLN A 81 44.40 -43.01 -42.71
CA GLN A 81 43.68 -44.16 -42.19
C GLN A 81 42.18 -43.88 -42.16
N LYS A 82 41.41 -44.97 -42.17
CA LYS A 82 39.95 -44.93 -42.20
C LYS A 82 39.38 -45.21 -40.82
N ILE A 83 38.52 -44.30 -40.34
CA ILE A 83 37.79 -44.47 -39.09
C ILE A 83 36.30 -44.39 -39.42
N ASN A 84 35.50 -45.20 -38.73
CA ASN A 84 34.05 -45.12 -38.84
C ASN A 84 33.51 -44.04 -37.90
N LEU A 85 32.20 -44.01 -37.73
CA LEU A 85 31.54 -42.97 -36.94
C LEU A 85 31.70 -43.27 -35.46
N TYR A 86 32.54 -42.47 -34.79
CA TYR A 86 32.69 -42.40 -33.33
C TYR A 86 33.14 -43.73 -32.72
N ASP A 87 33.97 -44.48 -33.44
CA ASP A 87 34.52 -45.74 -32.93
C ASP A 87 35.88 -45.43 -32.30
N SER A 88 35.91 -45.37 -30.97
CA SER A 88 37.12 -44.94 -30.28
C SER A 88 38.18 -46.03 -30.26
N PHE A 89 37.78 -47.30 -30.17
CA PHE A 89 38.75 -48.40 -30.18
C PHE A 89 39.37 -48.56 -31.56
N GLU A 90 38.58 -48.37 -32.62
CA GLU A 90 39.11 -48.45 -33.98
C GLU A 90 40.10 -47.33 -34.25
N ALA A 91 39.79 -46.11 -33.79
CA ALA A 91 40.71 -44.98 -33.93
C ALA A 91 41.96 -45.19 -33.08
N SER A 92 41.80 -45.80 -31.90
CA SER A 92 42.95 -46.13 -31.05
C SER A 92 43.86 -47.15 -31.72
N LYS A 93 43.28 -48.16 -32.36
CA LYS A 93 44.08 -49.18 -33.04
C LYS A 93 44.80 -48.63 -34.27
N LYS A 94 44.11 -47.80 -35.06
CA LYS A 94 44.76 -47.22 -36.23
C LYS A 94 45.82 -46.19 -35.84
N ALA A 95 45.59 -45.46 -34.74
CA ALA A 95 46.62 -44.55 -34.23
C ALA A 95 47.81 -45.31 -33.65
N CYS A 96 47.57 -46.48 -33.04
CA CYS A 96 48.67 -47.31 -32.55
C CYS A 96 49.50 -47.87 -33.69
N ASP A 97 48.85 -48.30 -34.78
CA ASP A 97 49.58 -48.77 -35.96
C ASP A 97 50.34 -47.63 -36.64
N GLN A 98 49.75 -46.44 -36.67
CA GLN A 98 50.39 -45.28 -37.27
C GLN A 98 51.58 -44.81 -36.43
N LEU A 99 51.47 -44.92 -35.11
CA LEU A 99 52.60 -44.62 -34.23
C LEU A 99 53.68 -45.69 -34.31
N SER A 100 53.30 -46.93 -34.60
CA SER A 100 54.30 -47.96 -34.86
C SER A 100 54.99 -47.75 -36.20
N LEU A 101 54.32 -47.08 -37.14
CA LEU A 101 54.98 -46.72 -38.40
C LEU A 101 56.02 -45.61 -38.22
N GLY A 102 55.91 -44.80 -37.17
CA GLY A 102 56.92 -43.78 -36.92
C GLY A 102 56.62 -42.41 -37.49
N VAL A 103 55.45 -41.87 -37.16
CA VAL A 103 55.07 -40.54 -37.62
C VAL A 103 55.64 -39.49 -36.67
N ALA A 104 55.65 -38.24 -37.13
CA ALA A 104 56.13 -37.13 -36.32
C ALA A 104 55.01 -36.44 -35.56
N ALA A 105 53.83 -36.33 -36.16
CA ALA A 105 52.67 -35.73 -35.51
C ALA A 105 51.42 -36.39 -36.06
N ILE A 106 50.35 -36.31 -35.28
CA ILE A 106 49.08 -36.95 -35.62
C ILE A 106 48.03 -35.88 -35.79
N PHE A 107 47.41 -35.86 -36.97
CA PHE A 107 46.26 -34.99 -37.23
C PHE A 107 45.02 -35.78 -36.84
N GLY A 108 44.32 -35.31 -35.81
CA GLY A 108 43.30 -36.08 -35.16
C GLY A 108 42.00 -36.13 -35.95
N PRO A 109 41.08 -36.97 -35.48
CA PRO A 109 39.80 -37.13 -36.19
C PRO A 109 38.83 -36.01 -35.84
N SER A 110 37.77 -35.92 -36.64
CA SER A 110 36.74 -34.92 -36.44
C SER A 110 35.63 -35.38 -35.48
N HIS A 111 35.68 -36.63 -35.04
CA HIS A 111 34.75 -37.12 -34.02
C HIS A 111 35.13 -36.54 -32.66
N SER A 112 34.24 -36.70 -31.68
CA SER A 112 34.49 -36.16 -30.35
C SER A 112 35.29 -37.14 -29.48
N SER A 113 34.71 -38.30 -29.20
CA SER A 113 35.33 -39.26 -28.28
C SER A 113 36.54 -39.93 -28.90
N SER A 114 36.55 -40.08 -30.23
CA SER A 114 37.71 -40.59 -30.92
C SER A 114 38.90 -39.63 -30.81
N ALA A 115 38.62 -38.32 -30.91
CA ALA A 115 39.67 -37.32 -30.73
C ALA A 115 40.15 -37.28 -29.29
N ASN A 116 39.25 -37.50 -28.32
CA ASN A 116 39.66 -37.59 -26.92
C ASN A 116 40.56 -38.80 -26.67
N ALA A 117 40.24 -39.95 -27.29
CA ALA A 117 41.03 -41.16 -27.10
C ALA A 117 42.41 -41.04 -27.75
N VAL A 118 42.46 -40.53 -28.99
CA VAL A 118 43.74 -40.38 -29.67
C VAL A 118 44.56 -39.23 -29.04
N GLN A 119 43.89 -38.24 -28.45
CA GLN A 119 44.58 -37.21 -27.68
C GLN A 119 45.20 -37.79 -26.41
N SER A 120 44.50 -38.71 -25.74
CA SER A 120 45.08 -39.38 -24.58
C SER A 120 46.26 -40.26 -24.95
N ILE A 121 46.17 -40.96 -26.08
CA ILE A 121 47.28 -41.78 -26.58
C ILE A 121 48.48 -40.92 -26.94
N CYS A 122 48.21 -39.77 -27.59
CA CYS A 122 49.27 -38.84 -27.98
C CYS A 122 49.96 -38.22 -26.77
N ASN A 123 49.20 -37.89 -25.73
CA ASN A 123 49.83 -37.37 -24.53
C ASN A 123 50.53 -38.47 -23.74
N ALA A 124 50.09 -39.73 -23.90
CA ALA A 124 50.74 -40.83 -23.21
C ALA A 124 52.10 -41.14 -23.82
N LEU A 125 52.20 -41.17 -25.15
CA LEU A 125 53.44 -41.54 -25.80
C LEU A 125 54.27 -40.33 -26.23
N GLY A 126 53.88 -39.12 -25.84
CA GLY A 126 54.71 -37.95 -26.06
C GLY A 126 54.71 -37.40 -27.47
N VAL A 127 53.87 -37.93 -28.35
CA VAL A 127 53.76 -37.46 -29.74
C VAL A 127 52.75 -36.31 -29.76
N PRO A 128 53.07 -35.18 -30.37
CA PRO A 128 52.13 -34.05 -30.38
C PRO A 128 50.88 -34.31 -31.23
N HIS A 129 49.78 -33.69 -30.80
CA HIS A 129 48.47 -33.88 -31.40
C HIS A 129 47.96 -32.55 -31.92
N ILE A 130 47.37 -32.57 -33.11
CA ILE A 130 46.76 -31.39 -33.71
C ILE A 130 45.28 -31.67 -33.90
N GLN A 131 44.43 -30.77 -33.40
CA GLN A 131 42.98 -30.91 -33.45
C GLN A 131 42.40 -29.90 -34.42
N THR A 132 41.48 -30.35 -35.27
CA THR A 132 40.84 -29.47 -36.24
C THR A 132 39.46 -29.02 -35.76
N ARG A 133 38.57 -29.96 -35.47
CA ARG A 133 37.26 -29.60 -34.94
C ARG A 133 37.36 -29.38 -33.44
N TRP A 134 36.43 -28.58 -32.92
CA TRP A 134 36.33 -28.36 -31.49
C TRP A 134 35.84 -29.61 -30.78
N LYS A 135 36.44 -29.93 -29.65
CA LYS A 135 35.96 -30.98 -28.77
C LYS A 135 35.68 -30.39 -27.40
N HIS A 136 34.79 -31.04 -26.66
CA HIS A 136 34.54 -30.64 -25.29
C HIS A 136 35.72 -31.06 -24.43
N GLN A 137 36.23 -30.13 -23.62
CA GLN A 137 37.41 -30.35 -22.82
C GLN A 137 37.02 -30.45 -21.35
N VAL A 138 37.34 -31.58 -20.73
CA VAL A 138 37.17 -31.74 -19.29
C VAL A 138 38.35 -31.08 -18.59
N SER A 139 38.06 -30.31 -17.53
CA SER A 139 39.09 -29.54 -16.85
C SER A 139 40.02 -30.41 -16.01
N ASP A 140 39.62 -31.65 -15.71
CA ASP A 140 40.46 -32.54 -14.92
C ASP A 140 41.50 -33.28 -15.76
N ASN A 141 41.50 -33.08 -17.08
CA ASN A 141 42.50 -33.70 -17.93
C ASN A 141 43.79 -32.88 -17.87
N LYS A 142 44.89 -33.54 -17.49
CA LYS A 142 46.18 -32.89 -17.35
C LYS A 142 47.05 -33.06 -18.59
N ASP A 143 46.43 -33.37 -19.74
CA ASP A 143 47.17 -33.55 -20.97
C ASP A 143 47.64 -32.21 -21.53
N SER A 144 48.83 -32.22 -22.14
CA SER A 144 49.39 -31.01 -22.71
C SER A 144 50.05 -31.23 -24.06
N PHE A 145 49.99 -32.44 -24.62
CA PHE A 145 50.60 -32.72 -25.91
C PHE A 145 49.63 -32.52 -27.07
N TYR A 146 48.96 -31.38 -27.10
CA TYR A 146 47.93 -31.16 -28.11
C TYR A 146 47.72 -29.66 -28.31
N VAL A 147 47.35 -29.31 -29.54
CA VAL A 147 46.89 -27.98 -29.89
C VAL A 147 45.56 -28.11 -30.62
N SER A 148 44.81 -27.02 -30.65
CA SER A 148 43.52 -26.99 -31.34
C SER A 148 43.42 -25.71 -32.14
N LEU A 149 43.19 -25.84 -33.45
CA LEU A 149 43.10 -24.68 -34.31
C LEU A 149 41.69 -24.12 -34.44
N TYR A 150 40.68 -24.80 -33.92
CA TYR A 150 39.34 -24.25 -33.93
C TYR A 150 39.26 -23.07 -32.97
N PRO A 151 38.52 -22.03 -33.31
CA PRO A 151 38.30 -20.93 -32.37
C PRO A 151 37.51 -21.39 -31.15
N ASP A 152 37.96 -20.96 -29.98
CA ASP A 152 37.34 -21.38 -28.73
C ASP A 152 35.97 -20.73 -28.57
N PHE A 153 35.01 -21.51 -28.11
CA PHE A 153 33.62 -21.06 -28.08
C PHE A 153 33.34 -20.10 -26.92
N SER A 154 34.26 -19.94 -25.97
CA SER A 154 34.10 -18.91 -24.96
C SER A 154 34.28 -17.52 -25.57
N SER A 155 35.34 -17.34 -26.37
CA SER A 155 35.56 -16.06 -27.04
C SER A 155 34.57 -15.84 -28.17
N LEU A 156 34.13 -16.92 -28.83
CA LEU A 156 33.08 -16.80 -29.84
C LEU A 156 31.74 -16.45 -29.21
N SER A 157 31.48 -16.97 -28.00
CA SER A 157 30.27 -16.59 -27.27
C SER A 157 30.34 -15.15 -26.78
N ARG A 158 31.54 -14.68 -26.44
CA ARG A 158 31.72 -13.26 -26.11
C ARG A 158 31.50 -12.38 -27.33
N ALA A 159 31.92 -12.86 -28.51
CA ALA A 159 31.63 -12.15 -29.76
C ALA A 159 30.14 -12.13 -30.07
N ILE A 160 29.45 -13.23 -29.77
CA ILE A 160 28.00 -13.31 -29.94
C ILE A 160 27.30 -12.34 -29.00
N LEU A 161 27.77 -12.25 -27.76
CA LEU A 161 27.23 -11.29 -26.79
C LEU A 161 27.50 -9.85 -27.22
N ASP A 162 28.65 -9.59 -27.85
CA ASP A 162 28.94 -8.25 -28.35
C ASP A 162 28.06 -7.90 -29.55
N LEU A 163 27.75 -8.89 -30.40
CA LEU A 163 26.81 -8.65 -31.50
C LEU A 163 25.38 -8.45 -31.00
N VAL A 164 25.01 -9.13 -29.91
CA VAL A 164 23.69 -8.92 -29.32
C VAL A 164 23.61 -7.53 -28.69
N GLN A 165 24.64 -7.14 -27.94
CA GLN A 165 24.68 -5.82 -27.29
C GLN A 165 24.81 -4.68 -28.29
N PHE A 166 25.39 -4.93 -29.47
CA PHE A 166 25.43 -3.90 -30.50
C PHE A 166 24.06 -3.68 -31.11
N PHE A 167 23.28 -4.75 -31.29
CA PHE A 167 21.98 -4.65 -31.92
C PHE A 167 20.88 -4.21 -30.97
N LYS A 168 21.16 -4.14 -29.66
CA LYS A 168 20.27 -3.69 -28.60
C LYS A 168 18.97 -4.52 -28.55
N TRP A 169 19.13 -5.81 -28.26
CA TRP A 169 18.01 -6.73 -28.23
C TRP A 169 17.56 -6.98 -26.80
N LYS A 170 16.30 -7.39 -26.68
CA LYS A 170 15.69 -7.66 -25.38
C LYS A 170 15.26 -9.11 -25.22
N THR A 171 14.49 -9.63 -26.16
CA THR A 171 14.00 -11.01 -26.13
C THR A 171 14.68 -11.78 -27.23
N VAL A 172 15.40 -12.84 -26.87
CA VAL A 172 16.17 -13.65 -27.81
C VAL A 172 15.76 -15.10 -27.69
N THR A 173 15.88 -15.82 -28.81
CA THR A 173 15.55 -17.24 -28.86
C THR A 173 16.72 -18.00 -29.46
N VAL A 174 17.29 -18.91 -28.69
CA VAL A 174 18.44 -19.70 -29.11
C VAL A 174 17.94 -21.06 -29.54
N VAL A 175 18.22 -21.42 -30.79
CA VAL A 175 17.84 -22.71 -31.35
C VAL A 175 19.10 -23.54 -31.52
N TYR A 176 19.09 -24.76 -30.97
CA TYR A 176 20.25 -25.63 -31.04
C TYR A 176 19.81 -27.04 -31.41
N ASP A 177 20.75 -27.85 -31.90
CA ASP A 177 20.47 -29.24 -32.21
C ASP A 177 21.30 -30.22 -31.39
N ASP A 178 22.61 -30.07 -31.37
CA ASP A 178 23.48 -31.00 -30.65
C ASP A 178 23.49 -30.65 -29.18
N SER A 179 23.52 -31.68 -28.33
CA SER A 179 23.46 -31.49 -26.89
C SER A 179 24.71 -30.83 -26.32
N THR A 180 25.85 -30.99 -26.98
CA THR A 180 27.06 -30.27 -26.59
C THR A 180 27.04 -28.80 -27.00
N GLY A 181 26.15 -28.43 -27.94
CA GLY A 181 26.09 -27.08 -28.48
C GLY A 181 25.75 -26.01 -27.47
N LEU A 182 25.03 -26.38 -26.40
CA LEU A 182 24.77 -25.46 -25.29
C LEU A 182 26.06 -25.02 -24.63
N ILE A 183 27.02 -25.95 -24.52
CA ILE A 183 28.38 -25.62 -24.04
C ILE A 183 29.02 -24.60 -24.97
N ARG A 184 28.81 -24.78 -26.27
CA ARG A 184 29.30 -23.85 -27.28
C ARG A 184 28.61 -22.50 -27.24
N LEU A 185 27.49 -22.36 -26.53
CA LEU A 185 26.88 -21.06 -26.28
C LEU A 185 26.76 -20.78 -24.79
N GLN A 186 27.68 -21.34 -23.99
CA GLN A 186 27.56 -21.33 -22.52
C GLN A 186 27.58 -19.92 -21.95
N GLU A 187 28.52 -19.08 -22.41
CA GLU A 187 28.55 -17.68 -21.99
C GLU A 187 27.38 -16.87 -22.54
N LEU A 188 26.72 -17.35 -23.60
CA LEU A 188 25.45 -16.76 -23.99
C LEU A 188 24.33 -17.18 -23.04
N ILE A 189 24.35 -18.44 -22.60
CA ILE A 189 23.27 -18.95 -21.77
C ILE A 189 23.36 -18.36 -20.36
N LYS A 190 24.55 -18.37 -19.78
CA LYS A 190 24.75 -17.66 -18.53
C LYS A 190 24.81 -16.15 -18.80
N ALA A 191 24.69 -15.40 -17.70
CA ALA A 191 24.49 -13.95 -17.63
C ALA A 191 23.42 -13.39 -18.57
N PRO A 192 22.13 -13.61 -18.34
CA PRO A 192 21.12 -12.67 -18.84
C PRO A 192 20.72 -11.61 -17.82
N SER A 193 21.44 -11.52 -16.71
CA SER A 193 21.14 -10.61 -15.60
C SER A 193 21.81 -9.25 -15.77
N ARG A 194 23.09 -9.25 -16.15
CA ARG A 194 23.83 -7.99 -16.26
C ARG A 194 23.43 -7.19 -17.50
N TYR A 195 22.99 -7.87 -18.57
CA TYR A 195 22.59 -7.20 -19.79
C TYR A 195 21.07 -7.20 -19.97
N ASN A 196 20.32 -7.64 -18.94
CA ASN A 196 18.84 -7.76 -18.86
C ASN A 196 18.19 -8.35 -20.12
N LEU A 197 18.83 -9.34 -20.73
CA LEU A 197 18.18 -10.10 -21.79
C LEU A 197 17.14 -11.05 -21.21
N ARG A 198 16.04 -11.22 -21.95
CA ARG A 198 15.13 -12.33 -21.73
C ARG A 198 15.43 -13.37 -22.80
N LEU A 199 15.56 -14.62 -22.40
CA LEU A 199 16.17 -15.64 -23.25
C LEU A 199 15.36 -16.91 -23.20
N LYS A 200 15.01 -17.44 -24.37
CA LYS A 200 14.36 -18.74 -24.49
C LYS A 200 15.27 -19.68 -25.26
N ILE A 201 15.17 -20.97 -24.96
CA ILE A 201 16.06 -21.99 -25.52
C ILE A 201 15.20 -23.10 -26.08
N ARG A 202 15.39 -23.41 -27.37
CA ARG A 202 14.62 -24.45 -28.04
C ARG A 202 15.56 -25.40 -28.77
N GLN A 203 15.22 -26.68 -28.69
CA GLN A 203 16.03 -27.75 -29.26
C GLN A 203 15.43 -28.22 -30.57
N LEU A 204 16.28 -28.35 -31.59
CA LEU A 204 15.87 -28.99 -32.82
C LEU A 204 15.63 -30.48 -32.59
N PRO A 205 14.67 -31.08 -33.29
CA PRO A 205 14.45 -32.51 -33.16
C PRO A 205 15.58 -33.32 -33.79
N ALA A 206 15.67 -34.59 -33.37
CA ALA A 206 16.71 -35.48 -33.88
C ALA A 206 16.50 -35.83 -35.34
N ASP A 207 15.26 -35.82 -35.81
CA ASP A 207 14.99 -35.92 -37.23
C ASP A 207 15.38 -34.63 -37.92
N THR A 208 15.99 -34.75 -39.10
CA THR A 208 16.56 -33.59 -39.77
C THR A 208 15.50 -32.73 -40.45
N LYS A 209 14.45 -33.35 -40.96
CA LYS A 209 13.47 -32.66 -41.80
C LYS A 209 12.29 -32.11 -41.01
N ASP A 210 12.32 -32.19 -39.68
CA ASP A 210 11.19 -31.76 -38.86
C ASP A 210 11.41 -30.37 -38.27
N ALA A 211 12.01 -29.46 -39.03
CA ALA A 211 12.13 -28.08 -38.59
C ALA A 211 10.80 -27.33 -38.64
N LYS A 212 9.83 -27.84 -39.40
CA LYS A 212 8.52 -27.19 -39.51
C LYS A 212 7.70 -27.13 -38.22
N PRO A 213 7.59 -28.17 -37.37
CA PRO A 213 6.91 -27.96 -36.07
C PRO A 213 7.63 -26.99 -35.14
N LEU A 214 8.97 -26.97 -35.15
CA LEU A 214 9.69 -26.01 -34.33
C LEU A 214 9.50 -24.58 -34.83
N LEU A 215 9.47 -24.40 -36.16
CA LEU A 215 9.21 -23.08 -36.71
C LEU A 215 7.76 -22.66 -36.51
N LYS A 216 6.82 -23.61 -36.50
CA LYS A 216 5.43 -23.31 -36.21
C LYS A 216 5.24 -22.92 -34.75
N GLU A 217 5.99 -23.56 -33.85
CA GLU A 217 6.00 -23.13 -32.46
C GLU A 217 6.67 -21.77 -32.31
N MET A 218 7.67 -21.49 -33.14
CA MET A 218 8.38 -20.22 -33.07
C MET A 218 7.58 -19.07 -33.66
N LYS A 219 6.63 -19.35 -34.55
CA LYS A 219 5.77 -18.29 -35.07
C LYS A 219 4.81 -17.80 -34.01
N ARG A 220 4.29 -18.72 -33.19
CA ARG A 220 3.58 -18.31 -31.98
C ARG A 220 4.59 -17.78 -30.96
N GLY A 221 4.11 -16.90 -30.09
CA GLY A 221 4.97 -16.27 -29.11
C GLY A 221 5.67 -15.02 -29.60
N LYS A 222 5.50 -14.67 -30.88
CA LYS A 222 5.88 -13.38 -31.48
C LYS A 222 7.38 -13.13 -31.42
N GLU A 223 8.17 -14.21 -31.50
CA GLU A 223 9.61 -14.14 -31.39
C GLU A 223 10.26 -14.18 -32.77
N PHE A 224 11.16 -13.22 -33.01
CA PHE A 224 11.83 -13.12 -34.30
C PHE A 224 13.27 -12.64 -34.18
N HIS A 225 13.88 -12.84 -33.01
CA HIS A 225 15.30 -12.56 -32.79
C HIS A 225 15.94 -13.91 -32.45
N VAL A 226 16.37 -14.63 -33.47
CA VAL A 226 16.76 -16.04 -33.37
C VAL A 226 18.26 -16.15 -33.55
N ILE A 227 18.92 -16.80 -32.59
CA ILE A 227 20.31 -17.18 -32.72
C ILE A 227 20.34 -18.68 -32.98
N PHE A 228 20.77 -19.06 -34.19
CA PHE A 228 20.86 -20.45 -34.58
C PHE A 228 22.23 -21.00 -34.21
N ASP A 229 22.26 -22.29 -33.88
CA ASP A 229 23.53 -22.98 -33.64
C ASP A 229 23.40 -24.39 -34.22
N CYS A 230 23.94 -24.58 -35.41
CA CYS A 230 23.87 -25.86 -36.11
C CYS A 230 24.99 -25.91 -37.12
N SER A 231 25.08 -27.02 -37.84
CA SER A 231 25.92 -27.07 -39.03
C SER A 231 25.28 -26.24 -40.14
N HIS A 232 26.11 -25.85 -41.11
CA HIS A 232 25.64 -25.03 -42.22
C HIS A 232 24.74 -25.82 -43.18
N GLU A 233 24.84 -27.14 -43.18
CA GLU A 233 23.90 -27.97 -43.92
C GLU A 233 22.51 -27.90 -43.29
N MET A 234 22.45 -28.04 -41.95
CA MET A 234 21.21 -27.87 -41.22
C MET A 234 20.71 -26.43 -41.28
N ALA A 235 21.63 -25.47 -41.36
CA ALA A 235 21.24 -24.07 -41.54
C ALA A 235 20.59 -23.84 -42.89
N ALA A 236 21.13 -24.45 -43.96
CA ALA A 236 20.52 -24.33 -45.28
C ALA A 236 19.16 -25.02 -45.33
N GLY A 237 19.04 -26.18 -44.67
CA GLY A 237 17.75 -26.86 -44.59
C GLY A 237 16.71 -26.08 -43.81
N ILE A 238 17.12 -25.43 -42.73
CA ILE A 238 16.15 -24.64 -41.97
C ILE A 238 15.85 -23.30 -42.62
N LEU A 239 16.74 -22.77 -43.47
CA LEU A 239 16.36 -21.60 -44.26
C LEU A 239 15.38 -21.97 -45.36
N LYS A 240 15.53 -23.16 -45.95
CA LYS A 240 14.52 -23.65 -46.90
C LYS A 240 13.18 -23.89 -46.22
N GLN A 241 13.20 -24.43 -45.00
CA GLN A 241 11.97 -24.68 -44.24
C GLN A 241 11.31 -23.37 -43.80
N ALA A 242 12.10 -22.35 -43.47
CA ALA A 242 11.52 -21.07 -43.09
C ALA A 242 11.02 -20.28 -44.30
N LEU A 243 11.65 -20.47 -45.47
CA LEU A 243 11.15 -19.81 -46.68
C LEU A 243 9.86 -20.46 -47.16
N ALA A 244 9.74 -21.78 -47.00
CA ALA A 244 8.58 -22.50 -47.51
C ALA A 244 7.30 -22.14 -46.75
N MET A 245 7.39 -21.95 -45.44
CA MET A 245 6.23 -21.56 -44.65
C MET A 245 6.16 -20.05 -44.40
N GLY A 246 7.09 -19.28 -44.94
CA GLY A 246 6.97 -17.83 -44.90
C GLY A 246 7.40 -17.16 -43.61
N MET A 247 8.66 -17.37 -43.22
CA MET A 247 9.27 -16.61 -42.15
C MET A 247 10.32 -15.64 -42.66
N MET A 248 10.39 -15.44 -43.97
CA MET A 248 11.41 -14.61 -44.60
C MET A 248 10.92 -13.19 -44.84
N THR A 249 10.37 -12.54 -43.82
CA THR A 249 9.95 -11.16 -43.94
C THR A 249 11.08 -10.26 -43.46
N GLU A 250 10.79 -8.97 -43.29
CA GLU A 250 11.74 -8.02 -42.75
C GLU A 250 11.59 -7.83 -41.24
N TYR A 251 10.67 -8.57 -40.61
CA TYR A 251 10.62 -8.58 -39.15
C TYR A 251 11.74 -9.44 -38.57
N TYR A 252 12.00 -10.58 -39.18
CA TYR A 252 12.85 -11.60 -38.59
C TYR A 252 14.33 -11.24 -38.74
N HIS A 253 15.09 -11.51 -37.68
CA HIS A 253 16.53 -11.33 -37.66
C HIS A 253 17.18 -12.63 -37.19
N TYR A 254 18.16 -13.11 -37.96
CA TYR A 254 18.82 -14.39 -37.70
C TYR A 254 20.30 -14.18 -37.44
N ILE A 255 20.80 -14.82 -36.38
CA ILE A 255 22.22 -14.86 -36.08
C ILE A 255 22.66 -16.32 -36.16
N PHE A 256 23.76 -16.57 -36.86
CA PHE A 256 24.23 -17.92 -37.11
C PHE A 256 25.58 -18.14 -36.43
N THR A 257 25.67 -19.22 -35.65
CA THR A 257 26.87 -19.48 -34.88
C THR A 257 27.99 -20.01 -35.76
N THR A 258 27.66 -20.81 -36.77
CA THR A 258 28.67 -21.49 -37.57
C THR A 258 29.41 -20.52 -38.49
N LEU A 259 30.63 -20.91 -38.86
CA LEU A 259 31.51 -20.07 -39.64
C LEU A 259 31.48 -20.40 -41.13
N ASP A 260 30.33 -20.84 -41.64
CA ASP A 260 30.17 -21.16 -43.04
C ASP A 260 28.92 -20.51 -43.63
N LEU A 261 28.56 -19.33 -43.13
CA LEU A 261 27.41 -18.63 -43.66
C LEU A 261 27.68 -18.02 -45.03
N PHE A 262 28.95 -17.81 -45.37
CA PHE A 262 29.35 -17.31 -46.67
C PHE A 262 29.48 -18.42 -47.72
N ALA A 263 29.06 -19.64 -47.39
CA ALA A 263 29.03 -20.76 -48.33
C ALA A 263 27.61 -21.10 -48.78
N LEU A 264 26.61 -20.32 -48.39
CA LEU A 264 25.23 -20.66 -48.67
C LEU A 264 24.73 -19.98 -49.95
N ASP A 265 23.92 -20.70 -50.71
CA ASP A 265 23.23 -20.13 -51.87
C ASP A 265 22.10 -19.27 -51.36
N VAL A 266 22.37 -17.98 -51.22
CA VAL A 266 21.44 -17.04 -50.57
C VAL A 266 20.64 -16.28 -51.61
N GLU A 267 20.68 -16.75 -52.86
CA GLU A 267 20.02 -16.06 -53.96
C GLU A 267 18.49 -16.07 -53.94
N PRO A 268 17.78 -17.13 -53.48
CA PRO A 268 16.35 -16.92 -53.18
C PRO A 268 16.10 -16.00 -52.00
N TYR A 269 17.02 -15.93 -51.03
CA TYR A 269 16.83 -15.13 -49.83
C TYR A 269 17.38 -13.72 -49.97
N ARG A 270 17.90 -13.35 -51.15
CA ARG A 270 18.64 -12.11 -51.29
C ARG A 270 17.74 -10.87 -51.29
N TYR A 271 16.63 -10.93 -52.02
CA TYR A 271 15.79 -9.75 -52.24
C TYR A 271 14.53 -9.73 -51.39
N SER A 272 14.37 -10.67 -50.47
CA SER A 272 13.18 -10.75 -49.64
C SER A 272 13.31 -9.98 -48.33
N GLY A 273 14.39 -9.22 -48.14
CA GLY A 273 14.53 -8.38 -46.96
C GLY A 273 14.86 -9.12 -45.69
N VAL A 274 15.45 -10.31 -45.80
CA VAL A 274 15.78 -11.10 -44.62
C VAL A 274 17.03 -10.54 -43.98
N ASN A 275 16.97 -10.33 -42.67
CA ASN A 275 17.94 -9.52 -41.97
C ASN A 275 18.87 -10.52 -41.30
N MET A 276 20.02 -10.76 -41.91
CA MET A 276 20.87 -11.90 -41.61
C MET A 276 22.28 -11.43 -41.29
N THR A 277 22.84 -11.94 -40.20
CA THR A 277 24.16 -11.58 -39.72
C THR A 277 24.90 -12.83 -39.28
N GLY A 278 26.17 -12.93 -39.70
CA GLY A 278 26.99 -14.07 -39.29
C GLY A 278 28.46 -13.74 -39.22
N PHE A 279 29.28 -14.77 -39.01
CA PHE A 279 30.71 -14.63 -38.82
C PHE A 279 31.48 -15.31 -39.95
N ARG A 280 32.72 -14.87 -40.13
CA ARG A 280 33.61 -15.45 -41.14
C ARG A 280 35.04 -15.40 -40.61
N ILE A 281 35.68 -16.55 -40.51
CA ILE A 281 37.08 -16.62 -40.07
C ILE A 281 38.02 -16.88 -41.24
N LEU A 282 37.51 -17.32 -42.38
CA LEU A 282 38.34 -17.56 -43.55
C LEU A 282 38.58 -16.25 -44.27
N ASN A 283 39.85 -15.90 -44.46
CA ASN A 283 40.18 -14.67 -45.17
C ASN A 283 39.92 -14.84 -46.66
N THR A 284 39.14 -13.92 -47.24
CA THR A 284 38.86 -13.92 -48.67
C THR A 284 39.19 -12.59 -49.34
N GLU A 285 39.40 -11.53 -48.57
CA GLU A 285 39.78 -10.24 -49.14
C GLU A 285 41.22 -10.21 -49.64
N ASN A 286 42.07 -11.12 -49.14
CA ASN A 286 43.42 -11.23 -49.67
C ASN A 286 43.38 -12.04 -50.96
N THR A 287 44.04 -11.51 -52.00
CA THR A 287 43.93 -12.11 -53.33
C THR A 287 44.75 -13.39 -53.48
N GLN A 288 45.82 -13.53 -52.69
CA GLN A 288 46.67 -14.71 -52.78
C GLN A 288 45.94 -15.95 -52.26
N VAL A 289 45.32 -15.82 -51.09
CA VAL A 289 44.53 -16.94 -50.55
C VAL A 289 43.24 -17.14 -51.35
N SER A 290 42.75 -16.10 -52.03
CA SER A 290 41.63 -16.27 -52.95
C SER A 290 42.02 -17.09 -54.17
N SER A 291 43.23 -16.87 -54.70
CA SER A 291 43.74 -17.69 -55.79
C SER A 291 44.02 -19.12 -55.33
N ILE A 292 44.48 -19.30 -54.09
CA ILE A 292 44.66 -20.62 -53.52
C ILE A 292 43.32 -21.34 -53.39
N ILE A 293 42.28 -20.61 -52.97
CA ILE A 293 40.91 -21.14 -52.86
C ILE A 293 40.37 -21.53 -54.24
N GLU A 294 40.63 -20.70 -55.25
CA GLU A 294 40.17 -21.01 -56.62
C GLU A 294 40.89 -22.22 -57.22
N LYS A 295 42.21 -22.31 -57.01
CA LYS A 295 42.96 -23.47 -57.50
C LYS A 295 42.55 -24.74 -56.79
N TRP A 296 42.31 -24.68 -55.48
CA TRP A 296 41.87 -25.85 -54.74
C TRP A 296 40.41 -26.20 -55.01
N SER A 297 39.60 -25.22 -55.42
CA SER A 297 38.25 -25.53 -55.89
C SER A 297 38.28 -26.21 -57.23
N MET A 298 39.23 -25.83 -58.11
CA MET A 298 39.45 -26.58 -59.33
C MET A 298 39.96 -28.00 -59.05
N GLU A 299 40.77 -28.14 -57.99
CA GLU A 299 41.17 -29.47 -57.53
C GLU A 299 40.01 -30.26 -56.93
N ARG A 300 39.01 -29.56 -56.39
CA ARG A 300 37.87 -30.22 -55.75
C ARG A 300 36.69 -30.44 -56.70
N LEU A 301 36.83 -30.07 -57.98
CA LEU A 301 35.79 -30.43 -58.95
C LEU A 301 35.84 -31.91 -59.33
N GLN A 302 36.95 -32.59 -59.04
CA GLN A 302 37.01 -34.04 -59.18
C GLN A 302 36.11 -34.73 -58.17
N ALA A 303 35.97 -34.16 -56.97
CA ALA A 303 34.99 -34.65 -56.02
C ALA A 303 33.61 -34.10 -56.38
N PRO A 304 32.61 -34.96 -56.61
CA PRO A 304 31.28 -34.45 -57.00
C PRO A 304 30.54 -33.87 -55.81
N PRO A 305 30.09 -32.62 -55.91
CA PRO A 305 29.30 -32.03 -54.82
C PRO A 305 27.81 -32.24 -55.01
N LYS A 306 27.00 -31.77 -54.05
CA LYS A 306 25.55 -31.85 -54.16
C LYS A 306 25.02 -30.54 -54.71
N PRO A 307 24.40 -30.54 -55.89
CA PRO A 307 23.99 -29.28 -56.52
C PRO A 307 22.61 -28.76 -56.11
N ASP A 308 21.87 -29.48 -55.29
CA ASP A 308 20.53 -29.08 -54.87
C ASP A 308 20.40 -29.16 -53.35
N SER A 309 21.38 -28.61 -52.65
CA SER A 309 21.36 -28.57 -51.20
C SER A 309 21.37 -27.15 -50.65
N GLY A 310 21.16 -26.15 -51.51
CA GLY A 310 21.21 -24.77 -51.06
C GLY A 310 22.60 -24.25 -50.75
N LEU A 311 23.62 -24.88 -51.30
CA LEU A 311 25.01 -24.53 -51.02
C LEU A 311 25.67 -23.94 -52.26
N LEU A 312 26.69 -23.11 -52.03
CA LEU A 312 27.46 -22.57 -53.14
C LEU A 312 28.34 -23.65 -53.75
N ASP A 313 28.35 -23.72 -55.07
CA ASP A 313 28.99 -24.82 -55.77
C ASP A 313 30.50 -24.65 -55.83
N GLY A 314 31.22 -25.74 -55.55
CA GLY A 314 32.67 -25.76 -55.61
C GLY A 314 33.34 -24.89 -54.58
N PHE A 315 33.21 -25.24 -53.31
CA PHE A 315 33.59 -24.34 -52.23
C PHE A 315 34.49 -25.04 -51.23
N MET A 316 35.29 -24.25 -50.52
CA MET A 316 36.18 -24.74 -49.47
C MET A 316 35.65 -24.28 -48.12
N THR A 317 35.40 -25.24 -47.24
CA THR A 317 34.78 -24.95 -45.95
C THR A 317 35.83 -24.54 -44.92
N THR A 318 35.42 -24.46 -43.66
CA THR A 318 36.32 -24.01 -42.60
C THR A 318 37.30 -25.12 -42.20
N ASP A 319 36.85 -26.38 -42.27
CA ASP A 319 37.68 -27.50 -41.85
C ASP A 319 38.87 -27.73 -42.78
N ALA A 320 38.67 -27.52 -44.08
CA ALA A 320 39.76 -27.63 -45.05
C ALA A 320 40.81 -26.55 -44.82
N ALA A 321 40.37 -25.32 -44.55
CA ALA A 321 41.29 -24.23 -44.28
C ALA A 321 42.03 -24.44 -42.96
N LEU A 322 41.35 -25.01 -41.96
CA LEU A 322 42.00 -25.29 -40.69
C LEU A 322 43.01 -26.43 -40.82
N MET A 323 42.73 -27.42 -41.66
CA MET A 323 43.69 -28.50 -41.91
C MET A 323 44.91 -27.99 -42.68
N TYR A 324 44.70 -27.10 -43.65
CA TYR A 324 45.80 -26.47 -44.38
C TYR A 324 46.67 -25.63 -43.46
N ASP A 325 46.04 -24.86 -42.55
CA ASP A 325 46.80 -24.07 -41.61
C ASP A 325 47.50 -24.94 -40.57
N ALA A 326 46.93 -26.09 -40.24
CA ALA A 326 47.60 -27.04 -39.35
C ALA A 326 48.85 -27.61 -39.98
N VAL A 327 48.78 -27.95 -41.28
CA VAL A 327 49.95 -28.41 -42.02
C VAL A 327 51.01 -27.32 -42.09
N HIS A 328 50.59 -26.06 -42.25
CA HIS A 328 51.56 -24.96 -42.30
C HIS A 328 52.21 -24.70 -40.93
N VAL A 329 51.46 -24.84 -39.84
CA VAL A 329 52.02 -24.63 -38.51
C VAL A 329 53.00 -25.75 -38.14
N VAL A 330 52.67 -27.01 -38.46
CA VAL A 330 53.62 -28.07 -38.17
C VAL A 330 54.79 -28.03 -39.17
N SER A 331 54.59 -27.41 -40.35
CA SER A 331 55.69 -27.21 -41.29
C SER A 331 56.68 -26.18 -40.77
N VAL A 332 56.22 -25.07 -40.21
CA VAL A 332 57.18 -24.12 -39.64
C VAL A 332 57.77 -24.65 -38.32
N ALA A 333 57.05 -25.54 -37.64
CA ALA A 333 57.59 -26.17 -36.43
C ALA A 333 58.73 -27.13 -36.75
N VAL A 334 58.58 -27.92 -37.82
CA VAL A 334 59.71 -28.77 -38.25
C VAL A 334 60.73 -27.99 -39.05
N GLN A 335 60.40 -26.79 -39.52
CA GLN A 335 61.40 -25.91 -40.08
C GLN A 335 62.35 -25.39 -39.02
N GLN A 336 61.82 -24.99 -37.86
CA GLN A 336 62.69 -24.49 -36.81
C GLN A 336 63.41 -25.59 -36.02
N PHE A 337 63.09 -26.85 -36.25
CA PHE A 337 63.74 -27.97 -35.56
C PHE A 337 64.40 -28.89 -36.58
N PRO A 338 65.73 -28.85 -36.71
CA PRO A 338 66.41 -29.66 -37.74
C PRO A 338 66.94 -31.01 -37.27
N GLN A 339 66.78 -31.37 -35.99
CA GLN A 339 67.38 -32.59 -35.46
C GLN A 339 66.37 -33.70 -35.20
N MET A 340 65.13 -33.54 -35.64
CA MET A 340 64.10 -34.52 -35.34
C MET A 340 64.21 -35.71 -36.28
N THR A 341 64.02 -36.91 -35.72
CA THR A 341 64.09 -38.15 -36.47
C THR A 341 62.69 -38.63 -36.85
N VAL A 342 62.63 -39.81 -37.46
CA VAL A 342 61.38 -40.40 -37.93
C VAL A 342 61.18 -41.76 -37.29
N SER A 343 61.70 -41.93 -36.07
CA SER A 343 61.74 -43.24 -35.42
C SER A 343 60.34 -43.65 -34.94
N SER A 344 60.20 -44.94 -34.68
CA SER A 344 58.94 -45.51 -34.24
C SER A 344 58.85 -45.52 -32.72
N LEU A 345 57.65 -45.81 -32.23
CA LEU A 345 57.39 -45.94 -30.80
C LEU A 345 56.44 -47.10 -30.58
N GLN A 346 56.62 -47.79 -29.45
CA GLN A 346 55.83 -48.97 -29.13
C GLN A 346 54.69 -48.60 -28.19
N CYS A 347 53.58 -49.33 -28.32
CA CYS A 347 52.36 -49.01 -27.61
C CYS A 347 52.06 -49.92 -26.44
N ASN A 348 52.61 -51.14 -26.40
CA ASN A 348 52.42 -52.01 -25.25
C ASN A 348 53.27 -51.58 -24.06
N ARG A 349 54.31 -50.79 -24.28
CA ARG A 349 55.10 -50.18 -23.23
C ARG A 349 54.90 -48.67 -23.28
N HIS A 350 55.67 -47.94 -22.46
CA HIS A 350 55.42 -46.52 -22.29
C HIS A 350 56.66 -45.69 -22.60
N LYS A 351 57.32 -45.96 -23.72
CA LYS A 351 58.49 -45.19 -24.12
C LYS A 351 58.05 -43.84 -24.67
N PRO A 352 58.50 -42.73 -24.09
CA PRO A 352 58.11 -41.41 -24.61
C PRO A 352 59.03 -40.97 -25.74
N TRP A 353 58.62 -39.89 -26.39
CA TRP A 353 59.38 -39.37 -27.52
C TRP A 353 60.63 -38.62 -27.04
N ARG A 354 61.75 -38.85 -27.74
CA ARG A 354 63.01 -38.25 -27.32
C ARG A 354 63.09 -36.76 -27.64
N PHE A 355 62.33 -36.28 -28.63
CA PHE A 355 62.23 -34.85 -28.89
C PHE A 355 60.87 -34.29 -28.49
N GLY A 356 60.18 -34.93 -27.55
CA GLY A 356 58.77 -34.63 -27.31
C GLY A 356 58.53 -33.25 -26.72
N THR A 357 59.32 -32.86 -25.73
CA THR A 357 59.11 -31.56 -25.08
C THR A 357 59.54 -30.41 -25.97
N ARG A 358 60.66 -30.57 -26.68
CA ARG A 358 61.20 -29.52 -27.53
C ARG A 358 60.31 -29.25 -28.73
N PHE A 359 59.83 -30.31 -29.38
CA PHE A 359 59.00 -30.14 -30.58
C PHE A 359 57.62 -29.61 -30.22
N MET A 360 57.06 -30.04 -29.09
CA MET A 360 55.76 -29.51 -28.66
C MET A 360 55.89 -28.05 -28.22
N SER A 361 57.00 -27.70 -27.58
CA SER A 361 57.25 -26.30 -27.23
C SER A 361 57.46 -25.43 -28.45
N LEU A 362 58.08 -25.99 -29.51
CA LEU A 362 58.20 -25.25 -30.76
C LEU A 362 56.88 -25.16 -31.50
N ILE A 363 56.01 -26.15 -31.33
CA ILE A 363 54.66 -26.09 -31.91
C ILE A 363 53.85 -24.99 -31.23
N LYS A 364 53.91 -24.93 -29.89
CA LYS A 364 53.07 -24.00 -29.13
C LYS A 364 53.52 -22.54 -29.24
N GLU A 365 54.70 -22.27 -29.78
CA GLU A 365 55.18 -20.90 -29.94
C GLU A 365 55.21 -20.44 -31.38
N ALA A 366 54.56 -21.16 -32.29
CA ALA A 366 54.50 -20.75 -33.68
C ALA A 366 53.52 -19.60 -33.86
N HIS A 367 53.89 -18.64 -34.72
CA HIS A 367 53.05 -17.50 -35.01
C HIS A 367 52.80 -17.30 -36.50
N TRP A 368 53.12 -18.29 -37.33
CA TRP A 368 52.96 -18.15 -38.77
C TRP A 368 51.50 -18.25 -39.18
N GLU A 369 51.17 -17.59 -40.27
CA GLU A 369 49.80 -17.33 -40.66
C GLU A 369 49.40 -18.20 -41.85
N GLY A 370 48.13 -18.06 -42.25
CA GLY A 370 47.58 -18.86 -43.32
C GLY A 370 46.21 -18.39 -43.78
N LEU A 371 45.29 -19.33 -43.99
CA LEU A 371 43.97 -19.00 -44.52
C LEU A 371 43.07 -18.37 -43.45
N THR A 372 43.31 -18.64 -42.17
CA THR A 372 42.49 -18.12 -41.09
C THR A 372 43.12 -16.90 -40.42
N GLY A 373 43.88 -16.11 -41.17
CA GLY A 373 44.50 -14.94 -40.59
C GLY A 373 45.70 -15.32 -39.73
N ARG A 374 45.87 -14.62 -38.62
CA ARG A 374 46.91 -14.96 -37.66
C ARG A 374 46.57 -16.26 -36.94
N ILE A 375 47.62 -17.01 -36.61
CA ILE A 375 47.51 -18.23 -35.82
C ILE A 375 48.36 -18.04 -34.58
N THR A 376 47.74 -18.12 -33.41
CA THR A 376 48.41 -17.81 -32.15
C THR A 376 47.89 -18.74 -31.07
N PHE A 377 48.72 -19.66 -30.61
CA PHE A 377 48.42 -20.46 -29.43
C PHE A 377 48.89 -19.69 -28.19
N ASN A 378 48.79 -20.31 -27.02
CA ASN A 378 49.09 -19.60 -25.78
C ASN A 378 49.49 -20.60 -24.71
N LYS A 379 50.06 -20.06 -23.63
CA LYS A 379 50.21 -20.83 -22.41
C LYS A 379 48.88 -20.92 -21.69
N THR A 380 48.75 -21.98 -20.86
CA THR A 380 47.66 -22.34 -19.92
C THR A 380 46.42 -22.85 -20.68
N ASN A 381 46.42 -22.72 -22.01
CA ASN A 381 45.36 -23.20 -22.88
C ASN A 381 45.97 -23.96 -24.04
N GLY A 382 45.38 -25.09 -24.39
CA GLY A 382 45.74 -25.74 -25.62
C GLY A 382 45.03 -25.21 -26.84
N LEU A 383 44.11 -24.26 -26.66
CA LEU A 383 43.22 -23.79 -27.71
C LEU A 383 43.78 -22.51 -28.34
N ARG A 384 43.03 -22.00 -29.33
CA ARG A 384 43.37 -20.77 -30.04
C ARG A 384 42.34 -19.72 -29.70
N THR A 385 42.78 -18.65 -29.02
CA THR A 385 41.88 -17.62 -28.52
C THR A 385 42.29 -16.22 -28.98
N ASP A 386 42.99 -16.10 -30.11
CA ASP A 386 43.49 -14.80 -30.58
C ASP A 386 43.25 -14.66 -32.07
N PHE A 387 42.02 -14.93 -32.50
CA PHE A 387 41.70 -15.00 -33.92
C PHE A 387 41.26 -13.64 -34.45
N ASP A 388 40.79 -13.62 -35.70
CA ASP A 388 40.58 -12.41 -36.49
C ASP A 388 39.21 -12.44 -37.17
N LEU A 389 38.16 -12.66 -36.38
CA LEU A 389 36.81 -12.87 -36.88
C LEU A 389 36.26 -11.63 -37.59
N ASP A 390 35.56 -11.86 -38.70
CA ASP A 390 34.96 -10.81 -39.50
C ASP A 390 33.45 -10.96 -39.48
N VAL A 391 32.75 -9.91 -39.06
CA VAL A 391 31.29 -9.92 -38.99
C VAL A 391 30.74 -9.51 -40.35
N ILE A 392 29.92 -10.38 -40.94
CA ILE A 392 29.33 -10.15 -42.25
C ILE A 392 27.81 -10.15 -42.10
N SER A 393 27.15 -9.55 -43.09
CA SER A 393 25.70 -9.46 -43.12
C SER A 393 25.20 -9.65 -44.54
N LEU A 394 23.92 -9.99 -44.65
CA LEU A 394 23.26 -10.22 -45.91
C LEU A 394 22.33 -9.05 -46.22
N LYS A 395 22.55 -8.40 -47.34
CA LYS A 395 21.69 -7.35 -47.85
C LYS A 395 21.19 -7.75 -49.24
N GLU A 396 20.55 -6.79 -49.93
CA GLU A 396 20.10 -7.04 -51.29
C GLU A 396 21.26 -7.13 -52.28
N GLU A 397 22.42 -6.54 -51.95
CA GLU A 397 23.60 -6.73 -52.78
C GLU A 397 24.16 -8.15 -52.66
N GLY A 398 24.02 -8.75 -51.48
CA GLY A 398 24.54 -10.08 -51.24
C GLY A 398 25.12 -10.19 -49.84
N LEU A 399 26.15 -11.01 -49.67
CA LEU A 399 26.85 -11.12 -48.40
C LEU A 399 28.04 -10.18 -48.41
N GLU A 400 28.05 -9.22 -47.49
CA GLU A 400 29.05 -8.17 -47.46
C GLU A 400 29.60 -8.04 -46.04
N LYS A 401 30.86 -7.62 -45.95
CA LYS A 401 31.48 -7.43 -44.65
C LYS A 401 30.92 -6.18 -43.99
N ILE A 402 30.45 -6.32 -42.75
CA ILE A 402 29.94 -5.19 -41.98
C ILE A 402 30.89 -4.77 -40.87
N GLY A 403 31.87 -5.59 -40.52
CA GLY A 403 32.84 -5.18 -39.52
C GLY A 403 33.82 -6.27 -39.23
N THR A 404 34.73 -5.98 -38.30
CA THR A 404 35.72 -6.94 -37.84
C THR A 404 35.49 -7.23 -36.36
N TRP A 405 36.27 -8.18 -35.83
CA TRP A 405 36.21 -8.50 -34.41
C TRP A 405 37.55 -9.06 -33.97
N ASP A 406 37.94 -8.74 -32.75
CA ASP A 406 39.14 -9.23 -32.12
C ASP A 406 38.83 -9.53 -30.66
N PRO A 407 39.54 -10.49 -30.05
CA PRO A 407 39.42 -10.66 -28.59
C PRO A 407 39.87 -9.46 -27.79
N ALA A 408 40.86 -8.72 -28.30
CA ALA A 408 41.21 -7.43 -27.71
C ALA A 408 40.36 -6.34 -28.31
N SER A 409 40.14 -5.28 -27.50
CA SER A 409 39.51 -4.01 -27.88
C SER A 409 38.06 -4.15 -28.35
N GLY A 410 37.39 -5.25 -27.99
CA GLY A 410 35.96 -5.38 -28.26
C GLY A 410 35.62 -5.58 -29.72
N LEU A 411 34.42 -5.13 -30.08
CA LEU A 411 33.90 -5.27 -31.44
C LEU A 411 34.15 -3.99 -32.23
N ASN A 412 34.69 -4.14 -33.42
CA ASN A 412 35.00 -3.01 -34.31
C ASN A 412 34.02 -3.04 -35.47
N MET A 413 33.01 -2.16 -35.41
CA MET A 413 31.98 -2.10 -36.42
C MET A 413 32.34 -1.05 -37.46
N THR A 414 32.23 -1.40 -38.73
CA THR A 414 32.49 -0.47 -39.83
C THR A 414 31.22 0.30 -40.15
N GLU A 415 31.29 1.62 -40.02
CA GLU A 415 30.11 2.47 -40.19
C GLU A 415 29.71 2.54 -41.65
N SER A 416 28.40 2.58 -41.90
CA SER A 416 27.88 2.51 -43.26
C SER A 416 27.81 3.89 -43.88
N GLN A 417 28.23 3.98 -45.15
CA GLN A 417 28.18 5.23 -45.90
C GLN A 417 26.85 5.35 -46.63
N LYS A 418 25.80 5.55 -45.83
CA LYS A 418 24.44 5.67 -46.37
C LYS A 418 24.09 7.11 -46.71
N GLY A 419 24.39 8.06 -45.81
CA GLY A 419 24.02 9.44 -46.04
C GLY A 419 22.53 9.65 -45.87
N LYS A 420 21.94 10.41 -46.77
CA LYS A 420 20.49 10.63 -46.80
C LYS A 420 19.93 10.08 -48.10
N PRO A 421 19.38 8.87 -48.10
CA PRO A 421 18.82 8.31 -49.33
C PRO A 421 17.43 8.85 -49.61
N ALA A 422 16.95 8.55 -50.82
CA ALA A 422 15.64 8.98 -51.28
C ALA A 422 15.13 7.91 -52.24
N ASN A 423 14.12 8.27 -53.05
CA ASN A 423 13.52 7.46 -54.12
C ASN A 423 12.95 6.17 -53.56
N ILE A 424 11.88 6.34 -52.77
CA ILE A 424 11.19 5.22 -52.13
C ILE A 424 10.02 4.77 -53.00
N THR A 425 10.04 5.16 -54.29
CA THR A 425 8.96 4.82 -55.19
C THR A 425 8.91 3.33 -55.52
N ASP A 426 10.05 2.63 -55.44
CA ASP A 426 10.10 1.20 -55.72
C ASP A 426 10.80 0.45 -54.59
N SER A 427 10.73 0.99 -53.37
CA SER A 427 11.42 0.37 -52.25
C SER A 427 10.74 -0.91 -51.79
N LEU A 428 9.41 -0.92 -51.74
CA LEU A 428 8.66 -2.08 -51.29
C LEU A 428 8.14 -2.87 -52.49
N SER A 429 9.08 -3.42 -53.24
CA SER A 429 8.79 -4.34 -54.33
C SER A 429 9.07 -5.77 -53.88
N ASN A 430 8.42 -6.71 -54.58
CA ASN A 430 8.47 -8.17 -54.30
C ASN A 430 8.05 -8.50 -52.87
N ARG A 431 7.03 -7.83 -52.36
CA ARG A 431 6.54 -8.11 -51.01
C ARG A 431 5.03 -8.28 -51.04
N SER A 432 4.55 -9.41 -50.52
CA SER A 432 3.13 -9.63 -50.34
C SER A 432 2.64 -8.85 -49.11
N LEU A 433 1.31 -8.71 -49.02
CA LEU A 433 0.73 -7.90 -47.95
C LEU A 433 -0.68 -8.39 -47.66
N ILE A 434 -1.05 -8.36 -46.38
CA ILE A 434 -2.41 -8.68 -45.94
C ILE A 434 -2.98 -7.43 -45.28
N VAL A 435 -4.10 -6.94 -45.81
CA VAL A 435 -4.77 -5.74 -45.33
C VAL A 435 -6.14 -6.12 -44.81
N THR A 436 -6.44 -5.72 -43.57
CA THR A 436 -7.75 -5.95 -42.97
C THR A 436 -8.53 -4.64 -42.92
N THR A 437 -9.83 -4.74 -43.23
CA THR A 437 -10.71 -3.57 -43.32
C THR A 437 -11.97 -3.82 -42.52
N ILE A 438 -12.71 -2.74 -42.28
CA ILE A 438 -14.06 -2.78 -41.74
C ILE A 438 -15.00 -2.27 -42.80
N LEU A 439 -16.17 -2.90 -42.93
CA LEU A 439 -17.15 -2.46 -43.91
C LEU A 439 -17.81 -1.16 -43.44
N GLU A 440 -17.19 -0.03 -43.79
CA GLU A 440 -17.67 1.28 -43.37
C GLU A 440 -18.19 2.04 -44.58
N GLU A 441 -19.33 2.72 -44.39
CA GLU A 441 -20.14 3.21 -45.51
C GLU A 441 -19.48 4.23 -46.44
N PRO A 442 -18.72 5.24 -46.00
CA PRO A 442 -17.93 6.00 -46.99
C PRO A 442 -16.51 5.49 -47.18
N TYR A 443 -16.15 4.33 -46.65
CA TYR A 443 -14.79 3.83 -46.70
C TYR A 443 -14.66 2.48 -47.39
N VAL A 444 -15.55 1.54 -47.11
CA VAL A 444 -15.55 0.23 -47.78
C VAL A 444 -16.96 -0.05 -48.27
N LEU A 445 -17.13 -0.16 -49.58
CA LEU A 445 -18.39 -0.53 -50.18
C LEU A 445 -18.17 -1.72 -51.09
N PHE A 446 -19.16 -2.62 -51.12
CA PHE A 446 -18.99 -3.89 -51.82
C PHE A 446 -19.10 -3.76 -53.34
N LYS A 447 -19.57 -2.62 -53.85
CA LYS A 447 -19.75 -2.31 -55.28
C LYS A 447 -20.68 -3.34 -55.94
N LYS A 448 -21.95 -3.26 -55.55
CA LYS A 448 -22.96 -4.29 -55.83
C LYS A 448 -23.30 -4.28 -57.31
N SER A 449 -22.49 -5.01 -58.09
CA SER A 449 -22.78 -5.32 -59.47
C SER A 449 -23.26 -6.76 -59.57
N ASP A 450 -23.66 -7.17 -60.77
CA ASP A 450 -24.20 -8.52 -60.96
C ASP A 450 -23.10 -9.58 -60.94
N LYS A 451 -21.94 -9.29 -61.53
CA LYS A 451 -20.86 -10.26 -61.52
C LYS A 451 -20.17 -10.25 -60.15
N PRO A 452 -19.84 -11.43 -59.60
CA PRO A 452 -19.14 -11.47 -58.31
C PRO A 452 -17.70 -11.00 -58.40
N LEU A 453 -17.43 -9.81 -57.87
CA LEU A 453 -16.07 -9.27 -57.84
C LEU A 453 -15.24 -9.95 -56.76
N TYR A 454 -13.94 -10.07 -57.01
CA TYR A 454 -13.04 -10.77 -56.11
C TYR A 454 -11.72 -10.02 -56.02
N GLY A 455 -11.00 -10.28 -54.92
CA GLY A 455 -9.63 -9.80 -54.81
C GLY A 455 -9.57 -8.33 -54.45
N ASN A 456 -8.68 -7.60 -55.14
CA ASN A 456 -8.53 -6.18 -54.90
C ASN A 456 -9.59 -5.33 -55.60
N ASP A 457 -10.35 -5.92 -56.52
CA ASP A 457 -11.49 -5.25 -57.15
C ASP A 457 -12.80 -5.65 -56.50
N ARG A 458 -12.75 -6.36 -55.37
CA ARG A 458 -13.95 -6.78 -54.67
C ARG A 458 -14.65 -5.62 -53.99
N PHE A 459 -13.90 -4.60 -53.57
CA PHE A 459 -14.44 -3.53 -52.74
C PHE A 459 -14.15 -2.18 -53.38
N GLU A 460 -14.95 -1.20 -52.99
CA GLU A 460 -14.77 0.19 -53.39
C GLU A 460 -14.86 1.10 -52.18
N GLY A 461 -14.30 2.29 -52.31
CA GLY A 461 -14.37 3.27 -51.25
C GLY A 461 -13.16 4.19 -51.28
N TYR A 462 -13.11 5.06 -50.28
CA TYR A 462 -12.02 6.03 -50.19
C TYR A 462 -10.72 5.38 -49.74
N CYS A 463 -10.80 4.44 -48.78
CA CYS A 463 -9.60 3.76 -48.31
C CYS A 463 -9.09 2.76 -49.34
N ILE A 464 -9.97 2.24 -50.19
CA ILE A 464 -9.53 1.37 -51.28
C ILE A 464 -8.75 2.18 -52.31
N ASP A 465 -9.19 3.41 -52.58
CA ASP A 465 -8.43 4.31 -53.45
C ASP A 465 -7.12 4.75 -52.80
N LEU A 466 -7.11 4.86 -51.47
CA LEU A 466 -5.89 5.16 -50.75
C LEU A 466 -4.90 4.00 -50.85
N LEU A 467 -5.40 2.76 -50.77
CA LEU A 467 -4.56 1.58 -50.98
C LEU A 467 -4.05 1.50 -52.41
N ARG A 468 -4.87 1.89 -53.38
CA ARG A 468 -4.45 1.92 -54.78
C ARG A 468 -3.36 2.96 -55.00
N GLU A 469 -3.48 4.13 -54.37
CA GLU A 469 -2.43 5.13 -54.48
C GLU A 469 -1.17 4.72 -53.74
N LEU A 470 -1.31 4.00 -52.61
CA LEU A 470 -0.14 3.51 -51.90
C LEU A 470 0.57 2.41 -52.70
N SER A 471 -0.18 1.56 -53.38
CA SER A 471 0.43 0.55 -54.25
C SER A 471 1.02 1.18 -55.50
N THR A 472 0.49 2.32 -55.94
CA THR A 472 1.11 3.05 -57.04
C THR A 472 2.43 3.68 -56.62
N ILE A 473 2.47 4.29 -55.43
CA ILE A 473 3.67 5.01 -54.99
C ILE A 473 4.68 4.05 -54.38
N LEU A 474 4.31 2.81 -54.08
CA LEU A 474 5.25 1.88 -53.48
C LEU A 474 5.56 0.68 -54.36
N GLY A 475 4.54 0.01 -54.89
CA GLY A 475 4.77 -1.08 -55.81
C GLY A 475 4.87 -2.46 -55.19
N PHE A 476 3.90 -2.80 -54.34
CA PHE A 476 3.84 -4.11 -53.70
C PHE A 476 2.67 -4.92 -54.26
N THR A 477 2.47 -6.09 -53.66
CA THR A 477 1.34 -6.96 -53.94
C THR A 477 0.53 -7.11 -52.66
N TYR A 478 -0.79 -6.95 -52.76
CA TYR A 478 -1.62 -6.94 -51.57
C TYR A 478 -2.96 -7.61 -51.86
N GLU A 479 -3.48 -8.30 -50.85
CA GLU A 479 -4.81 -8.90 -50.89
C GLU A 479 -5.58 -8.39 -49.67
N ILE A 480 -6.80 -7.91 -49.91
CA ILE A 480 -7.60 -7.28 -48.87
C ILE A 480 -8.53 -8.35 -48.30
N ARG A 481 -8.05 -9.04 -47.26
CA ARG A 481 -8.86 -10.00 -46.54
C ARG A 481 -9.50 -9.30 -45.34
N LEU A 482 -10.82 -9.35 -45.26
CA LEU A 482 -11.56 -8.51 -44.31
C LEU A 482 -11.47 -9.07 -42.90
N VAL A 483 -12.06 -8.33 -41.96
CA VAL A 483 -11.98 -8.65 -40.55
C VAL A 483 -12.93 -9.80 -40.23
N GLU A 484 -12.63 -10.53 -39.15
CA GLU A 484 -13.45 -11.66 -38.75
C GLU A 484 -14.71 -11.21 -38.02
N ASP A 485 -14.56 -10.53 -36.88
CA ASP A 485 -15.67 -10.27 -35.98
C ASP A 485 -16.40 -8.97 -36.27
N GLY A 486 -15.89 -8.13 -37.17
CA GLY A 486 -16.59 -6.90 -37.51
C GLY A 486 -16.43 -5.77 -36.53
N LYS A 487 -15.44 -5.83 -35.64
CA LYS A 487 -15.24 -4.82 -34.62
C LYS A 487 -13.91 -4.09 -34.85
N TYR A 488 -13.88 -2.83 -34.41
CA TYR A 488 -12.68 -2.01 -34.59
C TYR A 488 -11.56 -2.47 -33.67
N GLY A 489 -11.78 -2.39 -32.37
CA GLY A 489 -10.80 -2.83 -31.40
C GLY A 489 -10.89 -2.13 -30.07
N ALA A 490 -10.84 -2.91 -28.99
CA ALA A 490 -10.93 -2.38 -27.63
C ALA A 490 -10.33 -3.40 -26.68
N GLN A 491 -9.62 -2.91 -25.66
CA GLN A 491 -9.01 -3.78 -24.68
C GLN A 491 -10.07 -4.30 -23.72
N ASP A 492 -10.07 -5.62 -23.50
CA ASP A 492 -10.90 -6.21 -22.47
C ASP A 492 -10.35 -5.85 -21.10
N ASP A 493 -11.22 -5.36 -20.21
CA ASP A 493 -10.77 -4.96 -18.88
C ASP A 493 -10.50 -6.17 -18.00
N VAL A 494 -11.23 -7.27 -18.18
CA VAL A 494 -11.09 -8.44 -17.32
C VAL A 494 -10.09 -9.45 -17.85
N ASN A 495 -9.58 -9.26 -19.07
CA ASN A 495 -8.63 -10.22 -19.64
C ASN A 495 -7.35 -9.56 -20.13
N GLY A 496 -7.43 -8.35 -20.68
CA GLY A 496 -6.33 -7.75 -21.37
C GLY A 496 -6.25 -8.09 -22.84
N GLN A 497 -7.10 -9.00 -23.31
CA GLN A 497 -7.14 -9.36 -24.71
C GLN A 497 -7.81 -8.26 -25.53
N TRP A 498 -7.34 -8.10 -26.75
CA TRP A 498 -7.96 -7.17 -27.69
C TRP A 498 -8.88 -7.95 -28.62
N ASN A 499 -9.44 -7.26 -29.61
CA ASN A 499 -10.32 -7.90 -30.58
C ASN A 499 -10.28 -7.11 -31.88
N GLY A 500 -10.73 -7.76 -32.95
CA GLY A 500 -10.86 -7.06 -34.22
C GLY A 500 -9.52 -6.81 -34.89
N MET A 501 -9.39 -5.60 -35.44
CA MET A 501 -8.21 -5.25 -36.22
C MET A 501 -6.97 -5.09 -35.34
N VAL A 502 -7.14 -4.65 -34.10
CA VAL A 502 -6.00 -4.50 -33.19
C VAL A 502 -5.44 -5.88 -32.82
N ARG A 503 -6.31 -6.85 -32.58
CA ARG A 503 -5.85 -8.21 -32.32
C ARG A 503 -5.29 -8.87 -33.58
N GLU A 504 -5.83 -8.51 -34.76
CA GLU A 504 -5.27 -9.02 -36.00
C GLU A 504 -3.89 -8.44 -36.29
N LEU A 505 -3.65 -7.20 -35.87
CA LEU A 505 -2.34 -6.59 -36.05
C LEU A 505 -1.33 -7.09 -35.02
N ILE A 506 -1.77 -7.34 -33.79
CA ILE A 506 -0.83 -7.76 -32.76
C ILE A 506 -0.50 -9.25 -32.87
N ASP A 507 -1.33 -10.03 -33.54
CA ASP A 507 -1.04 -11.44 -33.79
C ASP A 507 -0.37 -11.67 -35.13
N HIS A 508 -0.08 -10.59 -35.87
CA HIS A 508 0.54 -10.60 -37.20
C HIS A 508 -0.27 -11.38 -38.23
N LYS A 509 -1.60 -11.44 -38.04
CA LYS A 509 -2.49 -11.94 -39.08
C LYS A 509 -2.75 -10.90 -40.15
N ALA A 510 -2.45 -9.63 -39.87
CA ALA A 510 -2.47 -8.56 -40.84
C ALA A 510 -1.18 -7.76 -40.71
N ASP A 511 -0.65 -7.32 -41.84
CA ASP A 511 0.56 -6.50 -41.85
C ASP A 511 0.27 -5.04 -42.10
N LEU A 512 -0.99 -4.69 -42.35
CA LEU A 512 -1.40 -3.31 -42.54
C LEU A 512 -2.89 -3.22 -42.24
N ALA A 513 -3.30 -2.11 -41.64
CA ALA A 513 -4.71 -1.79 -41.44
C ALA A 513 -4.97 -0.41 -42.04
N VAL A 514 -5.90 -0.36 -42.98
CA VAL A 514 -6.20 0.89 -43.68
C VAL A 514 -7.59 1.41 -43.33
N ALA A 515 -8.41 0.61 -42.64
CA ALA A 515 -9.71 1.07 -42.17
C ALA A 515 -9.53 2.16 -41.11
N PRO A 516 -10.37 3.20 -41.11
CA PRO A 516 -10.09 4.39 -40.28
C PRO A 516 -10.30 4.16 -38.78
N LEU A 517 -9.19 4.09 -38.06
CA LEU A 517 -9.18 3.94 -36.62
C LEU A 517 -8.48 5.15 -36.00
N ALA A 518 -9.01 5.61 -34.87
CA ALA A 518 -8.47 6.80 -34.23
C ALA A 518 -7.16 6.48 -33.52
N ILE A 519 -6.24 7.43 -33.56
CA ILE A 519 -4.96 7.31 -32.86
C ILE A 519 -5.18 7.76 -31.42
N THR A 520 -5.01 6.83 -30.47
CA THR A 520 -5.19 7.08 -29.06
C THR A 520 -3.96 6.61 -28.29
N TYR A 521 -3.91 6.98 -27.01
CA TYR A 521 -2.80 6.58 -26.16
C TYR A 521 -2.87 5.10 -25.80
N VAL A 522 -4.08 4.53 -25.71
CA VAL A 522 -4.22 3.12 -25.35
C VAL A 522 -3.84 2.18 -26.47
N ARG A 523 -3.73 2.67 -27.71
CA ARG A 523 -3.29 1.84 -28.82
C ARG A 523 -1.90 2.19 -29.32
N GLU A 524 -1.32 3.31 -28.87
CA GLU A 524 0.06 3.62 -29.22
C GLU A 524 1.05 2.70 -28.50
N LYS A 525 0.67 2.20 -27.32
CA LYS A 525 1.52 1.31 -26.55
C LYS A 525 1.40 -0.14 -26.99
N VAL A 526 0.55 -0.43 -27.96
CA VAL A 526 0.37 -1.78 -28.47
C VAL A 526 0.84 -1.88 -29.92
N ILE A 527 0.30 -1.05 -30.81
CA ILE A 527 0.67 -1.05 -32.22
C ILE A 527 1.13 0.34 -32.62
N ASP A 528 1.53 0.51 -33.88
CA ASP A 528 2.08 1.76 -34.39
C ASP A 528 1.21 2.32 -35.50
N PHE A 529 1.27 3.64 -35.66
CA PHE A 529 0.52 4.34 -36.70
C PHE A 529 1.43 5.28 -37.46
N SER A 530 0.97 5.68 -38.64
CA SER A 530 1.65 6.67 -39.46
C SER A 530 1.14 8.06 -39.10
N LYS A 531 1.47 9.06 -39.93
CA LYS A 531 0.87 10.37 -39.79
C LYS A 531 -0.61 10.31 -40.16
N PRO A 532 -1.48 11.08 -39.50
CA PRO A 532 -2.91 11.03 -39.80
C PRO A 532 -3.21 11.71 -41.13
N PHE A 533 -3.71 10.93 -42.08
CA PHE A 533 -4.09 11.49 -43.37
C PHE A 533 -5.38 12.31 -43.28
N MET A 534 -6.22 12.04 -42.28
CA MET A 534 -7.43 12.81 -42.05
C MET A 534 -7.49 13.24 -40.60
N THR A 535 -8.00 14.46 -40.37
CA THR A 535 -8.25 14.93 -39.03
C THR A 535 -9.67 14.53 -38.60
N LEU A 536 -9.98 14.70 -37.32
CA LEU A 536 -11.19 14.09 -36.80
C LEU A 536 -11.71 14.90 -35.62
N GLY A 537 -13.01 14.79 -35.37
CA GLY A 537 -13.63 15.31 -34.18
C GLY A 537 -14.83 14.49 -33.78
N ILE A 538 -15.05 14.30 -32.48
CA ILE A 538 -16.21 13.56 -32.00
C ILE A 538 -17.41 14.50 -31.96
N SER A 539 -18.52 14.08 -32.54
CA SER A 539 -19.71 14.92 -32.63
C SER A 539 -20.95 14.07 -32.46
N ILE A 540 -22.08 14.74 -32.33
CA ILE A 540 -23.35 14.11 -31.98
C ILE A 540 -24.30 14.24 -33.16
N LEU A 541 -24.77 13.10 -33.65
CA LEU A 541 -25.78 13.03 -34.69
C LEU A 541 -27.16 12.93 -34.05
N TYR A 542 -28.10 13.73 -34.55
CA TYR A 542 -29.47 13.71 -34.06
C TYR A 542 -30.40 13.92 -35.25
N ARG A 543 -31.67 13.57 -35.07
CA ARG A 543 -32.68 13.90 -36.06
C ARG A 543 -33.01 15.38 -35.99
N LYS A 544 -33.54 15.90 -37.10
CA LYS A 544 -34.09 17.25 -37.10
C LYS A 544 -35.36 17.30 -36.25
N PRO A 545 -35.69 18.47 -35.66
CA PRO A 545 -36.93 18.58 -34.90
C PRO A 545 -38.18 18.47 -35.77
N ASN A 546 -38.93 17.39 -35.57
CA ASN A 546 -40.13 17.11 -36.37
C ASN A 546 -41.35 17.72 -35.70
N GLY A 547 -41.38 19.05 -35.68
CA GLY A 547 -42.46 19.83 -35.13
C GLY A 547 -42.90 20.90 -36.09
N THR A 548 -43.31 22.05 -35.51
CA THR A 548 -43.74 23.27 -36.19
C THR A 548 -44.91 23.00 -37.16
N ASN A 549 -46.04 22.63 -36.55
CA ASN A 549 -47.25 22.34 -37.31
C ASN A 549 -47.81 23.61 -37.92
N PRO A 550 -47.93 23.69 -39.26
CA PRO A 550 -48.38 24.94 -39.88
C PRO A 550 -49.88 24.99 -40.09
N GLY A 551 -50.38 26.14 -40.55
CA GLY A 551 -51.81 26.30 -40.79
C GLY A 551 -52.22 26.02 -42.22
N VAL A 552 -51.79 24.88 -42.76
CA VAL A 552 -52.21 24.52 -44.12
C VAL A 552 -53.60 23.92 -44.14
N PHE A 553 -54.01 23.24 -43.07
CA PHE A 553 -55.36 22.72 -42.92
C PHE A 553 -56.01 23.17 -41.62
N SER A 554 -55.25 23.21 -40.52
CA SER A 554 -55.72 23.72 -39.25
C SER A 554 -54.62 24.58 -38.64
N PHE A 555 -55.02 25.72 -38.08
CA PHE A 555 -54.05 26.69 -37.57
C PHE A 555 -54.21 27.00 -36.10
N LEU A 556 -55.14 26.33 -35.39
CA LEU A 556 -55.33 26.37 -33.94
C LEU A 556 -55.64 27.79 -33.44
N ASN A 557 -56.77 28.33 -33.90
CA ASN A 557 -57.23 29.63 -33.39
C ASN A 557 -57.60 29.60 -31.90
N PRO A 558 -58.51 28.68 -31.39
CA PRO A 558 -58.82 28.79 -29.96
C PRO A 558 -58.01 27.87 -29.05
N LEU A 559 -58.21 28.06 -27.75
CA LEU A 559 -57.83 27.08 -26.73
C LEU A 559 -59.12 26.64 -26.05
N SER A 560 -59.20 25.32 -25.76
CA SER A 560 -60.42 24.58 -25.44
C SER A 560 -61.45 24.82 -26.54
N PRO A 561 -61.27 24.22 -27.73
CA PRO A 561 -61.97 24.69 -28.93
C PRO A 561 -63.46 24.37 -29.00
N ASP A 562 -63.85 23.18 -28.54
CA ASP A 562 -65.28 22.81 -28.53
C ASP A 562 -66.05 23.67 -27.52
N ILE A 563 -65.44 23.94 -26.37
CA ILE A 563 -66.07 24.81 -25.39
C ILE A 563 -65.97 26.27 -25.82
N TRP A 564 -64.99 26.61 -26.66
CA TRP A 564 -64.98 27.93 -27.32
C TRP A 564 -66.16 28.06 -28.27
N MET A 565 -66.49 26.99 -29.01
CA MET A 565 -67.69 26.98 -29.84
C MET A 565 -68.96 27.06 -28.99
N TYR A 566 -68.94 26.46 -27.80
CA TYR A 566 -70.04 26.63 -26.84
C TYR A 566 -70.19 28.08 -26.41
N VAL A 567 -69.06 28.77 -26.18
CA VAL A 567 -69.07 30.20 -25.84
C VAL A 567 -69.63 31.04 -26.98
N LEU A 568 -69.23 30.74 -28.22
CA LEU A 568 -69.73 31.46 -29.40
C LEU A 568 -71.22 31.23 -29.61
N LEU A 569 -71.70 29.99 -29.42
CA LEU A 569 -73.12 29.68 -29.52
C LEU A 569 -73.93 30.37 -28.42
N ALA A 570 -73.38 30.40 -27.20
CA ALA A 570 -74.06 31.07 -26.09
C ALA A 570 -74.14 32.57 -26.30
N TYR A 571 -73.07 33.19 -26.82
CA TYR A 571 -73.11 34.63 -27.05
C TYR A 571 -74.00 34.99 -28.23
N LEU A 572 -74.06 34.14 -29.25
CA LEU A 572 -75.01 34.38 -30.35
C LEU A 572 -76.46 34.22 -29.88
N GLY A 573 -76.71 33.25 -28.98
CA GLY A 573 -78.03 33.09 -28.42
C GLY A 573 -78.47 34.27 -27.55
N VAL A 574 -77.56 34.78 -26.71
CA VAL A 574 -77.93 35.95 -25.91
C VAL A 574 -77.94 37.22 -26.75
N SER A 575 -77.25 37.25 -27.91
CA SER A 575 -77.42 38.37 -28.82
C SER A 575 -78.80 38.36 -29.48
N VAL A 576 -79.30 37.17 -29.81
CA VAL A 576 -80.67 37.04 -30.32
C VAL A 576 -81.69 37.42 -29.24
N VAL A 577 -81.41 37.03 -27.99
CA VAL A 577 -82.27 37.38 -26.85
C VAL A 577 -82.28 38.89 -26.61
N LEU A 578 -81.10 39.53 -26.73
CA LEU A 578 -81.01 40.99 -26.63
C LEU A 578 -81.70 41.69 -27.79
N PHE A 579 -81.71 41.06 -28.99
CA PHE A 579 -82.41 41.66 -30.12
C PHE A 579 -83.93 41.59 -29.93
N VAL A 580 -84.45 40.46 -29.44
CA VAL A 580 -85.90 40.34 -29.36
C VAL A 580 -86.47 41.11 -28.15
N ILE A 581 -85.71 41.23 -27.07
CA ILE A 581 -86.12 42.02 -25.91
C ILE A 581 -84.92 42.83 -25.43
N LEU A 631 -82.90 52.02 -21.53
CA LEU A 631 -82.63 51.96 -20.09
C LEU A 631 -81.88 50.68 -19.73
N SER A 632 -82.61 49.57 -19.69
CA SER A 632 -82.01 48.29 -19.34
C SER A 632 -81.16 47.73 -20.47
N THR A 633 -81.44 48.11 -21.73
CA THR A 633 -80.73 47.60 -22.89
C THR A 633 -79.26 48.04 -22.87
N ARG A 634 -79.01 49.29 -22.48
CA ARG A 634 -77.66 49.82 -22.35
C ARG A 634 -76.85 49.08 -21.28
N ILE A 635 -77.48 48.82 -20.13
CA ILE A 635 -76.80 48.16 -19.02
C ILE A 635 -76.52 46.70 -19.35
N VAL A 636 -77.47 46.02 -20.00
CA VAL A 636 -77.29 44.62 -20.37
C VAL A 636 -76.22 44.47 -21.47
N GLY A 637 -76.22 45.39 -22.44
CA GLY A 637 -75.19 45.38 -23.47
C GLY A 637 -73.81 45.70 -22.93
N GLY A 638 -73.72 46.62 -21.96
CA GLY A 638 -72.45 46.89 -21.31
C GLY A 638 -71.97 45.72 -20.45
N ILE A 639 -72.90 45.00 -19.82
CA ILE A 639 -72.56 43.83 -19.02
C ILE A 639 -71.99 42.71 -19.90
N TRP A 640 -72.64 42.45 -21.04
CA TRP A 640 -72.09 41.46 -21.97
C TRP A 640 -70.85 41.97 -22.69
N TRP A 641 -70.68 43.30 -22.79
CA TRP A 641 -69.46 43.88 -23.34
C TRP A 641 -68.26 43.61 -22.44
N PHE A 642 -68.40 43.86 -21.13
CA PHE A 642 -67.23 43.54 -20.30
C PHE A 642 -67.13 42.05 -19.99
N PHE A 643 -68.21 41.27 -20.21
CA PHE A 643 -68.07 39.81 -20.17
C PHE A 643 -67.23 39.31 -21.33
N THR A 644 -67.42 39.87 -22.53
CA THR A 644 -66.55 39.56 -23.65
C THR A 644 -65.13 40.08 -23.43
N LEU A 645 -64.99 41.19 -22.70
CA LEU A 645 -63.66 41.67 -22.31
C LEU A 645 -62.97 40.70 -21.35
N ILE A 646 -63.74 40.09 -20.43
CA ILE A 646 -63.22 39.06 -19.53
C ILE A 646 -62.78 37.83 -20.32
N ILE A 647 -63.59 37.42 -21.31
CA ILE A 647 -63.27 36.29 -22.17
C ILE A 647 -61.99 36.56 -22.99
N ILE A 648 -61.87 37.78 -23.52
CA ILE A 648 -60.68 38.18 -24.29
C ILE A 648 -59.45 38.23 -23.40
N SER A 649 -59.60 38.69 -22.15
CA SER A 649 -58.50 38.72 -21.19
C SER A 649 -58.03 37.31 -20.81
N SER A 650 -58.97 36.38 -20.63
CA SER A 650 -58.62 35.01 -20.31
C SER A 650 -57.93 34.31 -21.48
N TYR A 651 -58.40 34.58 -22.70
CA TYR A 651 -57.77 34.04 -23.90
C TYR A 651 -56.35 34.60 -24.09
N THR A 652 -56.18 35.90 -23.82
CA THR A 652 -54.87 36.54 -23.91
C THR A 652 -53.90 35.98 -22.88
N ALA A 653 -54.39 35.75 -21.66
CA ALA A 653 -53.55 35.19 -20.59
C ALA A 653 -53.13 33.76 -20.91
N ASN A 654 -54.05 32.94 -21.44
CA ASN A 654 -53.72 31.56 -21.78
C ASN A 654 -52.76 31.49 -22.97
N LEU A 655 -52.96 32.36 -23.97
CA LEU A 655 -52.06 32.40 -25.12
C LEU A 655 -50.67 32.90 -24.73
N ALA A 656 -50.60 33.87 -23.81
CA ALA A 656 -49.32 34.36 -23.32
C ALA A 656 -48.58 33.30 -22.51
N ALA A 657 -49.31 32.52 -21.71
CA ALA A 657 -48.71 31.42 -20.96
C ALA A 657 -48.17 30.34 -21.89
N PHE A 658 -48.94 30.00 -22.94
CA PHE A 658 -48.49 29.00 -23.92
C PHE A 658 -47.27 29.48 -24.70
N LEU A 659 -47.24 30.76 -25.08
CA LEU A 659 -46.10 31.30 -25.81
C LEU A 659 -44.86 31.42 -24.93
N THR A 660 -45.03 31.75 -23.65
CA THR A 660 -43.88 31.86 -22.76
C THR A 660 -43.32 30.48 -22.42
N VAL A 661 -44.20 29.46 -22.34
CA VAL A 661 -43.74 28.08 -22.19
C VAL A 661 -43.01 27.61 -23.45
N GLU A 662 -43.52 27.98 -24.63
CA GLU A 662 -42.89 27.57 -25.89
C GLU A 662 -41.55 28.26 -26.12
N ARG A 663 -41.38 29.49 -25.65
CA ARG A 663 -40.12 30.19 -25.84
C ARG A 663 -39.01 29.70 -24.91
N MET A 664 -39.35 29.18 -23.73
CA MET A 664 -38.36 28.73 -22.76
C MET A 664 -38.15 27.22 -22.91
N GLU A 665 -37.43 26.85 -23.97
CA GLU A 665 -37.13 25.45 -24.25
C GLU A 665 -35.64 25.29 -24.52
N SER A 666 -35.15 24.06 -24.27
CA SER A 666 -33.75 23.68 -24.43
C SER A 666 -33.57 22.98 -25.77
N PRO A 667 -32.67 23.47 -26.64
CA PRO A 667 -32.49 22.86 -27.96
C PRO A 667 -31.44 21.75 -28.03
N ILE A 668 -31.00 21.24 -26.87
CA ILE A 668 -29.95 20.23 -26.62
C ILE A 668 -28.73 20.35 -27.55
N ASP A 669 -28.25 21.58 -27.73
CA ASP A 669 -27.17 21.87 -28.67
C ASP A 669 -25.84 21.30 -28.20
N SER A 670 -25.46 21.58 -26.95
CA SER A 670 -24.19 21.11 -26.44
C SER A 670 -24.30 19.66 -25.94
N ALA A 671 -23.14 19.04 -25.73
CA ALA A 671 -23.11 17.68 -25.22
C ALA A 671 -23.48 17.59 -23.74
N ASP A 672 -23.28 18.68 -22.99
CA ASP A 672 -23.65 18.68 -21.58
C ASP A 672 -25.16 18.69 -21.38
N ASP A 673 -25.89 19.26 -22.34
CA ASP A 673 -27.36 19.20 -22.30
C ASP A 673 -27.84 17.77 -22.54
N LEU A 674 -27.12 17.01 -23.37
CA LEU A 674 -27.39 15.58 -23.49
C LEU A 674 -26.98 14.83 -22.23
N ALA A 675 -25.92 15.31 -21.55
CA ALA A 675 -25.47 14.66 -20.33
C ALA A 675 -26.41 14.89 -19.16
N LYS A 676 -27.17 16.00 -19.18
CA LYS A 676 -28.06 16.31 -18.07
C LYS A 676 -29.28 15.40 -18.04
N GLN A 677 -29.90 15.16 -19.19
CA GLN A 677 -31.18 14.49 -19.24
C GLN A 677 -31.00 12.99 -19.50
N THR A 678 -32.08 12.24 -19.24
CA THR A 678 -32.10 10.80 -19.44
C THR A 678 -33.21 10.31 -20.36
N LYS A 679 -34.13 11.17 -20.80
CA LYS A 679 -35.14 10.74 -21.75
C LYS A 679 -34.54 10.51 -23.12
N ILE A 680 -33.58 11.35 -23.52
CA ILE A 680 -32.91 11.21 -24.81
C ILE A 680 -31.77 10.19 -24.62
N GLU A 681 -32.00 8.96 -25.05
CA GLU A 681 -30.98 7.92 -24.92
C GLU A 681 -29.87 8.16 -25.93
N TYR A 682 -28.67 7.70 -25.58
CA TYR A 682 -27.50 7.95 -26.42
C TYR A 682 -26.48 6.83 -26.25
N GLY A 683 -25.50 6.84 -27.15
CA GLY A 683 -24.44 5.85 -27.09
C GLY A 683 -23.53 5.98 -28.30
N ALA A 684 -22.76 4.94 -28.54
CA ALA A 684 -21.80 4.93 -29.64
C ALA A 684 -21.66 3.51 -30.15
N VAL A 685 -20.70 3.31 -31.06
CA VAL A 685 -20.44 1.99 -31.62
C VAL A 685 -19.69 1.16 -30.59
N GLU A 686 -20.11 -0.09 -30.40
CA GLU A 686 -19.47 -0.97 -29.42
C GLU A 686 -18.09 -1.40 -29.90
N ASP A 687 -17.15 -1.48 -28.94
CA ASP A 687 -15.75 -1.88 -29.15
C ASP A 687 -15.03 -0.98 -30.15
N GLY A 688 -15.36 0.32 -30.11
CA GLY A 688 -14.72 1.31 -30.94
C GLY A 688 -13.83 2.24 -30.13
N ALA A 689 -13.27 3.22 -30.84
CA ALA A 689 -12.42 4.22 -30.20
C ALA A 689 -13.22 5.21 -29.37
N THR A 690 -14.49 5.44 -29.69
CA THR A 690 -15.31 6.38 -28.94
C THR A 690 -15.70 5.80 -27.57
N MET A 691 -15.96 4.49 -27.52
CA MET A 691 -16.25 3.84 -26.24
C MET A 691 -15.02 3.78 -25.35
N THR A 692 -13.84 3.56 -25.95
CA THR A 692 -12.60 3.48 -25.18
C THR A 692 -12.19 4.85 -24.67
N PHE A 693 -12.49 5.90 -25.44
CA PHE A 693 -12.20 7.27 -25.01
C PHE A 693 -13.10 7.68 -23.84
N PHE A 694 -14.34 7.19 -23.81
CA PHE A 694 -15.25 7.55 -22.73
C PHE A 694 -14.94 6.85 -21.42
N LYS A 695 -14.18 5.75 -21.47
CA LYS A 695 -13.73 5.11 -20.24
C LYS A 695 -12.62 5.93 -19.58
N LYS A 696 -11.66 6.40 -20.36
CA LYS A 696 -10.49 7.09 -19.83
C LYS A 696 -10.71 8.59 -19.65
N SER A 697 -11.90 9.10 -19.97
CA SER A 697 -12.18 10.52 -19.84
C SER A 697 -12.39 10.86 -18.37
N LYS A 698 -11.51 11.71 -17.85
CA LYS A 698 -11.60 12.13 -16.45
C LYS A 698 -12.48 13.35 -16.25
N ILE A 699 -12.99 13.93 -17.33
CA ILE A 699 -13.97 15.00 -17.23
C ILE A 699 -15.31 14.41 -16.82
N SER A 700 -15.99 15.08 -15.88
CA SER A 700 -17.17 14.50 -15.24
C SER A 700 -18.39 14.45 -16.16
N THR A 701 -18.44 15.30 -17.20
CA THR A 701 -19.54 15.24 -18.16
C THR A 701 -19.50 13.96 -18.98
N TYR A 702 -18.33 13.65 -19.56
CA TYR A 702 -18.18 12.42 -20.32
C TYR A 702 -18.15 11.19 -19.42
N ASP A 703 -17.74 11.37 -18.16
CA ASP A 703 -17.86 10.30 -17.17
C ASP A 703 -19.32 9.97 -16.88
N LYS A 704 -20.16 11.01 -16.76
CA LYS A 704 -21.60 10.80 -16.58
C LYS A 704 -22.23 10.15 -17.80
N MET A 705 -21.79 10.57 -19.00
CA MET A 705 -22.31 9.97 -20.23
C MET A 705 -21.91 8.51 -20.37
N TRP A 706 -20.67 8.17 -20.00
CA TRP A 706 -20.24 6.78 -20.05
C TRP A 706 -20.90 5.95 -18.95
N ALA A 707 -21.21 6.56 -17.80
CA ALA A 707 -21.94 5.86 -16.75
C ALA A 707 -23.37 5.55 -17.19
N PHE A 708 -24.02 6.49 -17.87
CA PHE A 708 -25.36 6.21 -18.41
C PHE A 708 -25.31 5.21 -19.56
N MET A 709 -24.22 5.20 -20.33
CA MET A 709 -24.06 4.20 -21.39
C MET A 709 -23.87 2.80 -20.81
N SER A 710 -23.05 2.68 -19.77
CA SER A 710 -22.80 1.39 -19.15
C SER A 710 -23.95 0.92 -18.26
N SER A 711 -24.82 1.83 -17.84
CA SER A 711 -25.97 1.44 -17.03
C SER A 711 -27.01 0.70 -17.87
N ARG A 712 -27.14 1.06 -19.15
CA ARG A 712 -28.15 0.44 -20.01
C ARG A 712 -27.50 -0.14 -21.25
N ARG A 713 -26.41 -0.90 -21.06
CA ARG A 713 -25.55 -1.34 -22.14
C ARG A 713 -26.17 -2.41 -23.05
N GLN A 714 -27.33 -2.95 -22.70
CA GLN A 714 -27.93 -4.04 -23.47
C GLN A 714 -28.44 -3.59 -24.83
N SER A 715 -28.89 -2.34 -24.96
CA SER A 715 -29.51 -1.93 -26.22
C SER A 715 -29.08 -0.54 -26.67
N VAL A 716 -27.93 -0.04 -26.22
CA VAL A 716 -27.47 1.29 -26.63
C VAL A 716 -26.19 1.26 -27.45
N LEU A 717 -25.52 0.11 -27.56
CA LEU A 717 -24.25 0.01 -28.27
C LEU A 717 -24.46 -0.84 -29.52
N VAL A 718 -24.55 -0.17 -30.67
CA VAL A 718 -24.77 -0.84 -31.94
C VAL A 718 -23.44 -1.35 -32.48
N LYS A 719 -23.50 -2.17 -33.52
CA LYS A 719 -22.31 -2.77 -34.10
C LYS A 719 -21.79 -2.06 -35.35
N SER A 720 -22.61 -1.23 -35.99
CA SER A 720 -22.21 -0.57 -37.22
C SER A 720 -22.95 0.75 -37.35
N ASN A 721 -22.44 1.62 -38.21
CA ASN A 721 -23.01 2.94 -38.40
C ASN A 721 -24.30 2.92 -39.22
N GLU A 722 -24.55 1.85 -39.98
CA GLU A 722 -25.85 1.69 -40.62
C GLU A 722 -26.93 1.44 -39.58
N GLU A 723 -26.61 0.65 -38.55
CA GLU A 723 -27.48 0.54 -37.38
C GLU A 723 -27.54 1.84 -36.60
N GLY A 724 -26.51 2.68 -36.72
CA GLY A 724 -26.58 4.04 -36.19
C GLY A 724 -27.64 4.88 -36.87
N ILE A 725 -27.73 4.80 -38.20
CA ILE A 725 -28.77 5.53 -38.94
C ILE A 725 -30.15 4.95 -38.63
N GLN A 726 -30.24 3.61 -38.51
CA GLN A 726 -31.51 2.97 -38.17
C GLN A 726 -31.94 3.26 -36.74
N ARG A 727 -30.99 3.59 -35.86
CA ARG A 727 -31.31 3.94 -34.48
C ARG A 727 -31.63 5.43 -34.32
N VAL A 728 -31.00 6.30 -35.11
CA VAL A 728 -31.37 7.72 -35.08
C VAL A 728 -32.74 7.94 -35.71
N LEU A 729 -33.02 7.25 -36.82
CA LEU A 729 -34.22 7.50 -37.62
C LEU A 729 -35.51 7.10 -36.89
N THR A 730 -35.44 6.14 -35.98
CA THR A 730 -36.53 5.84 -35.06
C THR A 730 -36.19 6.36 -33.67
N SER A 731 -37.18 6.30 -32.78
CA SER A 731 -37.09 6.57 -31.32
C SER A 731 -36.64 8.01 -31.10
N ASP A 732 -35.83 8.27 -30.07
CA ASP A 732 -35.26 9.58 -29.77
C ASP A 732 -33.79 9.45 -29.43
N TYR A 733 -33.05 8.74 -30.29
CA TYR A 733 -31.66 8.40 -30.06
C TYR A 733 -30.74 9.41 -30.74
N ALA A 734 -29.64 9.76 -30.05
CA ALA A 734 -28.56 10.55 -30.61
C ALA A 734 -27.25 9.78 -30.49
N PHE A 735 -26.40 9.89 -31.49
CA PHE A 735 -25.13 9.16 -31.50
C PHE A 735 -23.94 10.08 -31.30
N LEU A 736 -22.88 9.51 -30.74
CA LEU A 736 -21.61 10.21 -30.54
C LEU A 736 -20.55 9.45 -31.34
N MET A 737 -20.19 9.98 -32.50
CA MET A 737 -19.21 9.30 -33.35
C MET A 737 -18.44 10.31 -34.17
N GLU A 738 -17.77 9.81 -35.21
CA GLU A 738 -16.79 10.58 -35.95
C GLU A 738 -17.45 11.49 -36.97
N SER A 739 -17.01 12.75 -36.99
CA SER A 739 -17.72 13.83 -37.70
C SER A 739 -17.66 13.70 -39.23
N THR A 740 -16.69 12.95 -39.77
CA THR A 740 -16.65 12.75 -41.21
C THR A 740 -17.78 11.84 -41.67
N THR A 741 -18.10 10.82 -40.85
CA THR A 741 -19.26 9.97 -41.12
C THR A 741 -20.56 10.77 -40.97
N ILE A 742 -20.59 11.73 -40.04
CA ILE A 742 -21.74 12.60 -39.87
C ILE A 742 -21.91 13.51 -41.07
N GLU A 743 -20.79 14.01 -41.62
CA GLU A 743 -20.83 14.82 -42.83
C GLU A 743 -21.31 14.01 -44.03
N PHE A 744 -20.89 12.75 -44.12
CA PHE A 744 -21.35 11.87 -45.19
C PHE A 744 -22.86 11.59 -45.08
N VAL A 745 -23.35 11.29 -43.88
CA VAL A 745 -24.77 10.96 -43.76
C VAL A 745 -25.65 12.21 -43.76
N THR A 746 -25.10 13.40 -43.54
CA THR A 746 -25.90 14.60 -43.70
C THR A 746 -25.88 15.12 -45.13
N GLN A 747 -24.80 14.88 -45.89
CA GLN A 747 -24.84 15.19 -47.32
C GLN A 747 -25.69 14.18 -48.08
N ARG A 748 -25.69 12.92 -47.65
CA ARG A 748 -26.52 11.91 -48.31
C ARG A 748 -27.99 12.06 -47.93
N ASN A 749 -28.28 12.38 -46.68
CA ASN A 749 -29.65 12.50 -46.19
C ASN A 749 -29.81 13.83 -45.48
N CYS A 750 -30.70 14.68 -45.98
CA CYS A 750 -30.97 15.98 -45.36
C CYS A 750 -32.14 15.91 -44.38
N ASN A 751 -32.09 14.93 -43.47
CA ASN A 751 -33.07 14.80 -42.42
C ASN A 751 -32.46 14.82 -41.03
N LEU A 752 -31.14 14.97 -40.92
CA LEU A 752 -30.42 14.88 -39.66
C LEU A 752 -29.57 16.12 -39.46
N THR A 753 -29.15 16.34 -38.21
CA THR A 753 -28.28 17.44 -37.84
C THR A 753 -27.12 16.93 -37.00
N GLN A 754 -26.02 17.67 -37.07
CA GLN A 754 -24.86 17.49 -36.19
C GLN A 754 -24.97 18.56 -35.11
N ILE A 755 -25.37 18.16 -33.92
CA ILE A 755 -25.54 19.11 -32.83
C ILE A 755 -24.26 19.17 -32.01
N GLY A 756 -23.80 20.39 -31.75
CA GLY A 756 -22.56 20.60 -31.06
C GLY A 756 -21.36 20.54 -31.98
N GLY A 757 -20.25 21.10 -31.52
CA GLY A 757 -19.01 21.11 -32.25
C GLY A 757 -18.19 19.86 -32.01
N LEU A 758 -16.92 19.93 -32.40
CA LEU A 758 -16.01 18.82 -32.17
C LEU A 758 -15.61 18.77 -30.71
N ILE A 759 -15.73 17.59 -30.11
CA ILE A 759 -15.38 17.44 -28.69
C ILE A 759 -13.87 17.41 -28.51
N ASP A 760 -13.20 16.48 -29.18
CA ASP A 760 -11.75 16.39 -29.12
C ASP A 760 -11.23 15.90 -30.46
N SER A 761 -9.99 16.27 -30.76
CA SER A 761 -9.39 15.90 -32.04
C SER A 761 -8.73 14.54 -31.96
N LYS A 762 -8.73 13.84 -33.08
CA LYS A 762 -8.11 12.52 -33.19
C LYS A 762 -7.42 12.45 -34.55
N GLY A 763 -7.01 11.25 -34.94
CA GLY A 763 -6.34 11.08 -36.21
C GLY A 763 -6.59 9.74 -36.87
N TYR A 764 -6.93 9.77 -38.16
CA TYR A 764 -7.08 8.55 -38.96
C TYR A 764 -5.71 8.19 -39.54
N GLY A 765 -5.03 7.25 -38.89
CA GLY A 765 -3.76 6.75 -39.38
C GLY A 765 -3.90 5.37 -40.01
N VAL A 766 -2.77 4.85 -40.45
CA VAL A 766 -2.68 3.51 -41.01
C VAL A 766 -2.19 2.58 -39.91
N GLY A 767 -2.97 1.55 -39.62
CA GLY A 767 -2.61 0.61 -38.57
C GLY A 767 -1.51 -0.32 -39.04
N THR A 768 -0.40 -0.37 -38.31
CA THR A 768 0.74 -1.22 -38.60
C THR A 768 1.08 -2.03 -37.36
N PRO A 769 1.67 -3.22 -37.53
CA PRO A 769 2.24 -3.93 -36.38
C PRO A 769 3.43 -3.18 -35.81
N MET A 770 3.64 -3.35 -34.51
CA MET A 770 4.60 -2.55 -33.78
C MET A 770 6.04 -2.95 -34.12
N GLY A 771 6.89 -1.95 -34.34
CA GLY A 771 8.29 -2.19 -34.62
C GLY A 771 8.59 -2.59 -36.05
N SER A 772 8.31 -1.73 -37.00
CA SER A 772 8.61 -1.99 -38.40
C SER A 772 9.11 -0.73 -39.07
N PRO A 773 10.06 -0.87 -40.02
CA PRO A 773 10.39 0.26 -40.90
C PRO A 773 9.37 0.44 -42.03
N TYR A 774 8.50 -0.55 -42.20
CA TYR A 774 7.37 -0.44 -43.12
C TYR A 774 6.44 0.69 -42.71
N ARG A 775 6.26 0.90 -41.41
CA ARG A 775 5.49 2.03 -40.89
C ARG A 775 6.13 3.36 -41.26
N ASP A 776 7.46 3.44 -41.19
CA ASP A 776 8.15 4.68 -41.53
C ASP A 776 8.07 4.98 -43.02
N LYS A 777 8.17 3.94 -43.86
CA LYS A 777 8.02 4.12 -45.30
C LYS A 777 6.58 4.52 -45.65
N ILE A 778 5.61 3.96 -44.94
CA ILE A 778 4.20 4.35 -45.10
C ILE A 778 4.00 5.80 -44.67
N THR A 779 4.70 6.22 -43.61
CA THR A 779 4.60 7.59 -43.09
C THR A 779 5.13 8.61 -44.10
N ILE A 780 6.30 8.32 -44.68
CA ILE A 780 6.88 9.22 -45.69
C ILE A 780 6.03 9.21 -46.97
N ALA A 781 5.44 8.06 -47.32
CA ALA A 781 4.56 7.97 -48.48
C ALA A 781 3.27 8.78 -48.29
N ILE A 782 2.69 8.74 -47.09
CA ILE A 782 1.47 9.50 -46.81
C ILE A 782 1.76 11.00 -46.77
N LEU A 783 2.92 11.39 -46.20
CA LEU A 783 3.29 12.81 -46.17
C LEU A 783 3.58 13.34 -47.58
N GLN A 784 4.21 12.54 -48.43
CA GLN A 784 4.42 12.97 -49.82
C GLN A 784 3.12 12.97 -50.62
N LEU A 785 2.19 12.05 -50.31
CA LEU A 785 0.93 12.01 -51.02
C LEU A 785 0.03 13.18 -50.64
N GLN A 786 0.05 13.58 -49.36
CA GLN A 786 -0.67 14.78 -48.95
C GLN A 786 0.03 16.03 -49.46
N GLU A 787 1.35 15.98 -49.66
CA GLU A 787 2.02 17.04 -50.41
C GLU A 787 1.61 17.03 -51.88
N GLU A 788 1.36 15.85 -52.44
CA GLU A 788 0.96 15.75 -53.84
C GLU A 788 -0.49 16.19 -54.08
N GLY A 789 -1.30 16.26 -53.02
CA GLY A 789 -2.63 16.81 -53.13
C GLY A 789 -3.70 15.88 -53.65
N LYS A 790 -3.38 14.60 -53.88
CA LYS A 790 -4.39 13.65 -54.35
C LYS A 790 -5.36 13.25 -53.25
N LEU A 791 -4.98 13.44 -51.98
CA LEU A 791 -5.89 13.20 -50.87
C LEU A 791 -7.06 14.17 -50.89
N HIS A 792 -6.79 15.43 -51.26
CA HIS A 792 -7.85 16.41 -51.42
C HIS A 792 -8.78 16.06 -52.57
N MET A 793 -8.24 15.50 -53.66
CA MET A 793 -9.05 15.06 -54.78
C MET A 793 -9.93 13.87 -54.40
N MET A 794 -9.39 12.94 -53.62
CA MET A 794 -10.19 11.81 -53.13
C MET A 794 -11.25 12.27 -52.15
N LYS A 795 -10.94 13.28 -51.34
CA LYS A 795 -11.91 13.87 -50.42
C LYS A 795 -13.05 14.55 -51.18
N GLU A 796 -12.72 15.32 -52.22
CA GLU A 796 -13.74 15.96 -53.03
C GLU A 796 -14.50 14.97 -53.90
N LYS A 797 -13.92 13.81 -54.19
CA LYS A 797 -14.62 12.80 -54.96
C LYS A 797 -15.62 12.03 -54.09
N TRP A 798 -15.19 11.60 -52.90
CA TRP A 798 -16.00 10.65 -52.15
C TRP A 798 -16.99 11.31 -51.19
N TRP A 799 -16.61 12.41 -50.55
CA TRP A 799 -17.52 13.05 -49.60
C TRP A 799 -18.63 13.84 -50.28
N ARG A 800 -18.46 14.19 -51.55
CA ARG A 800 -19.49 14.92 -52.29
C ARG A 800 -20.58 13.94 -52.72
N GLY A 801 -21.82 14.26 -52.40
CA GLY A 801 -22.95 13.44 -52.78
C GLY A 801 -23.20 12.27 -51.85
N VAL A 817 -46.46 34.31 -40.64
CA VAL A 817 -47.79 34.43 -41.21
C VAL A 817 -48.49 33.09 -41.02
N GLN A 818 -47.71 32.06 -40.71
CA GLN A 818 -48.24 30.71 -40.51
C GLN A 818 -48.64 30.44 -39.06
N ASN A 819 -48.43 31.40 -38.15
CA ASN A 819 -48.92 31.23 -36.79
C ASN A 819 -50.45 31.28 -36.74
N ILE A 820 -51.05 32.31 -37.33
CA ILE A 820 -52.48 32.38 -37.61
C ILE A 820 -52.66 32.84 -39.06
N GLY A 821 -53.45 32.08 -39.81
CA GLY A 821 -53.63 32.39 -41.23
C GLY A 821 -55.04 32.22 -41.77
N GLY A 822 -55.95 31.72 -40.95
CA GLY A 822 -57.29 31.42 -41.42
C GLY A 822 -58.31 32.49 -41.09
N ILE A 823 -57.91 33.46 -40.26
CA ILE A 823 -58.82 34.54 -39.86
C ILE A 823 -59.16 35.44 -41.02
N PHE A 824 -58.25 35.57 -42.00
CA PHE A 824 -58.55 36.34 -43.20
C PHE A 824 -59.59 35.64 -44.07
N ILE A 825 -59.54 34.30 -44.10
CA ILE A 825 -60.56 33.53 -44.81
C ILE A 825 -61.90 33.63 -44.09
N VAL A 826 -61.88 33.62 -42.75
CA VAL A 826 -63.11 33.78 -41.96
C VAL A 826 -63.74 35.15 -42.17
N LEU A 827 -62.93 36.21 -42.18
CA LEU A 827 -63.47 37.55 -42.40
C LEU A 827 -63.87 37.76 -43.86
N ALA A 828 -63.22 37.08 -44.80
CA ALA A 828 -63.66 37.11 -46.20
C ALA A 828 -65.00 36.39 -46.36
N ALA A 829 -65.21 35.29 -45.64
CA ALA A 829 -66.51 34.62 -45.63
C ALA A 829 -67.57 35.48 -44.95
N GLY A 830 -67.18 36.27 -43.95
CA GLY A 830 -68.10 37.24 -43.37
C GLY A 830 -68.47 38.35 -44.35
N LEU A 831 -67.52 38.76 -45.20
CA LEU A 831 -67.83 39.70 -46.27
C LEU A 831 -68.74 39.08 -47.33
N VAL A 832 -68.57 37.79 -47.62
CA VAL A 832 -69.48 37.06 -48.52
C VAL A 832 -70.88 37.00 -47.92
N LEU A 833 -70.98 36.80 -46.60
CA LEU A 833 -72.28 36.82 -45.93
C LEU A 833 -72.91 38.22 -45.95
N SER A 834 -72.09 39.26 -45.81
CA SER A 834 -72.58 40.63 -45.89
C SER A 834 -73.07 40.97 -47.30
N VAL A 835 -72.38 40.45 -48.32
CA VAL A 835 -72.84 40.61 -49.71
C VAL A 835 -74.13 39.84 -49.93
N PHE A 836 -74.23 38.64 -49.34
CA PHE A 836 -75.41 37.79 -49.52
C PHE A 836 -76.65 38.38 -48.84
N VAL A 837 -76.47 39.04 -47.69
CA VAL A 837 -77.59 39.76 -47.09
C VAL A 837 -77.76 41.17 -47.65
N ALA A 838 -76.79 41.67 -48.42
CA ALA A 838 -76.92 42.99 -49.02
C ALA A 838 -77.90 42.97 -50.20
N VAL A 839 -77.81 41.97 -51.06
CA VAL A 839 -78.68 41.89 -52.23
C VAL A 839 -79.42 40.55 -52.22
N HIS B 34 30.88 -74.41 -11.67
CA HIS B 34 31.26 -73.44 -12.70
C HIS B 34 32.00 -72.26 -12.07
N VAL B 35 32.83 -71.61 -12.87
CA VAL B 35 33.64 -70.47 -12.43
C VAL B 35 33.31 -69.28 -13.32
N LEU B 36 32.90 -68.18 -12.71
CA LEU B 36 32.61 -66.93 -13.41
C LEU B 36 33.54 -65.84 -12.89
N ARG B 37 34.08 -65.05 -13.81
CA ARG B 37 35.02 -63.99 -13.47
C ARG B 37 34.45 -62.64 -13.87
N PHE B 38 34.43 -61.70 -12.92
CA PHE B 38 34.02 -60.33 -13.16
C PHE B 38 35.21 -59.41 -13.09
N GLY B 39 35.23 -58.39 -13.95
CA GLY B 39 36.33 -57.45 -13.99
C GLY B 39 36.19 -56.33 -12.98
N GLY B 40 36.37 -55.10 -13.44
CA GLY B 40 36.26 -53.95 -12.57
C GLY B 40 37.46 -53.02 -12.65
N ILE B 41 37.19 -51.76 -13.00
CA ILE B 41 38.22 -50.73 -13.12
C ILE B 41 37.78 -49.56 -12.27
N PHE B 42 38.57 -49.23 -11.25
CA PHE B 42 38.22 -48.21 -10.27
C PHE B 42 39.40 -47.27 -10.06
N GLU B 43 39.11 -45.97 -10.04
CA GLU B 43 40.15 -44.98 -9.77
C GLU B 43 40.55 -45.03 -8.30
N TYR B 44 41.85 -44.88 -8.05
CA TYR B 44 42.40 -45.00 -6.70
C TYR B 44 43.26 -43.79 -6.38
N VAL B 45 43.39 -43.52 -5.09
CA VAL B 45 44.35 -42.55 -4.58
C VAL B 45 45.55 -43.31 -4.03
N GLU B 46 46.75 -42.74 -4.22
CA GLU B 46 47.95 -43.40 -3.75
C GLU B 46 48.09 -43.30 -2.24
N SER B 47 47.81 -42.12 -1.68
CA SER B 47 47.87 -41.91 -0.24
C SER B 47 46.44 -41.97 0.30
N GLY B 48 45.96 -43.20 0.50
CA GLY B 48 44.63 -43.41 1.01
C GLY B 48 44.14 -44.83 0.78
N PRO B 49 42.99 -45.17 1.36
CA PRO B 49 42.44 -46.51 1.17
C PRO B 49 41.66 -46.65 -0.13
N MET B 50 41.01 -47.79 -0.32
CA MET B 50 40.21 -48.04 -1.51
C MET B 50 38.96 -47.16 -1.53
N GLY B 51 38.49 -46.87 -2.73
CA GLY B 51 37.28 -46.08 -2.90
C GLY B 51 36.04 -46.85 -2.53
N ALA B 52 34.94 -46.09 -2.38
CA ALA B 52 33.68 -46.68 -1.94
C ALA B 52 33.06 -47.59 -3.01
N GLU B 53 33.35 -47.31 -4.28
CA GLU B 53 32.85 -48.17 -5.36
C GLU B 53 33.53 -49.53 -5.33
N GLU B 54 34.85 -49.55 -5.15
CA GLU B 54 35.60 -50.81 -5.13
C GLU B 54 35.28 -51.62 -3.88
N LEU B 55 35.14 -50.94 -2.73
CA LEU B 55 34.80 -51.63 -1.48
C LEU B 55 33.38 -52.16 -1.52
N ALA B 56 32.45 -51.39 -2.10
CA ALA B 56 31.07 -51.87 -2.26
C ALA B 56 30.99 -53.03 -3.24
N PHE B 57 31.83 -53.00 -4.28
CA PHE B 57 31.91 -54.10 -5.24
C PHE B 57 32.43 -55.38 -4.59
N ARG B 58 33.49 -55.26 -3.79
CA ARG B 58 34.07 -56.43 -3.11
C ARG B 58 33.12 -56.97 -2.05
N PHE B 59 32.46 -56.07 -1.30
CA PHE B 59 31.49 -56.48 -0.29
C PHE B 59 30.27 -57.15 -0.92
N ALA B 60 29.85 -56.67 -2.10
CA ALA B 60 28.70 -57.25 -2.76
C ALA B 60 29.02 -58.61 -3.38
N VAL B 61 30.24 -58.76 -3.92
CA VAL B 61 30.68 -60.05 -4.44
C VAL B 61 30.83 -61.07 -3.30
N ASN B 62 31.32 -60.61 -2.14
CA ASN B 62 31.44 -61.50 -0.98
C ASN B 62 30.08 -61.90 -0.42
N THR B 63 29.11 -60.98 -0.39
CA THR B 63 27.78 -61.32 0.09
C THR B 63 26.96 -62.10 -0.94
N ILE B 64 27.36 -62.08 -2.21
CA ILE B 64 26.72 -62.95 -3.18
C ILE B 64 27.29 -64.37 -3.08
N ASN B 65 28.63 -64.47 -2.93
CA ASN B 65 29.28 -65.78 -2.87
C ASN B 65 28.93 -66.52 -1.58
N ARG B 66 28.88 -65.82 -0.45
CA ARG B 66 28.31 -66.41 0.75
C ARG B 66 26.78 -66.30 0.69
N ASN B 67 26.11 -67.07 1.55
CA ASN B 67 24.65 -67.15 1.68
C ASN B 67 24.01 -67.56 0.36
N ARG B 68 24.28 -68.82 -0.01
CA ARG B 68 24.00 -69.34 -1.35
C ARG B 68 22.51 -69.52 -1.56
N THR B 69 21.84 -68.40 -1.87
CA THR B 69 20.47 -68.42 -2.36
C THR B 69 20.37 -68.06 -3.84
N LEU B 70 21.40 -67.44 -4.39
CA LEU B 70 21.54 -67.21 -5.82
C LEU B 70 22.90 -67.74 -6.25
N LEU B 71 22.95 -68.25 -7.50
CA LEU B 71 24.07 -68.97 -8.11
C LEU B 71 24.52 -70.14 -7.23
N PRO B 72 23.74 -71.22 -7.15
CA PRO B 72 24.06 -72.29 -6.19
C PRO B 72 25.23 -73.16 -6.61
N ASN B 73 25.67 -73.10 -7.88
CA ASN B 73 26.76 -73.94 -8.35
C ASN B 73 27.83 -73.13 -9.08
N THR B 74 27.82 -71.81 -8.94
CA THR B 74 28.82 -70.95 -9.57
C THR B 74 29.27 -69.89 -8.57
N THR B 75 30.58 -69.73 -8.42
CA THR B 75 31.16 -68.70 -7.59
C THR B 75 31.82 -67.64 -8.45
N LEU B 76 31.83 -66.42 -7.94
CA LEU B 76 32.31 -65.26 -8.69
C LEU B 76 33.72 -64.89 -8.24
N THR B 77 34.64 -64.81 -9.18
CA THR B 77 36.03 -64.45 -8.92
C THR B 77 36.27 -63.04 -9.47
N TYR B 78 36.26 -62.05 -8.57
CA TYR B 78 36.48 -60.67 -8.99
C TYR B 78 37.94 -60.44 -9.31
N ASP B 79 38.19 -59.46 -10.18
CA ASP B 79 39.55 -59.06 -10.54
C ASP B 79 39.56 -57.55 -10.66
N THR B 80 40.26 -56.89 -9.73
CA THR B 80 40.21 -55.44 -9.60
C THR B 80 41.52 -54.83 -10.10
N GLN B 81 41.41 -53.94 -11.07
CA GLN B 81 42.51 -53.09 -11.50
C GLN B 81 42.28 -51.66 -11.01
N LYS B 82 43.37 -50.90 -10.91
CA LYS B 82 43.32 -49.54 -10.41
C LYS B 82 44.02 -48.63 -11.40
N ILE B 83 43.33 -47.56 -11.82
CA ILE B 83 43.84 -46.65 -12.83
C ILE B 83 43.93 -45.25 -12.23
N ASN B 84 44.59 -44.36 -12.96
CA ASN B 84 44.82 -43.00 -12.54
C ASN B 84 43.70 -42.09 -13.05
N LEU B 85 43.91 -40.79 -12.94
CA LEU B 85 42.86 -39.80 -13.19
C LEU B 85 42.88 -39.38 -14.65
N TYR B 86 41.83 -39.79 -15.39
CA TYR B 86 41.48 -39.30 -16.73
C TYR B 86 42.57 -39.57 -17.77
N ASP B 87 43.15 -40.77 -17.70
CA ASP B 87 44.04 -41.28 -18.74
C ASP B 87 43.30 -42.46 -19.37
N SER B 88 42.57 -42.19 -20.46
CA SER B 88 41.75 -43.22 -21.07
C SER B 88 42.57 -44.26 -21.82
N PHE B 89 43.81 -43.93 -22.20
CA PHE B 89 44.71 -44.94 -22.75
C PHE B 89 45.09 -45.97 -21.70
N GLU B 90 45.29 -45.52 -20.46
CA GLU B 90 45.57 -46.44 -19.35
C GLU B 90 44.36 -47.32 -19.05
N ALA B 91 43.16 -46.74 -19.13
CA ALA B 91 41.94 -47.52 -18.94
C ALA B 91 41.74 -48.53 -20.06
N SER B 92 42.11 -48.17 -21.29
CA SER B 92 42.05 -49.11 -22.41
C SER B 92 43.07 -50.24 -22.25
N LYS B 93 44.27 -49.92 -21.75
CA LYS B 93 45.29 -50.93 -21.50
C LYS B 93 44.88 -51.89 -20.40
N LYS B 94 44.28 -51.37 -19.31
CA LYS B 94 43.79 -52.24 -18.25
C LYS B 94 42.57 -53.03 -18.69
N ALA B 95 41.75 -52.48 -19.61
CA ALA B 95 40.64 -53.22 -20.16
C ALA B 95 41.11 -54.38 -21.02
N CYS B 96 42.16 -54.18 -21.82
CA CYS B 96 42.74 -55.29 -22.58
C CYS B 96 43.43 -56.30 -21.68
N ASP B 97 44.04 -55.84 -20.58
CA ASP B 97 44.65 -56.78 -19.64
C ASP B 97 43.61 -57.61 -18.90
N GLN B 98 42.45 -57.00 -18.61
CA GLN B 98 41.35 -57.76 -18.01
C GLN B 98 40.69 -58.69 -19.03
N LEU B 99 40.62 -58.27 -20.29
CA LEU B 99 39.98 -59.08 -21.33
C LEU B 99 40.86 -60.24 -21.75
N SER B 100 42.18 -60.13 -21.63
CA SER B 100 43.05 -61.27 -21.87
C SER B 100 42.95 -62.30 -20.77
N LEU B 101 42.50 -61.92 -19.58
CA LEU B 101 42.34 -62.83 -18.46
C LEU B 101 40.98 -63.50 -18.41
N GLY B 102 40.11 -63.26 -19.40
CA GLY B 102 38.82 -63.90 -19.46
C GLY B 102 37.81 -63.43 -18.45
N VAL B 103 37.31 -62.21 -18.60
CA VAL B 103 36.25 -61.69 -17.77
C VAL B 103 34.92 -61.86 -18.49
N ALA B 104 33.84 -61.97 -17.71
CA ALA B 104 32.51 -62.11 -18.26
C ALA B 104 31.79 -60.78 -18.44
N ALA B 105 32.06 -59.81 -17.56
CA ALA B 105 31.53 -58.46 -17.70
C ALA B 105 32.51 -57.50 -17.05
N ILE B 106 32.46 -56.24 -17.47
CA ILE B 106 33.36 -55.21 -16.97
C ILE B 106 32.54 -54.15 -16.28
N PHE B 107 32.83 -53.93 -15.00
CA PHE B 107 32.27 -52.80 -14.26
C PHE B 107 33.21 -51.61 -14.47
N GLY B 108 32.72 -50.61 -15.21
CA GLY B 108 33.59 -49.59 -15.73
C GLY B 108 33.92 -48.52 -14.70
N PRO B 109 34.69 -47.53 -15.13
CA PRO B 109 35.13 -46.46 -14.22
C PRO B 109 34.05 -45.39 -14.10
N SER B 110 34.36 -44.38 -13.28
CA SER B 110 33.45 -43.30 -13.00
C SER B 110 33.77 -42.03 -13.80
N HIS B 111 34.65 -42.12 -14.79
CA HIS B 111 35.00 -40.97 -15.60
C HIS B 111 34.01 -40.83 -16.76
N SER B 112 34.33 -39.95 -17.69
CA SER B 112 33.55 -39.78 -18.92
C SER B 112 34.29 -40.25 -20.15
N SER B 113 35.52 -39.78 -20.36
CA SER B 113 36.30 -40.21 -21.51
C SER B 113 36.83 -41.62 -21.34
N SER B 114 37.27 -41.96 -20.13
CA SER B 114 37.76 -43.31 -19.84
C SER B 114 36.63 -44.33 -19.94
N ALA B 115 35.44 -43.96 -19.44
CA ALA B 115 34.26 -44.81 -19.61
C ALA B 115 33.86 -44.93 -21.06
N ASN B 116 34.06 -43.87 -21.86
CA ASN B 116 33.78 -43.93 -23.29
C ASN B 116 34.72 -44.88 -24.01
N ALA B 117 36.01 -44.87 -23.65
CA ALA B 117 36.97 -45.80 -24.24
C ALA B 117 36.68 -47.24 -23.82
N VAL B 118 36.27 -47.43 -22.57
CA VAL B 118 35.96 -48.77 -22.07
C VAL B 118 34.70 -49.32 -22.75
N GLN B 119 33.68 -48.49 -22.95
CA GLN B 119 32.47 -48.97 -23.62
C GLN B 119 32.70 -49.15 -25.12
N SER B 120 33.64 -48.40 -25.72
CA SER B 120 33.99 -48.64 -27.11
C SER B 120 34.71 -49.97 -27.27
N ILE B 121 35.60 -50.31 -26.33
CA ILE B 121 36.27 -51.61 -26.33
C ILE B 121 35.27 -52.75 -26.13
N CYS B 122 34.34 -52.56 -25.18
CA CYS B 122 33.31 -53.56 -24.91
C CYS B 122 32.32 -53.69 -26.06
N ASN B 123 32.11 -52.62 -26.83
CA ASN B 123 31.30 -52.71 -28.04
C ASN B 123 32.03 -53.48 -29.12
N ALA B 124 33.33 -53.22 -29.29
CA ALA B 124 34.07 -53.85 -30.38
C ALA B 124 34.35 -55.33 -30.10
N LEU B 125 34.38 -55.73 -28.83
CA LEU B 125 34.65 -57.13 -28.51
C LEU B 125 33.43 -57.87 -27.99
N GLY B 126 32.29 -57.22 -27.83
CA GLY B 126 31.04 -57.90 -27.55
C GLY B 126 30.74 -58.18 -26.10
N VAL B 127 31.67 -57.89 -25.18
CA VAL B 127 31.46 -58.11 -23.76
C VAL B 127 30.51 -57.03 -23.24
N PRO B 128 29.50 -57.37 -22.44
CA PRO B 128 28.63 -56.34 -21.86
C PRO B 128 29.36 -55.45 -20.87
N HIS B 129 28.92 -54.20 -20.79
CA HIS B 129 29.57 -53.19 -19.98
C HIS B 129 28.57 -52.58 -19.01
N ILE B 130 29.03 -52.33 -17.78
CA ILE B 130 28.20 -51.79 -16.71
C ILE B 130 28.70 -50.38 -16.41
N GLN B 131 27.78 -49.42 -16.35
CA GLN B 131 28.09 -48.07 -15.92
C GLN B 131 27.30 -47.74 -14.66
N THR B 132 27.96 -47.09 -13.71
CA THR B 132 27.32 -46.71 -12.45
C THR B 132 27.17 -45.22 -12.26
N ARG B 133 28.10 -44.43 -12.78
CA ARG B 133 27.99 -42.98 -12.77
C ARG B 133 27.59 -42.50 -14.15
N TRP B 134 26.81 -41.42 -14.19
CA TRP B 134 26.30 -40.87 -15.45
C TRP B 134 27.42 -40.33 -16.31
N LYS B 135 27.32 -40.59 -17.61
CA LYS B 135 28.25 -40.03 -18.58
C LYS B 135 27.44 -39.32 -19.66
N HIS B 136 28.11 -38.41 -20.36
CA HIS B 136 27.46 -37.68 -21.45
C HIS B 136 27.30 -38.62 -22.64
N GLN B 137 26.07 -38.77 -23.11
CA GLN B 137 25.74 -39.71 -24.16
C GLN B 137 25.68 -38.98 -25.50
N VAL B 138 26.54 -39.39 -26.43
CA VAL B 138 26.49 -38.85 -27.78
C VAL B 138 25.29 -39.44 -28.51
N SER B 139 24.54 -38.58 -29.20
CA SER B 139 23.31 -39.02 -29.86
C SER B 139 23.56 -39.85 -31.12
N ASP B 140 24.78 -39.86 -31.65
CA ASP B 140 25.10 -40.57 -32.86
C ASP B 140 25.84 -41.89 -32.61
N ASN B 141 25.84 -42.36 -31.36
CA ASN B 141 26.53 -43.60 -31.05
C ASN B 141 25.74 -44.80 -31.55
N LYS B 142 26.46 -45.90 -31.82
CA LYS B 142 25.90 -47.09 -32.44
C LYS B 142 26.25 -48.33 -31.63
N ASP B 143 26.04 -48.27 -30.32
CA ASP B 143 26.39 -49.36 -29.43
C ASP B 143 25.17 -49.81 -28.63
N SER B 144 25.05 -51.14 -28.46
CA SER B 144 24.05 -51.73 -27.60
C SER B 144 24.65 -52.80 -26.70
N PHE B 145 25.90 -52.63 -26.29
CA PHE B 145 26.59 -53.58 -25.43
C PHE B 145 26.95 -52.96 -24.08
N TYR B 146 26.08 -52.07 -23.58
CA TYR B 146 26.33 -51.38 -22.33
C TYR B 146 25.00 -51.03 -21.69
N VAL B 147 24.99 -50.98 -20.35
CA VAL B 147 23.87 -50.44 -19.60
C VAL B 147 24.41 -49.46 -18.57
N SER B 148 23.52 -48.61 -18.07
CA SER B 148 23.85 -47.63 -17.05
C SER B 148 22.76 -47.64 -15.99
N LEU B 149 23.14 -47.90 -14.74
CA LEU B 149 22.17 -47.93 -13.65
C LEU B 149 22.01 -46.60 -12.93
N TYR B 150 22.76 -45.58 -13.32
CA TYR B 150 22.48 -44.24 -12.82
C TYR B 150 21.17 -43.75 -13.44
N PRO B 151 20.33 -43.04 -12.69
CA PRO B 151 19.10 -42.49 -13.27
C PRO B 151 19.38 -41.44 -14.33
N ASP B 152 18.52 -41.44 -15.35
CA ASP B 152 18.67 -40.52 -16.46
C ASP B 152 18.28 -39.11 -16.02
N PHE B 153 19.10 -38.14 -16.40
CA PHE B 153 18.88 -36.77 -15.96
C PHE B 153 17.71 -36.08 -16.66
N SER B 154 17.20 -36.66 -17.75
CA SER B 154 15.94 -36.16 -18.32
C SER B 154 14.78 -36.40 -17.35
N SER B 155 14.71 -37.61 -16.78
CA SER B 155 13.65 -37.91 -15.81
C SER B 155 13.88 -37.18 -14.50
N LEU B 156 15.14 -37.00 -14.10
CA LEU B 156 15.45 -36.24 -12.90
C LEU B 156 15.09 -34.77 -13.06
N SER B 157 15.37 -34.18 -14.23
CA SER B 157 15.00 -32.80 -14.47
C SER B 157 13.50 -32.63 -14.62
N ARG B 158 12.80 -33.65 -15.14
CA ARG B 158 11.34 -33.61 -15.16
C ARG B 158 10.76 -33.70 -13.76
N ALA B 159 11.39 -34.47 -12.87
CA ALA B 159 10.99 -34.50 -11.47
C ALA B 159 11.24 -33.15 -10.78
N ILE B 160 12.37 -32.52 -11.09
CA ILE B 160 12.70 -31.20 -10.55
C ILE B 160 11.70 -30.16 -11.03
N LEU B 161 11.31 -30.23 -12.31
CA LEU B 161 10.28 -29.35 -12.85
C LEU B 161 8.92 -29.61 -12.24
N ASP B 162 8.62 -30.87 -11.89
CA ASP B 162 7.39 -31.18 -11.18
C ASP B 162 7.37 -30.58 -9.77
N LEU B 163 8.51 -30.59 -9.10
CA LEU B 163 8.60 -29.93 -7.79
C LEU B 163 8.55 -28.40 -7.91
N VAL B 164 9.07 -27.85 -9.01
CA VAL B 164 8.95 -26.40 -9.24
C VAL B 164 7.49 -26.01 -9.48
N GLN B 165 6.77 -26.81 -10.29
CA GLN B 165 5.35 -26.55 -10.52
C GLN B 165 4.51 -26.81 -9.27
N PHE B 166 4.96 -27.69 -8.39
CA PHE B 166 4.23 -27.93 -7.15
C PHE B 166 4.42 -26.79 -6.15
N PHE B 167 5.61 -26.20 -6.10
CA PHE B 167 5.93 -25.18 -5.11
C PHE B 167 5.49 -23.79 -5.52
N LYS B 168 4.88 -23.64 -6.69
CA LYS B 168 4.33 -22.39 -7.23
C LYS B 168 5.40 -21.30 -7.34
N TRP B 169 6.46 -21.61 -8.08
CA TRP B 169 7.58 -20.70 -8.22
C TRP B 169 7.48 -19.92 -9.53
N LYS B 170 8.12 -18.75 -9.53
CA LYS B 170 8.17 -17.89 -10.71
C LYS B 170 9.59 -17.58 -11.15
N THR B 171 10.48 -17.29 -10.21
CA THR B 171 11.87 -16.95 -10.51
C THR B 171 12.76 -18.00 -9.86
N VAL B 172 13.55 -18.68 -10.69
CA VAL B 172 14.43 -19.76 -10.25
C VAL B 172 15.85 -19.43 -10.67
N THR B 173 16.77 -19.44 -9.72
CA THR B 173 18.19 -19.31 -10.02
C THR B 173 18.83 -20.69 -9.97
N VAL B 174 19.38 -21.13 -11.10
CA VAL B 174 20.01 -22.44 -11.21
C VAL B 174 21.51 -22.25 -11.15
N VAL B 175 22.13 -22.79 -10.11
CA VAL B 175 23.58 -22.69 -9.92
C VAL B 175 24.16 -24.07 -10.17
N TYR B 176 25.08 -24.15 -11.14
CA TYR B 176 25.69 -25.41 -11.53
C TYR B 176 27.20 -25.35 -11.34
N ASP B 177 27.81 -26.51 -11.13
CA ASP B 177 29.22 -26.57 -10.77
C ASP B 177 30.13 -26.76 -11.98
N ASP B 178 29.98 -27.87 -12.69
CA ASP B 178 30.74 -28.15 -13.88
C ASP B 178 29.87 -27.95 -15.11
N SER B 179 30.52 -27.71 -16.25
CA SER B 179 29.82 -27.30 -17.47
C SER B 179 28.92 -28.41 -18.01
N THR B 180 29.31 -29.68 -17.82
CA THR B 180 28.52 -30.82 -18.27
C THR B 180 27.17 -30.93 -17.58
N GLY B 181 27.02 -30.31 -16.39
CA GLY B 181 25.73 -30.19 -15.73
C GLY B 181 24.72 -29.38 -16.52
N LEU B 182 25.18 -28.48 -17.40
CA LEU B 182 24.30 -27.82 -18.35
C LEU B 182 23.65 -28.82 -19.31
N ILE B 183 24.36 -29.90 -19.63
CA ILE B 183 23.74 -31.01 -20.35
C ILE B 183 22.76 -31.73 -19.43
N ARG B 184 23.09 -31.85 -18.14
CA ARG B 184 22.26 -32.60 -17.21
C ARG B 184 21.00 -31.86 -16.81
N LEU B 185 20.91 -30.56 -17.06
CA LEU B 185 19.75 -29.76 -16.74
C LEU B 185 19.10 -29.24 -18.01
N GLN B 186 18.98 -30.10 -19.02
CA GLN B 186 18.48 -29.71 -20.33
C GLN B 186 16.99 -29.37 -20.29
N GLU B 187 16.22 -30.15 -19.53
CA GLU B 187 14.78 -29.92 -19.47
C GLU B 187 14.44 -28.67 -18.69
N LEU B 188 15.23 -28.33 -17.67
CA LEU B 188 15.02 -27.09 -16.93
C LEU B 188 15.31 -25.87 -17.81
N ILE B 189 16.32 -25.96 -18.66
CA ILE B 189 16.65 -24.87 -19.58
C ILE B 189 15.58 -24.75 -20.66
N LYS B 190 15.07 -25.87 -21.15
CA LYS B 190 14.00 -25.83 -22.15
C LYS B 190 12.63 -25.49 -21.56
N ALA B 191 12.50 -25.57 -20.23
CA ALA B 191 11.21 -25.32 -19.57
C ALA B 191 10.59 -23.92 -19.71
N PRO B 192 11.30 -22.77 -19.65
CA PRO B 192 10.59 -21.48 -19.77
C PRO B 192 9.93 -21.21 -21.12
N SER B 193 10.25 -21.95 -22.18
CA SER B 193 9.45 -21.87 -23.39
C SER B 193 8.06 -22.47 -23.17
N ARG B 194 7.97 -23.52 -22.36
CA ARG B 194 6.73 -24.25 -22.17
C ARG B 194 5.91 -23.75 -20.98
N TYR B 195 6.46 -22.86 -20.15
CA TYR B 195 5.75 -22.37 -18.97
C TYR B 195 6.03 -20.88 -18.81
N ASN B 196 5.68 -20.36 -17.64
CA ASN B 196 5.86 -18.94 -17.32
C ASN B 196 6.88 -18.77 -16.18
N LEU B 197 7.97 -19.52 -16.25
CA LEU B 197 8.95 -19.59 -15.17
C LEU B 197 10.20 -18.83 -15.60
N ARG B 198 10.44 -17.68 -14.97
CA ARG B 198 11.67 -16.94 -15.23
C ARG B 198 12.84 -17.64 -14.55
N LEU B 199 13.98 -17.67 -15.24
CA LEU B 199 15.07 -18.55 -14.84
C LEU B 199 16.41 -17.89 -15.13
N LYS B 200 17.19 -17.66 -14.08
CA LYS B 200 18.56 -17.19 -14.20
C LYS B 200 19.51 -18.37 -13.99
N ILE B 201 20.71 -18.25 -14.56
CA ILE B 201 21.69 -19.32 -14.55
C ILE B 201 23.03 -18.76 -14.07
N ARG B 202 23.62 -19.41 -13.07
CA ARG B 202 24.90 -19.02 -12.52
C ARG B 202 25.80 -20.23 -12.34
N GLN B 203 27.11 -20.00 -12.40
CA GLN B 203 28.10 -21.05 -12.34
C GLN B 203 29.02 -20.82 -11.14
N LEU B 204 29.34 -21.91 -10.44
CA LEU B 204 30.33 -21.86 -9.38
C LEU B 204 31.73 -21.66 -9.96
N PRO B 205 32.66 -21.10 -9.17
CA PRO B 205 34.06 -21.05 -9.61
C PRO B 205 34.75 -22.41 -9.58
N ALA B 206 36.03 -22.42 -9.99
CA ALA B 206 36.79 -23.67 -10.04
C ALA B 206 37.09 -24.22 -8.64
N ASP B 207 37.23 -23.35 -7.65
CA ASP B 207 37.40 -23.75 -6.27
C ASP B 207 36.08 -23.59 -5.52
N THR B 208 35.86 -24.46 -4.53
CA THR B 208 34.63 -24.41 -3.75
C THR B 208 34.61 -23.23 -2.78
N LYS B 209 35.79 -22.77 -2.34
CA LYS B 209 35.88 -21.72 -1.34
C LYS B 209 35.68 -20.33 -1.90
N ASP B 210 35.58 -20.18 -3.22
CA ASP B 210 35.40 -18.88 -3.85
C ASP B 210 33.90 -18.60 -4.12
N ALA B 211 33.02 -19.23 -3.35
CA ALA B 211 31.58 -19.02 -3.52
C ALA B 211 31.08 -17.77 -2.84
N LYS B 212 31.93 -17.08 -2.06
CA LYS B 212 31.51 -15.85 -1.39
C LYS B 212 31.13 -14.68 -2.31
N PRO B 213 31.87 -14.33 -3.39
CA PRO B 213 31.33 -13.27 -4.28
C PRO B 213 30.10 -13.69 -5.06
N LEU B 214 29.98 -14.98 -5.38
CA LEU B 214 28.78 -15.48 -6.02
C LEU B 214 27.57 -15.37 -5.11
N LEU B 215 27.73 -15.71 -3.83
CA LEU B 215 26.62 -15.59 -2.89
C LEU B 215 26.33 -14.14 -2.53
N LYS B 216 27.36 -13.28 -2.56
CA LYS B 216 27.15 -11.84 -2.39
C LYS B 216 26.33 -11.26 -3.53
N GLU B 217 26.60 -11.70 -4.76
CA GLU B 217 25.75 -11.32 -5.88
C GLU B 217 24.39 -12.02 -5.83
N MET B 218 24.30 -13.17 -5.14
CA MET B 218 23.03 -13.88 -5.03
C MET B 218 22.06 -13.16 -4.09
N LYS B 219 22.57 -12.68 -2.94
CA LYS B 219 21.68 -12.03 -1.99
C LYS B 219 21.29 -10.62 -2.44
N ARG B 220 22.02 -10.03 -3.36
CA ARG B 220 21.53 -8.87 -4.08
C ARG B 220 20.60 -9.32 -5.19
N GLY B 221 19.53 -8.56 -5.42
CA GLY B 221 18.52 -8.96 -6.36
C GLY B 221 17.46 -9.89 -5.81
N LYS B 222 17.60 -10.30 -4.55
CA LYS B 222 16.58 -11.02 -3.76
C LYS B 222 16.22 -12.38 -4.37
N GLU B 223 17.18 -13.03 -5.03
CA GLU B 223 16.94 -14.35 -5.60
C GLU B 223 16.97 -15.37 -4.47
N PHE B 224 15.82 -15.97 -4.18
CA PHE B 224 15.68 -16.88 -3.05
C PHE B 224 15.52 -18.33 -3.46
N HIS B 225 14.83 -18.61 -4.56
CA HIS B 225 14.56 -20.00 -4.97
C HIS B 225 15.71 -20.47 -5.84
N VAL B 226 16.61 -21.24 -5.26
CA VAL B 226 17.87 -21.63 -5.88
C VAL B 226 17.87 -23.14 -6.06
N ILE B 227 18.22 -23.59 -7.26
CA ILE B 227 18.43 -24.99 -7.55
C ILE B 227 19.93 -25.22 -7.68
N PHE B 228 20.50 -25.98 -6.76
CA PHE B 228 21.93 -26.27 -6.75
C PHE B 228 22.17 -27.62 -7.43
N ASP B 229 23.09 -27.65 -8.38
CA ASP B 229 23.44 -28.89 -9.08
C ASP B 229 24.94 -29.12 -8.96
N CYS B 230 25.33 -29.96 -8.01
CA CYS B 230 26.73 -30.30 -7.77
C CYS B 230 26.78 -31.63 -7.04
N SER B 231 27.99 -32.04 -6.68
CA SER B 231 28.16 -33.17 -5.78
C SER B 231 27.83 -32.75 -4.35
N HIS B 232 27.70 -33.75 -3.47
CA HIS B 232 27.29 -33.47 -2.10
C HIS B 232 28.38 -32.81 -1.27
N GLU B 233 29.66 -33.02 -1.61
CA GLU B 233 30.74 -32.32 -0.94
C GLU B 233 30.75 -30.84 -1.27
N MET B 234 30.54 -30.51 -2.56
CA MET B 234 30.36 -29.13 -2.97
C MET B 234 29.09 -28.54 -2.41
N ALA B 235 28.04 -29.35 -2.24
CA ALA B 235 26.81 -28.89 -1.61
C ALA B 235 27.03 -28.56 -0.14
N ALA B 236 27.85 -29.35 0.56
CA ALA B 236 28.20 -29.06 1.95
C ALA B 236 29.02 -27.78 2.05
N GLY B 237 29.95 -27.57 1.12
CA GLY B 237 30.71 -26.32 1.10
C GLY B 237 29.85 -25.10 0.81
N ILE B 238 28.89 -25.25 -0.11
CA ILE B 238 27.93 -24.19 -0.43
C ILE B 238 27.07 -23.87 0.78
N LEU B 239 26.59 -24.90 1.48
CA LEU B 239 25.72 -24.69 2.65
C LEU B 239 26.48 -24.06 3.82
N LYS B 240 27.75 -24.44 4.00
CA LYS B 240 28.57 -23.84 5.04
C LYS B 240 28.87 -22.37 4.75
N GLN B 241 29.24 -22.05 3.50
CA GLN B 241 29.52 -20.67 3.16
C GLN B 241 28.26 -19.83 3.04
N ALA B 242 27.10 -20.46 2.82
CA ALA B 242 25.83 -19.73 2.86
C ALA B 242 25.38 -19.46 4.28
N LEU B 243 25.68 -20.37 5.21
CA LEU B 243 25.48 -20.07 6.63
C LEU B 243 26.39 -18.95 7.09
N ALA B 244 27.64 -18.94 6.59
CA ALA B 244 28.56 -17.85 6.92
C ALA B 244 28.13 -16.52 6.28
N MET B 245 27.44 -16.57 5.15
CA MET B 245 26.98 -15.36 4.47
C MET B 245 25.61 -14.89 4.92
N GLY B 246 24.99 -15.59 5.89
CA GLY B 246 23.69 -15.18 6.38
C GLY B 246 22.54 -15.45 5.44
N MET B 247 22.69 -16.39 4.52
CA MET B 247 21.63 -16.69 3.57
C MET B 247 20.60 -17.67 4.13
N MET B 248 20.86 -18.30 5.27
CA MET B 248 20.02 -19.38 5.76
C MET B 248 18.99 -18.82 6.74
N THR B 249 17.94 -18.23 6.18
CA THR B 249 16.79 -17.73 6.92
C THR B 249 15.55 -18.52 6.51
N GLU B 250 14.39 -18.07 6.98
CA GLU B 250 13.14 -18.69 6.60
C GLU B 250 12.65 -18.24 5.23
N TYR B 251 13.25 -17.19 4.66
CA TYR B 251 12.83 -16.70 3.35
C TYR B 251 13.32 -17.59 2.22
N TYR B 252 14.49 -18.21 2.37
CA TYR B 252 15.15 -18.87 1.27
C TYR B 252 14.58 -20.27 1.06
N HIS B 253 14.96 -20.87 -0.07
CA HIS B 253 14.55 -22.23 -0.42
C HIS B 253 15.58 -22.83 -1.35
N TYR B 254 16.06 -24.02 -1.04
CA TYR B 254 17.07 -24.71 -1.82
C TYR B 254 16.55 -26.05 -2.30
N ILE B 255 16.84 -26.38 -3.56
CA ILE B 255 16.55 -27.69 -4.12
C ILE B 255 17.86 -28.26 -4.66
N PHE B 256 18.23 -29.45 -4.20
CA PHE B 256 19.46 -30.09 -4.60
C PHE B 256 19.17 -31.21 -5.59
N THR B 257 19.90 -31.21 -6.71
CA THR B 257 19.73 -32.25 -7.72
C THR B 257 20.52 -33.51 -7.42
N THR B 258 21.33 -33.51 -6.36
CA THR B 258 22.10 -34.67 -6.00
C THR B 258 21.21 -35.73 -5.36
N LEU B 259 21.74 -36.95 -5.26
CA LEU B 259 21.05 -38.05 -4.61
C LEU B 259 21.72 -38.45 -3.30
N ASP B 260 22.60 -37.59 -2.77
CA ASP B 260 23.30 -37.88 -1.53
C ASP B 260 22.99 -36.80 -0.49
N LEU B 261 21.72 -36.43 -0.35
CA LEU B 261 21.35 -35.42 0.63
C LEU B 261 21.43 -35.95 2.06
N PHE B 262 21.35 -37.27 2.26
CA PHE B 262 21.52 -37.83 3.60
C PHE B 262 22.97 -37.78 4.08
N ALA B 263 23.93 -37.61 3.17
CA ALA B 263 25.33 -37.51 3.59
C ALA B 263 25.62 -36.19 4.29
N LEU B 264 24.82 -35.16 4.03
CA LEU B 264 25.00 -33.89 4.72
C LEU B 264 24.50 -33.99 6.16
N ASP B 265 25.14 -33.22 7.04
CA ASP B 265 24.73 -33.13 8.44
C ASP B 265 23.92 -31.85 8.59
N VAL B 266 22.63 -32.00 8.89
CA VAL B 266 21.73 -30.87 9.00
C VAL B 266 21.56 -30.43 10.46
N GLU B 267 22.49 -30.81 11.33
CA GLU B 267 22.48 -30.35 12.72
C GLU B 267 22.62 -28.83 12.90
N PRO B 268 23.54 -28.11 12.25
CA PRO B 268 23.53 -26.64 12.41
C PRO B 268 22.56 -25.90 11.51
N TYR B 269 21.64 -26.60 10.83
CA TYR B 269 20.66 -25.93 9.98
C TYR B 269 19.22 -26.32 10.31
N ARG B 270 19.02 -27.08 11.40
CA ARG B 270 17.69 -27.64 11.68
C ARG B 270 16.74 -26.59 12.22
N TYR B 271 17.20 -25.69 13.08
CA TYR B 271 16.34 -24.70 13.71
C TYR B 271 16.25 -23.41 12.90
N SER B 272 16.96 -23.30 11.79
CA SER B 272 17.02 -22.06 11.03
C SER B 272 15.77 -21.80 10.20
N GLY B 273 14.90 -22.79 10.03
CA GLY B 273 13.69 -22.58 9.26
C GLY B 273 13.89 -22.55 7.76
N VAL B 274 15.01 -23.05 7.28
CA VAL B 274 15.28 -23.08 5.84
C VAL B 274 14.53 -24.26 5.23
N ASN B 275 13.76 -23.99 4.18
CA ASN B 275 13.03 -25.04 3.47
C ASN B 275 13.96 -25.64 2.42
N MET B 276 14.53 -26.79 2.73
CA MET B 276 15.38 -27.53 1.81
C MET B 276 14.65 -28.78 1.33
N THR B 277 14.79 -29.08 0.05
CA THR B 277 14.07 -30.21 -0.55
C THR B 277 15.03 -30.96 -1.46
N GLY B 278 15.01 -32.29 -1.38
CA GLY B 278 15.88 -33.11 -2.20
C GLY B 278 15.28 -34.46 -2.55
N PHE B 279 16.06 -35.30 -3.21
CA PHE B 279 15.60 -36.59 -3.71
C PHE B 279 16.44 -37.71 -3.10
N ARG B 280 15.77 -38.83 -2.83
CA ARG B 280 16.43 -40.03 -2.32
C ARG B 280 15.99 -41.22 -3.16
N ILE B 281 16.96 -42.00 -3.64
CA ILE B 281 16.66 -43.24 -4.34
C ILE B 281 16.80 -44.44 -3.39
N LEU B 282 17.49 -44.28 -2.27
CA LEU B 282 17.72 -45.37 -1.34
C LEU B 282 16.44 -45.74 -0.60
N ASN B 283 16.26 -47.03 -0.37
CA ASN B 283 15.10 -47.53 0.36
C ASN B 283 15.47 -47.74 1.82
N THR B 284 15.73 -46.62 2.50
CA THR B 284 16.20 -46.66 3.89
C THR B 284 15.11 -47.06 4.86
N GLU B 285 13.84 -46.99 4.45
CA GLU B 285 12.75 -47.47 5.32
C GLU B 285 12.72 -48.98 5.38
N ASN B 286 13.25 -49.67 4.36
CA ASN B 286 13.28 -51.12 4.36
C ASN B 286 14.31 -51.64 5.36
N THR B 287 13.93 -52.69 6.08
CA THR B 287 14.81 -53.24 7.12
C THR B 287 15.97 -54.03 6.52
N GLN B 288 15.76 -54.66 5.37
CA GLN B 288 16.83 -55.40 4.71
C GLN B 288 17.92 -54.47 4.20
N VAL B 289 17.52 -53.33 3.61
CA VAL B 289 18.47 -52.35 3.10
C VAL B 289 19.22 -51.69 4.26
N SER B 290 18.54 -51.42 5.37
CA SER B 290 19.19 -50.86 6.55
C SER B 290 20.13 -51.88 7.20
N SER B 291 19.79 -53.18 7.12
CA SER B 291 20.70 -54.21 7.61
C SER B 291 21.94 -54.31 6.74
N ILE B 292 21.79 -54.16 5.42
CA ILE B 292 22.94 -54.10 4.51
C ILE B 292 23.78 -52.85 4.77
N ILE B 293 23.13 -51.74 5.12
CA ILE B 293 23.82 -50.50 5.49
C ILE B 293 24.64 -50.70 6.76
N GLU B 294 24.05 -51.37 7.76
CA GLU B 294 24.78 -51.67 8.99
C GLU B 294 25.91 -52.68 8.78
N LYS B 295 25.74 -53.59 7.81
CA LYS B 295 26.83 -54.50 7.45
C LYS B 295 27.97 -53.74 6.77
N TRP B 296 27.63 -52.78 5.91
CA TRP B 296 28.64 -51.97 5.22
C TRP B 296 29.28 -50.93 6.12
N SER B 297 28.64 -50.61 7.25
CA SER B 297 29.14 -49.56 8.14
C SER B 297 30.45 -49.94 8.82
N MET B 298 30.70 -51.24 9.02
CA MET B 298 31.96 -51.67 9.62
C MET B 298 33.14 -51.43 8.67
N GLU B 299 32.98 -51.82 7.40
CA GLU B 299 34.00 -51.54 6.39
C GLU B 299 34.08 -50.07 6.05
N ARG B 300 32.99 -49.31 6.26
CA ARG B 300 33.06 -47.87 6.14
C ARG B 300 33.89 -47.27 7.27
N LEU B 301 33.67 -47.72 8.50
CA LEU B 301 34.40 -47.22 9.67
C LEU B 301 35.83 -47.73 9.76
N GLN B 302 36.20 -48.72 8.95
CA GLN B 302 37.61 -49.09 8.84
C GLN B 302 38.43 -47.99 8.17
N ALA B 303 37.81 -47.17 7.32
CA ALA B 303 38.47 -46.02 6.70
C ALA B 303 37.85 -44.74 7.22
N PRO B 304 38.48 -44.04 8.16
CA PRO B 304 37.83 -42.88 8.80
C PRO B 304 37.83 -41.66 7.89
N PRO B 305 36.70 -40.93 7.83
CA PRO B 305 36.63 -39.75 6.97
C PRO B 305 37.09 -38.48 7.67
N LYS B 306 37.02 -37.35 6.97
CA LYS B 306 37.34 -36.06 7.54
C LYS B 306 36.08 -35.42 8.12
N PRO B 307 36.07 -35.02 9.38
CA PRO B 307 34.90 -34.32 9.95
C PRO B 307 34.87 -32.82 9.71
N ASP B 308 35.75 -32.28 8.86
CA ASP B 308 35.77 -30.86 8.60
C ASP B 308 34.63 -30.42 7.67
N SER B 309 34.28 -31.28 6.71
CA SER B 309 33.35 -30.92 5.65
C SER B 309 31.89 -31.05 6.05
N GLY B 310 31.60 -31.53 7.25
CA GLY B 310 30.22 -31.68 7.67
C GLY B 310 29.49 -32.85 7.03
N LEU B 311 30.22 -33.86 6.58
CA LEU B 311 29.62 -35.05 5.99
C LEU B 311 29.51 -36.14 7.03
N LEU B 312 28.31 -36.72 7.14
CA LEU B 312 28.06 -37.75 8.14
C LEU B 312 28.72 -39.06 7.75
N ASP B 313 29.42 -39.68 8.69
CA ASP B 313 30.07 -40.96 8.47
C ASP B 313 29.05 -42.10 8.59
N GLY B 314 29.47 -43.28 8.14
CA GLY B 314 28.65 -44.47 8.27
C GLY B 314 27.47 -44.54 7.33
N PHE B 315 27.53 -43.86 6.18
CA PHE B 315 26.43 -43.85 5.22
C PHE B 315 26.88 -44.43 3.89
N MET B 316 25.92 -44.60 3.00
CA MET B 316 26.15 -45.14 1.66
C MET B 316 26.20 -44.01 0.65
N THR B 317 27.29 -43.95 -0.11
CA THR B 317 27.30 -43.16 -1.33
C THR B 317 26.36 -43.83 -2.33
N THR B 318 25.65 -43.01 -3.12
CA THR B 318 24.74 -43.52 -4.13
C THR B 318 25.47 -44.26 -5.24
N ASP B 319 26.70 -43.85 -5.54
CA ASP B 319 27.58 -44.59 -6.43
C ASP B 319 27.91 -45.98 -5.86
N ALA B 320 28.15 -46.05 -4.55
CA ALA B 320 28.44 -47.33 -3.92
C ALA B 320 27.20 -48.22 -3.87
N ALA B 321 26.02 -47.64 -3.68
CA ALA B 321 24.78 -48.42 -3.68
C ALA B 321 24.46 -48.93 -5.08
N LEU B 322 24.73 -48.13 -6.10
CA LEU B 322 24.53 -48.60 -7.47
C LEU B 322 25.56 -49.64 -7.86
N MET B 323 26.78 -49.54 -7.33
CA MET B 323 27.78 -50.58 -7.54
C MET B 323 27.41 -51.87 -6.82
N TYR B 324 26.73 -51.76 -5.67
CA TYR B 324 26.16 -52.93 -5.00
C TYR B 324 25.08 -53.58 -5.86
N ASP B 325 24.18 -52.76 -6.40
CA ASP B 325 23.04 -53.30 -7.14
C ASP B 325 23.39 -53.79 -8.54
N ALA B 326 24.51 -53.32 -9.10
CA ALA B 326 24.90 -53.70 -10.46
C ALA B 326 25.29 -55.17 -10.55
N VAL B 327 26.11 -55.65 -9.61
CA VAL B 327 26.50 -57.05 -9.64
C VAL B 327 25.33 -57.95 -9.22
N HIS B 328 24.35 -57.41 -8.47
CA HIS B 328 23.14 -58.17 -8.17
C HIS B 328 22.25 -58.33 -9.40
N VAL B 329 22.14 -57.27 -10.22
CA VAL B 329 21.30 -57.43 -11.41
C VAL B 329 22.02 -58.26 -12.48
N VAL B 330 23.35 -58.24 -12.51
CA VAL B 330 24.07 -59.16 -13.38
C VAL B 330 23.96 -60.60 -12.87
N SER B 331 23.95 -60.78 -11.55
CA SER B 331 23.85 -62.12 -10.97
C SER B 331 22.45 -62.71 -11.11
N VAL B 332 21.42 -61.88 -11.21
CA VAL B 332 20.10 -62.43 -11.51
C VAL B 332 19.91 -62.56 -13.03
N ALA B 333 20.67 -61.80 -13.83
CA ALA B 333 20.62 -62.00 -15.28
C ALA B 333 21.35 -63.26 -15.71
N VAL B 334 22.37 -63.69 -14.95
CA VAL B 334 23.15 -64.87 -15.33
C VAL B 334 22.49 -66.16 -14.88
N GLN B 335 21.40 -66.06 -14.11
CA GLN B 335 20.66 -67.25 -13.67
C GLN B 335 19.97 -67.96 -14.82
N GLN B 336 19.55 -67.21 -15.86
CA GLN B 336 18.89 -67.83 -17.00
C GLN B 336 19.86 -68.43 -18.00
N PHE B 337 21.15 -68.10 -17.91
CA PHE B 337 22.15 -68.60 -18.85
C PHE B 337 23.19 -69.43 -18.12
N PRO B 338 23.05 -70.76 -18.10
CA PRO B 338 24.06 -71.60 -17.44
C PRO B 338 25.25 -71.97 -18.32
N GLN B 339 25.29 -71.50 -19.56
CA GLN B 339 26.34 -71.86 -20.52
C GLN B 339 27.38 -70.76 -20.68
N MET B 340 27.73 -70.08 -19.58
CA MET B 340 28.66 -68.96 -19.63
C MET B 340 30.09 -69.47 -19.64
N THR B 341 30.50 -70.00 -20.79
CA THR B 341 31.88 -70.40 -21.01
C THR B 341 32.69 -69.14 -21.27
N VAL B 342 33.41 -68.67 -20.26
CA VAL B 342 34.09 -67.38 -20.33
C VAL B 342 35.38 -67.58 -21.14
N SER B 343 35.41 -66.99 -22.33
CA SER B 343 36.52 -67.15 -23.26
C SER B 343 37.33 -65.86 -23.31
N SER B 344 38.65 -65.99 -23.20
CA SER B 344 39.54 -64.84 -23.27
C SER B 344 39.67 -64.38 -24.71
N LEU B 345 39.39 -63.09 -24.93
CA LEU B 345 39.51 -62.49 -26.25
C LEU B 345 40.76 -61.63 -26.34
N GLN B 346 41.10 -61.21 -27.56
CA GLN B 346 42.31 -60.46 -27.83
C GLN B 346 41.95 -59.09 -28.39
N CYS B 347 42.73 -58.07 -28.02
CA CYS B 347 42.55 -56.74 -28.58
C CYS B 347 43.27 -56.55 -29.91
N ASN B 348 44.09 -57.51 -30.34
CA ASN B 348 44.76 -57.43 -31.62
C ASN B 348 43.88 -57.88 -32.78
N ARG B 349 42.74 -58.51 -32.48
CA ARG B 349 41.79 -58.94 -33.50
C ARG B 349 40.40 -58.50 -33.03
N HIS B 350 39.37 -58.99 -33.71
CA HIS B 350 37.99 -58.64 -33.39
C HIS B 350 37.12 -59.88 -33.33
N LYS B 351 37.59 -60.90 -32.64
CA LYS B 351 36.77 -62.08 -32.40
C LYS B 351 35.78 -61.77 -31.28
N PRO B 352 34.47 -61.77 -31.56
CA PRO B 352 33.51 -61.38 -30.53
C PRO B 352 33.19 -62.54 -29.60
N TRP B 353 32.51 -62.22 -28.51
CA TRP B 353 32.01 -63.23 -27.60
C TRP B 353 30.77 -63.89 -28.22
N ARG B 354 30.79 -65.22 -28.31
CA ARG B 354 29.66 -65.93 -28.90
C ARG B 354 28.45 -65.93 -27.97
N PHE B 355 28.68 -65.90 -26.66
CA PHE B 355 27.62 -65.88 -25.67
C PHE B 355 27.27 -64.46 -25.23
N GLY B 356 27.88 -63.45 -25.83
CA GLY B 356 27.70 -62.08 -25.36
C GLY B 356 26.38 -61.45 -25.70
N THR B 357 25.80 -61.81 -26.85
CA THR B 357 24.57 -61.16 -27.30
C THR B 357 23.36 -61.61 -26.47
N ARG B 358 23.26 -62.91 -26.21
CA ARG B 358 22.19 -63.45 -25.38
C ARG B 358 22.32 -62.97 -23.92
N PHE B 359 23.56 -62.89 -23.42
CA PHE B 359 23.81 -62.40 -22.07
C PHE B 359 23.49 -60.91 -21.96
N MET B 360 23.77 -60.14 -23.02
CA MET B 360 23.40 -58.73 -23.06
C MET B 360 21.89 -58.53 -23.10
N SER B 361 21.19 -59.37 -23.87
CA SER B 361 19.73 -59.29 -23.95
C SER B 361 19.10 -59.72 -22.62
N LEU B 362 19.71 -60.66 -21.92
CA LEU B 362 19.22 -61.05 -20.61
C LEU B 362 19.51 -59.99 -19.56
N ILE B 363 20.62 -59.24 -19.73
CA ILE B 363 20.90 -58.10 -18.86
C ILE B 363 19.86 -57.01 -19.06
N LYS B 364 19.51 -56.70 -20.31
CA LYS B 364 18.53 -55.66 -20.59
C LYS B 364 17.11 -56.06 -20.21
N GLU B 365 16.83 -57.36 -20.09
CA GLU B 365 15.49 -57.83 -19.75
C GLU B 365 15.32 -58.19 -18.27
N ALA B 366 16.35 -57.96 -17.45
CA ALA B 366 16.30 -58.37 -16.06
C ALA B 366 15.46 -57.41 -15.22
N HIS B 367 14.70 -57.97 -14.29
CA HIS B 367 13.92 -57.20 -13.33
C HIS B 367 14.29 -57.65 -11.93
N TRP B 368 14.73 -56.71 -11.09
CA TRP B 368 15.25 -57.03 -9.78
C TRP B 368 15.17 -55.80 -8.89
N GLU B 369 14.80 -56.00 -7.64
CA GLU B 369 14.73 -54.90 -6.67
C GLU B 369 15.93 -54.99 -5.74
N GLY B 370 16.73 -53.92 -5.71
CA GLY B 370 17.90 -53.86 -4.87
C GLY B 370 17.81 -52.78 -3.81
N LEU B 371 18.94 -52.15 -3.49
CA LEU B 371 18.94 -51.05 -2.53
C LEU B 371 18.29 -49.80 -3.08
N THR B 372 18.33 -49.60 -4.40
CA THR B 372 17.77 -48.42 -5.03
C THR B 372 16.38 -48.68 -5.62
N GLY B 373 15.59 -49.52 -4.96
CA GLY B 373 14.27 -49.84 -5.48
C GLY B 373 14.35 -50.81 -6.66
N ARG B 374 13.37 -50.70 -7.54
CA ARG B 374 13.33 -51.54 -8.74
C ARG B 374 14.39 -51.11 -9.74
N ILE B 375 14.92 -52.08 -10.47
CA ILE B 375 15.90 -51.83 -11.53
C ILE B 375 15.27 -52.33 -12.81
N THR B 376 14.55 -51.46 -13.51
CA THR B 376 14.06 -51.76 -14.84
C THR B 376 15.05 -51.17 -15.85
N PHE B 377 14.74 -51.36 -17.13
CA PHE B 377 15.63 -50.86 -18.17
C PHE B 377 14.81 -50.46 -19.39
N ASN B 378 15.21 -49.35 -20.01
CA ASN B 378 14.66 -48.97 -21.30
C ASN B 378 15.15 -49.94 -22.37
N LYS B 379 14.23 -50.34 -23.25
CA LYS B 379 14.57 -51.32 -24.28
C LYS B 379 15.41 -50.69 -25.39
N THR B 380 15.07 -49.46 -25.79
CA THR B 380 15.75 -48.82 -26.91
C THR B 380 17.14 -48.32 -26.53
N ASN B 381 17.29 -47.71 -25.36
CA ASN B 381 18.52 -47.04 -24.99
C ASN B 381 19.35 -47.77 -23.95
N GLY B 382 18.71 -48.45 -23.00
CA GLY B 382 19.43 -49.06 -21.90
C GLY B 382 19.64 -48.15 -20.71
N LEU B 383 19.25 -46.89 -20.80
CA LEU B 383 19.33 -45.99 -19.65
C LEU B 383 18.21 -46.32 -18.66
N ARG B 384 18.51 -46.17 -17.37
CA ARG B 384 17.53 -46.44 -16.33
C ARG B 384 16.58 -45.25 -16.28
N THR B 385 15.52 -45.32 -17.08
CA THR B 385 14.55 -44.24 -17.18
C THR B 385 13.43 -44.38 -16.16
N ASP B 386 12.97 -45.60 -15.92
CA ASP B 386 11.90 -45.86 -14.96
C ASP B 386 12.50 -46.22 -13.61
N PHE B 387 12.13 -45.46 -12.57
CA PHE B 387 12.60 -45.72 -11.21
C PHE B 387 11.58 -45.13 -10.24
N ASP B 388 11.92 -45.15 -8.95
CA ASP B 388 11.11 -44.55 -7.91
C ASP B 388 11.96 -43.56 -7.13
N LEU B 389 11.36 -42.44 -6.71
CA LEU B 389 12.10 -41.43 -5.96
C LEU B 389 11.30 -41.00 -4.75
N ASP B 390 12.00 -40.67 -3.66
CA ASP B 390 11.39 -40.14 -2.46
C ASP B 390 11.77 -38.67 -2.34
N VAL B 391 10.78 -37.80 -2.32
CA VAL B 391 10.99 -36.38 -2.13
C VAL B 391 11.10 -36.13 -0.64
N ILE B 392 12.31 -35.80 -0.19
CA ILE B 392 12.58 -35.55 1.22
C ILE B 392 12.72 -34.05 1.43
N SER B 393 12.47 -33.61 2.66
CA SER B 393 12.52 -32.19 2.99
C SER B 393 13.15 -32.01 4.36
N LEU B 394 13.58 -30.80 4.63
CA LEU B 394 14.21 -30.44 5.90
C LEU B 394 13.15 -29.86 6.83
N LYS B 395 12.96 -30.49 7.98
CA LYS B 395 12.02 -30.05 9.00
C LYS B 395 12.80 -29.78 10.29
N GLU B 396 12.04 -29.56 11.38
CA GLU B 396 12.65 -29.33 12.68
C GLU B 396 13.19 -30.60 13.32
N GLU B 397 12.88 -31.78 12.77
CA GLU B 397 13.42 -33.03 13.26
C GLU B 397 14.57 -33.56 12.41
N GLY B 398 14.86 -32.92 11.28
CA GLY B 398 15.89 -33.40 10.39
C GLY B 398 15.38 -33.55 8.97
N LEU B 399 15.93 -34.51 8.23
CA LEU B 399 15.50 -34.79 6.87
C LEU B 399 14.41 -35.85 6.91
N GLU B 400 13.20 -35.46 6.49
CA GLU B 400 12.02 -36.31 6.59
C GLU B 400 11.36 -36.39 5.22
N LYS B 401 10.96 -37.61 4.85
CA LYS B 401 10.33 -37.83 3.54
C LYS B 401 8.92 -37.23 3.52
N ILE B 402 8.65 -36.41 2.51
CA ILE B 402 7.36 -35.76 2.38
C ILE B 402 6.60 -36.17 1.12
N GLY B 403 7.23 -36.86 0.17
CA GLY B 403 6.47 -37.22 -1.02
C GLY B 403 7.13 -38.33 -1.82
N THR B 404 6.43 -38.72 -2.90
CA THR B 404 6.87 -39.81 -3.76
C THR B 404 6.71 -39.40 -5.22
N TRP B 405 7.74 -39.71 -6.02
CA TRP B 405 7.73 -39.42 -7.44
C TRP B 405 7.98 -40.70 -8.24
N ASP B 406 7.26 -40.82 -9.35
CA ASP B 406 7.33 -41.91 -10.31
C ASP B 406 7.10 -41.25 -11.67
N PRO B 407 7.80 -41.71 -12.72
CA PRO B 407 7.58 -41.11 -14.06
C PRO B 407 6.22 -41.42 -14.66
N ALA B 408 5.56 -42.49 -14.24
CA ALA B 408 4.25 -42.81 -14.80
C ALA B 408 3.14 -42.01 -14.12
N SER B 409 3.00 -42.16 -12.81
CA SER B 409 1.94 -41.44 -12.08
C SER B 409 2.27 -39.97 -11.94
N GLY B 410 3.50 -39.65 -11.58
CA GLY B 410 3.91 -38.26 -11.40
C GLY B 410 4.45 -37.98 -10.02
N LEU B 411 4.00 -36.89 -9.41
CA LEU B 411 4.48 -36.46 -8.10
C LEU B 411 3.29 -36.33 -7.16
N ASN B 412 3.37 -36.97 -6.00
CA ASN B 412 2.37 -36.71 -4.97
C ASN B 412 3.01 -36.69 -3.61
N MET B 413 2.67 -35.68 -2.83
CA MET B 413 3.14 -35.54 -1.45
C MET B 413 2.08 -36.05 -0.49
N THR B 414 2.54 -36.47 0.69
CA THR B 414 1.60 -36.83 1.75
C THR B 414 0.95 -35.59 2.35
N GLU B 415 1.63 -34.44 2.27
CA GLU B 415 1.04 -33.19 2.75
C GLU B 415 -0.03 -32.67 1.81
N SER B 416 0.05 -33.01 0.51
CA SER B 416 -0.93 -32.56 -0.45
C SER B 416 -2.26 -33.27 -0.26
N GLN B 417 -2.22 -34.59 -0.08
CA GLN B 417 -3.41 -35.39 0.21
C GLN B 417 -3.58 -35.63 1.70
N LYS B 418 -3.03 -34.74 2.53
CA LYS B 418 -3.23 -34.82 3.97
C LYS B 418 -4.68 -34.53 4.36
N GLY B 419 -5.30 -33.54 3.72
CA GLY B 419 -6.67 -33.22 3.99
C GLY B 419 -7.64 -34.19 3.33
N LYS B 420 -8.22 -35.08 4.11
CA LYS B 420 -9.21 -36.03 3.62
C LYS B 420 -10.57 -35.36 3.50
N PRO B 421 -11.39 -35.77 2.53
CA PRO B 421 -12.73 -35.17 2.41
C PRO B 421 -13.67 -35.62 3.52
N ALA B 422 -14.36 -34.65 4.11
CA ALA B 422 -15.36 -34.89 5.15
C ALA B 422 -16.58 -34.07 4.76
N ASN B 423 -17.54 -34.73 4.10
CA ASN B 423 -18.70 -34.02 3.55
C ASN B 423 -19.67 -33.64 4.66
N ILE B 424 -20.11 -32.39 4.65
CA ILE B 424 -21.07 -31.88 5.61
C ILE B 424 -22.40 -31.53 4.99
N THR B 425 -22.53 -31.63 3.66
CA THR B 425 -23.80 -31.44 2.98
C THR B 425 -24.65 -32.71 2.95
N ASP B 426 -24.07 -33.85 3.34
CA ASP B 426 -24.84 -35.09 3.43
C ASP B 426 -25.71 -35.12 4.68
N SER B 427 -25.25 -34.53 5.78
CA SER B 427 -26.05 -34.47 7.00
C SER B 427 -27.21 -33.50 6.86
N LEU B 428 -27.06 -32.45 6.05
CA LEU B 428 -28.16 -31.54 5.77
C LEU B 428 -29.18 -32.13 4.81
N SER B 429 -28.81 -33.18 4.07
CA SER B 429 -29.77 -33.90 3.25
C SER B 429 -30.68 -34.74 4.13
N ASN B 430 -31.96 -34.85 3.72
CA ASN B 430 -33.06 -35.45 4.49
C ASN B 430 -33.19 -34.82 5.88
N ARG B 431 -33.07 -33.49 5.92
CA ARG B 431 -33.11 -32.72 7.14
C ARG B 431 -33.86 -31.42 6.84
N SER B 432 -34.41 -30.80 7.87
CA SER B 432 -35.10 -29.52 7.71
C SER B 432 -34.08 -28.42 7.43
N LEU B 433 -34.28 -27.69 6.33
CA LEU B 433 -33.39 -26.61 5.95
C LEU B 433 -33.86 -25.32 6.61
N ILE B 434 -32.98 -24.68 7.36
CA ILE B 434 -33.34 -23.47 8.11
C ILE B 434 -33.08 -22.28 7.18
N VAL B 435 -34.06 -22.00 6.35
CA VAL B 435 -34.06 -20.82 5.49
C VAL B 435 -35.15 -19.90 6.00
N THR B 436 -34.77 -18.75 6.55
CA THR B 436 -35.70 -17.81 7.16
C THR B 436 -35.85 -16.59 6.27
N THR B 437 -37.09 -16.18 6.04
CA THR B 437 -37.42 -15.06 5.16
C THR B 437 -38.09 -13.95 5.99
N ILE B 438 -38.60 -12.94 5.31
CA ILE B 438 -39.21 -11.80 5.98
C ILE B 438 -40.63 -11.60 5.49
N LEU B 439 -41.31 -10.60 6.06
CA LEU B 439 -42.55 -10.10 5.46
C LEU B 439 -42.19 -9.36 4.18
N GLU B 440 -42.44 -10.01 3.05
CA GLU B 440 -42.04 -9.53 1.74
C GLU B 440 -43.09 -8.57 1.19
N GLU B 441 -43.09 -8.37 -0.12
CA GLU B 441 -44.15 -7.68 -0.83
C GLU B 441 -45.49 -8.38 -0.56
N PRO B 442 -46.60 -7.62 -0.45
CA PRO B 442 -47.84 -8.18 0.16
C PRO B 442 -48.55 -9.27 -0.64
N TYR B 443 -48.01 -9.74 -1.77
CA TYR B 443 -48.31 -11.08 -2.23
C TYR B 443 -47.91 -12.11 -1.17
N VAL B 444 -46.72 -11.95 -0.61
CA VAL B 444 -46.26 -12.79 0.49
C VAL B 444 -46.71 -12.15 1.80
N LEU B 445 -47.50 -12.89 2.57
CA LEU B 445 -48.02 -12.41 3.84
C LEU B 445 -48.33 -13.63 4.70
N PHE B 446 -48.89 -13.38 5.89
CA PHE B 446 -49.37 -14.46 6.75
C PHE B 446 -50.54 -15.17 6.10
N LYS B 447 -50.59 -16.49 6.27
CA LYS B 447 -51.65 -17.30 5.68
C LYS B 447 -52.95 -17.02 6.41
N LYS B 448 -53.86 -16.30 5.76
CA LYS B 448 -55.07 -15.78 6.40
C LYS B 448 -56.06 -16.91 6.61
N SER B 449 -56.04 -17.48 7.81
CA SER B 449 -56.95 -18.55 8.19
C SER B 449 -57.11 -18.54 9.70
N ASP B 450 -58.13 -19.23 10.18
CA ASP B 450 -58.36 -19.33 11.62
C ASP B 450 -57.46 -20.34 12.30
N LYS B 451 -56.71 -21.14 11.53
CA LYS B 451 -55.73 -22.06 12.09
C LYS B 451 -54.37 -21.41 12.09
N PRO B 452 -53.70 -21.28 13.24
CA PRO B 452 -52.33 -20.73 13.24
C PRO B 452 -51.31 -21.71 12.69
N LEU B 453 -51.21 -21.79 11.37
CA LEU B 453 -50.34 -22.75 10.72
C LEU B 453 -48.90 -22.28 10.72
N TYR B 454 -47.98 -23.20 10.98
CA TYR B 454 -46.55 -22.91 11.05
C TYR B 454 -45.77 -23.95 10.25
N GLY B 455 -44.46 -23.76 10.17
CA GLY B 455 -43.59 -24.72 9.49
C GLY B 455 -43.44 -24.39 8.03
N ASN B 456 -43.71 -25.37 7.16
CA ASN B 456 -43.62 -25.16 5.72
C ASN B 456 -44.74 -24.26 5.21
N ASP B 457 -45.87 -24.22 5.92
CA ASP B 457 -47.01 -23.37 5.57
C ASP B 457 -47.26 -22.32 6.64
N ARG B 458 -46.16 -21.70 7.12
CA ARG B 458 -46.28 -20.62 8.09
C ARG B 458 -46.87 -19.37 7.45
N PHE B 459 -46.57 -19.13 6.17
CA PHE B 459 -47.01 -17.93 5.49
C PHE B 459 -47.74 -18.30 4.20
N GLU B 460 -48.07 -17.32 3.38
CA GLU B 460 -48.68 -17.59 2.09
C GLU B 460 -48.26 -16.51 1.09
N GLY B 461 -47.80 -16.95 -0.07
CA GLY B 461 -47.35 -16.04 -1.10
C GLY B 461 -46.69 -16.79 -2.22
N TYR B 462 -46.26 -16.04 -3.24
CA TYR B 462 -45.60 -16.63 -4.39
C TYR B 462 -44.24 -17.20 -4.01
N CYS B 463 -43.52 -16.50 -3.13
CA CYS B 463 -42.26 -17.04 -2.61
C CYS B 463 -42.52 -18.19 -1.66
N ILE B 464 -43.60 -18.12 -0.87
CA ILE B 464 -43.90 -19.18 0.11
C ILE B 464 -44.35 -20.45 -0.60
N ASP B 465 -45.24 -20.32 -1.59
CA ASP B 465 -45.67 -21.49 -2.35
C ASP B 465 -44.56 -22.01 -3.26
N LEU B 466 -43.68 -21.12 -3.75
CA LEU B 466 -42.53 -21.56 -4.54
C LEU B 466 -41.54 -22.34 -3.68
N LEU B 467 -41.31 -21.88 -2.44
CA LEU B 467 -40.42 -22.63 -1.55
C LEU B 467 -41.07 -23.91 -1.05
N ARG B 468 -42.40 -23.95 -0.94
CA ARG B 468 -43.09 -25.20 -0.62
C ARG B 468 -42.96 -26.20 -1.77
N GLU B 469 -43.05 -25.72 -3.01
CA GLU B 469 -42.83 -26.58 -4.18
C GLU B 469 -41.39 -27.08 -4.25
N LEU B 470 -40.43 -26.20 -3.96
CA LEU B 470 -39.02 -26.61 -3.94
C LEU B 470 -38.70 -27.52 -2.76
N SER B 471 -39.45 -27.40 -1.67
CA SER B 471 -39.33 -28.38 -0.58
C SER B 471 -39.89 -29.73 -0.99
N THR B 472 -40.96 -29.74 -1.78
CA THR B 472 -41.49 -31.01 -2.28
C THR B 472 -40.74 -31.55 -3.48
N ILE B 473 -39.76 -30.81 -4.02
CA ILE B 473 -38.86 -31.40 -5.03
C ILE B 473 -38.02 -32.52 -4.41
N LEU B 474 -37.37 -32.25 -3.27
CA LEU B 474 -36.47 -33.22 -2.66
C LEU B 474 -36.93 -33.69 -1.29
N GLY B 475 -38.18 -33.43 -0.92
CA GLY B 475 -38.69 -33.83 0.38
C GLY B 475 -38.08 -33.10 1.55
N PHE B 476 -37.84 -31.79 1.39
CA PHE B 476 -37.21 -30.99 2.43
C PHE B 476 -38.25 -30.21 3.22
N THR B 477 -37.78 -29.53 4.26
CA THR B 477 -38.63 -28.77 5.17
C THR B 477 -37.99 -27.42 5.46
N TYR B 478 -38.77 -26.35 5.32
CA TYR B 478 -38.28 -25.00 5.55
C TYR B 478 -38.62 -24.56 6.97
N GLU B 479 -37.60 -24.18 7.73
CA GLU B 479 -37.79 -23.60 9.06
C GLU B 479 -37.91 -22.10 8.89
N ILE B 480 -39.14 -21.59 9.01
CA ILE B 480 -39.44 -20.20 8.72
C ILE B 480 -39.44 -19.40 10.02
N ARG B 481 -38.57 -18.40 10.08
CA ARG B 481 -38.53 -17.45 11.18
C ARG B 481 -38.39 -16.05 10.61
N LEU B 482 -38.64 -15.05 11.44
CA LEU B 482 -38.54 -13.66 11.04
C LEU B 482 -37.42 -12.97 11.81
N VAL B 483 -36.64 -12.15 11.10
CA VAL B 483 -35.53 -11.42 11.72
C VAL B 483 -36.09 -10.21 12.46
N GLU B 484 -35.24 -9.57 13.27
CA GLU B 484 -35.71 -8.47 14.12
C GLU B 484 -35.99 -7.22 13.32
N ASP B 485 -35.15 -6.91 12.33
CA ASP B 485 -35.31 -5.69 11.56
C ASP B 485 -36.46 -5.78 10.55
N GLY B 486 -36.69 -6.97 9.99
CA GLY B 486 -37.74 -7.15 8.99
C GLY B 486 -37.49 -6.43 7.68
N LYS B 487 -36.27 -6.48 7.17
CA LYS B 487 -35.91 -5.74 5.97
C LYS B 487 -34.82 -6.49 5.21
N TYR B 488 -34.68 -6.16 3.94
CA TYR B 488 -33.61 -6.68 3.09
C TYR B 488 -32.28 -6.14 3.57
N GLY B 489 -31.42 -6.99 4.09
CA GLY B 489 -30.19 -6.56 4.73
C GLY B 489 -29.10 -6.04 3.80
N ALA B 490 -28.81 -4.75 3.88
CA ALA B 490 -27.70 -4.15 3.17
C ALA B 490 -26.82 -3.39 4.17
N GLN B 491 -25.64 -3.00 3.72
CA GLN B 491 -24.66 -2.39 4.60
C GLN B 491 -25.04 -0.95 4.95
N ASP B 492 -24.68 -0.55 6.16
CA ASP B 492 -24.99 0.77 6.69
C ASP B 492 -23.80 1.72 6.63
N ASP B 493 -22.69 1.27 6.00
CA ASP B 493 -21.42 2.01 5.84
C ASP B 493 -20.81 2.43 7.17
N VAL B 494 -21.03 1.62 8.21
CA VAL B 494 -20.35 1.76 9.49
C VAL B 494 -19.39 0.60 9.73
N ASN B 495 -19.89 -0.63 9.56
CA ASN B 495 -19.05 -1.82 9.62
C ASN B 495 -18.63 -2.32 8.24
N GLY B 496 -19.47 -2.12 7.23
CA GLY B 496 -19.26 -2.67 5.91
C GLY B 496 -19.99 -3.97 5.66
N GLN B 497 -20.37 -4.68 6.72
CA GLN B 497 -21.15 -5.90 6.57
C GLN B 497 -22.60 -5.56 6.22
N TRP B 498 -23.21 -6.42 5.41
CA TRP B 498 -24.56 -6.21 4.90
C TRP B 498 -25.55 -6.46 6.03
N ASN B 499 -25.75 -5.42 6.84
CA ASN B 499 -26.44 -5.56 8.12
C ASN B 499 -27.95 -5.71 7.94
N GLY B 500 -28.52 -6.71 8.60
CA GLY B 500 -29.95 -6.97 8.51
C GLY B 500 -30.25 -8.45 8.44
N MET B 501 -31.06 -8.84 7.44
CA MET B 501 -31.39 -10.25 7.25
C MET B 501 -30.19 -11.04 6.72
N VAL B 502 -29.45 -10.43 5.78
CA VAL B 502 -28.31 -11.10 5.16
C VAL B 502 -27.14 -11.20 6.15
N ARG B 503 -27.07 -10.28 7.12
CA ARG B 503 -26.11 -10.42 8.22
C ARG B 503 -26.46 -11.62 9.10
N GLU B 504 -27.75 -11.85 9.33
CA GLU B 504 -28.16 -12.98 10.17
C GLU B 504 -27.99 -14.30 9.44
N LEU B 505 -28.20 -14.32 8.13
CA LEU B 505 -28.05 -15.55 7.36
C LEU B 505 -26.61 -15.80 6.91
N ILE B 506 -25.75 -14.78 6.92
CA ILE B 506 -24.40 -14.93 6.37
C ILE B 506 -23.48 -15.69 7.32
N ASP B 507 -23.83 -15.81 8.59
CA ASP B 507 -23.06 -16.58 9.55
C ASP B 507 -23.89 -17.56 10.36
N HIS B 508 -25.20 -17.36 10.47
CA HIS B 508 -26.06 -18.18 11.29
C HIS B 508 -27.21 -18.71 10.46
N LYS B 509 -27.82 -19.80 10.96
CA LYS B 509 -28.97 -20.56 10.44
C LYS B 509 -28.68 -21.33 9.16
N ALA B 510 -27.50 -21.19 8.54
CA ALA B 510 -27.16 -21.86 7.29
C ALA B 510 -25.64 -21.84 7.16
N ASP B 511 -25.15 -22.35 6.03
CA ASP B 511 -23.73 -22.30 5.74
C ASP B 511 -23.31 -20.89 5.37
N LEU B 512 -23.88 -20.36 4.29
CA LEU B 512 -23.72 -18.97 3.89
C LEU B 512 -25.09 -18.31 3.89
N ALA B 513 -25.15 -17.08 3.35
CA ALA B 513 -26.41 -16.36 3.28
C ALA B 513 -27.32 -17.00 2.23
N VAL B 514 -28.47 -17.50 2.68
CA VAL B 514 -29.44 -18.12 1.79
C VAL B 514 -30.74 -17.32 1.72
N ALA B 515 -30.77 -16.12 2.29
CA ALA B 515 -31.94 -15.27 2.18
C ALA B 515 -32.03 -14.67 0.78
N PRO B 516 -33.23 -14.60 0.20
CA PRO B 516 -33.35 -14.07 -1.17
C PRO B 516 -33.35 -12.54 -1.21
N LEU B 517 -32.56 -11.99 -2.14
CA LEU B 517 -32.46 -10.55 -2.35
C LEU B 517 -31.99 -10.32 -3.78
N ALA B 518 -32.36 -9.17 -4.34
CA ALA B 518 -32.14 -8.88 -5.76
C ALA B 518 -30.66 -8.64 -6.05
N ILE B 519 -30.23 -9.03 -7.24
CA ILE B 519 -28.81 -9.11 -7.55
C ILE B 519 -28.31 -7.70 -7.93
N THR B 520 -27.75 -7.01 -6.94
CA THR B 520 -26.97 -5.80 -7.23
C THR B 520 -25.54 -5.89 -6.70
N TYR B 521 -25.35 -6.05 -5.38
CA TYR B 521 -24.02 -6.06 -4.78
C TYR B 521 -23.73 -7.30 -3.97
N VAL B 522 -24.65 -7.72 -3.09
CA VAL B 522 -24.38 -8.86 -2.22
C VAL B 522 -24.51 -10.18 -2.99
N ARG B 523 -25.18 -10.17 -4.13
CA ARG B 523 -25.28 -11.34 -4.98
C ARG B 523 -24.25 -11.32 -6.10
N GLU B 524 -23.32 -10.35 -6.07
CA GLU B 524 -22.16 -10.35 -6.96
C GLU B 524 -20.84 -10.31 -6.20
N LYS B 525 -20.85 -10.16 -4.88
CA LYS B 525 -19.64 -10.12 -4.08
C LYS B 525 -19.55 -11.20 -3.02
N VAL B 526 -20.68 -11.73 -2.54
CA VAL B 526 -20.69 -12.72 -1.47
C VAL B 526 -21.25 -14.03 -1.97
N ILE B 527 -22.49 -14.01 -2.43
CA ILE B 527 -23.21 -15.22 -2.85
C ILE B 527 -23.63 -15.03 -4.30
N ASP B 528 -24.36 -16.01 -4.85
CA ASP B 528 -24.86 -15.93 -6.22
C ASP B 528 -26.07 -16.84 -6.35
N PHE B 529 -26.64 -16.88 -7.55
CA PHE B 529 -27.66 -17.85 -7.96
C PHE B 529 -27.74 -17.85 -9.48
N SER B 530 -28.67 -18.64 -10.00
CA SER B 530 -28.82 -18.87 -11.43
C SER B 530 -29.71 -17.80 -12.06
N LYS B 531 -30.23 -18.08 -13.26
CA LYS B 531 -31.15 -17.16 -13.92
C LYS B 531 -32.45 -17.03 -13.12
N PRO B 532 -32.91 -15.81 -12.84
CA PRO B 532 -34.02 -15.61 -11.91
C PRO B 532 -35.38 -15.93 -12.52
N PHE B 533 -36.40 -15.83 -11.68
CA PHE B 533 -37.78 -15.97 -12.15
C PHE B 533 -38.19 -14.78 -13.01
N MET B 534 -37.84 -13.57 -12.57
CA MET B 534 -38.25 -12.36 -13.28
C MET B 534 -37.26 -11.27 -12.94
N THR B 535 -36.65 -10.67 -13.96
CA THR B 535 -35.72 -9.55 -13.76
C THR B 535 -36.55 -8.30 -13.51
N LEU B 536 -36.67 -7.93 -12.23
CA LEU B 536 -37.54 -6.83 -11.85
C LEU B 536 -36.86 -5.49 -12.12
N GLY B 537 -37.67 -4.42 -12.09
CA GLY B 537 -37.16 -3.10 -12.38
C GLY B 537 -37.82 -2.06 -11.49
N ILE B 538 -37.09 -0.95 -11.31
CA ILE B 538 -37.48 0.10 -10.39
C ILE B 538 -38.30 1.15 -11.15
N SER B 539 -39.41 1.57 -10.57
CA SER B 539 -40.23 2.64 -11.13
C SER B 539 -40.89 3.39 -9.97
N ILE B 540 -41.79 4.32 -10.31
CA ILE B 540 -42.34 5.26 -9.35
C ILE B 540 -43.81 4.91 -9.13
N LEU B 541 -44.22 4.87 -7.87
CA LEU B 541 -45.62 4.79 -7.50
C LEU B 541 -46.12 6.19 -7.16
N TYR B 542 -47.17 6.63 -7.84
CA TYR B 542 -47.72 7.96 -7.59
C TYR B 542 -49.22 7.93 -7.84
N ARG B 543 -49.95 8.78 -7.13
CA ARG B 543 -51.39 8.81 -7.32
C ARG B 543 -51.76 9.50 -8.63
N LYS B 544 -52.97 9.20 -9.10
CA LYS B 544 -53.47 9.86 -10.30
C LYS B 544 -53.99 11.26 -9.95
N PRO B 545 -53.86 12.21 -10.87
CA PRO B 545 -54.48 13.52 -10.66
C PRO B 545 -55.97 13.48 -10.99
N ASN B 546 -56.72 14.35 -10.33
CA ASN B 546 -58.15 14.49 -10.58
C ASN B 546 -58.49 15.84 -11.22
N GLY B 547 -58.20 16.93 -10.53
CA GLY B 547 -58.36 18.28 -11.08
C GLY B 547 -59.79 18.70 -11.37
N THR B 548 -60.79 18.02 -10.80
CA THR B 548 -62.19 18.23 -11.14
C THR B 548 -62.97 18.63 -9.91
N ASN B 549 -63.40 19.88 -9.86
CA ASN B 549 -64.27 20.43 -8.83
C ASN B 549 -65.36 21.25 -9.51
N PRO B 550 -66.54 21.38 -8.88
CA PRO B 550 -67.55 22.29 -9.42
C PRO B 550 -67.37 23.71 -8.91
N GLY B 551 -68.26 24.62 -9.31
CA GLY B 551 -68.21 25.99 -8.85
C GLY B 551 -67.51 26.91 -9.84
N VAL B 552 -67.33 28.16 -9.41
CA VAL B 552 -66.64 29.16 -10.21
C VAL B 552 -65.14 28.99 -10.07
N PHE B 553 -64.40 29.32 -11.14
CA PHE B 553 -62.95 29.20 -11.15
C PHE B 553 -62.23 30.41 -11.71
N SER B 554 -62.90 31.24 -12.53
CA SER B 554 -62.23 32.42 -13.08
C SER B 554 -62.03 33.50 -12.03
N PHE B 555 -62.85 33.51 -10.99
CA PHE B 555 -62.74 34.49 -9.92
C PHE B 555 -61.86 34.04 -8.77
N LEU B 556 -61.23 32.87 -8.88
CA LEU B 556 -60.32 32.36 -7.85
C LEU B 556 -58.91 32.88 -8.12
N ASN B 557 -58.77 34.20 -7.98
CA ASN B 557 -57.53 34.89 -8.31
C ASN B 557 -56.49 34.68 -7.20
N PRO B 558 -55.21 34.59 -7.57
CA PRO B 558 -54.15 34.56 -6.55
C PRO B 558 -53.96 35.88 -5.83
N LEU B 559 -54.40 36.98 -6.42
CA LEU B 559 -54.39 38.28 -5.77
C LEU B 559 -55.43 38.32 -4.65
N SER B 560 -55.24 39.27 -3.73
CA SER B 560 -56.13 39.41 -2.59
C SER B 560 -57.49 39.94 -3.03
N PRO B 561 -58.60 39.36 -2.52
CA PRO B 561 -59.93 39.77 -2.98
C PRO B 561 -60.41 41.12 -2.44
N ASP B 562 -61.67 41.43 -2.76
CA ASP B 562 -62.49 42.58 -2.36
C ASP B 562 -62.07 43.90 -3.01
N ILE B 563 -60.96 43.89 -3.76
CA ILE B 563 -60.60 45.06 -4.56
C ILE B 563 -61.60 45.25 -5.70
N TRP B 564 -62.08 44.15 -6.30
CA TRP B 564 -63.14 44.24 -7.30
C TRP B 564 -64.47 44.65 -6.68
N MET B 565 -64.69 44.34 -5.40
CA MET B 565 -65.87 44.83 -4.70
C MET B 565 -65.79 46.33 -4.46
N TYR B 566 -64.59 46.83 -4.15
CA TYR B 566 -64.36 48.27 -4.06
C TYR B 566 -64.60 48.97 -5.39
N VAL B 567 -64.14 48.34 -6.49
CA VAL B 567 -64.39 48.87 -7.83
C VAL B 567 -65.89 48.87 -8.15
N LEU B 568 -66.60 47.82 -7.72
CA LEU B 568 -68.04 47.74 -7.96
C LEU B 568 -68.82 48.81 -7.21
N LEU B 569 -68.50 49.02 -5.93
CA LEU B 569 -69.22 50.03 -5.15
C LEU B 569 -68.86 51.45 -5.59
N ALA B 570 -67.58 51.69 -5.91
CA ALA B 570 -67.18 53.01 -6.42
C ALA B 570 -67.75 53.26 -7.81
N TYR B 571 -67.89 52.21 -8.63
CA TYR B 571 -68.46 52.36 -9.96
C TYR B 571 -69.94 52.67 -9.90
N LEU B 572 -70.67 52.02 -8.99
CA LEU B 572 -72.08 52.36 -8.81
C LEU B 572 -72.25 53.76 -8.22
N GLY B 573 -71.33 54.17 -7.35
CA GLY B 573 -71.37 55.54 -6.82
C GLY B 573 -71.11 56.61 -7.88
N VAL B 574 -70.10 56.40 -8.73
CA VAL B 574 -69.84 57.40 -9.76
C VAL B 574 -70.88 57.33 -10.86
N SER B 575 -71.53 56.17 -11.04
CA SER B 575 -72.64 56.07 -11.99
C SER B 575 -73.86 56.84 -11.50
N VAL B 576 -74.18 56.76 -10.21
CA VAL B 576 -75.35 57.50 -9.75
C VAL B 576 -75.05 58.99 -9.58
N VAL B 577 -73.80 59.38 -9.29
CA VAL B 577 -73.53 60.83 -9.30
C VAL B 577 -73.33 61.38 -10.71
N LEU B 578 -73.14 60.50 -11.71
CA LEU B 578 -73.30 60.94 -13.10
C LEU B 578 -74.77 61.06 -13.46
N PHE B 579 -75.61 60.15 -12.93
CA PHE B 579 -77.03 60.13 -13.29
C PHE B 579 -77.81 61.28 -12.67
N VAL B 580 -77.42 61.74 -11.48
CA VAL B 580 -78.19 62.82 -10.86
C VAL B 580 -77.91 64.18 -11.47
N ILE B 581 -76.83 64.33 -12.22
CA ILE B 581 -76.53 65.61 -12.87
C ILE B 581 -76.83 65.52 -14.37
N LEU B 631 -69.05 69.62 -21.17
CA LEU B 631 -67.76 69.11 -21.60
C LEU B 631 -67.21 68.12 -20.57
N SER B 632 -67.81 68.11 -19.39
CA SER B 632 -67.36 67.23 -18.32
C SER B 632 -67.74 65.77 -18.55
N THR B 633 -68.77 65.52 -19.36
CA THR B 633 -69.29 64.17 -19.55
C THR B 633 -68.30 63.29 -20.32
N ARG B 634 -67.75 63.82 -21.42
CA ARG B 634 -66.74 63.08 -22.17
C ARG B 634 -65.44 62.95 -21.40
N ILE B 635 -65.13 63.92 -20.53
CA ILE B 635 -63.93 63.87 -19.71
C ILE B 635 -64.03 62.74 -18.69
N VAL B 636 -65.16 62.66 -17.98
CA VAL B 636 -65.30 61.59 -16.98
C VAL B 636 -65.54 60.24 -17.66
N GLY B 637 -66.11 60.22 -18.87
CA GLY B 637 -66.22 58.98 -19.62
C GLY B 637 -64.88 58.43 -20.05
N GLY B 638 -64.01 59.30 -20.57
CA GLY B 638 -62.66 58.87 -20.93
C GLY B 638 -61.82 58.49 -19.72
N ILE B 639 -62.02 59.20 -18.60
CA ILE B 639 -61.31 58.89 -17.36
C ILE B 639 -61.72 57.52 -16.82
N TRP B 640 -63.02 57.22 -16.83
CA TRP B 640 -63.48 55.93 -16.33
C TRP B 640 -63.15 54.80 -17.30
N TRP B 641 -63.17 55.08 -18.61
CA TRP B 641 -62.75 54.09 -19.61
C TRP B 641 -61.26 53.75 -19.46
N PHE B 642 -60.42 54.77 -19.24
CA PHE B 642 -58.99 54.55 -19.04
C PHE B 642 -58.70 53.81 -17.75
N PHE B 643 -59.44 54.11 -16.68
CA PHE B 643 -59.16 53.43 -15.41
C PHE B 643 -59.69 52.00 -15.40
N THR B 644 -60.82 51.74 -16.06
CA THR B 644 -61.28 50.36 -16.22
C THR B 644 -60.35 49.57 -17.15
N LEU B 645 -59.74 50.24 -18.13
CA LEU B 645 -58.72 49.60 -18.95
C LEU B 645 -57.48 49.24 -18.13
N ILE B 646 -57.11 50.12 -17.18
CA ILE B 646 -56.00 49.84 -16.27
C ILE B 646 -56.30 48.63 -15.38
N ILE B 647 -57.53 48.55 -14.85
CA ILE B 647 -57.94 47.44 -14.00
C ILE B 647 -57.99 46.13 -14.79
N ILE B 648 -58.50 46.18 -16.03
CA ILE B 648 -58.54 45.01 -16.92
C ILE B 648 -57.13 44.54 -17.29
N SER B 649 -56.22 45.50 -17.53
CA SER B 649 -54.83 45.16 -17.86
C SER B 649 -54.11 44.53 -16.67
N SER B 650 -54.36 45.03 -15.46
CA SER B 650 -53.74 44.45 -14.26
C SER B 650 -54.27 43.04 -13.99
N TYR B 651 -55.58 42.84 -14.17
CA TYR B 651 -56.18 41.52 -14.00
C TYR B 651 -55.67 40.54 -15.05
N THR B 652 -55.48 41.01 -16.29
CA THR B 652 -54.94 40.18 -17.36
C THR B 652 -53.49 39.80 -17.09
N ALA B 653 -52.70 40.75 -16.57
CA ALA B 653 -51.31 40.47 -16.23
C ALA B 653 -51.19 39.47 -15.09
N ASN B 654 -52.05 39.59 -14.07
CA ASN B 654 -52.02 38.64 -12.96
C ASN B 654 -52.47 37.24 -13.39
N LEU B 655 -53.49 37.17 -14.26
CA LEU B 655 -53.92 35.87 -14.79
C LEU B 655 -52.86 35.25 -15.68
N ALA B 656 -52.15 36.07 -16.46
CA ALA B 656 -51.06 35.57 -17.30
C ALA B 656 -49.90 35.05 -16.47
N ALA B 657 -49.58 35.74 -15.38
CA ALA B 657 -48.51 35.27 -14.49
C ALA B 657 -48.89 33.97 -13.79
N PHE B 658 -50.14 33.85 -13.33
CA PHE B 658 -50.58 32.63 -12.65
C PHE B 658 -50.67 31.45 -13.62
N LEU B 659 -51.14 31.70 -14.86
CA LEU B 659 -51.20 30.65 -15.86
C LEU B 659 -49.81 30.22 -16.33
N THR B 660 -48.86 31.16 -16.40
CA THR B 660 -47.49 30.82 -16.75
C THR B 660 -46.82 30.01 -15.65
N VAL B 661 -47.09 30.34 -14.39
CA VAL B 661 -46.54 29.57 -13.27
C VAL B 661 -47.15 28.17 -13.23
N GLU B 662 -48.45 28.05 -13.54
CA GLU B 662 -49.08 26.73 -13.57
C GLU B 662 -48.59 25.88 -14.74
N ARG B 663 -48.45 26.48 -15.93
CA ARG B 663 -47.97 25.72 -17.09
C ARG B 663 -46.47 25.47 -17.05
N MET B 664 -45.72 26.21 -16.24
CA MET B 664 -44.31 25.91 -16.06
C MET B 664 -44.11 24.63 -15.28
N GLU B 665 -44.96 24.39 -14.27
CA GLU B 665 -44.90 23.17 -13.47
C GLU B 665 -45.67 22.09 -14.21
N SER B 666 -44.95 21.31 -15.01
CA SER B 666 -45.55 20.20 -15.73
C SER B 666 -45.84 19.05 -14.75
N PRO B 667 -46.80 18.18 -15.09
CA PRO B 667 -46.97 16.95 -14.30
C PRO B 667 -45.77 16.01 -14.47
N ILE B 668 -45.48 15.28 -13.40
CA ILE B 668 -44.32 14.42 -13.36
C ILE B 668 -44.62 13.15 -14.15
N ASP B 669 -43.86 12.94 -15.23
CA ASP B 669 -44.03 11.78 -16.07
C ASP B 669 -42.74 10.97 -16.24
N SER B 670 -41.63 11.42 -15.66
CA SER B 670 -40.35 10.77 -15.83
C SER B 670 -39.48 11.07 -14.62
N ALA B 671 -38.37 10.32 -14.51
CA ALA B 671 -37.51 10.43 -13.34
C ALA B 671 -36.71 11.73 -13.34
N ASP B 672 -36.25 12.17 -14.51
CA ASP B 672 -35.49 13.42 -14.58
C ASP B 672 -36.39 14.64 -14.42
N ASP B 673 -37.64 14.53 -14.86
CA ASP B 673 -38.62 15.58 -14.59
C ASP B 673 -38.94 15.66 -13.11
N LEU B 674 -38.93 14.53 -12.41
CA LEU B 674 -39.05 14.53 -10.96
C LEU B 674 -37.79 15.08 -10.29
N ALA B 675 -36.63 14.87 -10.91
CA ALA B 675 -35.37 15.35 -10.33
C ALA B 675 -35.25 16.86 -10.46
N LYS B 676 -35.74 17.43 -11.57
CA LYS B 676 -35.76 18.88 -11.69
C LYS B 676 -36.83 19.49 -10.79
N GLN B 677 -37.90 18.76 -10.53
CA GLN B 677 -38.96 19.23 -9.65
C GLN B 677 -38.50 19.16 -8.19
N THR B 678 -38.94 20.15 -7.39
CA THR B 678 -38.48 20.27 -6.01
C THR B 678 -39.58 20.27 -4.96
N LYS B 679 -40.83 20.61 -5.31
CA LYS B 679 -41.87 20.71 -4.30
C LYS B 679 -42.34 19.34 -3.82
N ILE B 680 -42.50 18.38 -4.74
CA ILE B 680 -42.89 17.03 -4.36
C ILE B 680 -41.66 16.31 -3.83
N GLU B 681 -41.75 15.84 -2.59
CA GLU B 681 -40.65 15.14 -1.94
C GLU B 681 -40.76 13.64 -2.26
N TYR B 682 -39.63 12.96 -2.28
CA TYR B 682 -39.58 11.57 -2.72
C TYR B 682 -38.62 10.78 -1.85
N GLY B 683 -38.82 9.46 -1.82
CA GLY B 683 -37.98 8.58 -1.03
C GLY B 683 -38.27 7.14 -1.34
N ALA B 684 -37.52 6.26 -0.67
CA ALA B 684 -37.64 4.82 -0.90
C ALA B 684 -37.38 4.10 0.42
N VAL B 685 -37.21 2.79 0.34
CA VAL B 685 -36.96 1.96 1.52
C VAL B 685 -35.48 2.00 1.85
N GLU B 686 -35.17 2.28 3.11
CA GLU B 686 -33.78 2.43 3.53
C GLU B 686 -33.10 1.08 3.73
N ASP B 687 -31.76 1.12 3.63
CA ASP B 687 -30.84 0.05 4.04
C ASP B 687 -31.07 -1.26 3.30
N GLY B 688 -31.53 -1.18 2.05
CA GLY B 688 -31.85 -2.39 1.29
C GLY B 688 -31.94 -2.16 -0.19
N ALA B 689 -32.95 -2.78 -0.81
CA ALA B 689 -33.18 -2.61 -2.24
C ALA B 689 -33.68 -1.20 -2.55
N THR B 690 -33.36 -0.74 -3.77
CA THR B 690 -33.66 0.59 -4.32
C THR B 690 -33.10 1.75 -3.48
N MET B 691 -32.07 1.49 -2.69
CA MET B 691 -31.33 2.52 -1.97
C MET B 691 -29.84 2.43 -2.21
N THR B 692 -29.29 1.20 -2.28
CA THR B 692 -27.87 1.02 -2.49
C THR B 692 -27.47 1.33 -3.94
N PHE B 693 -28.41 1.15 -4.87
CA PHE B 693 -28.17 1.61 -6.25
C PHE B 693 -28.12 3.14 -6.30
N PHE B 694 -28.98 3.81 -5.54
CA PHE B 694 -28.94 5.27 -5.47
C PHE B 694 -27.74 5.76 -4.66
N LYS B 695 -27.16 4.91 -3.82
CA LYS B 695 -25.94 5.27 -3.10
C LYS B 695 -24.75 5.40 -4.04
N LYS B 696 -24.65 4.52 -5.03
CA LYS B 696 -23.48 4.47 -5.89
C LYS B 696 -23.85 4.68 -7.37
N SER B 697 -24.69 5.67 -7.65
CA SER B 697 -25.08 5.99 -9.01
C SER B 697 -24.36 7.27 -9.44
N LYS B 698 -23.73 7.22 -10.61
CA LYS B 698 -22.98 8.36 -11.13
C LYS B 698 -23.73 9.11 -12.23
N ILE B 699 -24.90 8.64 -12.62
CA ILE B 699 -25.73 9.38 -13.58
C ILE B 699 -26.33 10.59 -12.89
N SER B 700 -26.38 11.72 -13.61
CA SER B 700 -26.70 13.02 -13.02
C SER B 700 -28.15 13.11 -12.56
N THR B 701 -29.06 12.42 -13.24
CA THR B 701 -30.44 12.33 -12.77
C THR B 701 -30.52 11.56 -11.46
N TYR B 702 -29.86 10.41 -11.38
CA TYR B 702 -29.85 9.65 -10.14
C TYR B 702 -28.92 10.23 -9.09
N ASP B 703 -27.91 11.01 -9.49
CA ASP B 703 -27.13 11.76 -8.50
C ASP B 703 -27.96 12.89 -7.89
N LYS B 704 -28.73 13.59 -8.71
CA LYS B 704 -29.62 14.62 -8.18
C LYS B 704 -30.85 14.05 -7.49
N MET B 705 -31.14 12.76 -7.70
CA MET B 705 -32.17 12.06 -6.93
C MET B 705 -31.63 11.47 -5.63
N TRP B 706 -30.32 11.17 -5.57
CA TRP B 706 -29.70 10.89 -4.28
C TRP B 706 -29.56 12.16 -3.45
N ALA B 707 -29.32 13.29 -4.12
CA ALA B 707 -29.59 14.59 -3.52
C ALA B 707 -31.10 14.76 -3.34
N PHE B 708 -31.48 15.58 -2.34
CA PHE B 708 -32.83 15.89 -1.82
C PHE B 708 -33.41 14.71 -1.03
N MET B 709 -32.71 13.58 -1.01
CA MET B 709 -33.07 12.39 -0.24
C MET B 709 -32.05 12.09 0.84
N SER B 710 -30.76 12.13 0.50
CA SER B 710 -29.71 11.97 1.51
C SER B 710 -29.55 13.21 2.38
N SER B 711 -29.82 14.40 1.81
CA SER B 711 -29.84 15.61 2.63
C SER B 711 -31.04 15.64 3.56
N ARG B 712 -32.14 15.01 3.14
CA ARG B 712 -33.36 14.86 3.94
C ARG B 712 -33.49 13.45 4.49
N ARG B 713 -32.36 12.89 4.96
CA ARG B 713 -32.25 11.49 5.34
C ARG B 713 -33.20 11.11 6.48
N GLN B 714 -33.40 12.01 7.44
CA GLN B 714 -34.31 11.77 8.55
C GLN B 714 -35.66 12.44 8.37
N SER B 715 -35.97 12.94 7.18
CA SER B 715 -37.21 13.72 7.00
C SER B 715 -38.43 12.82 6.92
N VAL B 716 -38.53 12.00 5.87
CA VAL B 716 -39.61 11.00 5.84
C VAL B 716 -39.00 9.61 5.70
N LEU B 717 -38.51 9.29 4.48
CA LEU B 717 -37.79 8.08 4.07
C LEU B 717 -38.27 6.77 4.69
N VAL B 718 -39.50 6.36 4.36
CA VAL B 718 -40.18 5.28 5.05
C VAL B 718 -39.52 3.94 4.71
N LYS B 719 -39.05 3.23 5.74
CA LYS B 719 -38.45 1.91 5.58
C LYS B 719 -39.50 0.81 5.79
N SER B 720 -40.59 0.92 5.03
CA SER B 720 -41.69 -0.01 5.12
C SER B 720 -42.48 0.04 3.83
N ASN B 721 -42.71 -1.12 3.21
CA ASN B 721 -43.55 -1.18 2.03
C ASN B 721 -45.03 -0.93 2.37
N GLU B 722 -45.46 -1.37 3.55
CA GLU B 722 -46.85 -1.15 3.95
C GLU B 722 -47.10 0.30 4.34
N GLU B 723 -46.17 0.90 5.08
CA GLU B 723 -46.30 2.31 5.42
C GLU B 723 -45.84 3.23 4.30
N GLY B 724 -45.22 2.68 3.26
CA GLY B 724 -44.87 3.50 2.11
C GLY B 724 -46.09 3.95 1.31
N ILE B 725 -47.06 3.06 1.12
CA ILE B 725 -48.21 3.41 0.29
C ILE B 725 -49.18 4.30 1.05
N GLN B 726 -49.20 4.22 2.38
CA GLN B 726 -49.96 5.20 3.16
C GLN B 726 -49.26 6.55 3.18
N ARG B 727 -47.94 6.56 3.06
CA ARG B 727 -47.21 7.81 2.89
C ARG B 727 -47.45 8.40 1.50
N VAL B 728 -47.72 7.56 0.50
CA VAL B 728 -48.17 8.06 -0.79
C VAL B 728 -49.60 8.58 -0.68
N LEU B 729 -50.45 7.89 0.08
CA LEU B 729 -51.85 8.25 0.25
C LEU B 729 -52.07 9.53 1.03
N THR B 730 -51.05 10.05 1.72
CA THR B 730 -51.09 11.36 2.34
C THR B 730 -50.23 12.30 1.52
N SER B 731 -50.75 13.51 1.27
CA SER B 731 -50.11 14.62 0.53
C SER B 731 -49.84 14.19 -0.91
N ASP B 732 -48.80 14.76 -1.53
CA ASP B 732 -48.46 14.48 -2.92
C ASP B 732 -47.18 13.65 -3.03
N TYR B 733 -46.93 12.80 -2.05
CA TYR B 733 -45.67 12.06 -1.97
C TYR B 733 -45.68 10.86 -2.91
N ALA B 734 -44.57 10.65 -3.60
CA ALA B 734 -44.39 9.50 -4.47
C ALA B 734 -43.33 8.57 -3.89
N PHE B 735 -43.33 7.33 -4.38
CA PHE B 735 -42.43 6.31 -3.84
C PHE B 735 -41.70 5.62 -4.99
N LEU B 736 -40.59 4.96 -4.64
CA LEU B 736 -39.79 4.21 -5.61
C LEU B 736 -39.79 2.74 -5.22
N MET B 737 -40.28 1.87 -6.11
CA MET B 737 -40.30 0.45 -5.80
C MET B 737 -40.01 -0.38 -7.04
N GLU B 738 -39.75 -1.66 -6.78
CA GLU B 738 -39.78 -2.69 -7.81
C GLU B 738 -41.21 -2.84 -8.34
N SER B 739 -41.31 -3.25 -9.60
CA SER B 739 -42.56 -3.11 -10.35
C SER B 739 -43.65 -4.07 -9.92
N THR B 740 -43.31 -5.14 -9.18
CA THR B 740 -44.30 -6.13 -8.79
C THR B 740 -45.26 -5.60 -7.74
N THR B 741 -44.73 -4.90 -6.74
CA THR B 741 -45.57 -4.32 -5.69
C THR B 741 -46.42 -3.20 -6.24
N ILE B 742 -45.87 -2.41 -7.17
CA ILE B 742 -46.64 -1.35 -7.84
C ILE B 742 -47.73 -1.93 -8.73
N GLU B 743 -47.46 -3.08 -9.37
CA GLU B 743 -48.50 -3.77 -10.15
C GLU B 743 -49.62 -4.28 -9.26
N PHE B 744 -49.26 -4.82 -8.08
CA PHE B 744 -50.29 -5.25 -7.12
C PHE B 744 -51.08 -4.07 -6.56
N VAL B 745 -50.43 -2.91 -6.34
CA VAL B 745 -51.14 -1.73 -5.86
C VAL B 745 -52.08 -1.19 -6.94
N THR B 746 -51.64 -1.14 -8.19
CA THR B 746 -52.49 -0.64 -9.27
C THR B 746 -53.63 -1.61 -9.60
N GLN B 747 -53.43 -2.91 -9.37
CA GLN B 747 -54.55 -3.84 -9.41
C GLN B 747 -55.51 -3.60 -8.25
N ARG B 748 -54.95 -3.42 -7.04
CA ARG B 748 -55.78 -3.30 -5.84
C ARG B 748 -56.43 -1.93 -5.74
N ASN B 749 -55.71 -0.87 -6.10
CA ASN B 749 -56.22 0.50 -6.01
C ASN B 749 -56.30 1.10 -7.40
N CYS B 750 -57.46 1.69 -7.72
CA CYS B 750 -57.63 2.38 -9.00
C CYS B 750 -57.10 3.81 -8.97
N ASN B 751 -56.71 4.31 -7.79
CA ASN B 751 -56.25 5.68 -7.65
C ASN B 751 -54.74 5.82 -7.72
N LEU B 752 -54.03 4.75 -8.06
CA LEU B 752 -52.57 4.77 -8.10
C LEU B 752 -52.09 4.39 -9.49
N THR B 753 -50.88 4.84 -9.83
CA THR B 753 -50.34 4.74 -11.17
C THR B 753 -48.83 4.53 -11.09
N GLN B 754 -48.32 3.61 -11.90
CA GLN B 754 -46.89 3.45 -12.12
C GLN B 754 -46.39 4.47 -13.12
N ILE B 755 -45.32 5.18 -12.77
CA ILE B 755 -44.71 6.21 -13.59
C ILE B 755 -43.27 5.79 -13.88
N GLY B 756 -42.90 5.84 -15.16
CA GLY B 756 -41.53 5.62 -15.57
C GLY B 756 -41.24 4.18 -15.93
N GLY B 757 -40.25 4.00 -16.79
CA GLY B 757 -39.77 2.68 -17.14
C GLY B 757 -38.86 2.10 -16.08
N LEU B 758 -38.44 0.86 -16.31
CA LEU B 758 -37.53 0.19 -15.40
C LEU B 758 -36.13 0.77 -15.54
N ILE B 759 -35.34 0.65 -14.48
CA ILE B 759 -33.98 1.17 -14.44
C ILE B 759 -32.96 0.06 -14.69
N ASP B 760 -32.87 -0.91 -13.78
CA ASP B 760 -31.92 -2.01 -13.89
C ASP B 760 -32.61 -3.31 -13.51
N SER B 761 -31.93 -4.42 -13.81
CA SER B 761 -32.47 -5.74 -13.49
C SER B 761 -32.36 -6.01 -12.00
N LYS B 762 -33.44 -6.51 -11.41
CA LYS B 762 -33.55 -6.82 -9.99
C LYS B 762 -34.10 -8.23 -9.79
N GLY B 763 -33.49 -9.21 -10.48
CA GLY B 763 -33.96 -10.58 -10.41
C GLY B 763 -33.74 -11.22 -9.05
N TYR B 764 -34.65 -12.13 -8.70
CA TYR B 764 -34.82 -12.61 -7.33
C TYR B 764 -34.44 -14.08 -7.22
N GLY B 765 -33.79 -14.42 -6.12
CA GLY B 765 -33.43 -15.81 -5.86
C GLY B 765 -32.62 -15.91 -4.58
N VAL B 766 -32.59 -17.13 -4.02
CA VAL B 766 -31.91 -17.37 -2.76
C VAL B 766 -30.42 -17.55 -2.99
N GLY B 767 -29.63 -17.54 -1.90
CA GLY B 767 -28.18 -17.46 -2.01
C GLY B 767 -27.49 -18.79 -2.25
N THR B 768 -26.17 -18.69 -2.47
CA THR B 768 -25.33 -19.84 -2.74
C THR B 768 -24.50 -20.18 -1.50
N PRO B 769 -24.66 -21.36 -0.91
CA PRO B 769 -23.78 -21.76 0.20
C PRO B 769 -22.47 -22.35 -0.29
N MET B 770 -21.61 -22.78 0.65
CA MET B 770 -20.36 -23.43 0.25
C MET B 770 -20.60 -24.81 -0.34
N GLY B 771 -21.63 -25.51 0.13
CA GLY B 771 -22.14 -26.69 -0.53
C GLY B 771 -23.30 -26.32 -1.45
N SER B 772 -24.14 -27.30 -1.73
CA SER B 772 -25.38 -27.08 -2.47
C SER B 772 -26.58 -27.79 -1.82
N PRO B 773 -27.15 -27.22 -0.73
CA PRO B 773 -28.50 -27.67 -0.32
C PRO B 773 -29.56 -27.20 -1.30
N TYR B 774 -29.55 -25.90 -1.61
CA TYR B 774 -30.46 -25.32 -2.58
C TYR B 774 -29.74 -24.58 -3.70
N ARG B 775 -28.40 -24.57 -3.69
CA ARG B 775 -27.65 -24.04 -4.81
C ARG B 775 -27.84 -24.89 -6.05
N ASP B 776 -27.81 -26.22 -5.89
CA ASP B 776 -28.14 -27.11 -7.00
C ASP B 776 -29.63 -27.10 -7.30
N LYS B 777 -30.46 -26.80 -6.31
CA LYS B 777 -31.89 -26.70 -6.50
C LYS B 777 -32.35 -25.32 -6.95
N ILE B 778 -31.43 -24.37 -7.09
CA ILE B 778 -31.71 -23.14 -7.83
C ILE B 778 -30.95 -23.10 -9.15
N THR B 779 -29.91 -23.92 -9.34
CA THR B 779 -29.20 -23.94 -10.60
C THR B 779 -29.85 -24.89 -11.60
N ILE B 780 -30.42 -25.99 -11.11
CA ILE B 780 -30.96 -27.05 -11.97
C ILE B 780 -32.47 -27.12 -11.87
N ALA B 781 -33.02 -27.11 -10.65
CA ALA B 781 -34.45 -27.32 -10.45
C ALA B 781 -35.27 -26.11 -10.90
N ILE B 782 -34.76 -24.90 -10.67
CA ILE B 782 -35.40 -23.71 -11.24
C ILE B 782 -35.22 -23.70 -12.75
N LEU B 783 -34.07 -24.17 -13.24
CA LEU B 783 -33.87 -24.34 -14.68
C LEU B 783 -34.74 -25.45 -15.25
N GLN B 784 -35.10 -26.44 -14.44
CA GLN B 784 -36.11 -27.41 -14.84
C GLN B 784 -37.49 -26.77 -14.94
N LEU B 785 -37.85 -25.96 -13.93
CA LEU B 785 -39.19 -25.39 -13.87
C LEU B 785 -39.41 -24.27 -14.87
N GLN B 786 -38.33 -23.65 -15.38
CA GLN B 786 -38.47 -22.57 -16.35
C GLN B 786 -38.99 -23.08 -17.69
N GLU B 787 -38.58 -24.28 -18.09
CA GLU B 787 -39.10 -24.89 -19.31
C GLU B 787 -40.28 -25.82 -19.03
N GLU B 788 -40.53 -26.19 -17.78
CA GLU B 788 -41.67 -27.03 -17.46
C GLU B 788 -42.98 -26.25 -17.53
N GLY B 789 -42.93 -24.95 -17.29
CA GLY B 789 -44.12 -24.12 -17.26
C GLY B 789 -44.77 -24.02 -15.90
N LYS B 790 -44.34 -24.82 -14.92
CA LYS B 790 -44.89 -24.74 -13.58
C LYS B 790 -44.39 -23.54 -12.80
N LEU B 791 -43.21 -23.01 -13.16
CA LEU B 791 -42.69 -21.81 -12.50
C LEU B 791 -43.53 -20.59 -12.81
N HIS B 792 -44.03 -20.48 -14.04
CA HIS B 792 -44.94 -19.40 -14.38
C HIS B 792 -46.28 -19.57 -13.69
N MET B 793 -46.73 -20.82 -13.48
CA MET B 793 -47.99 -21.06 -12.78
C MET B 793 -47.87 -20.72 -11.29
N MET B 794 -46.73 -21.03 -10.68
CA MET B 794 -46.49 -20.61 -9.30
C MET B 794 -46.27 -19.10 -9.21
N LYS B 795 -45.78 -18.49 -10.30
CA LYS B 795 -45.74 -17.04 -10.37
C LYS B 795 -47.14 -16.45 -10.48
N GLU B 796 -47.97 -17.02 -11.37
CA GLU B 796 -49.32 -16.51 -11.65
C GLU B 796 -50.37 -16.96 -10.64
N LYS B 797 -49.96 -17.41 -9.46
CA LYS B 797 -50.90 -17.66 -8.36
C LYS B 797 -51.57 -16.37 -7.90
N TRP B 798 -50.86 -15.24 -8.00
CA TRP B 798 -51.33 -13.98 -7.44
C TRP B 798 -51.46 -12.85 -8.45
N TRP B 799 -51.16 -13.08 -9.72
CA TRP B 799 -51.24 -12.02 -10.72
C TRP B 799 -52.65 -11.94 -11.28
N ARG B 800 -53.26 -10.76 -11.18
CA ARG B 800 -54.61 -10.51 -11.67
C ARG B 800 -54.66 -9.51 -12.82
N GLY B 801 -54.09 -8.33 -12.65
CA GLY B 801 -54.11 -7.32 -13.69
C GLY B 801 -53.67 -5.95 -13.21
N VAL B 817 -65.93 24.47 -19.18
CA VAL B 817 -65.56 23.74 -17.99
C VAL B 817 -64.60 24.65 -17.21
N GLN B 818 -64.50 24.44 -15.89
CA GLN B 818 -63.62 25.14 -14.95
C GLN B 818 -63.89 26.64 -14.93
N ASN B 819 -63.03 27.43 -15.56
CA ASN B 819 -63.25 28.87 -15.67
C ASN B 819 -64.46 29.18 -16.55
N ILE B 820 -64.62 28.40 -17.62
CA ILE B 820 -65.71 28.62 -18.57
C ILE B 820 -67.05 28.19 -17.96
N GLY B 821 -67.01 27.24 -17.01
CA GLY B 821 -68.22 26.92 -16.26
C GLY B 821 -68.71 28.06 -15.40
N GLY B 822 -67.78 28.74 -14.72
CA GLY B 822 -68.14 29.96 -14.00
C GLY B 822 -68.57 31.09 -14.91
N ILE B 823 -67.97 31.17 -16.10
CA ILE B 823 -68.39 32.15 -17.12
C ILE B 823 -69.84 31.89 -17.56
N PHE B 824 -70.18 30.61 -17.77
CA PHE B 824 -71.54 30.25 -18.16
C PHE B 824 -72.54 30.46 -17.01
N ILE B 825 -72.09 30.23 -15.77
CA ILE B 825 -72.93 30.46 -14.60
C ILE B 825 -73.23 31.94 -14.41
N VAL B 826 -72.22 32.81 -14.56
CA VAL B 826 -72.45 34.24 -14.42
C VAL B 826 -73.18 34.80 -15.64
N LEU B 827 -73.07 34.15 -16.80
CA LEU B 827 -73.87 34.53 -17.97
C LEU B 827 -75.34 34.22 -17.75
N ALA B 828 -75.64 33.04 -17.19
CA ALA B 828 -77.02 32.69 -16.86
C ALA B 828 -77.58 33.57 -15.75
N ALA B 829 -76.74 33.94 -14.76
CA ALA B 829 -77.16 34.86 -13.72
C ALA B 829 -77.46 36.26 -14.27
N GLY B 830 -76.63 36.73 -15.20
CA GLY B 830 -76.92 37.99 -15.88
C GLY B 830 -78.16 37.94 -16.74
N LEU B 831 -78.44 36.77 -17.35
CA LEU B 831 -79.67 36.59 -18.10
C LEU B 831 -80.90 36.63 -17.20
N VAL B 832 -80.83 36.00 -16.03
CA VAL B 832 -81.95 35.99 -15.09
C VAL B 832 -82.17 37.40 -14.51
N LEU B 833 -81.07 38.12 -14.23
CA LEU B 833 -81.19 39.51 -13.78
C LEU B 833 -81.74 40.42 -14.87
N SER B 834 -81.39 40.17 -16.13
CA SER B 834 -81.93 40.93 -17.25
C SER B 834 -83.42 40.66 -17.43
N VAL B 835 -83.84 39.41 -17.23
CA VAL B 835 -85.26 39.05 -17.28
C VAL B 835 -86.04 39.73 -16.16
N PHE B 836 -85.45 39.77 -14.95
CA PHE B 836 -86.12 40.41 -13.81
C PHE B 836 -86.20 41.92 -13.96
N VAL B 837 -85.14 42.55 -14.48
CA VAL B 837 -85.16 44.00 -14.69
C VAL B 837 -86.11 44.37 -15.84
N ALA B 838 -86.12 43.55 -16.90
CA ALA B 838 -86.87 43.88 -18.12
C ALA B 838 -88.38 43.81 -17.96
N VAL B 839 -88.89 43.19 -16.89
CA VAL B 839 -90.33 43.19 -16.64
C VAL B 839 -90.77 44.56 -16.13
N HIS C 34 17.53 -29.49 81.40
CA HIS C 34 18.64 -28.85 80.70
C HIS C 34 18.33 -27.42 80.32
N VAL C 35 19.31 -26.75 79.71
CA VAL C 35 19.16 -25.39 79.22
C VAL C 35 19.60 -25.35 77.76
N LEU C 36 19.20 -24.28 77.08
CA LEU C 36 19.49 -24.14 75.65
C LEU C 36 19.59 -22.66 75.32
N ARG C 37 20.71 -22.26 74.74
CA ARG C 37 21.00 -20.85 74.46
C ARG C 37 20.59 -20.49 73.04
N PHE C 38 19.86 -19.40 72.90
CA PHE C 38 19.50 -18.86 71.60
C PHE C 38 20.13 -17.48 71.44
N GLY C 39 20.88 -17.30 70.36
CA GLY C 39 21.62 -16.08 70.13
C GLY C 39 20.94 -15.22 69.07
N GLY C 40 20.79 -13.94 69.40
CA GLY C 40 20.14 -13.02 68.49
C GLY C 40 20.91 -11.74 68.26
N ILE C 41 21.18 -11.43 66.99
CA ILE C 41 21.84 -10.21 66.60
C ILE C 41 20.77 -9.22 66.14
N PHE C 42 20.75 -8.05 66.78
CA PHE C 42 19.71 -7.06 66.52
C PHE C 42 20.34 -5.71 66.23
N GLU C 43 19.50 -4.77 65.82
CA GLU C 43 19.96 -3.42 65.54
C GLU C 43 20.10 -2.64 66.84
N TYR C 44 21.24 -1.99 67.01
CA TYR C 44 21.52 -1.24 68.24
C TYR C 44 20.77 0.09 68.19
N VAL C 45 19.81 0.27 69.09
CA VAL C 45 19.15 1.56 69.21
C VAL C 45 20.10 2.54 69.87
N GLU C 46 20.17 3.75 69.31
CA GLU C 46 21.13 4.74 69.81
C GLU C 46 20.68 5.33 71.13
N SER C 47 19.39 5.65 71.25
CA SER C 47 18.84 6.21 72.49
C SER C 47 17.36 5.90 72.53
N GLY C 48 16.92 5.22 73.60
CA GLY C 48 15.52 4.92 73.78
C GLY C 48 15.24 3.44 73.98
N PRO C 49 14.01 3.02 73.69
CA PRO C 49 13.63 1.63 73.93
C PRO C 49 14.17 0.71 72.84
N MET C 50 14.04 -0.59 73.11
CA MET C 50 14.52 -1.61 72.19
C MET C 50 13.62 -1.70 70.95
N GLY C 51 14.16 -2.34 69.92
CA GLY C 51 13.41 -2.54 68.70
C GLY C 51 12.31 -3.57 68.85
N ALA C 52 11.44 -3.59 67.82
CA ALA C 52 10.30 -4.51 67.84
C ALA C 52 10.73 -5.96 67.65
N GLU C 53 11.78 -6.19 66.87
CA GLU C 53 12.27 -7.55 66.63
C GLU C 53 12.86 -8.16 67.89
N GLU C 54 13.68 -7.40 68.62
CA GLU C 54 14.30 -7.91 69.84
C GLU C 54 13.28 -8.09 70.95
N LEU C 55 12.31 -7.18 71.05
CA LEU C 55 11.25 -7.29 72.03
C LEU C 55 10.34 -8.48 71.74
N ALA C 56 10.04 -8.72 70.45
CA ALA C 56 9.27 -9.90 70.08
C ALA C 56 10.05 -11.18 70.29
N PHE C 57 11.38 -11.13 70.13
CA PHE C 57 12.23 -12.29 70.41
C PHE C 57 12.21 -12.66 71.89
N ARG C 58 12.35 -11.66 72.76
CA ARG C 58 12.30 -11.91 74.19
C ARG C 58 10.90 -12.31 74.65
N PHE C 59 9.86 -11.75 74.03
CA PHE C 59 8.48 -12.14 74.35
C PHE C 59 8.21 -13.57 73.92
N ALA C 60 8.75 -13.98 72.77
CA ALA C 60 8.63 -15.37 72.31
C ALA C 60 9.35 -16.33 73.24
N VAL C 61 10.54 -15.94 73.71
CA VAL C 61 11.31 -16.77 74.64
C VAL C 61 10.58 -16.93 75.97
N ASN C 62 10.01 -15.82 76.48
CA ASN C 62 9.27 -15.88 77.74
C ASN C 62 7.96 -16.64 77.61
N THR C 63 7.27 -16.51 76.46
CA THR C 63 6.00 -17.20 76.27
C THR C 63 6.21 -18.70 76.08
N ILE C 64 7.31 -19.10 75.43
CA ILE C 64 7.63 -20.52 75.33
C ILE C 64 8.08 -21.05 76.69
N ASN C 65 8.86 -20.26 77.44
CA ASN C 65 9.35 -20.68 78.75
C ASN C 65 8.28 -20.67 79.83
N ARG C 66 7.12 -20.06 79.59
CA ARG C 66 6.05 -20.14 80.57
C ARG C 66 5.08 -21.28 80.28
N ASN C 67 4.56 -21.35 79.05
CA ASN C 67 3.61 -22.38 78.69
C ASN C 67 4.32 -23.72 78.49
N ARG C 68 3.81 -24.76 79.14
CA ARG C 68 4.39 -26.09 79.07
C ARG C 68 3.73 -26.97 78.02
N THR C 69 3.08 -26.36 77.02
CA THR C 69 2.53 -27.11 75.91
C THR C 69 3.65 -27.73 75.06
N LEU C 70 4.72 -26.98 74.85
CA LEU C 70 5.87 -27.43 74.09
C LEU C 70 7.10 -27.38 74.97
N LEU C 71 7.96 -28.42 74.84
CA LEU C 71 9.22 -28.64 75.55
C LEU C 71 9.07 -28.57 77.06
N PRO C 72 8.46 -29.58 77.71
CA PRO C 72 8.26 -29.51 79.16
C PRO C 72 9.52 -29.74 79.96
N ASN C 73 10.49 -30.45 79.39
CA ASN C 73 11.71 -30.81 80.09
C ASN C 73 12.91 -29.97 79.65
N THR C 74 12.67 -28.84 78.99
CA THR C 74 13.74 -27.98 78.52
C THR C 74 13.33 -26.52 78.69
N THR C 75 14.16 -25.74 79.35
CA THR C 75 13.95 -24.31 79.55
C THR C 75 15.02 -23.54 78.78
N LEU C 76 14.59 -22.55 78.02
CA LEU C 76 15.47 -21.86 77.08
C LEU C 76 15.93 -20.51 77.63
N THR C 77 17.19 -20.20 77.36
CA THR C 77 17.79 -18.92 77.71
C THR C 77 18.26 -18.23 76.42
N TYR C 78 18.41 -16.91 76.49
CA TYR C 78 18.70 -16.12 75.32
C TYR C 78 19.86 -15.17 75.58
N ASP C 79 20.64 -14.91 74.52
CA ASP C 79 21.69 -13.90 74.53
C ASP C 79 21.48 -13.00 73.33
N THR C 80 21.48 -11.69 73.56
CA THR C 80 21.27 -10.70 72.52
C THR C 80 22.50 -9.82 72.37
N GLN C 81 22.94 -9.63 71.14
CA GLN C 81 23.98 -8.66 70.81
C GLN C 81 23.43 -7.64 69.83
N LYS C 82 23.70 -6.36 70.11
CA LYS C 82 23.16 -5.26 69.33
C LYS C 82 24.28 -4.61 68.55
N ILE C 83 24.12 -4.52 67.22
CA ILE C 83 25.12 -3.97 66.32
C ILE C 83 24.51 -2.83 65.53
N ASN C 84 25.37 -2.11 64.81
CA ASN C 84 24.94 -0.99 63.99
C ASN C 84 24.52 -1.49 62.61
N LEU C 85 24.29 -0.56 61.70
CA LEU C 85 23.86 -0.88 60.34
C LEU C 85 25.06 -1.14 59.45
N TYR C 86 24.99 -2.23 58.67
CA TYR C 86 25.92 -2.59 57.59
C TYR C 86 27.35 -2.79 58.09
N ASP C 87 27.52 -3.15 59.36
CA ASP C 87 28.83 -3.48 59.91
C ASP C 87 28.89 -5.00 60.03
N SER C 88 29.23 -5.64 58.90
CA SER C 88 29.29 -7.10 58.87
C SER C 88 30.50 -7.65 59.59
N PHE C 89 31.55 -6.84 59.77
CA PHE C 89 32.66 -7.23 60.64
C PHE C 89 32.21 -7.30 62.10
N GLU C 90 31.40 -6.33 62.53
CA GLU C 90 30.82 -6.35 63.87
C GLU C 90 29.87 -7.52 64.04
N ALA C 91 29.09 -7.81 62.99
CA ALA C 91 28.17 -8.94 63.01
C ALA C 91 28.91 -10.27 63.10
N SER C 92 30.01 -10.41 62.36
CA SER C 92 30.82 -11.62 62.41
C SER C 92 31.53 -11.76 63.75
N LYS C 93 31.96 -10.64 64.33
CA LYS C 93 32.61 -10.68 65.64
C LYS C 93 31.63 -11.08 66.75
N LYS C 94 30.41 -10.54 66.72
CA LYS C 94 29.42 -10.92 67.71
C LYS C 94 28.92 -12.34 67.50
N ALA C 95 28.85 -12.80 66.24
CA ALA C 95 28.49 -14.19 65.96
C ALA C 95 29.57 -15.14 66.45
N CYS C 96 30.85 -14.77 66.29
CA CYS C 96 31.95 -15.59 66.80
C CYS C 96 31.97 -15.61 68.33
N ASP C 97 31.64 -14.49 68.97
CA ASP C 97 31.53 -14.45 70.43
C ASP C 97 30.39 -15.33 70.93
N GLN C 98 29.25 -15.31 70.23
CA GLN C 98 28.12 -16.15 70.64
C GLN C 98 28.40 -17.63 70.38
N LEU C 99 29.08 -17.94 69.29
CA LEU C 99 29.42 -19.34 69.02
C LEU C 99 30.53 -19.83 69.94
N SER C 100 31.37 -18.94 70.45
CA SER C 100 32.27 -19.31 71.53
C SER C 100 31.51 -19.53 72.83
N LEU C 101 30.41 -18.78 73.04
CA LEU C 101 29.57 -19.05 74.20
C LEU C 101 28.80 -20.36 74.08
N GLY C 102 28.40 -20.72 72.87
CA GLY C 102 27.65 -21.94 72.66
C GLY C 102 26.17 -21.68 72.41
N VAL C 103 25.79 -21.68 71.13
CA VAL C 103 24.43 -21.34 70.69
C VAL C 103 23.92 -22.46 69.80
N ALA C 104 22.70 -22.93 70.09
CA ALA C 104 22.07 -23.94 69.23
C ALA C 104 21.68 -23.38 67.87
N ALA C 105 21.12 -22.16 67.84
CA ALA C 105 20.66 -21.59 66.58
C ALA C 105 20.69 -20.07 66.66
N ILE C 106 21.23 -19.45 65.61
CA ILE C 106 21.45 -18.01 65.56
C ILE C 106 20.32 -17.37 64.78
N PHE C 107 19.63 -16.42 65.41
CA PHE C 107 18.65 -15.57 64.73
C PHE C 107 19.38 -14.35 64.20
N GLY C 108 19.53 -14.27 62.88
CA GLY C 108 20.46 -13.34 62.29
C GLY C 108 19.90 -11.93 62.18
N PRO C 109 20.71 -11.04 61.62
CA PRO C 109 20.30 -9.63 61.48
C PRO C 109 19.35 -9.45 60.31
N SER C 110 19.00 -8.18 60.06
CA SER C 110 18.00 -7.82 59.07
C SER C 110 18.60 -7.39 57.73
N HIS C 111 19.59 -6.50 57.76
CA HIS C 111 20.13 -5.94 56.53
C HIS C 111 21.05 -6.95 55.84
N SER C 112 21.25 -6.74 54.53
CA SER C 112 21.61 -7.82 53.62
C SER C 112 23.05 -8.28 53.78
N SER C 113 23.99 -7.33 53.92
CA SER C 113 25.41 -7.70 53.96
C SER C 113 25.77 -8.40 55.25
N SER C 114 25.25 -7.92 56.38
CA SER C 114 25.46 -8.58 57.66
C SER C 114 24.79 -9.94 57.72
N ALA C 115 23.61 -10.05 57.08
CA ALA C 115 22.92 -11.33 57.00
C ALA C 115 23.71 -12.35 56.18
N ASN C 116 24.33 -11.90 55.08
CA ASN C 116 25.15 -12.79 54.27
C ASN C 116 26.43 -13.19 55.00
N ALA C 117 27.00 -12.27 55.79
CA ALA C 117 28.21 -12.57 56.55
C ALA C 117 27.95 -13.60 57.65
N VAL C 118 26.88 -13.40 58.43
CA VAL C 118 26.56 -14.36 59.48
C VAL C 118 25.97 -15.65 58.87
N GLN C 119 25.41 -15.60 57.66
CA GLN C 119 25.04 -16.82 56.95
C GLN C 119 26.26 -17.64 56.57
N SER C 120 27.33 -16.99 56.11
CA SER C 120 28.58 -17.70 55.83
C SER C 120 29.21 -18.23 57.11
N ILE C 121 29.10 -17.48 58.21
CA ILE C 121 29.58 -17.93 59.53
C ILE C 121 28.82 -19.18 59.98
N CYS C 122 27.50 -19.18 59.82
CA CYS C 122 26.67 -20.29 60.27
C CYS C 122 26.84 -21.52 59.38
N ASN C 123 26.99 -21.31 58.06
CA ASN C 123 27.19 -22.44 57.16
C ASN C 123 28.59 -23.00 57.29
N ALA C 124 29.56 -22.19 57.73
CA ALA C 124 30.92 -22.68 57.88
C ALA C 124 31.07 -23.62 59.07
N LEU C 125 30.29 -23.41 60.13
CA LEU C 125 30.45 -24.17 61.36
C LEU C 125 29.29 -25.12 61.64
N GLY C 126 28.38 -25.31 60.68
CA GLY C 126 27.28 -26.23 60.88
C GLY C 126 26.18 -25.74 61.79
N VAL C 127 26.17 -24.46 62.13
CA VAL C 127 25.17 -23.89 63.02
C VAL C 127 23.97 -23.45 62.19
N PRO C 128 22.73 -23.74 62.63
CA PRO C 128 21.57 -23.24 61.90
C PRO C 128 21.41 -21.73 61.96
N HIS C 129 20.88 -21.18 60.87
CA HIS C 129 20.68 -19.75 60.70
C HIS C 129 19.23 -19.49 60.32
N ILE C 130 18.63 -18.47 60.94
CA ILE C 130 17.24 -18.09 60.72
C ILE C 130 17.22 -16.67 60.15
N GLN C 131 16.51 -16.49 59.05
CA GLN C 131 16.26 -15.18 58.45
C GLN C 131 14.82 -14.75 58.73
N THR C 132 14.68 -13.49 59.14
CA THR C 132 13.36 -12.88 59.29
C THR C 132 13.04 -11.97 58.10
N ARG C 133 13.89 -10.98 57.84
CA ARG C 133 13.72 -10.14 56.67
C ARG C 133 14.25 -10.82 55.42
N TRP C 134 13.67 -10.45 54.27
CA TRP C 134 14.14 -10.95 52.99
C TRP C 134 15.49 -10.34 52.65
N LYS C 135 16.35 -11.14 52.05
CA LYS C 135 17.61 -10.66 51.48
C LYS C 135 17.77 -11.24 50.09
N HIS C 136 18.61 -10.61 49.29
CA HIS C 136 18.92 -11.11 47.97
C HIS C 136 20.08 -12.09 48.07
N GLN C 137 19.88 -13.29 47.53
CA GLN C 137 20.89 -14.33 47.53
C GLN C 137 21.36 -14.59 46.11
N VAL C 138 22.68 -14.73 45.95
CA VAL C 138 23.23 -15.19 44.69
C VAL C 138 22.86 -16.65 44.51
N SER C 139 22.38 -17.01 43.31
CA SER C 139 21.86 -18.35 43.06
C SER C 139 22.95 -19.41 43.00
N ASP C 140 24.20 -19.01 42.81
CA ASP C 140 25.32 -19.94 42.77
C ASP C 140 25.93 -20.18 44.14
N ASN C 141 25.35 -19.61 45.20
CA ASN C 141 25.82 -19.89 46.55
C ASN C 141 25.40 -21.29 46.97
N LYS C 142 26.33 -22.04 47.56
CA LYS C 142 26.11 -23.42 47.93
C LYS C 142 25.83 -23.61 49.42
N ASP C 143 25.53 -22.53 50.14
CA ASP C 143 25.22 -22.63 51.55
C ASP C 143 23.84 -23.25 51.76
N SER C 144 23.72 -24.08 52.80
CA SER C 144 22.45 -24.74 53.08
C SER C 144 22.10 -24.78 54.56
N PHE C 145 22.89 -24.16 55.43
CA PHE C 145 22.60 -24.15 56.87
C PHE C 145 21.81 -22.91 57.26
N TYR C 146 20.70 -22.66 56.57
CA TYR C 146 19.91 -21.46 56.78
C TYR C 146 18.50 -21.69 56.26
N VAL C 147 17.53 -21.06 56.93
CA VAL C 147 16.15 -21.00 56.47
C VAL C 147 15.68 -19.56 56.59
N SER C 148 14.58 -19.26 55.88
CA SER C 148 13.98 -17.93 55.89
C SER C 148 12.47 -18.06 56.05
N LEU C 149 11.87 -17.07 56.72
CA LEU C 149 10.42 -17.04 56.89
C LEU C 149 9.74 -15.88 56.18
N TYR C 150 10.47 -14.94 55.62
CA TYR C 150 9.84 -13.97 54.75
C TYR C 150 9.35 -14.67 53.49
N PRO C 151 8.18 -14.30 52.97
CA PRO C 151 7.72 -14.88 51.71
C PRO C 151 8.63 -14.50 50.56
N ASP C 152 8.87 -15.47 49.68
CA ASP C 152 9.73 -15.24 48.52
C ASP C 152 9.01 -14.31 47.56
N PHE C 153 9.77 -13.35 47.01
CA PHE C 153 9.17 -12.32 46.17
C PHE C 153 8.85 -12.81 44.77
N SER C 154 9.26 -14.02 44.40
CA SER C 154 8.71 -14.66 43.21
C SER C 154 7.23 -14.94 43.39
N SER C 155 6.86 -15.51 44.55
CA SER C 155 5.46 -15.81 44.82
C SER C 155 4.65 -14.53 45.07
N LEU C 156 5.28 -13.53 45.71
CA LEU C 156 4.61 -12.25 45.91
C LEU C 156 4.44 -11.50 44.59
N SER C 157 5.42 -11.61 43.69
CA SER C 157 5.32 -11.00 42.37
C SER C 157 4.25 -11.69 41.53
N ARG C 158 4.13 -13.01 41.66
CA ARG C 158 3.06 -13.73 40.98
C ARG C 158 1.69 -13.37 41.56
N ALA C 159 1.62 -13.11 42.87
CA ALA C 159 0.38 -12.64 43.48
C ALA C 159 -0.02 -11.25 43.00
N ILE C 160 0.96 -10.35 42.87
CA ILE C 160 0.70 -9.00 42.37
C ILE C 160 0.29 -9.06 40.89
N LEU C 161 0.91 -9.95 40.12
CA LEU C 161 0.56 -10.12 38.71
C LEU C 161 -0.84 -10.72 38.55
N ASP C 162 -1.22 -11.66 39.42
CA ASP C 162 -2.57 -12.20 39.37
C ASP C 162 -3.61 -11.18 39.81
N LEU C 163 -3.28 -10.31 40.76
CA LEU C 163 -4.18 -9.24 41.17
C LEU C 163 -4.34 -8.21 40.05
N VAL C 164 -3.26 -7.91 39.33
CA VAL C 164 -3.32 -6.98 38.21
C VAL C 164 -4.13 -7.57 37.05
N GLN C 165 -3.94 -8.87 36.78
CA GLN C 165 -4.72 -9.53 35.74
C GLN C 165 -6.19 -9.69 36.14
N PHE C 166 -6.48 -9.76 37.44
CA PHE C 166 -7.86 -9.72 37.89
C PHE C 166 -8.46 -8.33 37.71
N PHE C 167 -7.68 -7.28 38.00
CA PHE C 167 -8.20 -5.92 37.91
C PHE C 167 -8.27 -5.40 36.48
N LYS C 168 -7.71 -6.12 35.51
CA LYS C 168 -7.76 -5.83 34.08
C LYS C 168 -7.15 -4.46 33.75
N TRP C 169 -5.87 -4.32 34.02
CA TRP C 169 -5.14 -3.09 33.78
C TRP C 169 -4.35 -3.17 32.48
N LYS C 170 -4.01 -2.00 31.96
CA LYS C 170 -3.21 -1.91 30.74
C LYS C 170 -1.98 -1.04 30.90
N THR C 171 -2.08 0.06 31.65
CA THR C 171 -0.96 0.97 31.88
C THR C 171 -0.71 1.05 33.37
N VAL C 172 0.44 0.54 33.81
CA VAL C 172 0.79 0.45 35.22
C VAL C 172 2.05 1.26 35.47
N THR C 173 2.01 2.15 36.46
CA THR C 173 3.19 2.87 36.91
C THR C 173 3.70 2.21 38.19
N VAL C 174 4.94 1.73 38.15
CA VAL C 174 5.56 1.05 39.28
C VAL C 174 6.56 2.00 39.91
N VAL C 175 6.32 2.35 41.17
CA VAL C 175 7.21 3.23 41.92
C VAL C 175 8.00 2.35 42.89
N TYR C 176 9.32 2.42 42.81
CA TYR C 176 10.17 1.64 43.70
C TYR C 176 11.11 2.57 44.47
N ASP C 177 11.38 2.19 45.72
CA ASP C 177 12.20 3.02 46.60
C ASP C 177 13.66 2.61 46.58
N ASP C 178 13.95 1.37 46.94
CA ASP C 178 15.32 0.88 47.05
C ASP C 178 15.76 0.26 45.73
N SER C 179 17.04 0.43 45.41
CA SER C 179 17.59 -0.13 44.18
C SER C 179 17.66 -1.64 44.22
N THR C 180 17.78 -2.23 45.41
CA THR C 180 17.64 -3.67 45.58
C THR C 180 16.20 -4.13 45.52
N GLY C 181 15.23 -3.20 45.60
CA GLY C 181 13.82 -3.55 45.55
C GLY C 181 13.31 -3.91 44.17
N LEU C 182 14.10 -3.68 43.12
CA LEU C 182 13.68 -4.07 41.77
C LEU C 182 13.75 -5.58 41.58
N ILE C 183 14.56 -6.27 42.39
CA ILE C 183 14.60 -7.74 42.39
C ILE C 183 13.30 -8.31 42.93
N ARG C 184 12.63 -7.57 43.82
CA ARG C 184 11.38 -8.02 44.41
C ARG C 184 10.20 -7.93 43.45
N LEU C 185 10.36 -7.32 42.29
CA LEU C 185 9.30 -7.16 41.29
C LEU C 185 9.78 -7.61 39.91
N GLN C 186 10.36 -8.81 39.85
CA GLN C 186 10.89 -9.33 38.59
C GLN C 186 9.77 -9.68 37.61
N GLU C 187 8.78 -10.43 38.07
CA GLU C 187 7.77 -11.00 37.17
C GLU C 187 6.82 -9.94 36.63
N LEU C 188 6.69 -8.80 37.32
CA LEU C 188 5.97 -7.66 36.75
C LEU C 188 6.69 -7.11 35.54
N ILE C 189 8.03 -7.06 35.60
CA ILE C 189 8.82 -6.62 34.46
C ILE C 189 8.82 -7.68 33.35
N LYS C 190 8.76 -8.96 33.72
CA LYS C 190 8.66 -10.01 32.71
C LYS C 190 7.28 -10.09 32.06
N ALA C 191 6.25 -9.52 32.71
CA ALA C 191 4.89 -9.59 32.21
C ALA C 191 4.61 -8.96 30.84
N PRO C 192 5.17 -7.79 30.44
CA PRO C 192 4.92 -7.32 29.05
C PRO C 192 5.52 -8.17 27.95
N SER C 193 6.43 -9.09 28.26
CA SER C 193 6.93 -10.01 27.25
C SER C 193 5.86 -11.02 26.85
N ARG C 194 5.01 -11.45 27.79
CA ARG C 194 4.03 -12.48 27.53
C ARG C 194 2.59 -11.99 27.55
N TYR C 195 2.32 -10.80 28.09
CA TYR C 195 0.97 -10.26 28.16
C TYR C 195 0.90 -8.96 27.37
N ASN C 196 -0.24 -8.29 27.46
CA ASN C 196 -0.43 -6.96 26.91
C ASN C 196 -0.45 -5.99 28.08
N LEU C 197 0.64 -5.25 28.26
CA LEU C 197 0.80 -4.38 29.42
C LEU C 197 1.83 -3.32 29.07
N ARG C 198 1.72 -2.16 29.71
CA ARG C 198 2.66 -1.07 29.51
C ARG C 198 3.11 -0.55 30.87
N LEU C 199 4.39 -0.71 31.17
CA LEU C 199 4.94 -0.32 32.45
C LEU C 199 5.66 1.02 32.35
N LYS C 200 5.54 1.82 33.40
CA LYS C 200 6.37 3.01 33.57
C LYS C 200 7.00 2.91 34.96
N ILE C 201 8.31 2.70 35.01
CA ILE C 201 9.01 2.42 36.25
C ILE C 201 9.72 3.68 36.70
N ARG C 202 9.40 4.14 37.92
CA ARG C 202 9.96 5.36 38.47
C ARG C 202 10.55 5.10 39.85
N GLN C 203 11.65 5.79 40.14
CA GLN C 203 12.38 5.63 41.40
C GLN C 203 12.08 6.82 42.32
N LEU C 204 11.86 6.52 43.59
CA LEU C 204 11.76 7.55 44.60
C LEU C 204 13.12 8.21 44.82
N PRO C 205 13.13 9.49 45.21
CA PRO C 205 14.39 10.14 45.57
C PRO C 205 14.99 9.57 46.84
N ALA C 206 16.31 9.74 46.97
CA ALA C 206 17.02 9.27 48.15
C ALA C 206 16.64 10.06 49.40
N ASP C 207 16.26 11.33 49.23
CA ASP C 207 15.66 12.08 50.32
C ASP C 207 14.26 11.56 50.59
N THR C 208 13.87 11.56 51.86
CA THR C 208 12.63 10.88 52.27
C THR C 208 11.39 11.68 51.93
N LYS C 209 11.46 13.01 52.00
CA LYS C 209 10.28 13.86 51.93
C LYS C 209 10.07 14.50 50.57
N ASP C 210 10.77 14.04 49.53
CA ASP C 210 10.67 14.62 48.20
C ASP C 210 9.77 13.82 47.28
N ALA C 211 8.66 13.28 47.80
CA ALA C 211 7.67 12.62 46.96
C ALA C 211 6.82 13.61 46.16
N LYS C 212 6.87 14.90 46.49
CA LYS C 212 6.10 15.91 45.77
C LYS C 212 6.49 16.09 44.30
N PRO C 213 7.78 16.16 43.89
CA PRO C 213 8.04 16.18 42.43
C PRO C 213 7.73 14.88 41.72
N LEU C 214 7.83 13.74 42.41
CA LEU C 214 7.44 12.47 41.82
C LEU C 214 5.94 12.41 41.58
N LEU C 215 5.14 12.92 42.52
CA LEU C 215 3.70 12.94 42.33
C LEU C 215 3.28 14.02 41.34
N LYS C 216 4.08 15.09 41.22
CA LYS C 216 3.86 16.06 40.15
C LYS C 216 4.14 15.46 38.78
N GLU C 217 5.14 14.57 38.71
CA GLU C 217 5.34 13.78 37.49
C GLU C 217 4.23 12.77 37.28
N MET C 218 3.62 12.29 38.37
CA MET C 218 2.48 11.37 38.25
C MET C 218 1.24 12.07 37.71
N LYS C 219 1.04 13.35 38.06
CA LYS C 219 -0.14 14.07 37.61
C LYS C 219 -0.09 14.34 36.11
N ARG C 220 1.09 14.65 35.57
CA ARG C 220 1.25 14.67 34.13
C ARG C 220 1.30 13.24 33.60
N GLY C 221 0.84 13.07 32.36
CA GLY C 221 0.88 11.77 31.73
C GLY C 221 -0.21 10.80 32.13
N LYS C 222 -1.14 11.23 33.01
CA LYS C 222 -2.34 10.49 33.42
C LYS C 222 -2.00 9.15 34.07
N GLU C 223 -1.05 9.18 35.00
CA GLU C 223 -0.67 7.98 35.75
C GLU C 223 -1.76 7.69 36.78
N PHE C 224 -2.53 6.63 36.55
CA PHE C 224 -3.71 6.34 37.38
C PHE C 224 -3.60 5.07 38.19
N HIS C 225 -2.86 4.07 37.72
CA HIS C 225 -2.74 2.78 38.40
C HIS C 225 -1.30 2.61 38.85
N VAL C 226 -1.05 2.86 40.13
CA VAL C 226 0.29 2.91 40.70
C VAL C 226 0.48 1.72 41.61
N ILE C 227 1.60 1.02 41.44
CA ILE C 227 2.04 -0.03 42.36
C ILE C 227 3.25 0.49 43.12
N PHE C 228 3.10 0.65 44.42
CA PHE C 228 4.16 1.18 45.27
C PHE C 228 4.96 0.04 45.88
N ASP C 229 6.28 0.23 45.97
CA ASP C 229 7.17 -0.78 46.56
C ASP C 229 8.13 -0.07 47.50
N CYS C 230 7.73 0.04 48.76
CA CYS C 230 8.53 0.71 49.78
C CYS C 230 8.10 0.17 51.14
N SER C 231 8.72 0.72 52.18
CA SER C 231 8.27 0.44 53.54
C SER C 231 6.96 1.16 53.82
N HIS C 232 6.26 0.71 54.86
CA HIS C 232 4.98 1.29 55.22
C HIS C 232 5.10 2.69 55.81
N GLU C 233 6.26 3.03 56.37
CA GLU C 233 6.51 4.41 56.80
C GLU C 233 6.64 5.34 55.60
N MET C 234 7.35 4.88 54.57
CA MET C 234 7.43 5.62 53.31
C MET C 234 6.07 5.68 52.63
N ALA C 235 5.28 4.62 52.77
CA ALA C 235 3.92 4.62 52.23
C ALA C 235 3.04 5.64 52.94
N ALA C 236 3.19 5.78 54.26
CA ALA C 236 2.44 6.79 55.00
C ALA C 236 2.85 8.20 54.60
N GLY C 237 4.15 8.43 54.41
CA GLY C 237 4.62 9.73 53.96
C GLY C 237 4.17 10.07 52.55
N ILE C 238 4.17 9.07 51.66
CA ILE C 238 3.71 9.27 50.29
C ILE C 238 2.21 9.53 50.23
N LEU C 239 1.44 8.82 51.08
CA LEU C 239 0.00 9.06 51.14
C LEU C 239 -0.34 10.43 51.71
N LYS C 240 0.44 10.92 52.69
CA LYS C 240 0.26 12.28 53.18
C LYS C 240 0.59 13.32 52.11
N GLN C 241 1.71 13.12 51.39
CA GLN C 241 2.09 14.06 50.34
C GLN C 241 1.16 13.99 49.12
N ALA C 242 0.47 12.87 48.92
CA ALA C 242 -0.51 12.77 47.84
C ALA C 242 -1.89 13.29 48.25
N LEU C 243 -2.24 13.20 49.53
CA LEU C 243 -3.44 13.86 50.03
C LEU C 243 -3.28 15.38 49.99
N ALA C 244 -2.07 15.86 50.29
CA ALA C 244 -1.81 17.30 50.21
C ALA C 244 -1.82 17.81 48.78
N MET C 245 -1.50 16.96 47.81
CA MET C 245 -1.53 17.34 46.40
C MET C 245 -2.88 17.06 45.73
N GLY C 246 -3.85 16.56 46.48
CA GLY C 246 -5.16 16.32 45.92
C GLY C 246 -5.25 15.10 45.02
N MET C 247 -4.49 14.06 45.31
CA MET C 247 -4.55 12.81 44.54
C MET C 247 -5.31 11.72 45.29
N MET C 248 -6.12 12.10 46.27
CA MET C 248 -6.98 11.14 46.98
C MET C 248 -8.39 11.14 46.39
N THR C 249 -8.45 10.86 45.09
CA THR C 249 -9.71 10.86 44.36
C THR C 249 -10.16 9.42 44.09
N GLU C 250 -11.27 9.29 43.38
CA GLU C 250 -11.77 7.99 42.95
C GLU C 250 -11.19 7.56 41.61
N TYR C 251 -10.37 8.41 40.98
CA TYR C 251 -9.73 8.02 39.73
C TYR C 251 -8.59 7.03 39.98
N TYR C 252 -7.79 7.27 41.03
CA TYR C 252 -6.56 6.53 41.23
C TYR C 252 -6.80 5.19 41.91
N HIS C 253 -5.91 4.25 41.64
CA HIS C 253 -5.90 2.94 42.30
C HIS C 253 -4.48 2.65 42.75
N TYR C 254 -4.33 2.23 44.00
CA TYR C 254 -3.02 1.97 44.59
C TYR C 254 -2.92 0.51 45.02
N ILE C 255 -1.78 -0.10 44.74
CA ILE C 255 -1.45 -1.44 45.22
C ILE C 255 -0.14 -1.34 45.96
N PHE C 256 -0.14 -1.75 47.23
CA PHE C 256 1.04 -1.69 48.08
C PHE C 256 1.61 -3.08 48.24
N THR C 257 2.89 -3.25 47.91
CA THR C 257 3.52 -4.56 47.98
C THR C 257 4.02 -4.90 49.38
N THR C 258 3.96 -3.96 50.32
CA THR C 258 4.35 -4.25 51.69
C THR C 258 3.30 -5.13 52.37
N LEU C 259 3.75 -5.87 53.37
CA LEU C 259 2.91 -6.88 54.02
C LEU C 259 2.32 -6.38 55.34
N ASP C 260 2.29 -5.07 55.55
CA ASP C 260 1.77 -4.52 56.79
C ASP C 260 0.90 -3.30 56.51
N LEU C 261 0.01 -3.39 55.52
CA LEU C 261 -0.89 -2.30 55.21
C LEU C 261 -2.03 -2.18 56.22
N PHE C 262 -2.33 -3.24 56.97
CA PHE C 262 -3.37 -3.16 57.98
C PHE C 262 -2.92 -2.36 59.20
N ALA C 263 -1.61 -2.22 59.41
CA ALA C 263 -1.09 -1.38 60.48
C ALA C 263 -1.10 0.10 60.14
N LEU C 264 -1.46 0.47 58.91
CA LEU C 264 -1.45 1.86 58.48
C LEU C 264 -2.67 2.60 59.00
N ASP C 265 -2.47 3.85 59.40
CA ASP C 265 -3.58 4.74 59.71
C ASP C 265 -4.31 5.14 58.45
N VAL C 266 -5.60 4.84 58.39
CA VAL C 266 -6.39 5.08 57.18
C VAL C 266 -7.58 5.96 57.49
N GLU C 267 -7.45 6.81 58.52
CA GLU C 267 -8.59 7.61 58.95
C GLU C 267 -8.90 8.81 58.04
N PRO C 268 -7.94 9.62 57.56
CA PRO C 268 -8.33 10.64 56.56
C PRO C 268 -8.68 10.08 55.19
N TYR C 269 -8.22 8.88 54.86
CA TYR C 269 -8.41 8.31 53.53
C TYR C 269 -9.63 7.40 53.45
N ARG C 270 -10.42 7.32 54.53
CA ARG C 270 -11.48 6.33 54.60
C ARG C 270 -12.68 6.73 53.75
N TYR C 271 -13.07 7.99 53.77
CA TYR C 271 -14.25 8.46 53.05
C TYR C 271 -13.91 9.15 51.74
N SER C 272 -12.65 9.09 51.31
CA SER C 272 -12.24 9.75 50.08
C SER C 272 -12.56 8.96 48.82
N GLY C 273 -13.05 7.72 48.96
CA GLY C 273 -13.38 6.92 47.80
C GLY C 273 -12.21 6.42 47.01
N VAL C 274 -11.07 6.21 47.68
CA VAL C 274 -9.84 5.80 47.00
C VAL C 274 -9.86 4.30 46.80
N ASN C 275 -9.73 3.87 45.55
CA ASN C 275 -9.43 2.47 45.22
C ASN C 275 -8.08 2.10 45.81
N MET C 276 -8.05 1.17 46.76
CA MET C 276 -6.79 0.80 47.40
C MET C 276 -6.83 -0.66 47.81
N THR C 277 -5.80 -1.41 47.43
CA THR C 277 -5.73 -2.84 47.64
C THR C 277 -4.37 -3.20 48.20
N GLY C 278 -4.34 -4.13 49.16
CA GLY C 278 -3.10 -4.55 49.78
C GLY C 278 -3.16 -6.00 50.22
N PHE C 279 -2.07 -6.45 50.81
CA PHE C 279 -1.90 -7.83 51.24
C PHE C 279 -1.67 -7.89 52.75
N ARG C 280 -2.17 -8.95 53.36
CA ARG C 280 -1.97 -9.23 54.78
C ARG C 280 -1.47 -10.65 54.93
N ILE C 281 -0.57 -10.86 55.89
CA ILE C 281 -0.15 -12.20 56.25
C ILE C 281 -0.51 -12.56 57.70
N LEU C 282 -0.71 -11.57 58.57
CA LEU C 282 -1.09 -11.80 59.96
C LEU C 282 -2.61 -11.98 60.00
N ASN C 283 -3.04 -13.23 60.15
CA ASN C 283 -4.47 -13.56 60.21
C ASN C 283 -5.06 -13.14 61.57
N THR C 284 -5.42 -11.85 61.65
CA THR C 284 -5.83 -11.22 62.90
C THR C 284 -7.22 -11.64 63.37
N GLU C 285 -7.99 -12.34 62.54
CA GLU C 285 -9.33 -12.78 62.94
C GLU C 285 -9.32 -13.94 63.91
N ASN C 286 -8.18 -14.61 64.10
CA ASN C 286 -8.11 -15.71 65.06
C ASN C 286 -8.12 -15.17 66.49
N THR C 287 -8.61 -16.00 67.41
CA THR C 287 -8.68 -15.60 68.81
C THR C 287 -7.29 -15.63 69.45
N GLN C 288 -6.48 -16.64 69.12
CA GLN C 288 -5.14 -16.74 69.67
C GLN C 288 -4.23 -15.62 69.15
N VAL C 289 -4.38 -15.29 67.86
CA VAL C 289 -3.61 -14.22 67.24
C VAL C 289 -3.97 -12.87 67.86
N SER C 290 -5.27 -12.63 68.07
CA SER C 290 -5.72 -11.38 68.69
C SER C 290 -5.30 -11.28 70.15
N SER C 291 -5.33 -12.40 70.89
CA SER C 291 -4.89 -12.41 72.28
C SER C 291 -3.38 -12.19 72.39
N ILE C 292 -2.61 -12.77 71.47
CA ILE C 292 -1.16 -12.57 71.45
C ILE C 292 -0.82 -11.12 71.08
N ILE C 293 -1.61 -10.54 70.17
CA ILE C 293 -1.47 -9.14 69.78
C ILE C 293 -1.77 -8.22 70.96
N GLU C 294 -2.84 -8.51 71.71
CA GLU C 294 -3.20 -7.67 72.85
C GLU C 294 -2.23 -7.85 74.02
N LYS C 295 -1.62 -9.02 74.15
CA LYS C 295 -0.59 -9.19 75.17
C LYS C 295 0.70 -8.48 74.78
N TRP C 296 1.07 -8.50 73.50
CA TRP C 296 2.28 -7.84 73.05
C TRP C 296 2.12 -6.33 72.98
N SER C 297 0.88 -5.83 72.87
CA SER C 297 0.67 -4.39 72.85
C SER C 297 0.97 -3.74 74.20
N MET C 298 0.79 -4.49 75.30
CA MET C 298 1.17 -3.98 76.61
C MET C 298 2.68 -3.81 76.73
N GLU C 299 3.44 -4.72 76.14
CA GLU C 299 4.90 -4.54 76.09
C GLU C 299 5.30 -3.47 75.09
N ARG C 300 4.48 -3.25 74.05
CA ARG C 300 4.78 -2.21 73.08
C ARG C 300 4.56 -0.82 73.66
N LEU C 301 3.53 -0.63 74.50
CA LEU C 301 3.21 0.69 75.05
C LEU C 301 4.25 1.22 76.03
N GLN C 302 5.15 0.36 76.53
CA GLN C 302 6.32 0.86 77.25
C GLN C 302 7.28 1.59 76.32
N ALA C 303 7.35 1.17 75.06
CA ALA C 303 8.12 1.90 74.06
C ALA C 303 7.30 3.05 73.50
N PRO C 304 7.77 4.29 73.59
CA PRO C 304 7.00 5.42 73.05
C PRO C 304 7.04 5.46 71.53
N PRO C 305 5.88 5.39 70.87
CA PRO C 305 5.87 5.50 69.41
C PRO C 305 5.72 6.94 68.94
N LYS C 306 5.61 7.14 67.63
CA LYS C 306 5.34 8.47 67.09
C LYS C 306 3.87 8.55 66.71
N PRO C 307 3.04 9.28 67.46
CA PRO C 307 1.60 9.29 67.16
C PRO C 307 1.20 10.20 66.00
N ASP C 308 2.12 11.04 65.51
CA ASP C 308 1.83 11.95 64.40
C ASP C 308 2.49 11.51 63.10
N SER C 309 2.94 10.26 63.03
CA SER C 309 3.60 9.73 61.84
C SER C 309 2.63 9.09 60.86
N GLY C 310 1.33 9.15 61.13
CA GLY C 310 0.38 8.49 60.26
C GLY C 310 0.36 6.98 60.38
N LEU C 311 0.70 6.44 61.55
CA LEU C 311 0.70 5.01 61.79
C LEU C 311 -0.34 4.67 62.84
N LEU C 312 -1.12 3.62 62.59
CA LEU C 312 -2.10 3.17 63.58
C LEU C 312 -1.41 2.47 64.74
N ASP C 313 -1.91 2.72 65.94
CA ASP C 313 -1.21 2.32 67.16
C ASP C 313 -1.58 0.89 67.55
N GLY C 314 -0.60 0.19 68.12
CA GLY C 314 -0.84 -1.10 68.74
C GLY C 314 -0.87 -2.30 67.81
N PHE C 315 -0.71 -2.11 66.50
CA PHE C 315 -0.69 -3.23 65.57
C PHE C 315 0.73 -3.72 65.37
N MET C 316 0.91 -5.03 65.47
CA MET C 316 2.22 -5.63 65.27
C MET C 316 2.64 -5.58 63.81
N THR C 317 3.93 -5.38 63.60
CA THR C 317 4.49 -5.40 62.25
C THR C 317 4.66 -6.85 61.78
N THR C 318 5.12 -7.01 60.55
CA THR C 318 5.28 -8.34 59.98
C THR C 318 6.50 -9.04 60.56
N ASP C 319 7.61 -8.30 60.74
CA ASP C 319 8.86 -8.92 61.14
C ASP C 319 8.87 -9.37 62.61
N ALA C 320 8.10 -8.69 63.46
CA ALA C 320 7.98 -9.09 64.86
C ALA C 320 7.26 -10.43 65.00
N ALA C 321 6.14 -10.58 64.29
CA ALA C 321 5.44 -11.86 64.27
C ALA C 321 6.23 -12.94 63.55
N LEU C 322 7.04 -12.54 62.56
CA LEU C 322 7.92 -13.49 61.89
C LEU C 322 9.00 -14.01 62.82
N MET C 323 9.55 -13.15 63.68
CA MET C 323 10.54 -13.60 64.65
C MET C 323 9.91 -14.44 65.76
N TYR C 324 8.68 -14.11 66.15
CA TYR C 324 7.91 -14.94 67.09
C TYR C 324 7.70 -16.34 66.53
N ASP C 325 7.30 -16.43 65.27
CA ASP C 325 7.10 -17.73 64.63
C ASP C 325 8.43 -18.44 64.38
N ALA C 326 9.51 -17.68 64.24
CA ALA C 326 10.84 -18.28 64.11
C ALA C 326 11.26 -18.99 65.38
N VAL C 327 11.12 -18.31 66.53
CA VAL C 327 11.45 -18.92 67.82
C VAL C 327 10.52 -20.10 68.11
N HIS C 328 9.25 -19.98 67.69
CA HIS C 328 8.28 -21.05 67.92
C HIS C 328 8.58 -22.29 67.08
N VAL C 329 8.92 -22.11 65.79
CA VAL C 329 9.20 -23.28 64.96
C VAL C 329 10.59 -23.86 65.25
N VAL C 330 11.53 -23.06 65.77
CA VAL C 330 12.81 -23.61 66.19
C VAL C 330 12.63 -24.42 67.48
N SER C 331 11.76 -23.96 68.39
CA SER C 331 11.42 -24.78 69.55
C SER C 331 10.66 -26.05 69.18
N VAL C 332 9.85 -26.00 68.11
CA VAL C 332 9.21 -27.19 67.55
C VAL C 332 10.26 -28.19 67.06
N ALA C 333 11.28 -27.69 66.36
CA ALA C 333 12.35 -28.58 65.88
C ALA C 333 13.24 -29.08 67.01
N VAL C 334 13.39 -28.30 68.08
CA VAL C 334 14.12 -28.74 69.27
C VAL C 334 13.36 -29.86 69.98
N GLN C 335 12.02 -29.79 69.97
CA GLN C 335 11.16 -30.73 70.69
C GLN C 335 11.32 -32.18 70.20
N GLN C 336 11.50 -32.36 68.89
CA GLN C 336 11.68 -33.70 68.34
C GLN C 336 13.13 -34.19 68.40
N PHE C 337 14.04 -33.46 69.02
CA PHE C 337 15.43 -33.87 69.17
C PHE C 337 15.81 -33.86 70.65
N PRO C 338 15.74 -34.99 71.34
CA PRO C 338 16.10 -35.02 72.77
C PRO C 338 17.59 -35.01 73.04
N GLN C 339 18.43 -35.26 72.04
CA GLN C 339 19.88 -35.31 72.23
C GLN C 339 20.55 -33.96 72.00
N MET C 340 19.79 -32.87 72.05
CA MET C 340 20.34 -31.54 71.76
C MET C 340 21.14 -31.04 72.94
N THR C 341 22.45 -30.88 72.74
CA THR C 341 23.35 -30.35 73.74
C THR C 341 24.01 -29.08 73.20
N VAL C 342 24.19 -28.09 74.08
CA VAL C 342 24.92 -26.88 73.70
C VAL C 342 26.40 -27.20 73.68
N SER C 343 27.05 -26.94 72.53
CA SER C 343 28.47 -27.16 72.38
C SER C 343 29.11 -25.90 71.82
N SER C 344 30.18 -25.44 72.48
CA SER C 344 30.89 -24.25 72.02
C SER C 344 31.72 -24.57 70.78
N LEU C 345 31.91 -23.56 69.95
CA LEU C 345 32.67 -23.69 68.72
C LEU C 345 33.59 -22.49 68.56
N GLN C 346 34.65 -22.69 67.78
CA GLN C 346 35.69 -21.68 67.59
C GLN C 346 35.67 -21.16 66.16
N CYS C 347 36.15 -19.93 65.98
CA CYS C 347 36.24 -19.33 64.65
C CYS C 347 37.64 -19.34 64.06
N ASN C 348 38.68 -19.50 64.89
CA ASN C 348 40.04 -19.55 64.37
C ASN C 348 40.28 -20.86 63.61
N ARG C 349 39.72 -21.95 64.09
CA ARG C 349 39.58 -23.17 63.32
C ARG C 349 38.14 -23.30 62.86
N HIS C 350 37.90 -24.28 61.99
CA HIS C 350 36.58 -24.48 61.39
C HIS C 350 36.12 -25.92 61.56
N LYS C 351 36.21 -26.41 62.79
CA LYS C 351 35.66 -27.73 63.12
C LYS C 351 34.15 -27.69 63.04
N PRO C 352 33.52 -28.56 62.24
CA PRO C 352 32.05 -28.52 62.12
C PRO C 352 31.36 -29.07 63.35
N TRP C 353 30.08 -28.75 63.46
CA TRP C 353 29.29 -29.12 64.63
C TRP C 353 28.73 -30.52 64.46
N ARG C 354 28.76 -31.29 65.54
CA ARG C 354 28.36 -32.70 65.51
C ARG C 354 26.87 -32.91 65.38
N PHE C 355 26.05 -31.88 65.68
CA PHE C 355 24.60 -32.00 65.61
C PHE C 355 24.01 -31.15 64.51
N GLY C 356 24.81 -30.72 63.54
CA GLY C 356 24.34 -29.78 62.54
C GLY C 356 23.36 -30.37 61.54
N THR C 357 23.68 -31.57 61.03
CA THR C 357 22.92 -32.13 59.90
C THR C 357 21.54 -32.61 60.35
N ARG C 358 21.47 -33.30 61.48
CA ARG C 358 20.20 -33.82 62.00
C ARG C 358 19.27 -32.68 62.42
N PHE C 359 19.82 -31.66 63.09
CA PHE C 359 19.00 -30.52 63.49
C PHE C 359 18.57 -29.66 62.31
N MET C 360 19.42 -29.54 61.28
CA MET C 360 19.02 -28.80 60.09
C MET C 360 17.97 -29.55 59.29
N SER C 361 18.06 -30.88 59.25
CA SER C 361 17.02 -31.68 58.62
C SER C 361 15.72 -31.64 59.41
N LEU C 362 15.80 -31.54 60.74
CA LEU C 362 14.58 -31.40 61.54
C LEU C 362 13.98 -30.00 61.40
N ILE C 363 14.82 -28.98 61.19
CA ILE C 363 14.31 -27.63 60.97
C ILE C 363 13.62 -27.54 59.61
N LYS C 364 14.25 -28.10 58.57
CA LYS C 364 13.68 -28.01 57.22
C LYS C 364 12.46 -28.90 57.03
N GLU C 365 12.29 -29.92 57.86
CA GLU C 365 11.09 -30.77 57.80
C GLU C 365 10.04 -30.34 58.81
N ALA C 366 10.22 -29.21 59.48
CA ALA C 366 9.23 -28.72 60.41
C ALA C 366 8.04 -28.11 59.65
N HIS C 367 6.91 -28.05 60.33
CA HIS C 367 5.68 -27.53 59.75
C HIS C 367 4.78 -27.07 60.88
N TRP C 368 4.40 -25.80 60.88
CA TRP C 368 3.67 -25.27 62.03
C TRP C 368 2.66 -24.20 61.62
N GLU C 369 1.49 -24.24 62.27
CA GLU C 369 0.50 -23.18 62.14
C GLU C 369 0.76 -22.14 63.22
N GLY C 370 1.28 -20.98 62.80
CA GLY C 370 1.57 -19.90 63.72
C GLY C 370 0.88 -18.60 63.35
N LEU C 371 1.51 -17.47 63.71
CA LEU C 371 0.92 -16.15 63.52
C LEU C 371 0.78 -15.78 62.05
N THR C 372 1.65 -16.32 61.19
CA THR C 372 1.52 -16.14 59.76
C THR C 372 0.75 -17.28 59.09
N GLY C 373 -0.06 -18.00 59.85
CA GLY C 373 -0.84 -19.09 59.26
C GLY C 373 0.03 -20.32 59.08
N ARG C 374 -0.01 -20.90 57.89
CA ARG C 374 0.82 -22.06 57.59
C ARG C 374 2.28 -21.66 57.48
N ILE C 375 3.16 -22.46 58.07
CA ILE C 375 4.60 -22.26 57.98
C ILE C 375 5.20 -23.58 57.54
N THR C 376 5.84 -23.57 56.37
CA THR C 376 6.55 -24.70 55.82
C THR C 376 7.78 -24.17 55.09
N PHE C 377 8.67 -25.09 54.72
CA PHE C 377 9.91 -24.71 54.05
C PHE C 377 10.07 -25.51 52.76
N ASN C 378 10.86 -24.97 51.85
CA ASN C 378 11.18 -25.65 50.62
C ASN C 378 12.30 -26.65 50.86
N LYS C 379 12.24 -27.78 50.17
CA LYS C 379 13.25 -28.82 50.31
C LYS C 379 14.54 -28.45 49.59
N THR C 380 14.48 -27.54 48.61
CA THR C 380 15.64 -27.17 47.82
C THR C 380 16.26 -25.85 48.29
N ASN C 381 15.47 -24.77 48.30
CA ASN C 381 15.99 -23.45 48.63
C ASN C 381 15.97 -23.17 50.13
N GLY C 382 15.06 -23.79 50.87
CA GLY C 382 14.90 -23.43 52.27
C GLY C 382 14.21 -22.11 52.49
N LEU C 383 13.45 -21.64 51.50
CA LEU C 383 12.74 -20.37 51.58
C LEU C 383 11.25 -20.62 51.72
N ARG C 384 10.57 -19.71 52.42
CA ARG C 384 9.12 -19.79 52.61
C ARG C 384 8.45 -19.43 51.29
N THR C 385 7.96 -20.44 50.57
CA THR C 385 7.34 -20.25 49.28
C THR C 385 5.90 -20.73 49.20
N ASP C 386 5.41 -21.46 50.20
CA ASP C 386 4.04 -21.94 50.22
C ASP C 386 3.37 -21.42 51.49
N PHE C 387 2.36 -20.57 51.32
CA PHE C 387 1.76 -19.85 52.44
C PHE C 387 0.36 -19.43 52.05
N ASP C 388 -0.28 -18.62 52.90
CA ASP C 388 -1.58 -18.03 52.63
C ASP C 388 -1.46 -16.51 52.68
N LEU C 389 -2.21 -15.84 51.82
CA LEU C 389 -2.24 -14.39 51.81
C LEU C 389 -3.68 -13.90 51.86
N ASP C 390 -3.92 -12.86 52.65
CA ASP C 390 -5.26 -12.28 52.79
C ASP C 390 -5.28 -10.99 51.97
N VAL C 391 -5.96 -11.04 50.83
CA VAL C 391 -6.07 -9.87 49.96
C VAL C 391 -7.13 -8.95 50.56
N ILE C 392 -6.71 -7.77 51.02
CA ILE C 392 -7.59 -6.82 51.67
C ILE C 392 -7.67 -5.57 50.80
N SER C 393 -8.67 -4.75 51.09
CA SER C 393 -8.87 -3.52 50.34
C SER C 393 -9.54 -2.50 51.24
N LEU C 394 -9.50 -1.25 50.80
CA LEU C 394 -10.07 -0.14 51.55
C LEU C 394 -11.44 0.22 51.01
N LYS C 395 -12.43 0.24 51.87
CA LYS C 395 -13.78 0.66 51.56
C LYS C 395 -14.11 1.90 52.40
N GLU C 396 -15.39 2.31 52.35
CA GLU C 396 -15.81 3.48 53.11
C GLU C 396 -15.95 3.20 54.60
N GLU C 397 -15.99 1.93 55.00
CA GLU C 397 -16.05 1.59 56.42
C GLU C 397 -14.68 1.28 57.01
N GLY C 398 -13.64 1.16 56.18
CA GLY C 398 -12.30 0.84 56.61
C GLY C 398 -11.73 -0.30 55.80
N LEU C 399 -10.61 -0.83 56.28
CA LEU C 399 -9.98 -1.96 55.61
C LEU C 399 -10.76 -3.25 55.88
N GLU C 400 -10.88 -4.09 54.84
CA GLU C 400 -11.67 -5.29 54.92
C GLU C 400 -11.09 -6.32 53.95
N LYS C 401 -11.12 -7.59 54.36
CA LYS C 401 -10.63 -8.68 53.54
C LYS C 401 -11.58 -8.90 52.36
N ILE C 402 -11.02 -8.99 51.15
CA ILE C 402 -11.81 -9.26 49.96
C ILE C 402 -11.46 -10.59 49.31
N GLY C 403 -10.34 -11.23 49.66
CA GLY C 403 -10.03 -12.48 48.99
C GLY C 403 -8.87 -13.19 49.64
N THR C 404 -8.53 -14.35 49.07
CA THR C 404 -7.47 -15.19 49.59
C THR C 404 -6.58 -15.65 48.44
N TRP C 405 -5.27 -15.60 48.65
CA TRP C 405 -4.30 -16.02 47.64
C TRP C 405 -3.45 -17.16 48.17
N ASP C 406 -3.19 -18.12 47.30
CA ASP C 406 -2.38 -19.29 47.56
C ASP C 406 -1.52 -19.54 46.34
N PRO C 407 -0.30 -20.06 46.51
CA PRO C 407 0.51 -20.43 45.34
C PRO C 407 -0.05 -21.60 44.54
N ALA C 408 -0.88 -22.45 45.13
CA ALA C 408 -1.47 -23.56 44.40
C ALA C 408 -2.77 -23.16 43.70
N SER C 409 -3.71 -22.59 44.46
CA SER C 409 -5.00 -22.21 43.89
C SER C 409 -4.97 -20.87 43.18
N GLY C 410 -3.89 -20.12 43.28
CA GLY C 410 -3.84 -18.78 42.73
C GLY C 410 -4.65 -17.79 43.53
N LEU C 411 -5.47 -16.99 42.86
CA LEU C 411 -6.31 -16.01 43.50
C LEU C 411 -7.71 -16.57 43.71
N ASN C 412 -8.37 -16.14 44.79
CA ASN C 412 -9.74 -16.54 45.06
C ASN C 412 -10.44 -15.32 45.65
N MET C 413 -11.21 -14.63 44.82
CA MET C 413 -11.88 -13.39 45.21
C MET C 413 -13.26 -13.73 45.73
N THR C 414 -13.56 -13.28 46.95
CA THR C 414 -14.88 -13.46 47.54
C THR C 414 -15.85 -12.50 46.88
N GLU C 415 -16.82 -13.05 46.13
CA GLU C 415 -17.64 -12.26 45.23
C GLU C 415 -18.63 -11.38 46.00
N SER C 416 -18.78 -10.14 45.54
CA SER C 416 -19.68 -9.19 46.20
C SER C 416 -20.36 -8.34 45.13
N GLN C 417 -21.65 -8.61 44.92
CA GLN C 417 -22.49 -7.76 44.08
C GLN C 417 -23.90 -7.76 44.65
N LYS C 418 -24.22 -6.76 45.47
CA LYS C 418 -25.45 -6.80 46.25
C LYS C 418 -26.58 -6.05 45.55
N GLY C 419 -26.24 -4.99 44.82
CA GLY C 419 -27.26 -4.22 44.13
C GLY C 419 -27.88 -3.15 45.00
N LYS C 420 -29.11 -2.76 44.63
CA LYS C 420 -29.94 -1.68 45.18
C LYS C 420 -29.16 -0.37 45.21
N PRO C 421 -28.93 0.26 44.03
CA PRO C 421 -28.08 1.46 44.00
C PRO C 421 -28.84 2.77 44.20
N ALA C 422 -30.07 2.69 44.71
CA ALA C 422 -30.97 3.84 44.69
C ALA C 422 -30.67 4.89 45.77
N ASN C 423 -29.57 4.74 46.51
CA ASN C 423 -29.17 5.74 47.50
C ASN C 423 -28.23 6.79 46.93
N ILE C 424 -28.37 7.16 45.66
CA ILE C 424 -27.50 8.13 44.99
C ILE C 424 -27.72 9.56 45.48
N THR C 425 -28.80 9.80 46.24
CA THR C 425 -29.03 11.09 46.86
C THR C 425 -27.94 11.43 47.87
N ASP C 426 -27.53 10.43 48.66
CA ASP C 426 -26.43 10.61 49.59
C ASP C 426 -25.08 10.18 49.02
N SER C 427 -25.06 9.55 47.85
CA SER C 427 -23.79 9.36 47.15
C SER C 427 -23.34 10.69 46.56
N LEU C 428 -22.02 10.80 46.34
CA LEU C 428 -21.32 12.06 46.06
C LEU C 428 -21.63 13.12 47.11
N SER C 429 -21.60 12.74 48.39
CA SER C 429 -21.96 13.63 49.47
C SER C 429 -20.95 14.76 49.67
N ASN C 430 -19.66 14.43 49.64
CA ASN C 430 -18.59 15.35 49.96
C ASN C 430 -17.33 15.14 49.10
N ARG C 431 -17.39 15.75 47.91
CA ARG C 431 -16.32 15.74 46.93
C ARG C 431 -16.31 17.11 46.26
N SER C 432 -15.20 17.84 46.35
CA SER C 432 -15.08 19.13 45.67
C SER C 432 -14.94 18.89 44.17
N LEU C 433 -15.73 19.62 43.38
CA LEU C 433 -15.93 19.27 41.97
C LEU C 433 -15.78 20.53 41.12
N ILE C 434 -15.07 20.41 40.00
CA ILE C 434 -14.76 21.54 39.13
C ILE C 434 -15.62 21.43 37.88
N VAL C 435 -16.47 22.44 37.66
CA VAL C 435 -17.35 22.50 36.49
C VAL C 435 -16.87 23.64 35.60
N THR C 436 -16.66 23.36 34.32
CA THR C 436 -16.17 24.34 33.38
C THR C 436 -17.20 24.58 32.28
N THR C 437 -17.62 25.83 32.13
CA THR C 437 -18.63 26.24 31.16
C THR C 437 -17.99 27.22 30.15
N ILE C 438 -18.83 27.76 29.29
CA ILE C 438 -18.42 28.77 28.31
C ILE C 438 -19.42 29.91 28.36
N LEU C 439 -18.91 31.15 28.38
CA LEU C 439 -19.75 32.33 28.62
C LEU C 439 -20.44 32.77 27.33
N GLU C 440 -21.45 31.99 26.94
CA GLU C 440 -22.40 32.35 25.91
C GLU C 440 -23.66 31.53 26.17
N GLU C 441 -24.75 31.87 25.44
CA GLU C 441 -26.04 31.18 25.29
C GLU C 441 -26.88 31.29 26.57
N PRO C 442 -28.21 31.16 26.51
CA PRO C 442 -29.01 31.10 27.74
C PRO C 442 -28.81 29.86 28.60
N TYR C 443 -28.01 28.87 28.17
CA TYR C 443 -27.60 27.81 29.06
C TYR C 443 -26.73 28.35 30.20
N VAL C 444 -25.69 29.10 29.85
CA VAL C 444 -24.79 29.72 30.82
C VAL C 444 -24.86 31.23 30.58
N LEU C 445 -25.72 31.91 31.35
CA LEU C 445 -25.88 33.34 31.24
C LEU C 445 -25.12 34.05 32.34
N PHE C 446 -24.40 35.10 31.96
CA PHE C 446 -23.74 35.95 32.95
C PHE C 446 -24.77 36.73 33.75
N LYS C 447 -24.62 36.75 35.06
CA LYS C 447 -25.55 37.45 35.93
C LYS C 447 -25.32 38.95 35.82
N LYS C 448 -26.40 39.72 35.85
CA LYS C 448 -26.35 41.17 35.72
C LYS C 448 -26.90 41.80 37.00
N SER C 449 -26.02 42.38 37.80
CA SER C 449 -26.40 43.14 38.98
C SER C 449 -25.29 44.13 39.28
N ASP C 450 -25.62 45.11 40.14
CA ASP C 450 -24.65 46.16 40.46
C ASP C 450 -23.56 45.65 41.39
N LYS C 451 -23.92 44.82 42.36
CA LYS C 451 -22.95 44.37 43.36
C LYS C 451 -22.11 43.23 42.78
N PRO C 452 -20.77 43.37 42.74
CA PRO C 452 -19.92 42.30 42.17
C PRO C 452 -19.63 41.17 43.16
N LEU C 453 -20.59 40.27 43.28
CA LEU C 453 -20.44 39.11 44.13
C LEU C 453 -19.50 38.08 43.49
N TYR C 454 -19.03 37.14 44.31
CA TYR C 454 -18.09 36.12 43.88
C TYR C 454 -18.54 34.77 44.40
N GLY C 455 -18.55 33.76 43.54
CA GLY C 455 -18.87 32.41 43.94
C GLY C 455 -19.64 31.69 42.85
N ASN C 456 -20.36 30.64 43.27
CA ASN C 456 -21.12 29.82 42.34
C ASN C 456 -22.38 30.49 41.81
N ASP C 457 -22.91 31.47 42.53
CA ASP C 457 -24.07 32.23 42.09
C ASP C 457 -23.69 33.48 41.29
N ARG C 458 -22.51 33.49 40.67
CA ARG C 458 -22.10 34.53 39.74
C ARG C 458 -22.73 34.38 38.36
N PHE C 459 -23.41 33.28 38.10
CA PHE C 459 -23.94 32.97 36.78
C PHE C 459 -25.38 32.49 36.91
N GLU C 460 -26.10 32.56 35.79
CA GLU C 460 -27.49 32.12 35.73
C GLU C 460 -27.71 31.38 34.41
N GLY C 461 -28.93 30.94 34.18
CA GLY C 461 -29.28 30.25 32.96
C GLY C 461 -29.72 28.83 33.20
N TYR C 462 -29.77 28.07 32.10
CA TYR C 462 -30.26 26.71 32.14
C TYR C 462 -29.25 25.76 32.78
N CYS C 463 -27.97 25.92 32.43
CA CYS C 463 -26.94 25.03 32.96
C CYS C 463 -26.66 25.29 34.44
N ILE C 464 -26.79 26.55 34.89
CA ILE C 464 -26.62 26.85 36.31
C ILE C 464 -27.80 26.31 37.10
N ASP C 465 -29.01 26.33 36.51
CA ASP C 465 -30.17 25.69 37.13
C ASP C 465 -29.99 24.18 37.19
N LEU C 466 -29.40 23.58 36.15
CA LEU C 466 -29.13 22.15 36.15
C LEU C 466 -28.06 21.78 37.18
N LEU C 467 -27.06 22.65 37.35
CA LEU C 467 -26.03 22.44 38.37
C LEU C 467 -26.60 22.57 39.77
N ARG C 468 -27.53 23.51 39.97
CA ARG C 468 -28.21 23.66 41.25
C ARG C 468 -29.09 22.45 41.56
N GLU C 469 -29.76 21.91 40.53
CA GLU C 469 -30.57 20.71 40.74
C GLU C 469 -29.71 19.48 41.00
N LEU C 470 -28.55 19.37 40.33
CA LEU C 470 -27.66 18.24 40.57
C LEU C 470 -26.98 18.32 41.93
N SER C 471 -26.67 19.53 42.40
CA SER C 471 -26.18 19.69 43.75
C SER C 471 -27.28 19.52 44.79
N THR C 472 -28.53 19.72 44.40
CA THR C 472 -29.64 19.39 45.29
C THR C 472 -29.81 17.88 45.42
N ILE C 473 -29.64 17.14 44.32
CA ILE C 473 -29.83 15.69 44.35
C ILE C 473 -28.63 15.01 44.99
N LEU C 474 -27.44 15.15 44.39
CA LEU C 474 -26.29 14.38 44.87
C LEU C 474 -25.66 14.99 46.10
N GLY C 475 -25.59 16.32 46.19
CA GLY C 475 -25.07 16.97 47.37
C GLY C 475 -23.61 17.34 47.34
N PHE C 476 -22.96 17.25 46.19
CA PHE C 476 -21.52 17.51 46.10
C PHE C 476 -21.23 19.00 46.20
N THR C 477 -20.10 19.33 46.83
CA THR C 477 -19.58 20.69 46.77
C THR C 477 -18.99 20.93 45.38
N TYR C 478 -19.34 22.08 44.79
CA TYR C 478 -18.94 22.34 43.43
C TYR C 478 -18.53 23.79 43.27
N GLU C 479 -17.73 24.05 42.24
CA GLU C 479 -17.33 25.39 41.87
C GLU C 479 -17.31 25.50 40.35
N ILE C 480 -17.47 26.73 39.86
CA ILE C 480 -17.56 27.00 38.43
C ILE C 480 -16.38 27.89 38.05
N ARG C 481 -15.52 27.40 37.16
CA ARG C 481 -14.43 28.17 36.59
C ARG C 481 -14.60 28.20 35.08
N LEU C 482 -14.54 29.40 34.50
CA LEU C 482 -14.77 29.56 33.08
C LEU C 482 -13.59 29.04 32.27
N VAL C 483 -13.89 28.59 31.06
CA VAL C 483 -12.86 28.11 30.14
C VAL C 483 -12.14 29.31 29.55
N GLU C 484 -10.82 29.34 29.69
CA GLU C 484 -10.04 30.48 29.22
C GLU C 484 -9.89 30.50 27.70
N ASP C 485 -10.13 29.38 27.02
CA ASP C 485 -10.02 29.37 25.57
C ASP C 485 -11.24 30.00 24.90
N GLY C 486 -12.43 29.82 25.48
CA GLY C 486 -13.64 30.37 24.90
C GLY C 486 -14.16 29.61 23.70
N LYS C 487 -13.76 28.35 23.53
CA LYS C 487 -14.19 27.54 22.40
C LYS C 487 -14.85 26.26 22.91
N TYR C 488 -15.71 25.68 22.07
CA TYR C 488 -16.37 24.43 22.43
C TYR C 488 -15.37 23.27 22.44
N GLY C 489 -14.57 23.14 21.40
CA GLY C 489 -13.60 22.07 21.33
C GLY C 489 -13.72 21.18 20.12
N ALA C 490 -12.66 21.14 19.31
CA ALA C 490 -12.62 20.28 18.14
C ALA C 490 -11.18 19.81 17.95
N GLN C 491 -11.04 18.68 17.27
CA GLN C 491 -9.72 18.09 17.07
C GLN C 491 -8.97 18.87 15.99
N ASP C 492 -7.82 19.40 16.35
CA ASP C 492 -6.90 19.96 15.36
C ASP C 492 -6.31 18.82 14.53
N ASP C 493 -6.61 18.81 13.23
CA ASP C 493 -6.19 17.71 12.38
C ASP C 493 -4.70 17.73 12.05
N VAL C 494 -4.03 18.87 12.25
CA VAL C 494 -2.62 18.97 11.94
C VAL C 494 -1.77 18.28 12.99
N ASN C 495 -1.85 18.75 14.24
CA ASN C 495 -1.01 18.25 15.31
C ASN C 495 -1.65 17.12 16.11
N GLY C 496 -2.93 16.83 15.88
CA GLY C 496 -3.62 15.83 16.67
C GLY C 496 -4.12 16.30 18.01
N GLN C 497 -3.92 17.57 18.35
CA GLN C 497 -4.29 18.10 19.65
C GLN C 497 -5.74 18.56 19.64
N TRP C 498 -6.18 19.08 20.79
CA TRP C 498 -7.52 19.63 20.92
C TRP C 498 -7.42 21.04 21.49
N ASN C 499 -8.56 21.62 21.85
CA ASN C 499 -8.60 22.95 22.46
C ASN C 499 -9.90 23.07 23.25
N GLY C 500 -9.97 24.10 24.09
CA GLY C 500 -11.21 24.42 24.77
C GLY C 500 -11.57 23.44 25.86
N MET C 501 -12.87 23.11 25.93
CA MET C 501 -13.39 22.24 26.98
C MET C 501 -12.90 20.81 26.82
N VAL C 502 -12.73 20.34 25.58
CA VAL C 502 -12.32 18.95 25.38
C VAL C 502 -10.87 18.73 25.78
N ARG C 503 -9.97 19.65 25.39
CA ARG C 503 -8.58 19.52 25.85
C ARG C 503 -8.46 19.83 27.34
N GLU C 504 -9.28 20.74 27.85
CA GLU C 504 -9.31 21.02 29.28
C GLU C 504 -9.88 19.86 30.09
N LEU C 505 -10.62 18.96 29.44
CA LEU C 505 -11.12 17.74 30.08
C LEU C 505 -10.17 16.56 29.95
N ILE C 506 -9.48 16.41 28.80
CA ILE C 506 -8.56 15.27 28.64
C ILE C 506 -7.22 15.50 29.30
N ASP C 507 -6.92 16.73 29.72
CA ASP C 507 -5.76 17.00 30.56
C ASP C 507 -6.07 16.79 32.03
N HIS C 508 -7.30 16.40 32.34
CA HIS C 508 -7.83 16.12 33.68
C HIS C 508 -7.73 17.35 34.58
N LYS C 509 -7.87 18.53 33.98
CA LYS C 509 -7.93 19.79 34.70
C LYS C 509 -9.35 20.18 35.05
N ALA C 510 -10.32 19.33 34.73
CA ALA C 510 -11.71 19.59 35.05
C ALA C 510 -12.42 18.29 35.39
N ASP C 511 -13.43 18.41 36.23
CA ASP C 511 -14.38 17.35 36.52
C ASP C 511 -15.56 17.48 35.55
N LEU C 512 -16.72 16.92 35.93
CA LEU C 512 -17.95 16.96 35.14
C LEU C 512 -18.33 18.37 34.71
N ALA C 513 -18.31 18.61 33.40
CA ALA C 513 -18.50 19.93 32.82
C ALA C 513 -19.91 20.02 32.25
N VAL C 514 -20.81 20.66 32.99
CA VAL C 514 -22.17 20.89 32.54
C VAL C 514 -22.13 22.08 31.58
N ALA C 515 -22.34 21.81 30.31
CA ALA C 515 -22.22 22.81 29.27
C ALA C 515 -23.09 22.40 28.10
N PRO C 516 -23.52 23.36 27.25
CA PRO C 516 -24.20 22.98 26.01
C PRO C 516 -23.24 22.35 25.00
N LEU C 517 -22.91 21.08 25.22
CA LEU C 517 -21.91 20.37 24.45
C LEU C 517 -22.61 19.25 23.69
N ALA C 518 -22.46 19.24 22.37
CA ALA C 518 -23.12 18.25 21.54
C ALA C 518 -22.41 16.92 21.63
N ILE C 519 -23.17 15.85 21.83
CA ILE C 519 -22.61 14.50 21.87
C ILE C 519 -22.35 14.06 20.43
N THR C 520 -21.07 13.78 20.13
CA THR C 520 -20.65 13.48 18.77
C THR C 520 -19.77 12.23 18.86
N TYR C 521 -19.80 11.43 17.78
CA TYR C 521 -19.10 10.15 17.78
C TYR C 521 -17.58 10.31 17.83
N VAL C 522 -17.05 11.36 17.19
CA VAL C 522 -15.61 11.61 17.25
C VAL C 522 -15.19 12.10 18.64
N ARG C 523 -16.08 12.77 19.37
CA ARG C 523 -15.78 13.15 20.74
C ARG C 523 -16.03 12.02 21.72
N GLU C 524 -16.91 11.07 21.38
CA GLU C 524 -17.23 9.97 22.28
C GLU C 524 -16.11 8.95 22.38
N LYS C 525 -15.23 8.88 21.37
CA LYS C 525 -14.06 8.01 21.43
C LYS C 525 -12.92 8.60 22.24
N VAL C 526 -13.04 9.85 22.68
CA VAL C 526 -11.97 10.54 23.40
C VAL C 526 -12.39 10.81 24.85
N ILE C 527 -13.49 11.53 25.05
CA ILE C 527 -14.10 11.65 26.36
C ILE C 527 -15.38 10.83 26.38
N ASP C 528 -15.94 10.64 27.56
CA ASP C 528 -17.15 9.86 27.75
C ASP C 528 -18.31 10.79 28.07
N PHE C 529 -19.51 10.42 27.63
CA PHE C 529 -20.70 11.21 27.85
C PHE C 529 -21.75 10.39 28.58
N SER C 530 -22.64 11.10 29.27
CA SER C 530 -23.87 10.52 29.77
C SER C 530 -24.92 10.52 28.66
N LYS C 531 -26.12 10.06 28.99
CA LYS C 531 -27.22 10.17 28.04
C LYS C 531 -27.68 11.64 27.95
N PRO C 532 -28.21 12.06 26.79
CA PRO C 532 -28.59 13.47 26.66
C PRO C 532 -29.84 13.82 27.46
N PHE C 533 -29.85 15.03 28.02
CA PHE C 533 -31.05 15.54 28.65
C PHE C 533 -31.98 16.23 27.66
N MET C 534 -31.51 16.48 26.44
CA MET C 534 -32.36 16.99 25.36
C MET C 534 -31.74 16.58 24.03
N THR C 535 -32.55 16.59 22.99
CA THR C 535 -32.15 16.13 21.66
C THR C 535 -32.47 17.24 20.65
N LEU C 536 -31.43 17.84 20.09
CA LEU C 536 -31.58 18.96 19.16
C LEU C 536 -30.91 18.65 17.83
N GLY C 537 -30.89 19.64 16.93
CA GLY C 537 -30.36 19.40 15.61
C GLY C 537 -30.01 20.68 14.88
N ILE C 538 -29.47 20.52 13.67
CA ILE C 538 -28.95 21.62 12.87
C ILE C 538 -30.09 22.25 12.07
N SER C 539 -30.10 23.58 12.05
CA SER C 539 -31.05 24.34 11.24
C SER C 539 -30.33 25.55 10.67
N ILE C 540 -31.07 26.45 10.04
CA ILE C 540 -30.53 27.68 9.48
C ILE C 540 -31.19 28.87 10.17
N LEU C 541 -30.39 29.88 10.51
CA LEU C 541 -30.92 31.16 10.98
C LEU C 541 -30.68 32.21 9.92
N TYR C 542 -31.69 33.02 9.62
CA TYR C 542 -31.62 34.03 8.59
C TYR C 542 -32.40 35.26 9.05
N ARG C 543 -32.28 36.35 8.30
CA ARG C 543 -33.13 37.50 8.52
C ARG C 543 -34.55 37.21 8.02
N LYS C 544 -35.48 38.05 8.43
CA LYS C 544 -36.84 37.96 7.91
C LYS C 544 -36.86 38.49 6.48
N PRO C 545 -37.25 37.68 5.49
CA PRO C 545 -37.24 38.14 4.10
C PRO C 545 -38.54 38.76 3.62
N ASN C 546 -39.51 38.98 4.50
CA ASN C 546 -40.81 39.51 4.12
C ASN C 546 -40.89 41.03 4.22
N GLY C 547 -39.78 41.69 4.54
CA GLY C 547 -39.81 43.14 4.61
C GLY C 547 -39.52 43.77 3.26
N THR C 548 -40.59 44.10 2.53
CA THR C 548 -40.49 44.67 1.19
C THR C 548 -41.79 45.39 0.89
N ASN C 549 -41.71 46.69 0.61
CA ASN C 549 -42.88 47.48 0.22
C ASN C 549 -42.63 48.11 -1.14
N PRO C 550 -43.27 47.63 -2.20
CA PRO C 550 -43.03 48.22 -3.53
C PRO C 550 -43.70 49.58 -3.69
N GLY C 551 -43.04 50.43 -4.48
CA GLY C 551 -43.51 51.78 -4.66
C GLY C 551 -44.71 51.86 -5.59
N VAL C 552 -45.52 52.91 -5.40
CA VAL C 552 -46.70 53.10 -6.22
C VAL C 552 -46.37 53.72 -7.58
N PHE C 553 -45.18 54.31 -7.72
CA PHE C 553 -44.77 54.89 -8.99
C PHE C 553 -44.53 53.81 -10.05
N SER C 554 -43.92 52.70 -9.65
CA SER C 554 -43.70 51.57 -10.55
C SER C 554 -44.95 50.72 -10.76
N PHE C 555 -46.01 50.96 -9.99
CA PHE C 555 -47.28 50.29 -10.22
C PHE C 555 -48.19 51.11 -11.14
N LEU C 556 -48.24 52.43 -10.94
CA LEU C 556 -49.00 53.27 -11.86
C LEU C 556 -48.27 53.44 -13.18
N ASN C 557 -46.96 53.68 -13.13
CA ASN C 557 -46.14 53.88 -14.33
C ASN C 557 -44.93 52.96 -14.27
N PRO C 558 -45.08 51.69 -14.67
CA PRO C 558 -43.93 50.79 -14.71
C PRO C 558 -42.97 51.08 -15.85
N LEU C 559 -43.37 51.90 -16.82
CA LEU C 559 -42.55 52.19 -17.99
C LEU C 559 -41.61 53.35 -17.69
N SER C 560 -40.95 53.86 -18.74
CA SER C 560 -40.04 54.98 -18.58
C SER C 560 -40.81 56.28 -18.37
N PRO C 561 -40.25 57.23 -17.61
CA PRO C 561 -40.89 58.56 -17.50
C PRO C 561 -40.84 59.37 -18.79
N ASP C 562 -39.91 59.05 -19.71
CA ASP C 562 -39.86 59.74 -21.00
C ASP C 562 -41.07 59.41 -21.85
N ILE C 563 -41.40 58.12 -21.96
CA ILE C 563 -42.61 57.76 -22.68
C ILE C 563 -43.87 58.03 -21.86
N TRP C 564 -43.74 58.21 -20.53
CA TRP C 564 -44.86 58.76 -19.75
C TRP C 564 -45.13 60.21 -20.13
N MET C 565 -44.08 61.00 -20.36
CA MET C 565 -44.23 62.34 -20.91
C MET C 565 -44.79 62.29 -22.33
N TYR C 566 -44.45 61.25 -23.10
CA TYR C 566 -45.05 61.07 -24.42
C TYR C 566 -46.54 60.73 -24.33
N VAL C 567 -46.95 59.97 -23.31
CA VAL C 567 -48.36 59.68 -23.08
C VAL C 567 -49.11 60.96 -22.69
N LEU C 568 -48.49 61.81 -21.85
CA LEU C 568 -49.10 63.09 -21.51
C LEU C 568 -49.15 64.04 -22.72
N LEU C 569 -48.15 63.98 -23.59
CA LEU C 569 -48.20 64.73 -24.85
C LEU C 569 -49.28 64.19 -25.79
N ALA C 570 -49.52 62.87 -25.75
CA ALA C 570 -50.62 62.30 -26.52
C ALA C 570 -51.97 62.72 -25.98
N TYR C 571 -52.09 62.85 -24.64
CA TYR C 571 -53.31 63.39 -24.04
C TYR C 571 -53.50 64.85 -24.42
N LEU C 572 -52.40 65.61 -24.50
CA LEU C 572 -52.46 66.98 -25.00
C LEU C 572 -52.90 67.03 -26.46
N GLY C 573 -52.43 66.08 -27.28
CA GLY C 573 -52.88 65.99 -28.66
C GLY C 573 -54.34 65.61 -28.81
N VAL C 574 -54.84 64.75 -27.91
CA VAL C 574 -56.27 64.44 -27.85
C VAL C 574 -57.07 65.69 -27.48
N SER C 575 -56.54 66.49 -26.56
CA SER C 575 -57.17 67.77 -26.22
C SER C 575 -57.13 68.77 -27.38
N VAL C 576 -56.10 68.72 -28.22
CA VAL C 576 -56.07 69.54 -29.43
C VAL C 576 -57.11 69.06 -30.44
N VAL C 577 -57.25 67.73 -30.60
CA VAL C 577 -58.22 67.15 -31.54
C VAL C 577 -59.66 67.46 -31.10
N LEU C 578 -59.94 67.35 -29.80
CA LEU C 578 -61.28 67.62 -29.29
C LEU C 578 -61.64 69.09 -29.25
N PHE C 579 -60.68 70.00 -29.49
CA PHE C 579 -60.93 71.43 -29.45
C PHE C 579 -60.95 72.07 -30.83
N VAL C 580 -59.93 71.82 -31.66
CA VAL C 580 -59.79 72.51 -32.93
C VAL C 580 -60.35 71.67 -34.07
N ILE C 581 -59.81 70.47 -34.25
CA ILE C 581 -60.19 69.62 -35.38
C ILE C 581 -61.54 68.95 -35.13
N LEU C 631 -64.41 63.86 -42.74
CA LEU C 631 -64.29 62.42 -42.55
C LEU C 631 -63.02 62.09 -41.76
N SER C 632 -62.09 63.05 -41.73
CA SER C 632 -60.79 62.83 -41.09
C SER C 632 -60.86 62.84 -39.56
N THR C 633 -61.95 63.35 -38.99
CA THR C 633 -62.13 63.32 -37.54
C THR C 633 -62.28 61.89 -37.03
N ARG C 634 -63.02 61.06 -37.76
CA ARG C 634 -63.13 59.64 -37.43
C ARG C 634 -61.80 58.92 -37.59
N ILE C 635 -61.00 59.33 -38.58
CA ILE C 635 -59.70 58.71 -38.82
C ILE C 635 -58.72 59.05 -37.72
N VAL C 636 -58.67 60.31 -37.28
CA VAL C 636 -57.77 60.65 -36.18
C VAL C 636 -58.29 60.14 -34.84
N GLY C 637 -59.62 59.94 -34.72
CA GLY C 637 -60.16 59.25 -33.56
C GLY C 637 -59.70 57.81 -33.48
N GLY C 638 -59.73 57.11 -34.62
CA GLY C 638 -59.16 55.77 -34.69
C GLY C 638 -57.66 55.74 -34.48
N ILE C 639 -56.95 56.79 -34.91
CA ILE C 639 -55.50 56.86 -34.75
C ILE C 639 -55.11 56.97 -33.28
N TRP C 640 -55.76 57.88 -32.53
CA TRP C 640 -55.42 57.95 -31.10
C TRP C 640 -56.03 56.81 -30.30
N TRP C 641 -57.13 56.21 -30.80
CA TRP C 641 -57.67 55.00 -30.19
C TRP C 641 -56.70 53.83 -30.30
N PHE C 642 -56.09 53.64 -31.48
CA PHE C 642 -55.12 52.57 -31.65
C PHE C 642 -53.80 52.89 -30.96
N PHE C 643 -53.46 54.18 -30.81
CA PHE C 643 -52.30 54.55 -30.03
C PHE C 643 -52.48 54.22 -28.55
N THR C 644 -53.67 54.50 -28.01
CA THR C 644 -53.97 54.10 -26.64
C THR C 644 -54.05 52.59 -26.48
N LEU C 645 -54.49 51.88 -27.53
CA LEU C 645 -54.47 50.42 -27.52
C LEU C 645 -53.04 49.87 -27.48
N ILE C 646 -52.13 50.51 -28.22
CA ILE C 646 -50.70 50.15 -28.18
C ILE C 646 -50.12 50.40 -26.79
N ILE C 647 -50.51 51.53 -26.17
CA ILE C 647 -50.06 51.87 -24.82
C ILE C 647 -50.55 50.87 -23.79
N ILE C 648 -51.83 50.47 -23.89
CA ILE C 648 -52.43 49.49 -22.99
C ILE C 648 -51.79 48.11 -23.16
N SER C 649 -51.52 47.72 -24.41
CA SER C 649 -50.89 46.42 -24.68
C SER C 649 -49.45 46.37 -24.17
N SER C 650 -48.69 47.46 -24.35
CA SER C 650 -47.32 47.50 -23.85
C SER C 650 -47.26 47.52 -22.33
N TYR C 651 -48.20 48.25 -21.69
CA TYR C 651 -48.30 48.27 -20.24
C TYR C 651 -48.68 46.90 -19.68
N THR C 652 -49.60 46.21 -20.36
CA THR C 652 -50.00 44.86 -19.97
C THR C 652 -48.84 43.87 -20.11
N ALA C 653 -48.08 43.99 -21.20
CA ALA C 653 -46.93 43.10 -21.43
C ALA C 653 -45.84 43.30 -20.39
N ASN C 654 -45.52 44.56 -20.06
CA ASN C 654 -44.48 44.82 -19.08
C ASN C 654 -44.92 44.45 -17.66
N LEU C 655 -46.19 44.68 -17.32
CA LEU C 655 -46.71 44.27 -16.01
C LEU C 655 -46.75 42.75 -15.87
N ALA C 656 -47.12 42.05 -16.95
CA ALA C 656 -47.13 40.59 -16.92
C ALA C 656 -45.72 40.02 -16.82
N ALA C 657 -44.75 40.64 -17.51
CA ALA C 657 -43.36 40.21 -17.41
C ALA C 657 -42.80 40.42 -15.99
N PHE C 658 -43.11 41.58 -15.38
CA PHE C 658 -42.65 41.86 -14.02
C PHE C 658 -43.29 40.91 -13.01
N LEU C 659 -44.59 40.61 -13.17
CA LEU C 659 -45.27 39.70 -12.26
C LEU C 659 -44.78 38.26 -12.42
N THR C 660 -44.44 37.86 -13.65
CA THR C 660 -43.95 36.51 -13.87
C THR C 660 -42.54 36.33 -13.33
N VAL C 661 -41.68 37.36 -13.48
CA VAL C 661 -40.34 37.30 -12.91
C VAL C 661 -40.41 37.33 -11.38
N GLU C 662 -41.36 38.07 -10.81
CA GLU C 662 -41.54 38.07 -9.37
C GLU C 662 -42.06 36.73 -8.85
N ARG C 663 -42.98 36.09 -9.58
CA ARG C 663 -43.53 34.83 -9.12
C ARG C 663 -42.61 33.65 -9.38
N MET C 664 -41.65 33.77 -10.30
CA MET C 664 -40.71 32.70 -10.56
C MET C 664 -39.49 32.74 -9.64
N GLU C 665 -39.44 33.68 -8.69
CA GLU C 665 -38.30 33.83 -7.82
C GLU C 665 -38.28 32.73 -6.75
N SER C 666 -37.08 32.25 -6.43
CA SER C 666 -36.90 31.18 -5.46
C SER C 666 -36.26 31.71 -4.19
N PRO C 667 -36.99 31.84 -3.08
CA PRO C 667 -36.35 32.12 -1.80
C PRO C 667 -35.61 30.91 -1.28
N ILE C 668 -34.64 31.17 -0.40
CA ILE C 668 -33.80 30.10 0.12
C ILE C 668 -34.56 29.25 1.12
N ASP C 669 -34.38 27.93 1.03
CA ASP C 669 -35.04 26.98 1.92
C ASP C 669 -34.16 25.75 2.04
N SER C 670 -33.82 25.40 3.30
CA SER C 670 -33.01 24.25 3.68
C SER C 670 -31.62 24.25 3.05
N ALA C 671 -30.97 23.08 3.03
CA ALA C 671 -29.57 23.01 2.61
C ALA C 671 -29.40 23.09 1.10
N ASP C 672 -30.34 22.55 0.32
CA ASP C 672 -30.15 22.46 -1.12
C ASP C 672 -30.21 23.81 -1.83
N ASP C 673 -30.89 24.80 -1.24
CA ASP C 673 -30.86 26.14 -1.81
C ASP C 673 -29.54 26.83 -1.54
N LEU C 674 -28.98 26.64 -0.34
CA LEU C 674 -27.70 27.23 0.00
C LEU C 674 -26.51 26.47 -0.58
N ALA C 675 -26.72 25.27 -1.11
CA ALA C 675 -25.62 24.52 -1.71
C ALA C 675 -25.17 25.14 -3.02
N LYS C 676 -26.12 25.53 -3.87
CA LYS C 676 -25.81 26.13 -5.17
C LYS C 676 -25.80 27.66 -5.09
N GLN C 677 -25.03 28.21 -4.15
CA GLN C 677 -25.09 29.63 -3.89
C GLN C 677 -23.71 30.15 -3.52
N THR C 678 -23.37 31.34 -4.04
CA THR C 678 -22.14 32.03 -3.68
C THR C 678 -22.37 33.38 -3.02
N LYS C 679 -23.44 34.08 -3.35
CA LYS C 679 -23.64 35.43 -2.85
C LYS C 679 -24.15 35.47 -1.41
N ILE C 680 -24.64 34.34 -0.88
CA ILE C 680 -25.18 34.28 0.47
C ILE C 680 -24.18 33.50 1.32
N GLU C 681 -23.44 34.22 2.16
CA GLU C 681 -22.45 33.60 3.03
C GLU C 681 -23.11 32.89 4.20
N TYR C 682 -22.42 31.89 4.73
CA TYR C 682 -22.86 31.18 5.92
C TYR C 682 -21.62 30.67 6.64
N GLY C 683 -21.78 30.37 7.93
CA GLY C 683 -20.66 29.93 8.71
C GLY C 683 -21.04 29.09 9.90
N ALA C 684 -20.15 29.10 10.89
CA ALA C 684 -20.22 28.19 12.04
C ALA C 684 -19.85 28.98 13.28
N VAL C 685 -19.53 28.25 14.35
CA VAL C 685 -19.31 28.84 15.67
C VAL C 685 -17.81 28.57 15.91
N GLU C 686 -17.04 28.73 14.82
CA GLU C 686 -15.59 28.51 14.73
C GLU C 686 -15.21 27.07 15.05
N ASP C 687 -14.70 26.85 16.27
CA ASP C 687 -14.28 25.53 16.71
C ASP C 687 -15.40 24.81 17.46
N GLY C 688 -16.56 24.69 16.80
CA GLY C 688 -17.72 24.06 17.39
C GLY C 688 -17.92 22.63 16.92
N ALA C 689 -18.99 22.03 17.43
CA ALA C 689 -19.34 20.67 17.03
C ALA C 689 -19.96 20.65 15.63
N THR C 690 -20.56 21.75 15.21
CA THR C 690 -21.13 21.83 13.86
C THR C 690 -20.05 21.94 12.81
N MET C 691 -18.88 22.48 13.18
CA MET C 691 -17.76 22.54 12.25
C MET C 691 -17.22 21.15 11.92
N THR C 692 -17.20 20.26 12.92
CA THR C 692 -16.76 18.89 12.68
C THR C 692 -17.82 18.08 11.94
N PHE C 693 -19.11 18.45 12.09
CA PHE C 693 -20.18 17.73 11.42
C PHE C 693 -20.15 17.96 9.91
N PHE C 694 -19.86 19.20 9.50
CA PHE C 694 -19.73 19.47 8.07
C PHE C 694 -18.40 18.98 7.51
N LYS C 695 -17.35 18.94 8.34
CA LYS C 695 -16.04 18.49 7.88
C LYS C 695 -16.01 16.98 7.67
N LYS C 696 -16.56 16.22 8.62
CA LYS C 696 -16.44 14.77 8.60
C LYS C 696 -17.58 14.07 7.87
N SER C 697 -18.50 14.82 7.28
CA SER C 697 -19.63 14.21 6.59
C SER C 697 -19.19 13.66 5.23
N LYS C 698 -19.92 12.65 4.76
CA LYS C 698 -19.74 12.10 3.42
C LYS C 698 -20.87 12.45 2.47
N ILE C 699 -21.91 13.12 2.95
CA ILE C 699 -22.96 13.61 2.07
C ILE C 699 -22.41 14.81 1.31
N SER C 700 -22.56 14.79 -0.02
CA SER C 700 -21.85 15.73 -0.89
C SER C 700 -22.37 17.16 -0.78
N THR C 701 -23.62 17.34 -0.36
CA THR C 701 -24.15 18.68 -0.14
C THR C 701 -23.44 19.36 1.03
N TYR C 702 -23.25 18.66 2.13
CA TYR C 702 -22.49 19.21 3.25
C TYR C 702 -21.00 19.26 2.95
N ASP C 703 -20.52 18.45 2.00
CA ASP C 703 -19.16 18.61 1.49
C ASP C 703 -19.01 19.92 0.73
N LYS C 704 -20.03 20.30 -0.05
CA LYS C 704 -20.03 21.60 -0.70
C LYS C 704 -20.11 22.73 0.32
N MET C 705 -20.87 22.52 1.40
CA MET C 705 -20.93 23.47 2.51
C MET C 705 -19.57 23.66 3.17
N TRP C 706 -18.86 22.56 3.41
CA TRP C 706 -17.56 22.64 4.07
C TRP C 706 -16.49 23.21 3.14
N ALA C 707 -16.62 22.97 1.83
CA ALA C 707 -15.71 23.59 0.87
C ALA C 707 -15.94 25.10 0.79
N PHE C 708 -17.21 25.52 0.81
CA PHE C 708 -17.54 26.95 0.83
C PHE C 708 -17.06 27.63 2.11
N MET C 709 -17.15 26.94 3.24
CA MET C 709 -16.66 27.51 4.50
C MET C 709 -15.14 27.51 4.55
N SER C 710 -14.49 26.48 4.00
CA SER C 710 -13.05 26.36 4.03
C SER C 710 -12.37 27.25 3.01
N SER C 711 -13.10 27.74 2.01
CA SER C 711 -12.54 28.74 1.09
C SER C 711 -12.27 30.06 1.82
N ARG C 712 -13.17 30.48 2.70
CA ARG C 712 -13.14 31.78 3.36
C ARG C 712 -13.30 31.62 4.88
N ARG C 713 -12.44 30.76 5.47
CA ARG C 713 -12.42 30.57 6.93
C ARG C 713 -12.08 31.84 7.69
N GLN C 714 -11.32 32.76 7.07
CA GLN C 714 -10.93 34.00 7.73
C GLN C 714 -12.07 35.00 7.88
N SER C 715 -13.21 34.79 7.20
CA SER C 715 -14.31 35.74 7.24
C SER C 715 -15.57 35.17 7.87
N VAL C 716 -16.03 33.99 7.43
CA VAL C 716 -17.36 33.53 7.80
C VAL C 716 -17.39 32.71 9.08
N LEU C 717 -16.25 32.48 9.72
CA LEU C 717 -16.22 31.75 10.97
C LEU C 717 -16.25 32.74 12.14
N VAL C 718 -17.31 32.70 12.93
CA VAL C 718 -17.51 33.64 14.02
C VAL C 718 -17.35 32.91 15.35
N LYS C 719 -16.85 33.64 16.35
CA LYS C 719 -16.38 33.01 17.58
C LYS C 719 -17.51 32.49 18.45
N SER C 720 -18.55 33.29 18.64
CA SER C 720 -19.67 32.91 19.50
C SER C 720 -20.97 33.01 18.74
N ASN C 721 -22.06 32.62 19.42
CA ASN C 721 -23.39 32.76 18.83
C ASN C 721 -23.80 34.23 18.74
N GLU C 722 -23.47 35.03 19.75
CA GLU C 722 -23.93 36.41 19.80
C GLU C 722 -23.19 37.32 18.82
N GLU C 723 -21.91 37.02 18.54
CA GLU C 723 -21.16 37.85 17.61
C GLU C 723 -21.58 37.63 16.17
N GLY C 724 -22.20 36.50 15.85
CA GLY C 724 -22.71 36.26 14.51
C GLY C 724 -24.08 36.82 14.23
N ILE C 725 -24.83 37.20 15.26
CA ILE C 725 -26.12 37.86 15.07
C ILE C 725 -25.90 39.25 14.49
N GLN C 726 -24.77 39.88 14.82
CA GLN C 726 -24.40 41.14 14.18
C GLN C 726 -24.06 40.95 12.70
N ARG C 727 -23.62 39.76 12.32
CA ARG C 727 -23.30 39.50 10.92
C ARG C 727 -24.55 39.33 10.07
N VAL C 728 -25.57 38.61 10.56
CA VAL C 728 -26.78 38.42 9.77
C VAL C 728 -27.66 39.67 9.75
N LEU C 729 -27.51 40.56 10.72
CA LEU C 729 -28.31 41.79 10.76
C LEU C 729 -27.67 42.95 10.02
N THR C 730 -26.51 42.72 9.38
CA THR C 730 -25.84 43.75 8.62
C THR C 730 -25.56 43.39 7.17
N SER C 731 -25.57 42.10 6.82
CA SER C 731 -25.21 41.67 5.48
C SER C 731 -26.14 40.53 5.09
N ASP C 732 -25.75 39.79 4.04
CA ASP C 732 -26.51 38.65 3.55
C ASP C 732 -26.00 37.34 4.12
N TYR C 733 -25.57 37.37 5.37
CA TYR C 733 -25.02 36.22 6.06
C TYR C 733 -26.14 35.23 6.42
N ALA C 734 -25.72 33.98 6.65
CA ALA C 734 -26.64 32.93 7.09
C ALA C 734 -25.92 32.11 8.15
N PHE C 735 -26.64 31.15 8.74
CA PHE C 735 -26.09 30.33 9.80
C PHE C 735 -26.20 28.84 9.51
N LEU C 736 -25.22 28.11 10.02
CA LEU C 736 -25.34 26.70 10.30
C LEU C 736 -25.34 26.42 11.80
N MET C 737 -25.68 27.43 12.60
CA MET C 737 -25.88 27.26 14.03
C MET C 737 -27.16 26.47 14.29
N GLU C 738 -27.31 25.99 15.52
CA GLU C 738 -28.23 24.89 15.76
C GLU C 738 -28.92 25.08 17.10
N SER C 739 -29.65 24.02 17.50
CA SER C 739 -30.34 23.86 18.78
C SER C 739 -31.41 24.92 19.05
N THR C 740 -31.71 25.11 20.33
CA THR C 740 -32.63 26.13 20.80
C THR C 740 -31.97 27.49 20.98
N THR C 741 -30.77 27.71 20.44
CA THR C 741 -30.31 29.07 20.24
C THR C 741 -31.21 29.80 19.25
N ILE C 742 -31.56 29.12 18.16
CA ILE C 742 -32.47 29.68 17.17
C ILE C 742 -33.88 29.79 17.74
N GLU C 743 -34.27 28.82 18.56
CA GLU C 743 -35.61 28.87 19.16
C GLU C 743 -35.65 29.89 20.30
N PHE C 744 -34.50 30.25 20.85
CA PHE C 744 -34.43 31.35 21.80
C PHE C 744 -34.53 32.69 21.08
N VAL C 745 -33.79 32.86 19.97
CA VAL C 745 -33.78 34.15 19.28
C VAL C 745 -34.93 34.30 18.30
N THR C 746 -35.80 33.30 18.17
CA THR C 746 -36.97 33.42 17.32
C THR C 746 -37.97 34.43 17.89
N GLN C 747 -38.31 34.31 19.18
CA GLN C 747 -39.32 35.16 19.79
C GLN C 747 -38.75 36.17 20.78
N ARG C 748 -37.43 36.36 20.84
CA ARG C 748 -36.91 37.51 21.57
C ARG C 748 -36.88 38.77 20.72
N ASN C 749 -37.00 38.62 19.40
CA ASN C 749 -37.15 39.75 18.49
C ASN C 749 -37.78 39.23 17.20
N CYS C 750 -38.62 40.06 16.59
CA CYS C 750 -39.25 39.72 15.31
C CYS C 750 -38.44 40.29 14.15
N ASN C 751 -37.16 39.91 14.11
CA ASN C 751 -36.26 40.31 13.05
C ASN C 751 -35.45 39.13 12.52
N LEU C 752 -35.78 37.90 12.92
CA LEU C 752 -35.07 36.71 12.51
C LEU C 752 -36.07 35.64 12.08
N THR C 753 -35.57 34.64 11.38
CA THR C 753 -36.42 33.57 10.84
C THR C 753 -35.59 32.29 10.76
N GLN C 754 -36.09 31.23 11.38
CA GLN C 754 -35.48 29.92 11.23
C GLN C 754 -35.89 29.33 9.87
N ILE C 755 -34.90 28.83 9.13
CA ILE C 755 -35.09 28.25 7.82
C ILE C 755 -34.60 26.81 7.86
N GLY C 756 -35.46 25.89 7.45
CA GLY C 756 -35.10 24.49 7.38
C GLY C 756 -35.45 23.73 8.64
N GLY C 757 -35.64 22.43 8.47
CA GLY C 757 -35.92 21.54 9.59
C GLY C 757 -34.65 21.09 10.28
N LEU C 758 -34.81 20.12 11.17
CA LEU C 758 -33.68 19.55 11.89
C LEU C 758 -32.88 18.66 10.95
N ILE C 759 -31.65 19.08 10.64
CA ILE C 759 -30.79 18.29 9.78
C ILE C 759 -30.28 17.06 10.52
N ASP C 760 -29.77 17.26 11.73
CA ASP C 760 -29.25 16.17 12.56
C ASP C 760 -30.15 15.97 13.77
N SER C 761 -29.78 15.00 14.61
CA SER C 761 -30.52 14.66 15.81
C SER C 761 -29.57 14.44 16.99
N LYS C 762 -28.63 15.37 17.17
CA LYS C 762 -27.61 15.22 18.20
C LYS C 762 -28.19 15.48 19.58
N GLY C 763 -27.39 15.18 20.61
CA GLY C 763 -27.84 15.31 21.98
C GLY C 763 -26.87 16.12 22.82
N TYR C 764 -27.41 16.72 23.87
CA TYR C 764 -26.65 17.51 24.83
C TYR C 764 -26.51 16.73 26.13
N GLY C 765 -25.30 16.20 26.37
CA GLY C 765 -24.98 15.57 27.62
C GLY C 765 -24.11 16.45 28.50
N VAL C 766 -23.53 15.83 29.52
CA VAL C 766 -22.60 16.49 30.41
C VAL C 766 -21.18 16.08 30.03
N GLY C 767 -20.23 17.00 30.22
CA GLY C 767 -18.86 16.72 29.82
C GLY C 767 -18.07 16.02 30.90
N THR C 768 -17.96 14.71 30.80
CA THR C 768 -17.27 13.89 31.78
C THR C 768 -15.94 13.40 31.21
N PRO C 769 -14.91 13.23 32.04
CA PRO C 769 -13.64 12.69 31.55
C PRO C 769 -13.76 11.20 31.26
N MET C 770 -12.76 10.68 30.55
CA MET C 770 -12.80 9.29 30.10
C MET C 770 -12.58 8.35 31.27
N GLY C 771 -13.50 7.39 31.42
CA GLY C 771 -13.47 6.49 32.56
C GLY C 771 -13.77 7.17 33.88
N SER C 772 -14.66 8.15 33.88
CA SER C 772 -15.00 8.85 35.11
C SER C 772 -15.87 7.97 36.00
N PRO C 773 -15.67 8.00 37.32
CA PRO C 773 -16.54 7.23 38.22
C PRO C 773 -17.91 7.85 38.41
N TYR C 774 -18.05 9.16 38.18
CA TYR C 774 -19.30 9.85 38.44
C TYR C 774 -20.30 9.75 37.28
N ARG C 775 -19.90 9.17 36.15
CA ARG C 775 -20.69 9.30 34.93
C ARG C 775 -21.95 8.44 34.96
N ASP C 776 -21.88 7.23 35.53
CA ASP C 776 -23.08 6.40 35.66
C ASP C 776 -24.04 7.00 36.68
N LYS C 777 -23.50 7.53 37.77
CA LYS C 777 -24.32 8.17 38.79
C LYS C 777 -24.94 9.47 38.27
N ILE C 778 -24.20 10.23 37.46
CA ILE C 778 -24.80 11.42 36.86
C ILE C 778 -25.79 11.05 35.76
N THR C 779 -25.64 9.87 35.13
CA THR C 779 -26.59 9.43 34.11
C THR C 779 -27.93 9.07 34.76
N ILE C 780 -27.89 8.30 35.85
CA ILE C 780 -29.13 7.97 36.53
C ILE C 780 -29.68 9.18 37.30
N ALA C 781 -28.84 10.15 37.64
CA ALA C 781 -29.33 11.40 38.22
C ALA C 781 -30.11 12.23 37.20
N ILE C 782 -29.60 12.31 35.97
CA ILE C 782 -30.34 13.00 34.89
C ILE C 782 -31.62 12.23 34.55
N LEU C 783 -31.59 10.90 34.63
CA LEU C 783 -32.80 10.10 34.42
C LEU C 783 -33.85 10.35 35.49
N GLN C 784 -33.43 10.40 36.76
CA GLN C 784 -34.35 10.67 37.87
C GLN C 784 -34.88 12.10 37.83
N LEU C 785 -34.05 13.05 37.38
CA LEU C 785 -34.51 14.42 37.22
C LEU C 785 -35.46 14.57 36.03
N GLN C 786 -35.27 13.75 34.99
CA GLN C 786 -36.14 13.81 33.83
C GLN C 786 -37.49 13.16 34.13
N GLU C 787 -37.51 12.16 35.02
CA GLU C 787 -38.77 11.55 35.42
C GLU C 787 -39.65 12.50 36.23
N GLU C 788 -39.05 13.38 37.02
CA GLU C 788 -39.81 14.25 37.91
C GLU C 788 -40.29 15.53 37.24
N GLY C 789 -39.91 15.78 35.99
CA GLY C 789 -40.44 16.90 35.25
C GLY C 789 -39.85 18.25 35.57
N LYS C 790 -38.81 18.30 36.41
CA LYS C 790 -38.14 19.57 36.69
C LYS C 790 -37.34 20.06 35.49
N LEU C 791 -36.92 19.15 34.61
CA LEU C 791 -36.25 19.53 33.37
C LEU C 791 -37.19 20.29 32.46
N HIS C 792 -38.46 19.89 32.41
CA HIS C 792 -39.46 20.60 31.62
C HIS C 792 -39.73 21.99 32.18
N MET C 793 -39.75 22.12 33.51
CA MET C 793 -39.94 23.43 34.13
C MET C 793 -38.73 24.33 33.93
N MET C 794 -37.52 23.75 33.93
CA MET C 794 -36.33 24.54 33.66
C MET C 794 -36.25 24.95 32.19
N LYS C 795 -36.77 24.11 31.28
CA LYS C 795 -36.90 24.51 29.89
C LYS C 795 -37.93 25.61 29.72
N GLU C 796 -39.04 25.53 30.45
CA GLU C 796 -40.12 26.50 30.31
C GLU C 796 -39.88 27.78 31.09
N LYS C 797 -38.79 27.88 31.87
CA LYS C 797 -38.49 29.10 32.59
C LYS C 797 -37.52 30.02 31.87
N TRP C 798 -37.01 29.62 30.70
CA TRP C 798 -35.98 30.43 30.07
C TRP C 798 -36.24 30.70 28.59
N TRP C 799 -36.98 29.83 27.91
CA TRP C 799 -37.17 29.97 26.46
C TRP C 799 -38.52 30.62 26.19
N ARG C 800 -38.58 31.93 26.44
CA ARG C 800 -39.75 32.74 26.14
C ARG C 800 -39.31 34.19 26.02
N GLY C 801 -40.18 35.00 25.41
CA GLY C 801 -39.92 36.41 25.24
C GLY C 801 -41.09 37.21 24.71
N VAL C 817 -51.73 43.40 -4.62
CA VAL C 817 -52.76 43.94 -5.51
C VAL C 817 -53.28 45.23 -4.87
N GLN C 818 -52.99 45.39 -3.56
CA GLN C 818 -53.38 46.58 -2.84
C GLN C 818 -52.52 47.79 -3.19
N ASN C 819 -51.40 47.59 -3.88
CA ASN C 819 -50.66 48.71 -4.45
C ASN C 819 -51.47 49.40 -5.55
N ILE C 820 -52.20 48.61 -6.33
CA ILE C 820 -53.08 49.16 -7.37
C ILE C 820 -54.28 49.86 -6.74
N GLY C 821 -54.73 49.38 -5.57
CA GLY C 821 -55.89 49.97 -4.92
C GLY C 821 -55.62 51.37 -4.37
N GLY C 822 -54.39 51.63 -3.93
CA GLY C 822 -54.06 52.94 -3.40
C GLY C 822 -54.05 54.03 -4.46
N ILE C 823 -53.38 53.76 -5.59
CA ILE C 823 -53.40 54.71 -6.70
C ILE C 823 -54.78 54.77 -7.34
N PHE C 824 -55.54 53.67 -7.29
CA PHE C 824 -56.92 53.67 -7.78
C PHE C 824 -57.82 54.60 -6.96
N ILE C 825 -57.70 54.57 -5.62
CA ILE C 825 -58.54 55.47 -4.83
C ILE C 825 -58.00 56.89 -4.81
N VAL C 826 -56.69 57.10 -5.03
CA VAL C 826 -56.18 58.46 -5.23
C VAL C 826 -56.74 59.08 -6.50
N LEU C 827 -56.75 58.30 -7.60
CA LEU C 827 -57.33 58.80 -8.84
C LEU C 827 -58.86 58.91 -8.77
N ALA C 828 -59.49 58.07 -7.94
CA ALA C 828 -60.93 58.19 -7.70
C ALA C 828 -61.28 59.47 -6.95
N ALA C 829 -60.49 59.81 -5.92
CA ALA C 829 -60.66 61.08 -5.22
C ALA C 829 -60.34 62.26 -6.12
N GLY C 830 -59.37 62.11 -7.03
CA GLY C 830 -59.09 63.15 -8.01
C GLY C 830 -60.21 63.39 -8.99
N LEU C 831 -60.86 62.32 -9.46
CA LEU C 831 -61.98 62.51 -10.38
C LEU C 831 -63.23 63.00 -9.65
N VAL C 832 -63.40 62.64 -8.37
CA VAL C 832 -64.47 63.20 -7.55
C VAL C 832 -64.28 64.71 -7.36
N LEU C 833 -63.04 65.14 -7.09
CA LEU C 833 -62.74 66.56 -6.98
C LEU C 833 -62.87 67.27 -8.33
N SER C 834 -62.57 66.58 -9.43
CA SER C 834 -62.76 67.16 -10.75
C SER C 834 -64.23 67.36 -11.09
N VAL C 835 -65.08 66.41 -10.68
CA VAL C 835 -66.53 66.55 -10.85
C VAL C 835 -67.05 67.69 -9.97
N PHE C 836 -66.52 67.82 -8.75
CA PHE C 836 -66.94 68.89 -7.84
C PHE C 836 -66.50 70.27 -8.34
N VAL C 837 -65.31 70.38 -8.92
CA VAL C 837 -64.83 71.66 -9.43
C VAL C 837 -65.55 72.03 -10.72
N ALA C 838 -65.69 71.08 -11.65
CA ALA C 838 -66.25 71.38 -12.97
C ALA C 838 -67.75 71.63 -12.95
N VAL C 839 -68.44 71.22 -11.88
CA VAL C 839 -69.87 71.51 -11.75
C VAL C 839 -70.05 72.68 -10.79
N HIS D 34 62.87 0.22 51.95
CA HIS D 34 61.43 0.37 51.97
C HIS D 34 60.75 -0.75 51.20
N VAL D 35 60.18 -1.72 51.92
CA VAL D 35 59.50 -2.86 51.33
C VAL D 35 58.04 -2.79 51.74
N LEU D 36 57.15 -2.77 50.75
CA LEU D 36 55.71 -2.68 51.00
C LEU D 36 55.04 -3.98 50.60
N ARG D 37 54.24 -4.54 51.50
CA ARG D 37 53.52 -5.77 51.23
C ARG D 37 52.12 -5.45 50.69
N PHE D 38 51.75 -6.12 49.62
CA PHE D 38 50.44 -5.97 48.99
C PHE D 38 49.68 -7.28 49.14
N GLY D 39 48.48 -7.20 49.73
CA GLY D 39 47.69 -8.39 49.96
C GLY D 39 46.65 -8.64 48.90
N GLY D 40 46.81 -9.73 48.16
CA GLY D 40 45.87 -10.09 47.09
C GLY D 40 45.03 -11.28 47.53
N ILE D 41 43.74 -11.22 47.23
CA ILE D 41 42.80 -12.30 47.51
C ILE D 41 42.10 -12.64 46.20
N PHE D 42 42.29 -13.87 45.72
CA PHE D 42 41.82 -14.25 44.40
C PHE D 42 41.09 -15.58 44.47
N GLU D 43 40.01 -15.69 43.71
CA GLU D 43 39.21 -16.90 43.65
C GLU D 43 39.80 -17.83 42.59
N TYR D 44 40.27 -18.99 43.00
CA TYR D 44 41.01 -19.90 42.15
C TYR D 44 40.16 -21.10 41.75
N VAL D 45 40.70 -21.87 40.80
CA VAL D 45 40.15 -23.16 40.41
C VAL D 45 41.27 -24.18 40.44
N GLU D 46 40.89 -25.44 40.67
CA GLU D 46 41.88 -26.51 40.72
C GLU D 46 42.35 -26.94 39.34
N SER D 47 41.45 -26.91 38.34
CA SER D 47 41.80 -27.36 37.00
C SER D 47 42.69 -26.32 36.29
N GLY D 48 42.33 -25.05 36.39
CA GLY D 48 43.13 -24.00 35.81
C GLY D 48 44.40 -23.76 36.62
N PRO D 49 45.48 -23.33 35.95
CA PRO D 49 46.73 -23.04 36.67
C PRO D 49 46.60 -21.84 37.59
N MET D 50 46.25 -20.69 37.01
CA MET D 50 46.12 -19.43 37.73
C MET D 50 45.07 -18.59 37.04
N GLY D 51 44.43 -17.72 37.82
CA GLY D 51 43.52 -16.76 37.24
C GLY D 51 44.24 -15.64 36.53
N ALA D 52 43.48 -14.89 35.71
CA ALA D 52 44.04 -13.73 35.04
C ALA D 52 44.32 -12.59 36.01
N GLU D 53 43.58 -12.55 37.12
CA GLU D 53 43.79 -11.52 38.13
C GLU D 53 45.13 -11.70 38.84
N GLU D 54 45.52 -12.95 39.09
CA GLU D 54 46.80 -13.24 39.74
C GLU D 54 47.97 -12.89 38.84
N LEU D 55 47.88 -13.23 37.56
CA LEU D 55 48.90 -12.85 36.59
C LEU D 55 48.94 -11.35 36.38
N ALA D 56 47.77 -10.70 36.44
CA ALA D 56 47.69 -9.24 36.39
C ALA D 56 48.42 -8.60 37.55
N PHE D 57 48.20 -9.12 38.76
CA PHE D 57 48.83 -8.60 39.97
C PHE D 57 50.33 -8.81 39.94
N ARG D 58 50.77 -10.02 39.55
CA ARG D 58 52.17 -10.37 39.57
C ARG D 58 52.96 -9.62 38.49
N PHE D 59 52.42 -9.52 37.27
CA PHE D 59 53.16 -8.79 36.25
C PHE D 59 53.04 -7.28 36.43
N ALA D 60 52.02 -6.78 37.13
CA ALA D 60 52.00 -5.36 37.48
C ALA D 60 53.09 -5.01 38.48
N VAL D 61 53.24 -5.84 39.52
CA VAL D 61 54.30 -5.62 40.51
C VAL D 61 55.69 -5.80 39.89
N ASN D 62 55.82 -6.75 38.96
CA ASN D 62 57.10 -6.96 38.28
C ASN D 62 57.47 -5.79 37.35
N THR D 63 56.50 -5.24 36.62
CA THR D 63 56.82 -4.11 35.75
C THR D 63 57.02 -2.83 36.55
N ILE D 64 56.41 -2.70 37.74
CA ILE D 64 56.71 -1.56 38.58
C ILE D 64 58.10 -1.67 39.18
N ASN D 65 58.48 -2.88 39.64
CA ASN D 65 59.80 -3.09 40.22
C ASN D 65 60.91 -3.09 39.18
N ARG D 66 60.59 -3.31 37.91
CA ARG D 66 61.61 -3.29 36.87
C ARG D 66 61.87 -1.86 36.39
N ASN D 67 60.81 -1.16 35.96
CA ASN D 67 60.94 0.22 35.51
C ASN D 67 61.15 1.13 36.71
N ARG D 68 62.32 1.74 36.81
CA ARG D 68 62.72 2.48 37.99
C ARG D 68 62.31 3.95 37.96
N THR D 69 61.45 4.35 37.02
CA THR D 69 60.95 5.72 37.02
C THR D 69 59.94 5.94 38.14
N LEU D 70 59.27 4.88 38.58
CA LEU D 70 58.37 4.93 39.72
C LEU D 70 58.96 4.13 40.86
N LEU D 71 58.84 4.68 42.09
CA LEU D 71 59.37 4.17 43.35
C LEU D 71 60.87 3.89 43.26
N PRO D 72 61.73 4.93 43.25
CA PRO D 72 63.16 4.69 43.05
C PRO D 72 63.85 4.04 44.24
N ASN D 73 63.30 4.17 45.44
CA ASN D 73 63.89 3.58 46.64
C ASN D 73 62.87 2.73 47.39
N THR D 74 61.89 2.19 46.68
CA THR D 74 60.84 1.39 47.29
C THR D 74 60.58 0.14 46.45
N THR D 75 60.49 -1.01 47.11
CA THR D 75 60.16 -2.26 46.46
C THR D 75 58.86 -2.81 47.02
N LEU D 76 58.12 -3.52 46.16
CA LEU D 76 56.82 -4.06 46.52
C LEU D 76 56.89 -5.58 46.47
N THR D 77 56.50 -6.22 47.56
CA THR D 77 56.35 -7.67 47.62
C THR D 77 54.88 -7.98 47.90
N TYR D 78 54.37 -9.04 47.28
CA TYR D 78 52.97 -9.38 47.37
C TYR D 78 52.80 -10.70 48.10
N ASP D 79 51.68 -10.82 48.82
CA ASP D 79 51.22 -12.10 49.34
C ASP D 79 49.82 -12.34 48.80
N THR D 80 49.66 -13.41 48.03
CA THR D 80 48.39 -13.73 47.39
C THR D 80 47.80 -14.98 48.02
N GLN D 81 46.51 -14.93 48.31
CA GLN D 81 45.78 -16.07 48.84
C GLN D 81 44.73 -16.50 47.83
N LYS D 82 44.49 -17.81 47.80
CA LYS D 82 43.57 -18.43 46.85
C LYS D 82 42.37 -18.94 47.64
N ILE D 83 41.23 -18.29 47.44
CA ILE D 83 40.02 -18.59 48.18
C ILE D 83 39.01 -19.25 47.25
N ASN D 84 37.92 -19.75 47.85
CA ASN D 84 36.85 -20.38 47.10
C ASN D 84 35.74 -19.38 46.84
N LEU D 85 34.66 -19.87 46.21
CA LEU D 85 33.58 -19.02 45.75
C LEU D 85 32.48 -18.93 46.82
N TYR D 86 31.99 -17.71 47.04
CA TYR D 86 30.83 -17.38 47.89
C TYR D 86 31.01 -17.81 49.34
N ASP D 87 32.25 -17.79 49.82
CA ASP D 87 32.55 -18.08 51.23
C ASP D 87 33.22 -16.83 51.79
N SER D 88 32.41 -15.91 52.31
CA SER D 88 32.94 -14.66 52.83
C SER D 88 33.65 -14.84 54.17
N PHE D 89 33.38 -15.94 54.88
CA PHE D 89 34.15 -16.26 56.08
C PHE D 89 35.58 -16.63 55.73
N GLU D 90 35.76 -17.35 54.60
CA GLU D 90 37.10 -17.66 54.13
C GLU D 90 37.85 -16.41 53.69
N ALA D 91 37.14 -15.46 53.05
CA ALA D 91 37.73 -14.18 52.70
C ALA D 91 38.07 -13.36 53.93
N SER D 92 37.25 -13.46 54.99
CA SER D 92 37.54 -12.78 56.25
C SER D 92 38.78 -13.37 56.92
N LYS D 93 38.91 -14.70 56.87
CA LYS D 93 40.09 -15.37 57.43
C LYS D 93 41.36 -14.98 56.69
N LYS D 94 41.30 -14.96 55.36
CA LYS D 94 42.48 -14.56 54.58
C LYS D 94 42.76 -13.07 54.71
N ALA D 95 41.72 -12.26 54.93
CA ALA D 95 41.93 -10.84 55.18
C ALA D 95 42.61 -10.60 56.52
N CYS D 96 42.23 -11.37 57.55
CA CYS D 96 42.90 -11.27 58.85
C CYS D 96 44.32 -11.80 58.77
N ASP D 97 44.56 -12.82 57.96
CA ASP D 97 45.93 -13.31 57.75
C ASP D 97 46.77 -12.30 56.97
N GLN D 98 46.17 -11.55 56.05
CA GLN D 98 46.87 -10.48 55.37
C GLN D 98 47.17 -9.31 56.32
N LEU D 99 46.21 -8.98 57.19
CA LEU D 99 46.38 -7.83 58.06
C LEU D 99 47.34 -8.12 59.20
N SER D 100 47.44 -9.39 59.62
CA SER D 100 48.45 -9.73 60.61
C SER D 100 49.85 -9.77 60.02
N LEU D 101 49.98 -9.90 58.71
CA LEU D 101 51.27 -9.91 58.03
C LEU D 101 51.73 -8.52 57.61
N GLY D 102 50.96 -7.48 57.93
CA GLY D 102 51.36 -6.13 57.60
C GLY D 102 51.29 -5.78 56.13
N VAL D 103 50.07 -5.66 55.59
CA VAL D 103 49.89 -5.25 54.21
C VAL D 103 49.55 -3.77 54.18
N ALA D 104 49.86 -3.12 53.05
CA ALA D 104 49.59 -1.71 52.87
C ALA D 104 48.27 -1.43 52.19
N ALA D 105 47.79 -2.34 51.36
CA ALA D 105 46.50 -2.21 50.69
C ALA D 105 46.00 -3.61 50.37
N ILE D 106 44.71 -3.71 50.09
CA ILE D 106 44.07 -4.99 49.79
C ILE D 106 43.43 -4.89 48.41
N PHE D 107 43.85 -5.78 47.51
CA PHE D 107 43.19 -5.96 46.23
C PHE D 107 42.24 -7.14 46.41
N GLY D 108 40.96 -6.84 46.62
CA GLY D 108 40.01 -7.81 47.08
C GLY D 108 39.50 -8.71 45.98
N PRO D 109 38.55 -9.58 46.34
CA PRO D 109 38.01 -10.54 45.37
C PRO D 109 36.97 -9.92 44.45
N SER D 110 36.37 -10.75 43.60
CA SER D 110 35.44 -10.26 42.58
C SER D 110 33.98 -10.52 42.91
N HIS D 111 33.67 -11.56 43.67
CA HIS D 111 32.28 -11.83 44.03
C HIS D 111 31.81 -10.85 45.09
N SER D 112 30.52 -10.48 45.01
CA SER D 112 30.02 -9.29 45.68
C SER D 112 29.93 -9.46 47.19
N SER D 113 29.57 -10.66 47.66
CA SER D 113 29.45 -10.88 49.10
C SER D 113 30.81 -10.90 49.79
N SER D 114 31.79 -11.57 49.17
CA SER D 114 33.15 -11.60 49.70
C SER D 114 33.80 -10.23 49.63
N ALA D 115 33.52 -9.47 48.55
CA ALA D 115 34.03 -8.12 48.44
C ALA D 115 33.38 -7.19 49.47
N ASN D 116 32.10 -7.42 49.80
CA ASN D 116 31.44 -6.64 50.84
C ASN D 116 32.03 -6.94 52.21
N ALA D 117 32.33 -8.21 52.49
CA ALA D 117 32.96 -8.57 53.76
C ALA D 117 34.37 -7.99 53.89
N VAL D 118 35.15 -8.07 52.81
CA VAL D 118 36.51 -7.50 52.81
C VAL D 118 36.46 -5.98 52.90
N GLN D 119 35.46 -5.36 52.26
CA GLN D 119 35.28 -3.92 52.34
C GLN D 119 34.91 -3.47 53.75
N SER D 120 34.05 -4.22 54.44
CA SER D 120 33.71 -3.89 55.82
C SER D 120 34.88 -4.08 56.76
N ILE D 121 35.70 -5.11 56.52
CA ILE D 121 36.91 -5.34 57.32
C ILE D 121 37.92 -4.21 57.12
N CYS D 122 38.13 -3.80 55.86
CA CYS D 122 39.06 -2.71 55.57
C CYS D 122 38.52 -1.36 56.03
N ASN D 123 37.19 -1.20 56.10
CA ASN D 123 36.62 0.01 56.65
C ASN D 123 36.78 0.06 58.16
N ALA D 124 36.65 -1.09 58.83
CA ALA D 124 36.82 -1.12 60.27
C ALA D 124 38.27 -0.96 60.68
N LEU D 125 39.21 -1.48 59.89
CA LEU D 125 40.62 -1.44 60.25
C LEU D 125 41.38 -0.28 59.61
N GLY D 126 40.72 0.56 58.81
CA GLY D 126 41.37 1.72 58.25
C GLY D 126 42.34 1.44 57.12
N VAL D 127 42.19 0.30 56.45
CA VAL D 127 43.10 -0.12 55.40
C VAL D 127 42.44 0.19 54.06
N PRO D 128 43.19 0.66 53.05
CA PRO D 128 42.57 0.87 51.73
C PRO D 128 42.19 -0.44 51.05
N HIS D 129 41.02 -0.42 50.41
CA HIS D 129 40.51 -1.56 49.68
C HIS D 129 40.30 -1.17 48.23
N ILE D 130 40.73 -2.04 47.32
CA ILE D 130 40.64 -1.82 45.89
C ILE D 130 39.69 -2.86 45.32
N GLN D 131 38.74 -2.41 44.50
CA GLN D 131 37.79 -3.29 43.85
C GLN D 131 37.95 -3.19 42.35
N THR D 132 37.90 -4.34 41.68
CA THR D 132 38.08 -4.40 40.23
C THR D 132 36.84 -4.88 39.48
N ARG D 133 35.88 -5.48 40.16
CA ARG D 133 34.61 -5.83 39.55
C ARG D 133 33.48 -5.11 40.26
N TRP D 134 32.44 -4.78 39.51
CA TRP D 134 31.32 -4.02 40.05
C TRP D 134 30.50 -4.88 41.01
N LYS D 135 30.05 -4.26 42.10
CA LYS D 135 29.10 -4.85 43.03
C LYS D 135 27.97 -3.86 43.26
N HIS D 136 26.79 -4.38 43.56
CA HIS D 136 25.66 -3.50 43.85
C HIS D 136 25.84 -2.87 45.22
N GLN D 137 25.62 -1.57 45.28
CA GLN D 137 25.97 -0.77 46.44
C GLN D 137 24.71 -0.44 47.23
N VAL D 138 24.77 -0.66 48.55
CA VAL D 138 23.69 -0.22 49.42
C VAL D 138 23.70 1.30 49.47
N SER D 139 22.51 1.90 49.31
CA SER D 139 22.40 3.33 49.05
C SER D 139 22.68 4.19 50.29
N ASP D 140 22.69 3.60 51.47
CA ASP D 140 22.90 4.32 52.71
C ASP D 140 23.97 3.64 53.59
N ASN D 141 25.00 3.10 52.96
CA ASN D 141 26.13 2.54 53.68
C ASN D 141 27.03 3.66 54.21
N LYS D 142 27.61 3.43 55.38
CA LYS D 142 28.52 4.38 56.01
C LYS D 142 29.98 4.07 55.70
N ASP D 143 30.24 3.41 54.58
CA ASP D 143 31.60 3.01 54.23
C ASP D 143 32.27 4.11 53.41
N SER D 144 33.53 4.40 53.76
CA SER D 144 34.29 5.41 53.03
C SER D 144 35.74 4.99 52.81
N PHE D 145 36.07 3.71 52.99
CA PHE D 145 37.46 3.29 52.94
C PHE D 145 37.73 2.31 51.80
N TYR D 146 37.20 2.63 50.61
CA TYR D 146 37.33 1.73 49.47
C TYR D 146 37.24 2.53 48.19
N VAL D 147 37.88 2.03 47.14
CA VAL D 147 37.72 2.56 45.79
C VAL D 147 37.45 1.41 44.84
N SER D 148 36.85 1.73 43.70
CA SER D 148 36.51 0.75 42.68
C SER D 148 36.82 1.34 41.31
N LEU D 149 37.65 0.66 40.54
CA LEU D 149 38.05 1.15 39.23
C LEU D 149 37.21 0.58 38.09
N TYR D 150 36.25 -0.29 38.38
CA TYR D 150 35.31 -0.70 37.34
C TYR D 150 34.40 0.49 37.00
N PRO D 151 34.08 0.69 35.71
CA PRO D 151 33.25 1.83 35.33
C PRO D 151 31.83 1.72 35.87
N ASP D 152 31.31 2.85 36.34
CA ASP D 152 30.02 2.87 37.00
C ASP D 152 28.90 2.70 35.98
N PHE D 153 27.97 1.81 36.29
CA PHE D 153 26.97 1.40 35.32
C PHE D 153 25.85 2.41 35.12
N SER D 154 25.76 3.44 35.98
CA SER D 154 24.85 4.55 35.67
C SER D 154 25.35 5.33 34.46
N SER D 155 26.66 5.62 34.42
CA SER D 155 27.25 6.31 33.27
C SER D 155 27.26 5.42 32.03
N LEU D 156 27.51 4.12 32.21
CA LEU D 156 27.51 3.21 31.08
C LEU D 156 26.09 2.99 30.55
N SER D 157 25.08 3.00 31.43
CA SER D 157 23.70 2.90 30.96
C SER D 157 23.24 4.19 30.30
N ARG D 158 23.75 5.34 30.73
CA ARG D 158 23.47 6.57 30.02
C ARG D 158 24.14 6.61 28.65
N ALA D 159 25.33 5.99 28.54
CA ALA D 159 25.97 5.80 27.23
C ALA D 159 25.14 4.86 26.35
N ILE D 160 24.56 3.82 26.95
CA ILE D 160 23.68 2.89 26.24
C ILE D 160 22.45 3.61 25.71
N LEU D 161 21.84 4.46 26.54
CA LEU D 161 20.68 5.24 26.15
C LEU D 161 21.02 6.26 25.06
N ASP D 162 22.21 6.85 25.14
CA ASP D 162 22.68 7.76 24.09
C ASP D 162 22.86 7.03 22.77
N LEU D 163 23.38 5.80 22.81
CA LEU D 163 23.55 5.01 21.60
C LEU D 163 22.20 4.60 21.02
N VAL D 164 21.23 4.30 21.88
CA VAL D 164 19.87 3.97 21.43
C VAL D 164 19.21 5.17 20.76
N GLN D 165 19.38 6.36 21.34
CA GLN D 165 18.80 7.56 20.75
C GLN D 165 19.53 7.98 19.47
N PHE D 166 20.81 7.64 19.34
CA PHE D 166 21.48 7.88 18.07
C PHE D 166 21.01 6.89 16.99
N PHE D 167 20.81 5.63 17.35
CA PHE D 167 20.34 4.66 16.38
C PHE D 167 18.85 4.77 16.07
N LYS D 168 18.12 5.61 16.83
CA LYS D 168 16.72 5.98 16.58
C LYS D 168 15.79 4.76 16.59
N TRP D 169 15.75 4.12 17.75
CA TRP D 169 14.95 2.92 17.95
C TRP D 169 13.65 3.25 18.67
N LYS D 170 12.70 2.35 18.56
CA LYS D 170 11.43 2.50 19.27
C LYS D 170 11.09 1.30 20.13
N THR D 171 11.36 0.09 19.66
CA THR D 171 11.10 -1.13 20.40
C THR D 171 12.43 -1.81 20.68
N VAL D 172 12.72 -2.07 21.95
CA VAL D 172 14.01 -2.58 22.38
C VAL D 172 13.77 -3.78 23.31
N THR D 173 14.41 -4.91 23.00
CA THR D 173 14.36 -6.08 23.84
C THR D 173 15.65 -6.16 24.66
N VAL D 174 15.52 -6.13 25.97
CA VAL D 174 16.66 -6.18 26.88
C VAL D 174 16.74 -7.57 27.50
N VAL D 175 17.88 -8.23 27.33
CA VAL D 175 18.09 -9.58 27.82
C VAL D 175 19.33 -9.58 28.71
N TYR D 176 19.18 -10.06 29.94
CA TYR D 176 20.29 -10.21 30.87
C TYR D 176 20.48 -11.69 31.21
N ASP D 177 21.36 -11.96 32.17
CA ASP D 177 21.68 -13.32 32.58
C ASP D 177 21.31 -13.63 34.02
N ASP D 178 21.64 -12.75 34.96
CA ASP D 178 21.35 -12.95 36.37
C ASP D 178 20.41 -11.87 36.87
N SER D 179 20.03 -11.99 38.15
CA SER D 179 19.08 -11.05 38.75
C SER D 179 19.69 -9.66 38.92
N THR D 180 20.97 -9.60 39.28
CA THR D 180 21.65 -8.33 39.59
C THR D 180 21.81 -7.43 38.38
N GLY D 181 21.65 -7.97 37.16
CA GLY D 181 21.59 -7.15 35.96
C GLY D 181 20.45 -6.15 35.96
N LEU D 182 19.35 -6.48 36.67
CA LEU D 182 18.27 -5.50 36.87
C LEU D 182 18.74 -4.31 37.70
N ILE D 183 19.66 -4.54 38.65
CA ILE D 183 20.31 -3.42 39.30
C ILE D 183 21.31 -2.77 38.36
N ARG D 184 21.92 -3.56 37.48
CA ARG D 184 22.98 -3.06 36.62
C ARG D 184 22.49 -2.24 35.45
N LEU D 185 21.18 -2.23 35.18
CA LEU D 185 20.62 -1.56 34.03
C LEU D 185 19.37 -0.78 34.40
N GLN D 186 19.36 -0.19 35.61
CA GLN D 186 18.16 0.48 36.09
C GLN D 186 17.92 1.81 35.40
N GLU D 187 18.99 2.47 34.93
CA GLU D 187 18.84 3.73 34.22
C GLU D 187 18.21 3.53 32.85
N LEU D 188 18.53 2.42 32.18
CA LEU D 188 17.86 2.08 30.94
C LEU D 188 16.41 1.64 31.19
N ILE D 189 16.15 1.01 32.34
CA ILE D 189 14.81 0.52 32.66
C ILE D 189 13.88 1.69 32.96
N LYS D 190 14.34 2.68 33.71
CA LYS D 190 13.50 3.83 34.03
C LYS D 190 13.49 4.89 32.94
N ALA D 191 14.22 4.68 31.85
CA ALA D 191 14.26 5.59 30.71
C ALA D 191 12.96 5.71 29.90
N PRO D 192 12.04 4.72 29.87
CA PRO D 192 10.67 5.03 29.47
C PRO D 192 10.00 6.06 30.36
N SER D 193 8.98 6.71 29.77
CA SER D 193 8.32 7.94 30.26
C SER D 193 9.31 9.08 30.44
N ARG D 194 10.36 9.10 29.63
CA ARG D 194 11.24 10.24 29.45
C ARG D 194 11.40 10.47 27.96
N TYR D 195 11.35 9.37 27.21
CA TYR D 195 11.49 9.37 25.76
C TYR D 195 10.48 8.37 25.19
N ASN D 196 10.36 8.35 23.87
CA ASN D 196 9.41 7.47 23.19
C ASN D 196 10.04 6.10 22.92
N LEU D 197 10.32 5.39 24.01
CA LEU D 197 11.03 4.12 23.96
C LEU D 197 10.19 3.04 24.64
N ARG D 198 10.02 1.91 23.96
CA ARG D 198 9.28 0.78 24.48
C ARG D 198 10.25 -0.37 24.77
N LEU D 199 10.12 -0.97 25.95
CA LEU D 199 11.03 -2.01 26.40
C LEU D 199 10.27 -3.31 26.59
N LYS D 200 10.81 -4.39 26.03
CA LYS D 200 10.41 -5.75 26.37
C LYS D 200 11.63 -6.43 26.99
N ILE D 201 11.47 -6.95 28.20
CA ILE D 201 12.59 -7.39 29.01
C ILE D 201 12.46 -8.89 29.27
N ARG D 202 13.47 -9.65 28.88
CA ARG D 202 13.49 -11.10 29.06
C ARG D 202 14.67 -11.49 29.97
N GLN D 203 14.81 -12.79 30.20
CA GLN D 203 15.86 -13.28 31.07
C GLN D 203 16.35 -14.63 30.56
N LEU D 204 17.68 -14.75 30.42
CA LEU D 204 18.29 -16.01 30.01
C LEU D 204 18.13 -17.07 31.10
N PRO D 205 18.07 -18.35 30.73
CA PRO D 205 18.07 -19.41 31.73
C PRO D 205 19.44 -19.57 32.38
N ALA D 206 19.47 -20.41 33.42
CA ALA D 206 20.72 -20.69 34.14
C ALA D 206 21.71 -21.46 33.28
N ASP D 207 21.22 -22.34 32.41
CA ASP D 207 22.09 -23.00 31.45
C ASP D 207 22.47 -22.04 30.32
N THR D 208 23.73 -22.14 29.88
CA THR D 208 24.20 -21.27 28.81
C THR D 208 23.68 -21.71 27.45
N LYS D 209 23.58 -23.01 27.22
CA LYS D 209 23.24 -23.57 25.92
C LYS D 209 21.75 -23.67 25.67
N ASP D 210 20.91 -23.30 26.64
CA ASP D 210 19.47 -23.46 26.53
C ASP D 210 18.78 -22.18 26.08
N ALA D 211 19.43 -21.40 25.22
CA ALA D 211 18.86 -20.15 24.71
C ALA D 211 17.94 -20.37 23.52
N LYS D 212 17.78 -21.60 23.05
CA LYS D 212 16.92 -21.88 21.90
C LYS D 212 15.44 -21.56 22.10
N PRO D 213 14.77 -21.88 23.24
CA PRO D 213 13.38 -21.38 23.39
C PRO D 213 13.28 -19.87 23.50
N LEU D 214 14.26 -19.21 24.10
CA LEU D 214 14.25 -17.75 24.20
C LEU D 214 14.39 -17.11 22.82
N LEU D 215 15.32 -17.61 22.01
CA LEU D 215 15.49 -17.05 20.67
C LEU D 215 14.35 -17.44 19.74
N LYS D 216 13.72 -18.59 19.99
CA LYS D 216 12.52 -18.96 19.24
C LYS D 216 11.35 -18.03 19.58
N GLU D 217 11.18 -17.72 20.87
CA GLU D 217 10.14 -16.78 21.27
C GLU D 217 10.47 -15.33 20.91
N MET D 218 11.75 -15.03 20.68
CA MET D 218 12.15 -13.70 20.27
C MET D 218 12.11 -13.49 18.77
N LYS D 219 12.27 -14.58 17.98
CA LYS D 219 12.10 -14.45 16.54
C LYS D 219 10.64 -14.21 16.19
N ARG D 220 9.72 -14.92 16.83
CA ARG D 220 8.32 -14.55 16.78
C ARG D 220 8.10 -13.27 17.57
N GLY D 221 7.11 -12.49 17.15
CA GLY D 221 6.84 -11.22 17.78
C GLY D 221 7.69 -10.07 17.28
N LYS D 222 8.67 -10.35 16.40
CA LYS D 222 9.46 -9.37 15.64
C LYS D 222 10.25 -8.43 16.55
N GLU D 223 11.14 -9.01 17.34
CA GLU D 223 12.05 -8.27 18.20
C GLU D 223 13.45 -8.36 17.59
N PHE D 224 13.96 -7.24 17.09
CA PHE D 224 15.27 -7.20 16.45
C PHE D 224 16.30 -6.42 17.25
N HIS D 225 15.96 -5.22 17.70
CA HIS D 225 16.91 -4.35 18.40
C HIS D 225 17.03 -4.85 19.84
N VAL D 226 18.13 -5.54 20.13
CA VAL D 226 18.29 -6.30 21.37
C VAL D 226 19.53 -5.81 22.10
N ILE D 227 19.35 -5.36 23.33
CA ILE D 227 20.45 -5.13 24.25
C ILE D 227 20.76 -6.43 24.97
N PHE D 228 22.03 -6.83 24.98
CA PHE D 228 22.49 -7.99 25.70
C PHE D 228 23.35 -7.54 26.88
N ASP D 229 23.13 -8.16 28.04
CA ASP D 229 23.89 -7.82 29.24
C ASP D 229 24.35 -9.12 29.90
N CYS D 230 25.57 -9.52 29.60
CA CYS D 230 26.15 -10.74 30.17
C CYS D 230 27.67 -10.61 30.10
N SER D 231 28.35 -11.67 30.54
CA SER D 231 29.78 -11.78 30.30
C SER D 231 30.04 -12.14 28.85
N HIS D 232 31.31 -12.03 28.44
CA HIS D 232 31.66 -12.29 27.05
C HIS D 232 31.59 -13.76 26.68
N GLU D 233 31.71 -14.67 27.65
CA GLU D 233 31.54 -16.09 27.37
C GLU D 233 30.09 -16.43 27.06
N MET D 234 29.16 -15.90 27.87
CA MET D 234 27.75 -16.03 27.58
C MET D 234 27.36 -15.28 26.32
N ALA D 235 28.05 -14.18 26.03
CA ALA D 235 27.83 -13.45 24.78
C ALA D 235 28.23 -14.28 23.57
N ALA D 236 29.37 -14.97 23.64
CA ALA D 236 29.81 -15.82 22.54
C ALA D 236 28.89 -17.03 22.37
N GLY D 237 28.43 -17.59 23.49
CA GLY D 237 27.47 -18.68 23.42
C GLY D 237 26.14 -18.27 22.81
N ILE D 238 25.66 -17.07 23.16
CA ILE D 238 24.40 -16.62 22.59
C ILE D 238 24.56 -16.13 21.15
N LEU D 239 25.76 -15.71 20.74
CA LEU D 239 25.96 -15.41 19.32
C LEU D 239 26.02 -16.70 18.50
N LYS D 240 26.60 -17.76 19.06
CA LYS D 240 26.57 -19.07 18.41
C LYS D 240 25.14 -19.60 18.30
N GLN D 241 24.35 -19.42 19.37
CA GLN D 241 22.95 -19.84 19.34
C GLN D 241 22.11 -18.99 18.38
N ALA D 242 22.44 -17.70 18.23
CA ALA D 242 21.75 -16.87 17.25
C ALA D 242 22.14 -17.23 15.83
N LEU D 243 23.40 -17.63 15.62
CA LEU D 243 23.82 -18.10 14.30
C LEU D 243 23.17 -19.42 13.94
N ALA D 244 22.93 -20.28 14.94
CA ALA D 244 22.40 -21.62 14.69
C ALA D 244 20.94 -21.62 14.24
N MET D 245 20.21 -20.52 14.42
CA MET D 245 18.80 -20.49 14.04
C MET D 245 18.43 -19.19 13.33
N GLY D 246 19.34 -18.69 12.49
CA GLY D 246 18.98 -17.71 11.49
C GLY D 246 18.81 -16.29 11.95
N MET D 247 19.28 -15.94 13.16
CA MET D 247 19.20 -14.56 13.60
C MET D 247 20.27 -13.66 12.96
N MET D 248 21.30 -14.25 12.38
CA MET D 248 22.40 -13.47 11.80
C MET D 248 22.01 -13.00 10.41
N THR D 249 21.54 -11.76 10.32
CA THR D 249 21.20 -11.15 9.04
C THR D 249 21.33 -9.65 9.19
N GLU D 250 21.23 -8.95 8.04
CA GLU D 250 21.27 -7.50 8.02
C GLU D 250 20.01 -6.86 8.58
N TYR D 251 18.96 -7.64 8.80
CA TYR D 251 17.66 -7.22 9.29
C TYR D 251 17.59 -7.20 10.82
N TYR D 252 18.70 -7.50 11.49
CA TYR D 252 18.79 -7.53 12.96
C TYR D 252 19.77 -6.47 13.46
N HIS D 253 19.83 -6.34 14.79
CA HIS D 253 20.76 -5.45 15.47
C HIS D 253 21.14 -6.06 16.82
N TYR D 254 22.33 -5.74 17.30
CA TYR D 254 22.78 -6.20 18.60
C TYR D 254 23.63 -5.13 19.27
N ILE D 255 23.39 -4.91 20.56
CA ILE D 255 24.22 -4.02 21.36
C ILE D 255 24.59 -4.75 22.65
N PHE D 256 25.88 -4.81 22.95
CA PHE D 256 26.39 -5.52 24.11
C PHE D 256 26.90 -4.53 25.15
N THR D 257 26.49 -4.72 26.40
CA THR D 257 26.94 -3.87 27.50
C THR D 257 28.25 -4.33 28.10
N THR D 258 28.80 -5.45 27.63
CA THR D 258 30.08 -5.91 28.14
C THR D 258 31.21 -5.04 27.57
N LEU D 259 32.36 -5.08 28.26
CA LEU D 259 33.54 -4.36 27.83
C LEU D 259 34.55 -5.29 27.17
N ASP D 260 34.16 -6.52 26.86
CA ASP D 260 35.03 -7.51 26.24
C ASP D 260 34.45 -7.99 24.91
N LEU D 261 33.93 -7.07 24.10
CA LEU D 261 33.43 -7.44 22.79
C LEU D 261 34.56 -7.80 21.83
N PHE D 262 35.72 -7.17 22.00
CA PHE D 262 36.86 -7.44 21.12
C PHE D 262 37.50 -8.79 21.41
N ALA D 263 37.23 -9.40 22.56
CA ALA D 263 37.73 -10.73 22.86
C ALA D 263 37.04 -11.82 22.06
N LEU D 264 35.85 -11.54 21.51
CA LEU D 264 35.17 -12.52 20.68
C LEU D 264 35.83 -12.63 19.32
N ASP D 265 35.55 -13.73 18.64
CA ASP D 265 36.01 -13.96 17.27
C ASP D 265 34.83 -13.77 16.34
N VAL D 266 34.89 -12.73 15.52
CA VAL D 266 33.80 -12.39 14.61
C VAL D 266 34.11 -12.87 13.18
N GLU D 267 34.99 -13.85 13.04
CA GLU D 267 35.26 -14.43 11.72
C GLU D 267 34.06 -15.14 11.08
N PRO D 268 33.24 -16.00 11.77
CA PRO D 268 32.07 -16.55 11.06
C PRO D 268 30.83 -15.67 11.13
N TYR D 269 30.98 -14.41 11.52
CA TYR D 269 29.85 -13.50 11.63
C TYR D 269 29.94 -12.25 10.78
N ARG D 270 31.14 -11.85 10.35
CA ARG D 270 31.31 -10.54 9.72
C ARG D 270 30.83 -10.50 8.27
N TYR D 271 30.57 -11.65 7.65
CA TYR D 271 30.03 -11.66 6.29
C TYR D 271 28.51 -11.63 6.25
N SER D 272 27.84 -11.85 7.39
CA SER D 272 26.39 -11.84 7.44
C SER D 272 25.80 -10.45 7.38
N GLY D 273 26.60 -9.41 7.59
CA GLY D 273 26.11 -8.05 7.49
C GLY D 273 25.28 -7.58 8.67
N VAL D 274 25.46 -8.18 9.85
CA VAL D 274 24.73 -7.72 11.02
C VAL D 274 25.28 -6.38 11.49
N ASN D 275 24.45 -5.65 12.21
CA ASN D 275 24.81 -4.35 12.76
C ASN D 275 25.00 -4.52 14.26
N MET D 276 26.21 -4.91 14.65
CA MET D 276 26.55 -5.20 16.03
C MET D 276 27.46 -4.10 16.55
N THR D 277 27.17 -3.59 17.74
CA THR D 277 27.83 -2.41 18.28
C THR D 277 28.13 -2.64 19.75
N GLY D 278 29.33 -2.25 20.19
CA GLY D 278 29.69 -2.42 21.59
C GLY D 278 30.61 -1.31 22.07
N PHE D 279 31.05 -1.46 23.31
CA PHE D 279 31.85 -0.45 23.99
C PHE D 279 33.19 -1.06 24.42
N ARG D 280 34.25 -0.27 24.28
CA ARG D 280 35.59 -0.71 24.65
C ARG D 280 36.27 0.38 25.48
N ILE D 281 36.90 -0.02 26.58
CA ILE D 281 37.72 0.91 27.35
C ILE D 281 39.21 0.65 27.16
N LEU D 282 39.57 -0.47 26.53
CA LEU D 282 40.97 -0.82 26.33
C LEU D 282 41.53 0.01 25.18
N ASN D 283 42.41 0.95 25.51
CA ASN D 283 43.00 1.84 24.51
C ASN D 283 44.12 1.10 23.79
N THR D 284 43.73 0.25 22.83
CA THR D 284 44.68 -0.55 22.09
C THR D 284 45.34 0.21 20.95
N GLU D 285 44.91 1.44 20.67
CA GLU D 285 45.49 2.22 19.58
C GLU D 285 46.86 2.78 19.93
N ASN D 286 47.19 2.90 21.21
CA ASN D 286 48.50 3.38 21.61
C ASN D 286 49.56 2.32 21.36
N THR D 287 50.76 2.79 21.00
CA THR D 287 51.88 1.89 20.74
C THR D 287 52.38 1.25 22.04
N GLN D 288 52.33 2.00 23.16
CA GLN D 288 52.77 1.49 24.45
C GLN D 288 51.85 0.37 24.95
N VAL D 289 50.53 0.59 24.87
CA VAL D 289 49.57 -0.39 25.37
C VAL D 289 49.56 -1.64 24.49
N SER D 290 49.66 -1.46 23.17
CA SER D 290 49.73 -2.60 22.27
C SER D 290 51.05 -3.37 22.42
N SER D 291 52.14 -2.68 22.75
CA SER D 291 53.38 -3.39 23.03
C SER D 291 53.31 -4.14 24.36
N ILE D 292 52.59 -3.59 25.34
CA ILE D 292 52.33 -4.31 26.59
C ILE D 292 51.49 -5.55 26.32
N ILE D 293 50.50 -5.44 25.45
CA ILE D 293 49.62 -6.56 25.11
C ILE D 293 50.40 -7.63 24.33
N GLU D 294 51.35 -7.20 23.50
CA GLU D 294 52.26 -8.13 22.85
C GLU D 294 53.21 -8.81 23.84
N LYS D 295 53.57 -8.12 24.93
CA LYS D 295 54.28 -8.79 26.02
C LYS D 295 53.42 -9.82 26.74
N TRP D 296 52.14 -9.49 27.00
CA TRP D 296 51.19 -10.44 27.57
C TRP D 296 50.86 -11.62 26.67
N SER D 297 51.05 -11.48 25.36
CA SER D 297 50.73 -12.60 24.46
C SER D 297 51.71 -13.75 24.64
N MET D 298 52.95 -13.46 25.02
CA MET D 298 53.92 -14.49 25.37
C MET D 298 53.71 -15.03 26.78
N GLU D 299 52.86 -14.40 27.58
CA GLU D 299 52.66 -14.76 28.98
C GLU D 299 51.30 -15.39 29.25
N ARG D 300 50.37 -15.30 28.30
CA ARG D 300 49.07 -15.95 28.43
C ARG D 300 48.98 -17.29 27.72
N LEU D 301 49.84 -17.53 26.72
CA LEU D 301 49.79 -18.77 25.95
C LEU D 301 50.36 -19.97 26.69
N GLN D 302 51.00 -19.76 27.85
CA GLN D 302 51.42 -20.88 28.68
C GLN D 302 50.22 -21.61 29.29
N ALA D 303 49.14 -20.88 29.54
CA ALA D 303 47.87 -21.50 29.92
C ALA D 303 47.02 -21.70 28.68
N PRO D 304 46.62 -22.92 28.35
CA PRO D 304 45.87 -23.17 27.10
C PRO D 304 44.43 -22.68 27.20
N PRO D 305 43.88 -22.12 26.12
CA PRO D 305 42.53 -21.57 26.17
C PRO D 305 41.46 -22.58 25.82
N LYS D 306 40.21 -22.13 25.79
CA LYS D 306 39.11 -22.95 25.29
C LYS D 306 39.12 -22.93 23.77
N PRO D 307 39.17 -24.08 23.10
CA PRO D 307 39.33 -24.10 21.64
C PRO D 307 38.03 -24.14 20.84
N ASP D 308 36.87 -24.02 21.48
CA ASP D 308 35.60 -24.13 20.76
C ASP D 308 34.56 -23.12 21.20
N SER D 309 34.88 -22.20 22.09
CA SER D 309 33.90 -21.24 22.60
C SER D 309 33.82 -19.97 21.79
N GLY D 310 34.62 -19.84 20.73
CA GLY D 310 34.62 -18.63 19.94
C GLY D 310 35.35 -17.46 20.55
N LEU D 311 36.12 -17.68 21.61
CA LEU D 311 36.88 -16.63 22.26
C LEU D 311 38.27 -16.56 21.64
N LEU D 312 38.60 -15.41 21.05
CA LEU D 312 39.90 -15.24 20.42
C LEU D 312 40.98 -15.06 21.49
N ASP D 313 41.97 -15.94 21.47
CA ASP D 313 43.04 -15.90 22.46
C ASP D 313 44.03 -14.80 22.13
N GLY D 314 44.88 -14.47 23.11
CA GLY D 314 45.86 -13.42 22.96
C GLY D 314 45.37 -12.03 23.31
N PHE D 315 44.09 -11.88 23.64
CA PHE D 315 43.52 -10.60 24.01
C PHE D 315 43.35 -10.52 25.52
N MET D 316 43.69 -9.37 26.09
CA MET D 316 43.56 -9.17 27.52
C MET D 316 42.11 -8.93 27.91
N THR D 317 41.71 -9.53 29.02
CA THR D 317 40.40 -9.25 29.58
C THR D 317 40.40 -7.88 30.24
N THR D 318 39.19 -7.36 30.46
CA THR D 318 39.04 -6.03 31.05
C THR D 318 39.42 -6.04 32.52
N ASP D 319 39.17 -7.16 33.21
CA ASP D 319 39.47 -7.27 34.64
C ASP D 319 40.97 -7.24 34.91
N ALA D 320 41.75 -7.91 34.07
CA ALA D 320 43.20 -7.96 34.29
C ALA D 320 43.85 -6.62 33.98
N ALA D 321 43.39 -5.93 32.93
CA ALA D 321 43.90 -4.60 32.61
C ALA D 321 43.49 -3.58 33.66
N LEU D 322 42.28 -3.73 34.21
CA LEU D 322 41.83 -2.86 35.29
C LEU D 322 42.62 -3.08 36.56
N MET D 323 42.99 -4.33 36.86
CA MET D 323 43.79 -4.56 38.07
C MET D 323 45.24 -4.12 37.86
N TYR D 324 45.75 -4.22 36.63
CA TYR D 324 47.06 -3.65 36.29
C TYR D 324 47.07 -2.13 36.50
N ASP D 325 46.02 -1.45 36.03
CA ASP D 325 45.90 -0.02 36.24
C ASP D 325 45.65 0.31 37.71
N ALA D 326 45.01 -0.59 38.46
CA ALA D 326 44.80 -0.39 39.88
C ALA D 326 46.11 -0.44 40.66
N VAL D 327 46.98 -1.39 40.34
CA VAL D 327 48.28 -1.46 40.98
C VAL D 327 49.14 -0.25 40.61
N HIS D 328 49.00 0.22 39.36
CA HIS D 328 49.67 1.46 38.95
C HIS D 328 49.16 2.69 39.70
N VAL D 329 47.84 2.77 39.93
CA VAL D 329 47.25 3.90 40.66
C VAL D 329 47.68 3.88 42.14
N VAL D 330 47.72 2.70 42.75
CA VAL D 330 48.19 2.59 44.13
C VAL D 330 49.68 2.91 44.23
N SER D 331 50.47 2.53 43.22
CA SER D 331 51.89 2.85 43.20
C SER D 331 52.15 4.35 43.05
N VAL D 332 51.41 5.03 42.16
CA VAL D 332 51.63 6.47 42.01
C VAL D 332 51.02 7.24 43.19
N ALA D 333 50.06 6.66 43.91
CA ALA D 333 49.61 7.26 45.16
C ALA D 333 50.64 7.07 46.27
N VAL D 334 51.37 5.95 46.25
CA VAL D 334 52.49 5.74 47.17
C VAL D 334 53.61 6.73 46.87
N GLN D 335 53.81 7.06 45.58
CA GLN D 335 54.89 7.95 45.13
C GLN D 335 54.80 9.36 45.73
N GLN D 336 53.60 9.83 46.07
CA GLN D 336 53.45 11.11 46.75
C GLN D 336 53.51 11.01 48.26
N PHE D 337 53.63 9.81 48.82
CA PHE D 337 53.66 9.61 50.27
C PHE D 337 54.95 8.92 50.70
N PRO D 338 55.91 9.65 51.26
CA PRO D 338 57.19 9.02 51.64
C PRO D 338 57.11 8.16 52.90
N GLN D 339 56.26 8.54 53.86
CA GLN D 339 56.18 7.85 55.14
C GLN D 339 55.14 6.73 55.07
N MET D 340 55.44 5.74 54.26
CA MET D 340 54.59 4.56 54.11
C MET D 340 55.07 3.43 55.01
N THR D 341 55.11 3.71 56.31
CA THR D 341 55.55 2.73 57.30
C THR D 341 54.42 1.74 57.53
N VAL D 342 54.54 0.56 56.93
CA VAL D 342 53.49 -0.45 57.01
C VAL D 342 53.57 -1.14 58.37
N SER D 343 52.46 -1.14 59.10
CA SER D 343 52.39 -1.72 60.43
C SER D 343 51.28 -2.76 60.47
N SER D 344 51.58 -3.92 61.04
CA SER D 344 50.59 -5.00 61.14
C SER D 344 49.56 -4.69 62.21
N LEU D 345 48.29 -4.91 61.88
CA LEU D 345 47.18 -4.70 62.78
C LEU D 345 46.62 -6.06 63.23
N GLN D 346 45.54 -6.01 64.00
CA GLN D 346 44.92 -7.21 64.54
C GLN D 346 43.41 -7.13 64.36
N CYS D 347 42.79 -8.30 64.18
CA CYS D 347 41.34 -8.39 64.02
C CYS D 347 40.60 -8.48 65.35
N ASN D 348 41.30 -8.68 66.46
CA ASN D 348 40.67 -8.76 67.78
C ASN D 348 40.52 -7.40 68.43
N ARG D 349 41.06 -6.34 67.83
CA ARG D 349 40.89 -4.98 68.31
C ARG D 349 40.63 -4.07 67.12
N HIS D 350 40.03 -2.91 67.40
CA HIS D 350 39.69 -1.94 66.36
C HIS D 350 40.68 -0.79 66.31
N LYS D 351 41.96 -1.07 66.50
CA LYS D 351 42.99 -0.06 66.31
C LYS D 351 43.16 0.19 64.82
N PRO D 352 42.93 1.41 64.34
CA PRO D 352 43.02 1.68 62.90
C PRO D 352 44.47 1.86 62.48
N TRP D 353 44.65 2.02 61.16
CA TRP D 353 45.99 2.30 60.63
C TRP D 353 46.39 3.74 60.95
N ARG D 354 47.65 3.91 61.34
CA ARG D 354 48.19 5.23 61.62
C ARG D 354 48.32 6.08 60.36
N PHE D 355 48.61 5.46 59.23
CA PHE D 355 48.86 6.15 57.97
C PHE D 355 47.83 5.75 56.93
N GLY D 356 46.56 5.76 57.33
CA GLY D 356 45.51 5.31 56.43
C GLY D 356 44.69 6.41 55.77
N THR D 357 44.31 7.43 56.54
CA THR D 357 43.37 8.44 56.03
C THR D 357 44.02 9.36 55.01
N ARG D 358 45.26 9.78 55.28
CA ARG D 358 46.02 10.56 54.31
C ARG D 358 46.36 9.75 53.07
N PHE D 359 46.61 8.45 53.25
CA PHE D 359 46.88 7.55 52.14
C PHE D 359 45.67 7.39 51.23
N MET D 360 44.48 7.23 51.80
CA MET D 360 43.29 7.10 50.98
C MET D 360 42.84 8.43 50.38
N SER D 361 43.16 9.54 51.05
CA SER D 361 42.95 10.86 50.45
C SER D 361 43.87 11.05 49.24
N LEU D 362 45.10 10.55 49.33
CA LEU D 362 45.99 10.58 48.17
C LEU D 362 45.54 9.62 47.08
N ILE D 363 44.93 8.50 47.46
CA ILE D 363 44.42 7.53 46.50
C ILE D 363 43.25 8.13 45.70
N LYS D 364 42.32 8.78 46.40
CA LYS D 364 41.18 9.38 45.72
C LYS D 364 41.54 10.64 44.93
N GLU D 365 42.69 11.24 45.20
CA GLU D 365 43.15 12.41 44.47
C GLU D 365 44.10 12.06 43.33
N ALA D 366 44.37 10.78 43.08
CA ALA D 366 45.35 10.39 42.09
C ALA D 366 44.81 10.50 40.68
N HIS D 367 45.67 10.94 39.76
CA HIS D 367 45.35 11.03 38.34
C HIS D 367 46.44 10.31 37.56
N TRP D 368 46.04 9.35 36.73
CA TRP D 368 47.00 8.50 36.04
C TRP D 368 46.35 7.90 34.81
N GLU D 369 47.12 7.78 33.73
CA GLU D 369 46.66 7.14 32.50
C GLU D 369 47.29 5.76 32.38
N GLY D 370 46.45 4.73 32.29
CA GLY D 370 46.91 3.38 32.09
C GLY D 370 46.32 2.72 30.87
N LEU D 371 46.18 1.39 30.92
CA LEU D 371 45.70 0.61 29.77
C LEU D 371 44.23 0.91 29.46
N THR D 372 43.46 1.30 30.46
CA THR D 372 42.08 1.73 30.24
C THR D 372 41.96 3.22 29.98
N GLY D 373 43.07 3.93 29.86
CA GLY D 373 43.02 5.34 29.59
C GLY D 373 43.14 6.19 30.83
N ARG D 374 42.47 7.34 30.85
CA ARG D 374 42.53 8.25 31.99
C ARG D 374 41.72 7.69 33.15
N ILE D 375 42.31 7.65 34.34
CA ILE D 375 41.65 7.16 35.54
C ILE D 375 41.46 8.34 36.48
N THR D 376 40.22 8.73 36.69
CA THR D 376 39.87 9.75 37.67
C THR D 376 39.06 9.09 38.79
N PHE D 377 38.59 9.92 39.72
CA PHE D 377 37.81 9.40 40.84
C PHE D 377 36.79 10.43 41.27
N ASN D 378 35.54 10.01 41.36
CA ASN D 378 34.49 10.80 41.97
C ASN D 378 34.72 10.84 43.47
N LYS D 379 34.94 12.03 44.02
CA LYS D 379 35.35 12.16 45.40
C LYS D 379 34.22 11.98 46.40
N THR D 380 32.97 11.99 45.94
CA THR D 380 31.84 11.81 46.85
C THR D 380 31.67 10.36 47.28
N ASN D 381 31.92 9.41 46.36
CA ASN D 381 31.65 8.00 46.65
C ASN D 381 32.79 7.07 46.29
N GLY D 382 33.77 7.48 45.48
CA GLY D 382 34.86 6.62 45.10
C GLY D 382 34.61 5.79 43.87
N LEU D 383 33.42 5.85 43.29
CA LEU D 383 33.13 5.11 42.06
C LEU D 383 33.74 5.84 40.86
N ARG D 384 34.24 5.06 39.91
CA ARG D 384 34.83 5.63 38.70
C ARG D 384 33.70 6.01 37.76
N THR D 385 33.19 7.23 37.91
CA THR D 385 32.09 7.73 37.09
C THR D 385 32.55 8.70 36.02
N ASP D 386 33.82 8.64 35.62
CA ASP D 386 34.34 9.50 34.57
C ASP D 386 35.43 8.74 33.84
N PHE D 387 35.23 8.50 32.54
CA PHE D 387 36.14 7.68 31.75
C PHE D 387 35.98 8.07 30.29
N ASP D 388 36.63 7.31 29.40
CA ASP D 388 36.51 7.50 27.97
C ASP D 388 36.13 6.15 27.35
N LEU D 389 35.14 6.17 26.46
CA LEU D 389 34.63 4.96 25.85
C LEU D 389 34.84 5.00 24.35
N ASP D 390 35.09 3.84 23.75
CA ASP D 390 35.20 3.70 22.32
C ASP D 390 33.99 2.90 21.82
N VAL D 391 33.19 3.52 20.97
CA VAL D 391 32.05 2.86 20.36
C VAL D 391 32.56 2.10 19.14
N ILE D 392 32.62 0.78 19.26
CA ILE D 392 33.10 -0.08 18.18
C ILE D 392 31.91 -0.73 17.52
N SER D 393 32.04 -1.03 16.22
CA SER D 393 30.98 -1.64 15.46
C SER D 393 31.57 -2.69 14.54
N LEU D 394 30.74 -3.64 14.14
CA LEU D 394 31.16 -4.76 13.32
C LEU D 394 30.87 -4.45 11.85
N LYS D 395 31.92 -4.39 11.05
CA LYS D 395 31.83 -4.33 9.61
C LYS D 395 32.40 -5.61 9.01
N GLU D 396 32.43 -5.68 7.68
CA GLU D 396 32.94 -6.86 7.02
C GLU D 396 34.45 -6.98 7.10
N GLU D 397 35.16 -5.88 7.36
CA GLU D 397 36.59 -5.98 7.65
C GLU D 397 36.85 -6.59 9.02
N GLY D 398 35.99 -6.31 9.98
CA GLY D 398 36.16 -6.78 11.34
C GLY D 398 35.44 -5.86 12.31
N LEU D 399 36.00 -5.78 13.51
CA LEU D 399 35.42 -4.98 14.58
C LEU D 399 36.27 -3.72 14.74
N GLU D 400 35.74 -2.60 14.26
CA GLU D 400 36.49 -1.35 14.17
C GLU D 400 35.79 -0.25 14.97
N LYS D 401 36.58 0.75 15.39
CA LYS D 401 36.05 1.85 16.17
C LYS D 401 35.34 2.85 15.27
N ILE D 402 34.10 3.18 15.63
CA ILE D 402 33.32 4.16 14.88
C ILE D 402 32.97 5.40 15.70
N GLY D 403 33.23 5.40 17.01
CA GLY D 403 32.90 6.59 17.77
C GLY D 403 33.60 6.66 19.12
N THR D 404 33.39 7.78 19.79
CA THR D 404 33.99 8.06 21.09
C THR D 404 32.94 8.66 22.01
N TRP D 405 32.86 8.14 23.24
CA TRP D 405 31.90 8.62 24.22
C TRP D 405 32.61 9.17 25.44
N ASP D 406 32.08 10.29 25.95
CA ASP D 406 32.55 10.96 27.15
C ASP D 406 31.32 11.36 27.94
N PRO D 407 31.38 11.32 29.28
CA PRO D 407 30.23 11.79 30.08
C PRO D 407 30.00 13.28 30.00
N ALA D 408 31.05 14.07 29.73
CA ALA D 408 30.88 15.52 29.63
C ALA D 408 30.25 15.92 28.31
N SER D 409 30.90 15.57 27.20
CA SER D 409 30.38 15.92 25.87
C SER D 409 29.20 15.04 25.49
N GLY D 410 29.43 13.72 25.45
CA GLY D 410 28.41 12.79 25.03
C GLY D 410 28.93 11.82 24.00
N LEU D 411 28.17 11.64 22.92
CA LEU D 411 28.58 10.77 21.83
C LEU D 411 29.24 11.59 20.74
N ASN D 412 30.23 10.99 20.07
CA ASN D 412 30.93 11.66 18.97
C ASN D 412 31.34 10.60 17.96
N MET D 413 30.55 10.48 16.89
CA MET D 413 30.80 9.50 15.85
C MET D 413 31.40 10.17 14.62
N THR D 414 32.43 9.53 14.04
CA THR D 414 33.10 10.08 12.87
C THR D 414 32.24 10.00 11.62
N GLU D 415 31.27 9.09 11.58
CA GLU D 415 30.37 9.02 10.43
C GLU D 415 29.37 10.16 10.43
N SER D 416 29.03 10.69 11.61
CA SER D 416 28.14 11.83 11.68
C SER D 416 28.82 13.12 11.21
N GLN D 417 30.12 13.24 11.42
CA GLN D 417 30.88 14.40 11.00
C GLN D 417 31.44 14.27 9.59
N LYS D 418 31.09 13.19 8.88
CA LYS D 418 31.58 13.01 7.52
C LYS D 418 30.89 13.96 6.54
N GLY D 419 29.65 14.38 6.85
CA GLY D 419 28.93 15.28 5.97
C GLY D 419 29.45 16.70 6.04
N LYS D 420 30.10 17.15 4.97
CA LYS D 420 30.68 18.48 4.90
C LYS D 420 30.10 19.22 3.71
N PRO D 421 29.43 20.36 3.90
CA PRO D 421 28.80 21.07 2.79
C PRO D 421 29.80 21.94 2.06
N ALA D 422 29.30 22.68 1.06
CA ALA D 422 30.15 23.50 0.20
C ALA D 422 30.31 24.92 0.73
N ASN D 423 29.18 25.64 0.87
CA ASN D 423 29.10 27.06 1.24
C ASN D 423 29.94 27.94 0.31
N ILE D 424 29.86 27.65 -1.00
CA ILE D 424 30.64 28.37 -1.98
C ILE D 424 29.78 29.18 -2.94
N THR D 425 28.46 28.92 -3.00
CA THR D 425 27.57 29.66 -3.89
C THR D 425 26.37 30.28 -3.20
N ASP D 426 26.11 29.94 -1.93
CA ASP D 426 24.94 30.47 -1.24
C ASP D 426 25.21 31.88 -0.68
N SER D 427 26.23 32.00 0.17
CA SER D 427 26.55 33.28 0.78
C SER D 427 27.41 34.18 -0.10
N LEU D 428 27.86 33.68 -1.25
CA LEU D 428 28.67 34.47 -2.18
C LEU D 428 27.78 35.47 -2.90
N SER D 429 27.98 36.76 -2.63
CA SER D 429 27.18 37.80 -3.26
C SER D 429 27.55 38.02 -4.71
N ASN D 430 28.77 37.69 -5.11
CA ASN D 430 29.23 37.89 -6.49
C ASN D 430 28.68 36.75 -7.36
N ARG D 431 27.42 36.88 -7.72
CA ARG D 431 26.74 35.91 -8.57
C ARG D 431 26.15 36.62 -9.78
N SER D 432 26.29 36.00 -10.95
CA SER D 432 25.72 36.52 -12.19
C SER D 432 24.42 35.76 -12.45
N LEU D 433 23.29 36.43 -12.23
CA LEU D 433 21.98 35.79 -12.27
C LEU D 433 21.33 36.02 -13.63
N ILE D 434 21.25 34.94 -14.42
CA ILE D 434 20.58 34.98 -15.72
C ILE D 434 19.09 34.82 -15.43
N VAL D 435 18.38 35.94 -15.42
CA VAL D 435 16.98 35.97 -15.02
C VAL D 435 16.11 35.53 -16.20
N THR D 436 15.20 34.60 -15.95
CA THR D 436 14.21 34.17 -16.94
C THR D 436 12.83 34.61 -16.43
N THR D 437 12.20 35.51 -17.17
CA THR D 437 10.88 36.04 -16.84
C THR D 437 9.93 35.82 -18.02
N ILE D 438 8.70 36.28 -17.87
CA ILE D 438 7.66 36.11 -18.87
C ILE D 438 7.13 37.50 -19.23
N LEU D 439 7.03 37.80 -20.51
CA LEU D 439 6.39 39.05 -20.93
C LEU D 439 4.90 38.87 -21.19
N GLU D 440 4.18 38.30 -20.22
CA GLU D 440 2.74 38.28 -20.25
C GLU D 440 2.13 39.42 -19.44
N GLU D 441 2.89 40.01 -18.54
CA GLU D 441 2.44 41.17 -17.79
C GLU D 441 2.35 42.37 -18.72
N PRO D 442 1.27 43.15 -18.67
CA PRO D 442 1.21 44.39 -19.46
C PRO D 442 2.20 45.45 -19.00
N TYR D 443 2.65 45.39 -17.75
CA TYR D 443 3.73 46.26 -17.31
C TYR D 443 5.08 45.73 -17.78
N VAL D 444 5.36 44.45 -17.50
CA VAL D 444 6.65 43.87 -17.86
C VAL D 444 6.50 43.39 -19.29
N LEU D 445 6.67 44.34 -20.22
CA LEU D 445 6.53 44.06 -21.65
C LEU D 445 7.30 45.17 -22.38
N PHE D 446 8.52 44.84 -22.83
CA PHE D 446 9.38 45.63 -23.72
C PHE D 446 9.74 46.96 -23.04
N LYS D 447 10.13 47.98 -23.81
CA LYS D 447 10.37 49.32 -23.28
C LYS D 447 9.64 50.42 -24.03
N LYS D 448 9.13 50.15 -25.24
CA LYS D 448 8.57 51.13 -26.19
C LYS D 448 9.55 52.27 -26.46
N SER D 449 10.82 51.91 -26.63
CA SER D 449 11.88 52.90 -26.87
C SER D 449 12.77 52.47 -28.03
N ASP D 450 13.88 53.19 -28.21
CA ASP D 450 14.76 52.97 -29.36
C ASP D 450 15.85 51.94 -29.09
N LYS D 451 15.98 51.44 -27.86
CA LYS D 451 17.07 50.54 -27.53
C LYS D 451 16.81 49.14 -28.04
N PRO D 452 17.67 48.58 -28.91
CA PRO D 452 17.42 47.25 -29.48
C PRO D 452 18.14 46.09 -28.80
N LEU D 453 18.88 46.32 -27.73
CA LEU D 453 19.68 45.26 -27.12
C LEU D 453 18.81 44.34 -26.28
N TYR D 454 19.09 43.04 -26.36
CA TYR D 454 18.32 42.06 -25.59
C TYR D 454 18.71 42.08 -24.12
N GLY D 455 20.02 42.20 -23.83
CA GLY D 455 20.48 42.27 -22.47
C GLY D 455 20.16 43.61 -21.83
N ASN D 456 19.21 43.59 -20.90
CA ASN D 456 18.56 44.75 -20.25
C ASN D 456 17.94 45.63 -21.34
N ASP D 457 17.83 46.94 -21.07
CA ASP D 457 17.29 47.98 -21.97
C ASP D 457 15.87 47.67 -22.45
N ARG D 458 15.09 47.01 -21.60
CA ARG D 458 13.76 46.52 -21.95
C ARG D 458 13.04 46.21 -20.65
N PHE D 459 11.88 45.55 -20.76
CA PHE D 459 11.16 44.86 -19.67
C PHE D 459 10.75 45.79 -18.54
N GLU D 460 10.44 47.05 -18.86
CA GLU D 460 10.21 48.08 -17.85
C GLU D 460 8.83 47.89 -17.24
N GLY D 461 8.76 47.09 -16.17
CA GLY D 461 7.54 46.87 -15.45
C GLY D 461 7.75 46.74 -13.96
N TYR D 462 6.82 46.08 -13.26
CA TYR D 462 6.93 45.95 -11.81
C TYR D 462 7.98 44.93 -11.41
N CYS D 463 8.22 43.91 -12.24
CA CYS D 463 9.22 42.90 -11.92
C CYS D 463 10.63 43.47 -12.00
N ILE D 464 10.89 44.34 -12.98
CA ILE D 464 12.20 44.98 -13.04
C ILE D 464 12.33 46.05 -11.96
N ASP D 465 11.21 46.62 -11.49
CA ASP D 465 11.27 47.56 -10.37
C ASP D 465 11.59 46.85 -9.06
N LEU D 466 11.09 45.62 -8.90
CA LEU D 466 11.40 44.83 -7.71
C LEU D 466 12.83 44.28 -7.80
N LEU D 467 13.24 43.85 -9.00
CA LEU D 467 14.56 43.25 -9.15
C LEU D 467 15.68 44.28 -9.11
N ARG D 468 15.40 45.53 -9.53
CA ARG D 468 16.39 46.59 -9.40
C ARG D 468 16.68 46.91 -7.94
N GLU D 469 15.64 46.92 -7.11
CA GLU D 469 15.85 47.13 -5.68
C GLU D 469 16.50 45.93 -5.00
N LEU D 470 16.17 44.71 -5.45
CA LEU D 470 16.87 43.54 -4.92
C LEU D 470 18.35 43.52 -5.30
N SER D 471 18.68 43.85 -6.55
CA SER D 471 20.08 43.93 -6.94
C SER D 471 20.78 45.14 -6.35
N THR D 472 20.04 46.15 -5.93
CA THR D 472 20.62 47.24 -5.16
C THR D 472 20.98 46.80 -3.75
N ILE D 473 20.07 46.09 -3.08
CA ILE D 473 20.28 45.74 -1.68
C ILE D 473 21.06 44.43 -1.53
N LEU D 474 20.59 43.35 -2.17
CA LEU D 474 21.28 42.06 -2.03
C LEU D 474 22.58 42.02 -2.83
N GLY D 475 22.66 42.80 -3.91
CA GLY D 475 23.90 42.94 -4.65
C GLY D 475 24.26 41.76 -5.54
N PHE D 476 23.47 41.49 -6.57
CA PHE D 476 23.81 40.48 -7.55
C PHE D 476 23.76 41.08 -8.95
N THR D 477 24.54 40.49 -9.85
CA THR D 477 24.51 40.87 -11.27
C THR D 477 23.34 40.15 -11.93
N TYR D 478 22.34 40.91 -12.38
CA TYR D 478 21.13 40.35 -12.94
C TYR D 478 21.04 40.69 -14.43
N GLU D 479 20.69 39.68 -15.23
CA GLU D 479 20.54 39.82 -16.68
C GLU D 479 19.30 39.04 -17.09
N ILE D 480 18.43 39.68 -17.87
CA ILE D 480 17.09 39.18 -18.11
C ILE D 480 17.01 38.51 -19.48
N ARG D 481 16.56 37.26 -19.50
CA ARG D 481 16.11 36.58 -20.70
C ARG D 481 14.67 36.10 -20.48
N LEU D 482 14.16 35.33 -21.43
CA LEU D 482 12.76 34.90 -21.41
C LEU D 482 12.65 33.38 -21.45
N VAL D 483 11.41 32.91 -21.44
CA VAL D 483 11.07 31.49 -21.54
C VAL D 483 10.32 31.33 -22.86
N GLU D 484 10.35 30.10 -23.41
CA GLU D 484 9.82 29.83 -24.73
C GLU D 484 8.49 29.08 -24.70
N ASP D 485 7.66 29.33 -23.69
CA ASP D 485 6.38 28.65 -23.59
C ASP D 485 5.22 29.61 -23.37
N GLY D 486 5.48 30.72 -22.68
CA GLY D 486 4.42 31.64 -22.31
C GLY D 486 3.45 31.09 -21.28
N LYS D 487 3.96 30.39 -20.27
CA LYS D 487 3.12 29.76 -19.27
C LYS D 487 3.88 29.67 -17.96
N TYR D 488 3.14 29.41 -16.89
CA TYR D 488 3.74 29.23 -15.56
C TYR D 488 4.03 27.76 -15.29
N GLY D 489 3.00 26.92 -15.30
CA GLY D 489 3.17 25.51 -15.06
C GLY D 489 1.92 24.82 -14.55
N ALA D 490 1.66 23.61 -15.05
CA ALA D 490 0.51 22.83 -14.63
C ALA D 490 0.82 21.36 -14.87
N GLN D 491 0.03 20.50 -14.21
CA GLN D 491 0.18 19.06 -14.37
C GLN D 491 -0.26 18.61 -15.74
N ASP D 492 0.53 17.73 -16.35
CA ASP D 492 0.07 17.03 -17.54
C ASP D 492 -0.98 15.99 -17.14
N ASP D 493 -1.84 15.63 -18.10
CA ASP D 493 -2.90 14.67 -17.83
C ASP D 493 -2.35 13.26 -17.65
N VAL D 494 -1.30 12.91 -18.40
CA VAL D 494 -0.69 11.59 -18.33
C VAL D 494 0.53 11.59 -17.42
N ASN D 495 1.42 12.56 -17.59
CA ASN D 495 2.66 12.60 -16.83
C ASN D 495 2.49 13.28 -15.47
N GLY D 496 1.94 14.49 -15.47
CA GLY D 496 1.89 15.29 -14.27
C GLY D 496 3.09 16.18 -14.05
N GLN D 497 4.09 16.11 -14.93
CA GLN D 497 5.28 16.94 -14.79
C GLN D 497 4.95 18.36 -15.22
N TRP D 498 5.30 19.32 -14.36
CA TRP D 498 4.97 20.71 -14.60
C TRP D 498 5.95 21.33 -15.60
N ASN D 499 5.41 21.99 -16.61
CA ASN D 499 6.22 22.66 -17.62
C ASN D 499 6.42 24.13 -17.22
N GLY D 500 6.92 24.94 -18.15
CA GLY D 500 7.01 26.37 -17.95
C GLY D 500 8.10 26.83 -17.01
N MET D 501 7.71 27.39 -15.88
CA MET D 501 8.68 27.93 -14.92
C MET D 501 9.09 26.92 -13.86
N VAL D 502 8.23 25.95 -13.55
CA VAL D 502 8.58 24.92 -12.57
C VAL D 502 9.65 23.99 -13.14
N ARG D 503 9.53 23.63 -14.42
CA ARG D 503 10.59 22.90 -15.11
C ARG D 503 11.85 23.76 -15.28
N GLU D 504 11.67 25.09 -15.39
CA GLU D 504 12.80 26.00 -15.48
C GLU D 504 13.59 26.04 -14.17
N LEU D 505 12.90 26.00 -13.03
CA LEU D 505 13.58 26.13 -11.75
C LEU D 505 14.02 24.80 -11.14
N ILE D 506 13.32 23.70 -11.44
CA ILE D 506 13.70 22.39 -10.89
C ILE D 506 14.99 21.90 -11.54
N ASP D 507 15.11 22.02 -12.86
CA ASP D 507 16.26 21.53 -13.59
C ASP D 507 17.44 22.51 -13.60
N HIS D 508 17.29 23.66 -12.92
CA HIS D 508 18.26 24.77 -12.92
C HIS D 508 18.56 25.25 -14.33
N LYS D 509 17.49 25.45 -15.12
CA LYS D 509 17.65 26.02 -16.44
C LYS D 509 17.90 27.52 -16.38
N ALA D 510 17.55 28.17 -15.27
CA ALA D 510 17.78 29.60 -15.09
C ALA D 510 18.46 29.89 -13.78
N ASP D 511 18.55 31.17 -13.41
CA ASP D 511 19.11 31.57 -12.13
C ASP D 511 18.14 32.35 -11.25
N LEU D 512 17.01 32.80 -11.79
CA LEU D 512 15.97 33.46 -11.02
C LEU D 512 14.64 33.27 -11.73
N ALA D 513 13.56 33.55 -11.00
CA ALA D 513 12.24 33.67 -11.62
C ALA D 513 11.46 34.73 -10.84
N VAL D 514 11.60 35.99 -11.25
CA VAL D 514 10.78 37.07 -10.68
C VAL D 514 9.56 37.18 -11.59
N ALA D 515 8.59 36.31 -11.33
CA ALA D 515 7.45 36.18 -12.21
C ALA D 515 6.17 36.61 -11.52
N PRO D 516 5.24 37.22 -12.25
CA PRO D 516 3.94 37.56 -11.65
C PRO D 516 3.05 36.34 -11.48
N LEU D 517 3.34 35.52 -10.47
CA LEU D 517 2.64 34.27 -10.24
C LEU D 517 1.98 34.29 -8.86
N ALA D 518 0.79 33.71 -8.78
CA ALA D 518 0.05 33.66 -7.54
C ALA D 518 0.65 32.61 -6.60
N ILE D 519 0.25 32.69 -5.33
CA ILE D 519 0.69 31.71 -4.33
C ILE D 519 -0.32 30.55 -4.37
N THR D 520 -0.11 29.66 -5.33
CA THR D 520 -0.87 28.43 -5.42
C THR D 520 -0.30 27.44 -4.42
N TYR D 521 -1.20 26.74 -3.71
CA TYR D 521 -0.77 25.78 -2.69
C TYR D 521 -0.05 24.59 -3.29
N VAL D 522 -0.53 24.09 -4.43
CA VAL D 522 0.14 22.95 -5.09
C VAL D 522 1.48 23.38 -5.66
N ARG D 523 1.53 24.56 -6.29
CA ARG D 523 2.77 25.08 -6.86
C ARG D 523 3.78 25.49 -5.79
N GLU D 524 3.33 25.80 -4.58
CA GLU D 524 4.27 26.02 -3.48
C GLU D 524 4.60 24.76 -2.72
N LYS D 525 3.81 23.68 -2.89
CA LYS D 525 4.20 22.38 -2.37
C LYS D 525 5.19 21.66 -3.28
N VAL D 526 5.22 21.99 -4.57
CA VAL D 526 6.26 21.45 -5.45
C VAL D 526 7.60 22.11 -5.14
N ILE D 527 7.68 23.42 -5.31
CA ILE D 527 8.88 24.20 -5.01
C ILE D 527 8.47 25.44 -4.24
N ASP D 528 9.28 25.82 -3.26
CA ASP D 528 8.90 26.88 -2.32
C ASP D 528 8.89 28.25 -2.98
N PHE D 529 8.09 29.15 -2.41
CA PHE D 529 7.83 30.47 -2.97
C PHE D 529 8.33 31.55 -2.01
N SER D 530 8.23 32.80 -2.44
CA SER D 530 8.72 33.94 -1.69
C SER D 530 7.58 34.57 -0.89
N LYS D 531 7.86 35.72 -0.29
CA LYS D 531 6.87 36.42 0.51
C LYS D 531 5.84 37.10 -0.39
N PRO D 532 4.55 37.01 -0.07
CA PRO D 532 3.54 37.75 -0.83
C PRO D 532 3.66 39.25 -0.61
N PHE D 533 3.17 39.99 -1.61
CA PHE D 533 3.29 41.44 -1.63
C PHE D 533 1.95 42.14 -1.55
N MET D 534 1.01 41.80 -2.44
CA MET D 534 -0.27 42.46 -2.54
C MET D 534 -1.37 41.40 -2.63
N THR D 535 -2.59 41.82 -2.30
CA THR D 535 -3.74 40.93 -2.39
C THR D 535 -4.17 40.77 -3.84
N LEU D 536 -4.25 39.52 -4.30
CA LEU D 536 -4.72 39.20 -5.63
C LEU D 536 -6.04 38.45 -5.53
N GLY D 537 -6.98 38.79 -6.40
CA GLY D 537 -8.23 38.07 -6.49
C GLY D 537 -8.60 37.84 -7.94
N ILE D 538 -9.25 36.71 -8.19
CA ILE D 538 -9.70 36.35 -9.52
C ILE D 538 -11.10 36.92 -9.71
N SER D 539 -11.24 37.78 -10.71
CA SER D 539 -12.53 38.38 -11.04
C SER D 539 -12.80 38.28 -12.54
N ILE D 540 -13.88 38.91 -12.99
CA ILE D 540 -14.35 38.79 -14.36
C ILE D 540 -14.06 40.10 -15.09
N LEU D 541 -13.49 39.99 -16.28
CA LEU D 541 -13.36 41.11 -17.20
C LEU D 541 -14.48 41.00 -18.23
N TYR D 542 -15.30 42.03 -18.34
CA TYR D 542 -16.45 41.94 -19.23
C TYR D 542 -16.74 43.30 -19.83
N ARG D 543 -17.22 43.30 -21.07
CA ARG D 543 -17.62 44.53 -21.72
C ARG D 543 -18.92 45.04 -21.08
N LYS D 544 -18.93 46.32 -20.72
CA LYS D 544 -20.10 46.92 -20.11
C LYS D 544 -21.20 47.10 -21.17
N PRO D 545 -22.47 47.05 -20.76
CA PRO D 545 -23.56 47.27 -21.72
C PRO D 545 -23.63 48.72 -22.16
N ASN D 546 -23.52 48.95 -23.47
CA ASN D 546 -23.59 50.28 -24.04
C ASN D 546 -24.39 50.36 -25.32
N GLY D 547 -24.98 49.26 -25.78
CA GLY D 547 -25.70 49.26 -27.05
C GLY D 547 -27.18 49.00 -26.92
N THR D 548 -27.57 47.74 -27.21
CA THR D 548 -28.90 47.10 -27.20
C THR D 548 -29.83 47.57 -28.32
N ASN D 549 -29.41 48.60 -29.08
CA ASN D 549 -29.93 49.14 -30.35
C ASN D 549 -31.44 49.23 -30.48
N PRO D 550 -32.12 50.16 -29.79
CA PRO D 550 -33.56 50.33 -30.02
C PRO D 550 -33.86 50.90 -31.39
N GLY D 551 -33.23 52.03 -31.72
CA GLY D 551 -33.33 52.61 -33.04
C GLY D 551 -34.69 53.25 -33.33
N VAL D 552 -34.86 53.63 -34.59
CA VAL D 552 -36.13 54.20 -35.05
C VAL D 552 -37.15 53.14 -35.38
N PHE D 553 -36.75 51.87 -35.43
CA PHE D 553 -37.65 50.76 -35.70
C PHE D 553 -38.12 50.07 -34.42
N SER D 554 -38.00 50.73 -33.28
CA SER D 554 -38.19 50.12 -31.97
C SER D 554 -39.65 49.77 -31.65
N PHE D 555 -40.61 50.26 -32.44
CA PHE D 555 -42.01 49.93 -32.20
C PHE D 555 -42.31 48.47 -32.55
N LEU D 556 -41.73 47.96 -33.63
CA LEU D 556 -41.82 46.55 -34.01
C LEU D 556 -40.43 45.99 -34.28
N ASN D 557 -39.49 46.26 -33.36
CA ASN D 557 -38.12 45.75 -33.55
C ASN D 557 -38.00 44.23 -33.35
N PRO D 558 -38.41 43.61 -32.23
CA PRO D 558 -38.17 42.16 -32.14
C PRO D 558 -39.17 41.30 -32.88
N LEU D 559 -40.28 41.86 -33.35
CA LEU D 559 -41.27 41.11 -34.11
C LEU D 559 -40.97 41.27 -35.60
N SER D 560 -40.94 40.16 -36.32
CA SER D 560 -40.64 40.17 -37.74
C SER D 560 -41.83 40.74 -38.51
N PRO D 561 -41.65 41.82 -39.29
CA PRO D 561 -42.79 42.39 -40.01
C PRO D 561 -43.13 41.59 -41.26
N ASP D 562 -44.19 40.79 -41.18
CA ASP D 562 -44.73 40.07 -42.33
C ASP D 562 -46.24 40.06 -42.39
N ILE D 563 -46.94 40.43 -41.32
CA ILE D 563 -48.37 40.26 -41.21
C ILE D 563 -49.09 41.60 -41.17
N TRP D 564 -48.65 42.50 -40.28
CA TRP D 564 -49.44 43.67 -39.91
C TRP D 564 -49.49 44.74 -41.00
N MET D 565 -48.55 44.75 -41.95
CA MET D 565 -48.68 45.65 -43.10
C MET D 565 -49.79 45.16 -44.04
N TYR D 566 -49.84 43.85 -44.28
CA TYR D 566 -50.92 43.25 -45.06
C TYR D 566 -52.25 43.35 -44.33
N VAL D 567 -52.23 43.24 -43.00
CA VAL D 567 -53.40 43.47 -42.16
C VAL D 567 -53.91 44.90 -42.31
N LEU D 568 -52.98 45.87 -42.31
CA LEU D 568 -53.34 47.28 -42.47
C LEU D 568 -53.93 47.56 -43.84
N LEU D 569 -53.31 47.03 -44.90
CA LEU D 569 -53.80 47.24 -46.27
C LEU D 569 -55.16 46.59 -46.49
N ALA D 570 -55.31 45.34 -46.03
CA ALA D 570 -56.56 44.60 -46.22
C ALA D 570 -57.70 45.21 -45.42
N TYR D 571 -57.44 45.61 -44.17
CA TYR D 571 -58.53 46.14 -43.36
C TYR D 571 -58.86 47.58 -43.73
N LEU D 572 -57.89 48.35 -44.24
CA LEU D 572 -58.23 49.65 -44.81
C LEU D 572 -59.04 49.51 -46.08
N GLY D 573 -58.76 48.48 -46.90
CA GLY D 573 -59.60 48.20 -48.05
C GLY D 573 -61.01 47.76 -47.67
N VAL D 574 -61.13 46.96 -46.60
CA VAL D 574 -62.43 46.53 -46.11
C VAL D 574 -63.23 47.72 -45.55
N SER D 575 -62.55 48.65 -44.86
CA SER D 575 -63.20 49.87 -44.39
C SER D 575 -63.60 50.78 -45.55
N VAL D 576 -62.83 50.79 -46.64
CA VAL D 576 -63.21 51.57 -47.82
C VAL D 576 -64.45 50.95 -48.50
N VAL D 577 -64.51 49.62 -48.56
CA VAL D 577 -65.68 48.92 -49.10
C VAL D 577 -66.91 49.16 -48.23
N LEU D 578 -66.72 49.23 -46.90
CA LEU D 578 -67.80 49.61 -46.00
C LEU D 578 -68.24 51.06 -46.21
N PHE D 579 -67.28 51.95 -46.52
CA PHE D 579 -67.59 53.34 -46.82
C PHE D 579 -68.32 53.49 -48.15
N VAL D 580 -68.13 52.54 -49.08
CA VAL D 580 -68.78 52.61 -50.39
C VAL D 580 -70.28 52.39 -50.25
N ILE D 581 -70.68 51.33 -49.54
CA ILE D 581 -72.09 51.02 -49.37
C ILE D 581 -72.70 51.88 -48.27
N LEU D 631 -79.16 46.29 -42.01
CA LEU D 631 -79.27 46.41 -40.57
C LEU D 631 -78.17 45.61 -39.87
N SER D 632 -77.79 44.50 -40.48
CA SER D 632 -76.78 43.61 -39.92
C SER D 632 -75.36 43.98 -40.33
N THR D 633 -75.20 44.98 -41.20
CA THR D 633 -73.88 45.40 -41.66
C THR D 633 -73.07 46.03 -40.53
N ARG D 634 -73.72 46.76 -39.62
CA ARG D 634 -73.05 47.28 -38.44
C ARG D 634 -72.64 46.17 -37.48
N ILE D 635 -73.43 45.09 -37.42
CA ILE D 635 -73.06 43.93 -36.60
C ILE D 635 -71.86 43.21 -37.22
N VAL D 636 -71.80 43.15 -38.56
CA VAL D 636 -70.64 42.58 -39.25
C VAL D 636 -69.39 43.43 -39.01
N GLY D 637 -69.55 44.76 -39.03
CA GLY D 637 -68.44 45.65 -38.69
C GLY D 637 -67.99 45.55 -37.25
N GLY D 638 -68.92 45.33 -36.32
CA GLY D 638 -68.55 45.09 -34.93
C GLY D 638 -67.83 43.76 -34.74
N ILE D 639 -68.24 42.73 -35.49
CA ILE D 639 -67.56 41.43 -35.48
C ILE D 639 -66.13 41.57 -36.01
N TRP D 640 -65.97 42.34 -37.09
CA TRP D 640 -64.63 42.62 -37.63
C TRP D 640 -63.78 43.43 -36.67
N TRP D 641 -64.39 44.40 -35.96
CA TRP D 641 -63.68 45.19 -34.96
C TRP D 641 -63.22 44.34 -33.78
N PHE D 642 -64.06 43.40 -33.34
CA PHE D 642 -63.66 42.49 -32.27
C PHE D 642 -62.62 41.49 -32.75
N PHE D 643 -62.62 41.15 -34.04
CA PHE D 643 -61.56 40.29 -34.56
C PHE D 643 -60.23 41.02 -34.65
N THR D 644 -60.26 42.32 -34.97
CA THR D 644 -59.05 43.14 -34.87
C THR D 644 -58.56 43.25 -33.44
N LEU D 645 -59.50 43.34 -32.48
CA LEU D 645 -59.13 43.31 -31.06
C LEU D 645 -58.51 41.97 -30.66
N ILE D 646 -58.96 40.87 -31.27
CA ILE D 646 -58.36 39.55 -31.06
C ILE D 646 -56.93 39.53 -31.61
N ILE D 647 -56.70 40.19 -32.75
CA ILE D 647 -55.36 40.31 -33.33
C ILE D 647 -54.45 41.13 -32.42
N ILE D 648 -54.99 42.21 -31.81
CA ILE D 648 -54.24 43.00 -30.83
C ILE D 648 -53.92 42.18 -29.58
N SER D 649 -54.85 41.30 -29.18
CA SER D 649 -54.60 40.39 -28.06
C SER D 649 -53.49 39.39 -28.36
N SER D 650 -53.43 38.88 -29.59
CA SER D 650 -52.37 37.96 -29.99
C SER D 650 -51.01 38.66 -30.04
N TYR D 651 -51.01 39.91 -30.54
CA TYR D 651 -49.79 40.72 -30.55
C TYR D 651 -49.31 41.03 -29.14
N THR D 652 -50.26 41.28 -28.23
CA THR D 652 -49.94 41.49 -26.81
C THR D 652 -49.37 40.24 -26.18
N ALA D 653 -49.89 39.06 -26.56
CA ALA D 653 -49.36 37.80 -26.05
C ALA D 653 -47.93 37.56 -26.52
N ASN D 654 -47.64 37.84 -27.80
CA ASN D 654 -46.28 37.71 -28.32
C ASN D 654 -45.31 38.69 -27.64
N LEU D 655 -45.74 39.94 -27.45
CA LEU D 655 -44.90 40.93 -26.79
C LEU D 655 -44.67 40.59 -25.33
N ALA D 656 -45.69 40.07 -24.65
CA ALA D 656 -45.57 39.69 -23.26
C ALA D 656 -44.63 38.50 -23.09
N ALA D 657 -44.69 37.53 -24.02
CA ALA D 657 -43.77 36.39 -23.98
C ALA D 657 -42.33 36.83 -24.22
N PHE D 658 -42.10 37.75 -25.17
CA PHE D 658 -40.74 38.20 -25.44
C PHE D 658 -40.17 39.02 -24.30
N LEU D 659 -40.99 39.91 -23.70
CA LEU D 659 -40.51 40.69 -22.57
C LEU D 659 -40.34 39.84 -21.31
N THR D 660 -41.13 38.77 -21.15
CA THR D 660 -40.93 37.85 -20.04
C THR D 660 -39.62 37.08 -20.20
N VAL D 661 -39.28 36.66 -21.42
CA VAL D 661 -38.02 35.97 -21.67
C VAL D 661 -36.83 36.91 -21.47
N GLU D 662 -36.97 38.17 -21.93
CA GLU D 662 -35.91 39.17 -21.77
C GLU D 662 -35.69 39.53 -20.31
N ARG D 663 -36.77 39.70 -19.53
CA ARG D 663 -36.63 39.98 -18.10
C ARG D 663 -36.16 38.75 -17.31
N MET D 664 -36.41 37.54 -17.83
CA MET D 664 -35.81 36.35 -17.22
C MET D 664 -34.31 36.31 -17.44
N GLU D 665 -33.86 36.63 -18.65
CA GLU D 665 -32.42 36.63 -18.95
C GLU D 665 -31.80 37.90 -18.40
N SER D 666 -31.43 37.86 -17.12
CA SER D 666 -30.83 38.99 -16.43
C SER D 666 -29.36 39.16 -16.86
N PRO D 667 -28.85 40.40 -16.80
CA PRO D 667 -27.41 40.59 -16.98
C PRO D 667 -26.62 40.01 -15.82
N ILE D 668 -25.38 39.60 -16.13
CA ILE D 668 -24.53 38.94 -15.13
C ILE D 668 -23.98 39.97 -14.15
N ASP D 669 -23.99 39.61 -12.87
CA ASP D 669 -23.43 40.45 -11.81
C ASP D 669 -22.39 39.74 -10.98
N SER D 670 -22.35 38.40 -11.00
CA SER D 670 -21.36 37.64 -10.27
C SER D 670 -21.11 36.33 -11.02
N ALA D 671 -20.32 35.45 -10.41
CA ALA D 671 -19.92 34.21 -11.07
C ALA D 671 -21.07 33.21 -11.18
N ASP D 672 -21.98 33.21 -10.20
CA ASP D 672 -23.11 32.28 -10.24
C ASP D 672 -24.13 32.65 -11.31
N ASP D 673 -24.18 33.91 -11.72
CA ASP D 673 -25.06 34.32 -12.80
C ASP D 673 -24.60 33.73 -14.13
N LEU D 674 -23.31 33.83 -14.43
CA LEU D 674 -22.77 33.20 -15.63
C LEU D 674 -22.66 31.68 -15.49
N ALA D 675 -22.66 31.16 -14.26
CA ALA D 675 -22.80 29.73 -14.07
C ALA D 675 -24.22 29.28 -14.39
N LYS D 676 -25.22 30.11 -14.11
CA LYS D 676 -26.60 29.78 -14.44
C LYS D 676 -26.89 30.03 -15.92
N GLN D 677 -26.74 31.28 -16.37
CA GLN D 677 -26.99 31.63 -17.76
C GLN D 677 -25.78 31.23 -18.58
N THR D 678 -25.96 30.28 -19.50
CA THR D 678 -24.87 29.73 -20.29
C THR D 678 -24.86 30.25 -21.73
N LYS D 679 -25.51 31.39 -21.99
CA LYS D 679 -25.50 31.97 -23.33
C LYS D 679 -24.14 32.57 -23.64
N ILE D 680 -23.57 33.31 -22.69
CA ILE D 680 -22.26 33.92 -22.86
C ILE D 680 -21.19 32.93 -22.39
N GLU D 681 -20.24 32.64 -23.26
CA GLU D 681 -19.17 31.71 -22.92
C GLU D 681 -18.05 32.43 -22.16
N TYR D 682 -17.20 31.65 -21.52
CA TYR D 682 -16.12 32.22 -20.71
C TYR D 682 -14.93 31.26 -20.72
N GLY D 683 -13.79 31.79 -20.29
CA GLY D 683 -12.58 31.00 -20.21
C GLY D 683 -11.49 31.78 -19.53
N ALA D 684 -10.29 31.20 -19.50
CA ALA D 684 -9.17 31.79 -18.79
C ALA D 684 -7.87 31.34 -19.44
N VAL D 685 -6.75 31.69 -18.80
CA VAL D 685 -5.43 31.29 -19.27
C VAL D 685 -5.25 29.79 -19.04
N GLU D 686 -4.70 29.11 -20.06
CA GLU D 686 -4.74 27.65 -20.16
C GLU D 686 -3.96 26.96 -19.05
N ASP D 687 -2.74 27.43 -18.75
CA ASP D 687 -1.92 26.81 -17.73
C ASP D 687 -1.48 27.79 -16.66
N GLY D 688 -2.33 28.78 -16.36
CA GLY D 688 -2.09 29.69 -15.27
C GLY D 688 -2.64 29.18 -13.96
N ALA D 689 -2.64 30.06 -12.95
CA ALA D 689 -3.19 29.71 -11.65
C ALA D 689 -4.71 29.70 -11.64
N THR D 690 -5.35 30.34 -12.62
CA THR D 690 -6.81 30.33 -12.70
C THR D 690 -7.33 28.95 -13.10
N MET D 691 -6.70 28.31 -14.08
CA MET D 691 -7.10 26.96 -14.47
C MET D 691 -6.66 25.92 -13.44
N THR D 692 -5.59 26.23 -12.69
CA THR D 692 -5.12 25.31 -11.65
C THR D 692 -6.08 25.29 -10.46
N PHE D 693 -6.60 26.47 -10.08
CA PHE D 693 -7.50 26.56 -8.93
C PHE D 693 -8.86 25.94 -9.25
N PHE D 694 -9.33 26.09 -10.48
CA PHE D 694 -10.65 25.60 -10.85
C PHE D 694 -10.69 24.09 -11.04
N LYS D 695 -9.55 23.45 -11.24
CA LYS D 695 -9.52 21.99 -11.34
C LYS D 695 -9.75 21.34 -10.00
N LYS D 696 -9.33 21.98 -8.91
CA LYS D 696 -9.44 21.42 -7.57
C LYS D 696 -10.53 22.08 -6.74
N SER D 697 -11.40 22.88 -7.36
CA SER D 697 -12.46 23.53 -6.62
C SER D 697 -13.66 22.60 -6.47
N LYS D 698 -14.10 22.41 -5.22
CA LYS D 698 -15.19 21.50 -4.89
C LYS D 698 -16.41 22.25 -4.34
N ILE D 699 -16.69 23.42 -4.91
CA ILE D 699 -17.74 24.30 -4.41
C ILE D 699 -19.04 24.12 -5.20
N SER D 700 -18.97 23.54 -6.41
CA SER D 700 -20.07 23.22 -7.34
C SER D 700 -20.81 24.46 -7.83
N THR D 701 -20.17 25.63 -7.75
CA THR D 701 -20.50 26.76 -8.60
C THR D 701 -19.30 27.15 -9.45
N TYR D 702 -18.11 27.19 -8.85
CA TYR D 702 -16.89 27.28 -9.64
C TYR D 702 -16.57 25.95 -10.30
N ASP D 703 -16.98 24.83 -9.69
CA ASP D 703 -16.77 23.53 -10.31
C ASP D 703 -17.68 23.31 -11.50
N LYS D 704 -18.89 23.86 -11.47
CA LYS D 704 -19.82 23.72 -12.59
C LYS D 704 -19.31 24.49 -13.81
N MET D 705 -18.85 25.72 -13.62
CA MET D 705 -18.26 26.46 -14.72
C MET D 705 -16.88 25.93 -15.11
N TRP D 706 -16.18 25.25 -14.19
CA TRP D 706 -14.98 24.53 -14.56
C TRP D 706 -15.29 23.36 -15.48
N ALA D 707 -16.37 22.64 -15.21
CA ALA D 707 -16.82 21.55 -16.09
C ALA D 707 -17.25 22.09 -17.45
N PHE D 708 -17.93 23.25 -17.45
CA PHE D 708 -18.33 23.90 -18.69
C PHE D 708 -17.11 24.37 -19.50
N MET D 709 -16.06 24.83 -18.82
CA MET D 709 -14.84 25.23 -19.51
C MET D 709 -14.07 24.02 -20.03
N SER D 710 -13.95 22.97 -19.21
CA SER D 710 -13.14 21.82 -19.55
C SER D 710 -13.81 20.88 -20.55
N SER D 711 -15.14 20.96 -20.72
CA SER D 711 -15.77 20.21 -21.79
C SER D 711 -15.47 20.83 -23.15
N ARG D 712 -15.23 22.14 -23.19
CA ARG D 712 -14.85 22.84 -24.42
C ARG D 712 -13.45 23.41 -24.27
N ARG D 713 -12.51 22.59 -23.77
CA ARG D 713 -11.21 23.07 -23.34
C ARG D 713 -10.30 23.50 -24.49
N GLN D 714 -10.59 23.07 -25.72
CA GLN D 714 -9.76 23.42 -26.87
C GLN D 714 -10.42 24.49 -27.76
N SER D 715 -11.49 25.11 -27.30
CA SER D 715 -12.18 26.09 -28.12
C SER D 715 -12.39 27.43 -27.42
N VAL D 716 -12.65 27.43 -26.11
CA VAL D 716 -12.98 28.65 -25.39
C VAL D 716 -11.86 29.13 -24.50
N LEU D 717 -10.78 28.37 -24.35
CA LEU D 717 -9.68 28.73 -23.47
C LEU D 717 -8.56 29.39 -24.28
N VAL D 718 -8.06 30.51 -23.78
CA VAL D 718 -7.02 31.28 -24.47
C VAL D 718 -5.65 30.70 -24.18
N LYS D 719 -4.64 31.17 -24.90
CA LYS D 719 -3.25 30.84 -24.65
C LYS D 719 -2.45 31.96 -23.99
N SER D 720 -2.94 33.20 -24.05
CA SER D 720 -2.21 34.34 -23.52
C SER D 720 -3.21 35.44 -23.16
N ASN D 721 -2.70 36.47 -22.47
CA ASN D 721 -3.56 37.55 -21.99
C ASN D 721 -4.04 38.45 -23.12
N GLU D 722 -3.30 38.53 -24.23
CA GLU D 722 -3.75 39.33 -25.36
C GLU D 722 -4.91 38.68 -26.08
N GLU D 723 -5.02 37.35 -26.02
CA GLU D 723 -6.19 36.68 -26.59
C GLU D 723 -7.42 36.89 -25.73
N GLY D 724 -7.24 37.10 -24.43
CA GLY D 724 -8.38 37.28 -23.54
C GLY D 724 -9.08 38.62 -23.72
N ILE D 725 -8.30 39.69 -23.87
CA ILE D 725 -8.88 41.02 -24.02
C ILE D 725 -9.54 41.19 -25.37
N GLN D 726 -8.99 40.58 -26.43
CA GLN D 726 -9.57 40.71 -27.76
C GLN D 726 -10.83 39.87 -27.91
N ARG D 727 -10.92 38.74 -27.22
CA ARG D 727 -12.12 37.90 -27.30
C ARG D 727 -13.29 38.53 -26.55
N VAL D 728 -13.00 39.32 -25.51
CA VAL D 728 -14.04 40.10 -24.85
C VAL D 728 -14.53 41.22 -25.78
N LEU D 729 -13.60 41.88 -26.47
CA LEU D 729 -13.97 43.00 -27.33
C LEU D 729 -14.69 42.55 -28.59
N THR D 730 -14.25 41.45 -29.20
CA THR D 730 -14.84 41.01 -30.45
C THR D 730 -16.10 40.19 -30.23
N SER D 731 -15.98 39.06 -29.53
CA SER D 731 -17.07 38.11 -29.39
C SER D 731 -17.79 38.31 -28.06
N ASP D 732 -18.96 37.67 -27.95
CA ASP D 732 -19.72 37.65 -26.71
C ASP D 732 -19.02 36.73 -25.71
N TYR D 733 -18.17 37.31 -24.87
CA TYR D 733 -17.25 36.52 -24.08
C TYR D 733 -16.81 37.34 -22.86
N ALA D 734 -16.63 36.66 -21.74
CA ALA D 734 -16.12 37.27 -20.52
C ALA D 734 -14.87 36.52 -20.07
N PHE D 735 -13.85 37.26 -19.68
CA PHE D 735 -12.60 36.68 -19.23
C PHE D 735 -12.57 36.56 -17.72
N LEU D 736 -11.68 35.72 -17.21
CA LEU D 736 -11.61 35.41 -15.79
C LEU D 736 -10.14 35.38 -15.38
N MET D 737 -9.67 36.43 -14.71
CA MET D 737 -8.25 36.51 -14.39
C MET D 737 -8.06 37.38 -13.15
N GLU D 738 -6.79 37.56 -12.77
CA GLU D 738 -6.42 38.31 -11.58
C GLU D 738 -6.78 39.80 -11.73
N SER D 739 -7.22 40.40 -10.63
CA SER D 739 -7.89 41.69 -10.67
C SER D 739 -6.96 42.88 -10.91
N THR D 740 -5.65 42.69 -10.75
CA THR D 740 -4.73 43.82 -10.93
C THR D 740 -4.58 44.20 -12.40
N THR D 741 -4.48 43.19 -13.27
CA THR D 741 -4.46 43.44 -14.71
C THR D 741 -5.79 44.00 -15.20
N ILE D 742 -6.91 43.55 -14.62
CA ILE D 742 -8.22 44.09 -14.94
C ILE D 742 -8.34 45.54 -14.46
N GLU D 743 -7.70 45.87 -13.33
CA GLU D 743 -7.63 47.26 -12.87
C GLU D 743 -6.85 48.13 -13.84
N PHE D 744 -5.75 47.58 -14.38
CA PHE D 744 -4.98 48.31 -15.40
C PHE D 744 -5.78 48.50 -16.69
N VAL D 745 -6.56 47.48 -17.09
CA VAL D 745 -7.39 47.60 -18.29
C VAL D 745 -8.51 48.62 -18.08
N THR D 746 -9.16 48.61 -16.91
CA THR D 746 -10.25 49.54 -16.65
C THR D 746 -9.75 50.97 -16.47
N GLN D 747 -8.54 51.15 -15.94
CA GLN D 747 -7.95 52.49 -15.94
C GLN D 747 -7.50 52.89 -17.34
N ARG D 748 -7.12 51.92 -18.18
CA ARG D 748 -6.69 52.22 -19.54
C ARG D 748 -7.87 52.35 -20.49
N ASN D 749 -8.64 51.27 -20.64
CA ASN D 749 -9.77 51.23 -21.56
C ASN D 749 -11.06 51.51 -20.80
N CYS D 750 -12.00 52.21 -21.45
CA CYS D 750 -13.24 52.59 -20.82
C CYS D 750 -14.42 51.70 -21.19
N ASN D 751 -14.30 50.90 -22.25
CA ASN D 751 -15.42 50.10 -22.72
C ASN D 751 -15.59 48.79 -21.95
N LEU D 752 -14.65 48.45 -21.07
CA LEU D 752 -14.72 47.22 -20.28
C LEU D 752 -14.82 47.55 -18.80
N THR D 753 -15.15 46.54 -18.01
CA THR D 753 -15.33 46.71 -16.57
C THR D 753 -15.07 45.39 -15.87
N GLN D 754 -15.03 45.44 -14.55
CA GLN D 754 -14.77 44.29 -13.69
C GLN D 754 -16.06 43.85 -13.02
N ILE D 755 -16.33 42.55 -13.09
CA ILE D 755 -17.54 41.94 -12.54
C ILE D 755 -17.12 40.99 -11.43
N GLY D 756 -17.83 41.05 -10.31
CA GLY D 756 -17.63 40.13 -9.22
C GLY D 756 -16.58 40.61 -8.23
N GLY D 757 -16.65 40.03 -7.03
CA GLY D 757 -15.63 40.25 -6.02
C GLY D 757 -14.45 39.34 -6.23
N LEU D 758 -13.53 39.39 -5.26
CA LEU D 758 -12.35 38.54 -5.30
C LEU D 758 -12.72 37.13 -4.85
N ILE D 759 -12.45 36.14 -5.70
CA ILE D 759 -12.84 34.77 -5.39
C ILE D 759 -11.87 34.15 -4.40
N ASP D 760 -10.58 34.15 -4.74
CA ASP D 760 -9.55 33.58 -3.90
C ASP D 760 -8.48 34.63 -3.63
N SER D 761 -8.03 34.70 -2.38
CA SER D 761 -7.05 35.71 -1.99
C SER D 761 -5.64 35.17 -2.26
N LYS D 762 -5.00 35.70 -3.29
CA LYS D 762 -3.67 35.29 -3.70
C LYS D 762 -2.67 36.42 -3.53
N GLY D 763 -1.41 36.10 -3.79
CA GLY D 763 -0.34 37.08 -3.67
C GLY D 763 0.80 36.72 -4.61
N TYR D 764 1.54 37.75 -5.01
CA TYR D 764 2.64 37.55 -5.94
C TYR D 764 3.85 36.94 -5.24
N GLY D 765 4.50 35.99 -5.91
CA GLY D 765 5.65 35.34 -5.36
C GLY D 765 6.77 35.26 -6.37
N VAL D 766 7.99 35.06 -5.84
CA VAL D 766 9.21 34.98 -6.65
C VAL D 766 9.80 33.60 -6.48
N GLY D 767 9.95 32.87 -7.59
CA GLY D 767 10.51 31.54 -7.55
C GLY D 767 12.02 31.54 -7.77
N THR D 768 12.68 30.58 -7.13
CA THR D 768 14.12 30.42 -7.19
C THR D 768 14.48 29.06 -7.76
N PRO D 769 15.63 28.94 -8.44
CA PRO D 769 16.06 27.62 -8.94
C PRO D 769 16.77 26.80 -7.88
N MET D 770 17.38 25.68 -8.31
CA MET D 770 18.08 24.76 -7.42
C MET D 770 19.36 25.35 -6.83
N GLY D 771 19.95 26.36 -7.48
CA GLY D 771 21.20 26.97 -7.04
C GLY D 771 21.14 27.66 -5.69
N SER D 772 20.34 28.72 -5.58
CA SER D 772 19.99 29.24 -4.27
C SER D 772 18.86 28.39 -3.71
N PRO D 773 19.08 27.66 -2.62
CA PRO D 773 18.10 26.63 -2.21
C PRO D 773 16.86 27.24 -1.58
N TYR D 774 15.83 26.39 -1.49
CA TYR D 774 14.51 26.85 -1.05
C TYR D 774 14.46 27.10 0.45
N ARG D 775 15.41 26.57 1.21
CA ARG D 775 15.60 27.02 2.58
C ARG D 775 16.20 28.42 2.63
N ASP D 776 17.07 28.75 1.67
CA ASP D 776 17.73 30.04 1.62
C ASP D 776 17.02 31.05 0.73
N LYS D 777 15.88 30.69 0.14
CA LYS D 777 15.15 31.65 -0.68
C LYS D 777 14.38 32.65 0.16
N ILE D 778 14.14 32.36 1.45
CA ILE D 778 13.56 33.35 2.33
C ILE D 778 14.57 34.43 2.68
N THR D 779 15.87 34.12 2.62
CA THR D 779 16.90 35.14 2.77
C THR D 779 16.88 36.11 1.59
N ILE D 780 16.55 35.62 0.40
CA ILE D 780 16.26 36.49 -0.72
C ILE D 780 14.95 37.24 -0.49
N ALA D 781 13.98 36.59 0.17
CA ALA D 781 12.67 37.20 0.38
C ALA D 781 12.68 38.19 1.55
N ILE D 782 13.03 37.71 2.75
CA ILE D 782 12.85 38.51 3.95
C ILE D 782 13.98 39.55 4.06
N LEU D 783 13.69 40.62 4.80
CA LEU D 783 14.58 41.72 5.19
C LEU D 783 15.08 42.56 4.01
N GLN D 784 14.51 42.40 2.82
CA GLN D 784 14.75 43.31 1.71
C GLN D 784 13.47 43.81 1.07
N LEU D 785 12.44 42.98 1.02
CA LEU D 785 11.19 43.33 0.36
C LEU D 785 10.15 43.90 1.33
N GLN D 786 10.05 43.31 2.53
CA GLN D 786 9.10 43.82 3.52
C GLN D 786 9.59 45.12 4.16
N GLU D 787 10.90 45.38 4.11
CA GLU D 787 11.42 46.63 4.63
C GLU D 787 11.13 47.80 3.70
N GLU D 788 10.99 47.53 2.41
CA GLU D 788 10.85 48.58 1.42
C GLU D 788 9.44 49.17 1.45
N GLY D 789 9.37 50.50 1.52
CA GLY D 789 8.11 51.22 1.40
C GLY D 789 7.91 51.74 0.00
N LYS D 790 8.67 51.18 -0.95
CA LYS D 790 8.61 51.58 -2.35
C LYS D 790 7.45 50.95 -3.10
N LEU D 791 6.72 50.01 -2.45
CA LEU D 791 5.70 49.22 -3.15
C LEU D 791 4.50 50.07 -3.56
N HIS D 792 4.13 51.05 -2.74
CA HIS D 792 3.03 51.94 -3.10
C HIS D 792 3.43 52.89 -4.23
N MET D 793 4.69 53.34 -4.25
CA MET D 793 5.14 54.24 -5.30
C MET D 793 5.63 53.51 -6.53
N MET D 794 5.94 52.21 -6.43
CA MET D 794 6.10 51.38 -7.63
C MET D 794 4.78 50.84 -8.12
N LYS D 795 3.72 50.90 -7.31
CA LYS D 795 2.39 50.58 -7.78
C LYS D 795 1.88 51.63 -8.74
N GLU D 796 1.81 52.89 -8.29
CA GLU D 796 1.31 53.99 -9.11
C GLU D 796 2.29 54.41 -10.20
N LYS D 797 3.52 53.91 -10.19
CA LYS D 797 4.39 54.04 -11.35
C LYS D 797 3.89 53.23 -12.53
N TRP D 798 3.15 52.15 -12.27
CA TRP D 798 2.57 51.34 -13.34
C TRP D 798 1.05 51.31 -13.33
N TRP D 799 0.43 51.20 -12.15
CA TRP D 799 -1.04 51.25 -12.05
C TRP D 799 -1.47 52.70 -12.21
N ARG D 800 -1.63 53.13 -13.45
CA ARG D 800 -1.95 54.51 -13.77
C ARG D 800 -3.18 54.56 -14.66
N GLY D 801 -3.89 55.68 -14.59
CA GLY D 801 -5.09 55.89 -15.39
C GLY D 801 -5.03 57.11 -16.26
N VAL D 817 -33.70 57.46 -27.01
CA VAL D 817 -34.60 56.48 -27.58
C VAL D 817 -34.98 55.44 -26.52
N GLN D 818 -36.28 55.27 -26.31
CA GLN D 818 -36.80 54.31 -25.35
C GLN D 818 -37.05 52.98 -26.05
N ASN D 819 -37.79 52.08 -25.37
CA ASN D 819 -38.09 50.77 -25.95
C ASN D 819 -39.11 50.88 -27.09
N ILE D 820 -40.00 51.85 -27.03
CA ILE D 820 -41.01 52.06 -28.06
C ILE D 820 -40.92 53.48 -28.61
N GLY D 821 -39.70 54.01 -28.68
CA GLY D 821 -39.47 55.41 -29.02
C GLY D 821 -39.81 55.80 -30.44
N GLY D 822 -39.93 54.84 -31.36
CA GLY D 822 -40.30 55.16 -32.73
C GLY D 822 -41.78 55.42 -32.94
N ILE D 823 -42.63 54.90 -32.05
CA ILE D 823 -44.08 55.09 -32.24
C ILE D 823 -44.51 56.52 -31.87
N PHE D 824 -43.71 57.26 -31.11
CA PHE D 824 -43.98 58.67 -30.90
C PHE D 824 -43.70 59.46 -32.18
N ILE D 825 -42.66 59.08 -32.92
CA ILE D 825 -42.37 59.68 -34.21
C ILE D 825 -43.46 59.31 -35.22
N VAL D 826 -43.97 58.08 -35.13
CA VAL D 826 -45.11 57.64 -35.95
C VAL D 826 -46.35 58.47 -35.64
N LEU D 827 -46.61 58.73 -34.36
CA LEU D 827 -47.74 59.57 -33.93
C LEU D 827 -47.58 61.01 -34.43
N ALA D 828 -46.36 61.56 -34.35
CA ALA D 828 -46.12 62.93 -34.80
C ALA D 828 -46.27 63.05 -36.33
N ALA D 829 -45.81 62.04 -37.07
CA ALA D 829 -45.98 62.03 -38.52
C ALA D 829 -47.45 61.87 -38.90
N GLY D 830 -48.20 61.08 -38.13
CA GLY D 830 -49.63 60.97 -38.36
C GLY D 830 -50.37 62.26 -38.05
N LEU D 831 -49.93 63.00 -37.03
CA LEU D 831 -50.52 64.30 -36.73
C LEU D 831 -50.20 65.32 -37.82
N VAL D 832 -48.98 65.30 -38.36
CA VAL D 832 -48.61 66.19 -39.46
C VAL D 832 -49.41 65.87 -40.73
N LEU D 833 -49.61 64.57 -41.00
CA LEU D 833 -50.46 64.16 -42.11
C LEU D 833 -51.92 64.52 -41.88
N SER D 834 -52.37 64.52 -40.62
CA SER D 834 -53.72 64.95 -40.29
C SER D 834 -53.90 66.46 -40.52
N VAL D 835 -52.87 67.25 -40.19
CA VAL D 835 -52.88 68.68 -40.47
C VAL D 835 -52.91 68.94 -41.98
N PHE D 836 -52.13 68.17 -42.75
CA PHE D 836 -52.10 68.34 -44.20
C PHE D 836 -53.42 67.92 -44.86
N VAL D 837 -54.02 66.82 -44.39
CA VAL D 837 -55.28 66.34 -44.95
C VAL D 837 -56.43 67.28 -44.56
N ALA D 838 -56.41 67.80 -43.32
CA ALA D 838 -57.49 68.61 -42.79
C ALA D 838 -57.62 69.99 -43.42
N VAL D 839 -56.64 70.42 -44.22
CA VAL D 839 -56.74 71.68 -44.95
C VAL D 839 -57.80 71.57 -46.05
#